data_9NPL
#
_entry.id   9NPL
#
_cell.length_a   122.978
_cell.length_b   124.405
_cell.length_c   133.484
_cell.angle_alpha   89.21
_cell.angle_beta   117.47
_cell.angle_gamma   103.29
#
_symmetry.space_group_name_H-M   'P 1'
#
loop_
_entity.id
_entity.type
_entity.pdbx_description
1 polymer 'Glycoside hydrolase family 2'
2 non-polymer 'PHOSPHATE ION'
3 non-polymer 1,2-ETHANEDIOL
4 water water
#
_entity_poly.entity_id   1
_entity_poly.type   'polypeptide(L)'
_entity_poly.pdbx_seq_one_letter_code
;MGSSHHHHHHSSGLVPRGSHMFVSEQSLNGRWTLKFFPQPAVPVMTIEGAEAANGIVVDAVVPGNVEIDMEAAGLVEDPM
VGNNIYKLRPYEGYQWYYSRTFAAPVVTEGQRLVLHFGGIDTFAEVYVNGIKVGSADNMLIEHDYDITSVVKEGENRLDV
IIRSSVMEAQNHFLGTLSIGNFSNEESAPVRRAPSTYGWDIMPRLVSAGLWRDVTLRVENPVTIVDANWVTLSVNPKARE
ASESLYLQTRLPFEMHDKVKAVITISRDGRQILRKEALMRKFANLFTLNLSGVDAWWPRGYGEPALYTAEVSLVDVTSGK
IYDTKTSKIGFRTVKLELDEVNLPGQPGQFQFIINGEPVFAKGTNWVPLDALHSRDASHVEEAVQLMVEMNCNIVRCWGG
NVYEDTHFFELCDKYGIMVWQDFAMGCGNYSQRDNFAAALEKEAISVVVKLRNHPSLILWSGNNEDDQSLVFGRLAPFKA
NPNNDRVSRQVLSRVIYEFDPTRPYLPSSPYYGPKVCEVGVRDEVLPENHLWGPRGYYKDPFYTENPSQFVSQIGYHGCP
NRETLERMFSPDSVNPWQNGVVGMWNDEWQTKANRIYDDKFQGGRNDLMTNQVRIIFGEVPADLDDFIFASQSVQAEAMK
FFVELWRGRRPYRTGIIWWNIRDGWPLLSDAISDYWGGKKQAFYYMQNVHHDVCCLINPAANGYMLKVDNNTLKDFEGVV
EVKDVASGKQVFKGKFVSKANQMSEIATLPMQKGQGMLVISYRIEGNEYFNHYLYGEPPYKLDQYRKWVKKCGIYELE
;
_entity_poly.pdbx_strand_id   A,B,C,D,E,F
#
loop_
_chem_comp.id
_chem_comp.type
_chem_comp.name
_chem_comp.formula
EDO non-polymer 1,2-ETHANEDIOL 'C2 H6 O2'
PO4 non-polymer 'PHOSPHATE ION' 'O4 P -3'
#
# COMPACT_ATOMS: atom_id res chain seq x y z
N SER A 19 11.48 17.58 18.15
CA SER A 19 11.80 18.38 19.32
C SER A 19 11.53 19.86 19.08
N HIS A 20 12.16 20.43 18.06
CA HIS A 20 11.99 21.84 17.73
C HIS A 20 10.75 22.03 16.86
N MET A 21 9.84 22.89 17.33
CA MET A 21 8.54 23.08 16.70
C MET A 21 8.61 24.26 15.74
N PHE A 22 8.48 23.98 14.45
CA PHE A 22 8.50 25.01 13.42
C PHE A 22 7.11 25.35 12.88
N VAL A 23 6.05 24.75 13.43
CA VAL A 23 4.68 25.11 13.10
C VAL A 23 3.94 25.44 14.38
N SER A 24 2.83 26.17 14.25
CA SER A 24 2.08 26.63 15.41
C SER A 24 0.66 26.99 14.99
N GLU A 25 -0.22 27.06 15.98
CA GLU A 25 -1.61 27.46 15.78
C GLU A 25 -2.01 28.38 16.91
N GLN A 26 -2.40 29.60 16.56
CA GLN A 26 -2.79 30.64 17.51
C GLN A 26 -4.30 30.83 17.45
N SER A 27 -4.96 30.73 18.59
CA SER A 27 -6.42 30.83 18.63
C SER A 27 -6.86 32.28 18.51
N LEU A 28 -7.87 32.51 17.69
CA LEU A 28 -8.57 33.79 17.62
C LEU A 28 -9.89 33.76 18.36
N ASN A 29 -10.12 32.74 19.19
CA ASN A 29 -11.31 32.69 20.02
C ASN A 29 -11.23 33.76 21.10
N GLY A 30 -12.37 34.01 21.75
CA GLY A 30 -12.40 34.99 22.80
C GLY A 30 -13.45 36.04 22.59
N ARG A 31 -13.14 37.30 22.92
CA ARG A 31 -14.11 38.38 22.83
C ARG A 31 -13.96 39.10 21.50
N TRP A 32 -15.07 39.26 20.80
CA TRP A 32 -15.17 40.03 19.57
C TRP A 32 -16.17 41.15 19.77
N THR A 33 -16.29 42.01 18.76
CA THR A 33 -17.32 43.02 18.70
C THR A 33 -18.39 42.58 17.72
N LEU A 34 -19.65 42.65 18.13
CA LEU A 34 -20.78 42.24 17.30
C LEU A 34 -21.72 43.42 17.10
N LYS A 35 -21.89 43.82 15.84
CA LYS A 35 -22.85 44.85 15.46
C LYS A 35 -23.94 44.22 14.61
N PHE A 36 -25.20 44.43 15.00
CA PHE A 36 -26.31 43.86 14.27
C PHE A 36 -27.34 44.93 13.95
N PHE A 37 -28.06 44.71 12.84
CA PHE A 37 -29.02 45.67 12.31
C PHE A 37 -29.94 44.94 11.35
N PRO A 38 -31.13 45.48 11.08
CA PRO A 38 -31.99 44.88 10.06
C PRO A 38 -31.32 44.94 8.69
N GLN A 39 -31.48 43.87 7.92
CA GLN A 39 -30.84 43.78 6.60
C GLN A 39 -31.62 44.63 5.60
N PRO A 40 -30.99 45.60 4.93
CA PRO A 40 -31.69 46.39 3.92
C PRO A 40 -32.08 45.56 2.71
N ALA A 41 -32.79 46.18 1.76
CA ALA A 41 -33.15 45.48 0.52
C ALA A 41 -31.89 45.01 -0.20
N VAL A 42 -30.88 45.88 -0.31
CA VAL A 42 -29.58 45.50 -0.82
C VAL A 42 -28.72 45.07 0.37
N PRO A 43 -28.36 43.79 0.49
CA PRO A 43 -27.62 43.34 1.66
C PRO A 43 -26.27 44.05 1.80
N VAL A 44 -25.88 44.31 3.04
CA VAL A 44 -24.60 44.93 3.32
C VAL A 44 -23.49 43.91 3.08
N MET A 45 -22.56 44.25 2.20
CA MET A 45 -21.46 43.37 1.82
C MET A 45 -20.09 43.87 2.23
N THR A 46 -19.91 45.18 2.36
CA THR A 46 -18.62 45.80 2.56
C THR A 46 -18.44 46.27 3.99
N ILE A 47 -17.19 46.52 4.37
CA ILE A 47 -16.89 47.04 5.70
C ILE A 47 -17.49 48.44 5.87
N GLU A 48 -17.39 49.26 4.83
CA GLU A 48 -17.94 50.62 4.91
C GLU A 48 -19.44 50.59 5.16
N GLY A 49 -20.14 49.68 4.49
CA GLY A 49 -21.58 49.59 4.69
C GLY A 49 -21.97 49.07 6.06
N ALA A 50 -21.16 48.17 6.62
CA ALA A 50 -21.47 47.64 7.95
C ALA A 50 -21.25 48.69 9.03
N GLU A 51 -20.21 49.52 8.87
CA GLU A 51 -19.96 50.59 9.84
C GLU A 51 -20.91 51.76 9.65
N ALA A 52 -21.30 52.06 8.41
CA ALA A 52 -22.23 53.16 8.17
C ALA A 52 -23.66 52.79 8.55
N ALA A 53 -23.98 51.50 8.61
CA ALA A 53 -25.34 51.09 8.96
C ALA A 53 -25.65 51.44 10.40
N ASN A 54 -26.93 51.68 10.67
CA ASN A 54 -27.39 52.03 12.01
C ASN A 54 -27.77 50.75 12.75
N GLY A 55 -27.01 50.43 13.79
CA GLY A 55 -27.26 49.21 14.53
C GLY A 55 -26.84 49.26 15.98
N ILE A 56 -26.87 48.10 16.64
CA ILE A 56 -26.53 47.97 18.05
C ILE A 56 -25.21 47.20 18.15
N VAL A 57 -24.30 47.70 18.97
CA VAL A 57 -22.99 47.09 19.17
C VAL A 57 -22.94 46.50 20.57
N VAL A 58 -22.63 45.21 20.66
CA VAL A 58 -22.51 44.51 21.93
C VAL A 58 -21.22 43.70 21.92
N ASP A 59 -20.88 43.15 23.09
CA ASP A 59 -19.77 42.22 23.20
C ASP A 59 -20.21 40.83 22.75
N ALA A 60 -19.30 40.11 22.10
CA ALA A 60 -19.59 38.78 21.60
C ALA A 60 -18.48 37.82 22.00
N VAL A 61 -18.84 36.54 22.11
CA VAL A 61 -17.90 35.48 22.45
C VAL A 61 -17.85 34.50 21.28
N VAL A 62 -16.65 34.21 20.82
CA VAL A 62 -16.40 33.27 19.72
C VAL A 62 -15.61 32.10 20.30
N PRO A 63 -16.06 30.85 20.10
CA PRO A 63 -17.25 30.41 19.35
C PRO A 63 -18.55 30.77 20.09
N GLY A 64 -19.58 31.17 19.36
CA GLY A 64 -20.84 31.54 20.00
C GLY A 64 -21.94 31.66 18.97
N ASN A 65 -23.14 31.94 19.49
CA ASN A 65 -24.28 32.33 18.68
C ASN A 65 -24.72 33.72 19.08
N VAL A 66 -25.24 34.47 18.11
CA VAL A 66 -25.56 35.88 18.36
C VAL A 66 -26.64 36.02 19.42
N GLU A 67 -27.53 35.05 19.54
CA GLU A 67 -28.56 35.12 20.59
C GLU A 67 -27.96 34.95 21.97
N ILE A 68 -26.84 34.25 22.08
CA ILE A 68 -26.13 34.15 23.36
C ILE A 68 -25.56 35.52 23.73
N ASP A 69 -24.85 36.15 22.78
CA ASP A 69 -24.32 37.48 23.04
C ASP A 69 -25.42 38.47 23.38
N MET A 70 -26.56 38.38 22.68
CA MET A 70 -27.66 39.31 22.93
C MET A 70 -28.30 39.07 24.30
N GLU A 71 -28.37 37.81 24.74
CA GLU A 71 -28.94 37.54 26.05
C GLU A 71 -28.00 37.98 27.17
N ALA A 72 -26.69 37.85 26.96
CA ALA A 72 -25.74 38.35 27.94
C ALA A 72 -25.81 39.86 28.10
N ALA A 73 -26.29 40.57 27.08
CA ALA A 73 -26.46 42.01 27.14
C ALA A 73 -27.87 42.42 27.54
N GLY A 74 -28.70 41.47 27.96
CA GLY A 74 -30.06 41.78 28.37
C GLY A 74 -30.96 42.24 27.24
N LEU A 75 -30.63 41.91 25.99
CA LEU A 75 -31.41 42.38 24.85
C LEU A 75 -32.47 41.38 24.41
N VAL A 76 -32.36 40.11 24.80
CA VAL A 76 -33.40 39.12 24.53
C VAL A 76 -33.65 38.33 25.80
N GLU A 77 -34.84 37.74 25.87
CA GLU A 77 -35.22 36.89 26.98
C GLU A 77 -34.86 35.44 26.68
N ASP A 78 -34.67 34.66 27.75
CA ASP A 78 -34.25 33.27 27.68
C ASP A 78 -35.15 32.48 26.74
N PRO A 79 -34.64 32.07 25.58
CA PRO A 79 -35.49 31.37 24.59
C PRO A 79 -35.97 30.00 25.06
N MET A 80 -35.39 29.45 26.13
CA MET A 80 -35.73 28.11 26.57
C MET A 80 -36.99 28.06 27.42
N VAL A 81 -37.54 29.21 27.82
CA VAL A 81 -38.66 29.28 28.75
C VAL A 81 -39.90 29.77 28.02
N GLY A 82 -41.01 29.06 28.22
CA GLY A 82 -42.31 29.56 27.77
C GLY A 82 -42.39 29.73 26.28
N ASN A 83 -42.93 30.88 25.86
CA ASN A 83 -43.07 31.24 24.45
C ASN A 83 -41.99 32.22 23.99
N ASN A 84 -40.91 32.35 24.75
CA ASN A 84 -39.87 33.32 24.40
C ASN A 84 -39.18 33.00 23.08
N ILE A 85 -39.26 31.76 22.61
CA ILE A 85 -38.60 31.38 21.37
C ILE A 85 -39.16 32.20 20.21
N TYR A 86 -40.45 32.50 20.24
CA TYR A 86 -41.08 33.26 19.17
C TYR A 86 -40.60 34.71 19.13
N LYS A 87 -40.06 35.22 20.23
CA LYS A 87 -39.60 36.60 20.26
C LYS A 87 -38.28 36.81 19.52
N LEU A 88 -37.59 35.72 19.15
CA LEU A 88 -36.38 35.83 18.33
C LEU A 88 -36.69 36.00 16.85
N ARG A 89 -37.96 35.86 16.46
CA ARG A 89 -38.39 35.95 15.06
C ARG A 89 -37.81 37.11 14.27
N PRO A 90 -37.80 38.36 14.76
CA PRO A 90 -37.30 39.46 13.91
C PRO A 90 -35.83 39.32 13.55
N TYR A 91 -35.02 38.69 14.39
CA TYR A 91 -33.59 38.63 14.12
C TYR A 91 -33.24 37.73 12.94
N GLU A 92 -34.18 36.93 12.45
CA GLU A 92 -33.95 36.18 11.22
C GLU A 92 -33.71 37.11 10.03
N GLY A 93 -34.20 38.35 10.08
CA GLY A 93 -33.98 39.29 9.01
C GLY A 93 -32.86 40.28 9.29
N TYR A 94 -31.99 39.94 10.22
CA TYR A 94 -30.89 40.81 10.61
C TYR A 94 -29.58 40.39 9.96
N GLN A 95 -28.62 41.31 9.99
CA GLN A 95 -27.24 41.03 9.63
C GLN A 95 -26.38 41.11 10.87
N TRP A 96 -25.21 40.47 10.82
CA TRP A 96 -24.34 40.34 11.98
C TRP A 96 -22.90 40.59 11.56
N TYR A 97 -22.25 41.52 12.25
CA TYR A 97 -20.93 42.02 11.89
C TYR A 97 -19.98 41.72 13.03
N TYR A 98 -19.12 40.71 12.84
CA TYR A 98 -18.08 40.38 13.79
C TYR A 98 -16.81 41.17 13.48
N SER A 99 -16.11 41.60 14.53
CA SER A 99 -14.89 42.36 14.32
C SER A 99 -13.98 42.21 15.54
N ARG A 100 -12.69 42.01 15.28
CA ARG A 100 -11.67 42.01 16.32
C ARG A 100 -10.34 42.35 15.68
N THR A 101 -9.35 42.59 16.52
CA THR A 101 -7.98 42.78 16.10
C THR A 101 -7.13 41.59 16.56
N PHE A 102 -5.99 41.41 15.91
CA PHE A 102 -5.10 40.32 16.29
C PHE A 102 -3.68 40.64 15.86
N ALA A 103 -2.72 40.12 16.62
CA ALA A 103 -1.31 40.24 16.28
C ALA A 103 -0.90 39.11 15.35
N ALA A 104 -0.33 39.45 14.22
CA ALA A 104 0.13 38.44 13.27
C ALA A 104 1.36 37.73 13.82
N PRO A 105 1.42 36.40 13.77
CA PRO A 105 2.63 35.70 14.22
C PRO A 105 3.79 35.92 13.27
N VAL A 106 4.99 35.67 13.78
CA VAL A 106 6.20 35.81 12.97
C VAL A 106 6.22 34.70 11.93
N VAL A 107 6.31 35.09 10.66
CA VAL A 107 6.33 34.16 9.54
C VAL A 107 7.69 34.25 8.89
N THR A 108 8.39 33.13 8.80
CA THR A 108 9.68 33.10 8.13
C THR A 108 9.48 32.93 6.62
N GLU A 109 10.58 33.05 5.89
CA GLU A 109 10.53 33.04 4.42
C GLU A 109 9.99 31.72 3.91
N GLY A 110 8.88 31.78 3.17
CA GLY A 110 8.27 30.61 2.57
C GLY A 110 7.09 30.05 3.33
N GLN A 111 6.99 30.31 4.63
CA GLN A 111 5.86 29.84 5.41
C GLN A 111 4.57 30.49 4.94
N ARG A 112 3.46 29.83 5.26
CA ARG A 112 2.13 30.31 4.90
C ARG A 112 1.30 30.51 6.17
N LEU A 113 0.54 31.61 6.20
CA LEU A 113 -0.38 31.89 7.29
C LEU A 113 -1.80 31.61 6.81
N VAL A 114 -2.52 30.75 7.52
CA VAL A 114 -3.84 30.30 7.13
C VAL A 114 -4.83 30.70 8.23
N LEU A 115 -5.85 31.44 7.85
CA LEU A 115 -6.97 31.75 8.74
C LEU A 115 -7.99 30.63 8.64
N HIS A 116 -8.24 29.96 9.76
CA HIS A 116 -9.10 28.78 9.81
C HIS A 116 -10.41 29.11 10.52
N PHE A 117 -11.52 28.76 9.87
CA PHE A 117 -12.84 28.85 10.47
C PHE A 117 -13.41 27.44 10.58
N GLY A 118 -13.67 27.00 11.80
CA GLY A 118 -14.37 25.74 11.99
C GLY A 118 -15.85 25.84 11.66
N GLY A 119 -16.43 27.04 11.78
CA GLY A 119 -17.85 27.20 11.55
C GLY A 119 -18.33 28.62 11.34
N ILE A 120 -18.79 28.92 10.12
CA ILE A 120 -19.38 30.20 9.77
C ILE A 120 -20.84 29.95 9.39
N ASP A 121 -21.74 30.69 10.03
CA ASP A 121 -23.19 30.48 9.88
C ASP A 121 -23.83 31.83 9.53
N THR A 122 -24.04 32.09 8.24
CA THR A 122 -23.67 31.22 7.13
C THR A 122 -23.07 32.03 5.97
N PHE A 123 -23.89 32.88 5.37
CA PHE A 123 -23.50 33.67 4.21
C PHE A 123 -22.77 34.90 4.69
N ALA A 124 -21.45 34.93 4.50
CA ALA A 124 -20.64 35.99 5.10
C ALA A 124 -19.47 36.35 4.20
N GLU A 125 -19.08 37.62 4.24
CA GLU A 125 -17.88 38.10 3.59
C GLU A 125 -16.80 38.29 4.63
N VAL A 126 -15.61 37.76 4.35
CA VAL A 126 -14.50 37.73 5.30
C VAL A 126 -13.44 38.71 4.82
N TYR A 127 -13.00 39.60 5.72
CA TYR A 127 -12.03 40.63 5.41
C TYR A 127 -10.87 40.57 6.39
N VAL A 128 -9.65 40.75 5.86
CA VAL A 128 -8.46 40.88 6.67
C VAL A 128 -7.76 42.17 6.25
N ASN A 129 -7.67 43.13 7.17
CA ASN A 129 -7.08 44.44 6.90
C ASN A 129 -7.78 45.13 5.73
N GLY A 130 -9.11 45.04 5.71
CA GLY A 130 -9.91 45.68 4.68
C GLY A 130 -9.89 45.00 3.32
N ILE A 131 -9.23 43.85 3.19
CA ILE A 131 -9.16 43.13 1.94
C ILE A 131 -9.96 41.83 2.08
N LYS A 132 -10.86 41.60 1.14
CA LYS A 132 -11.68 40.39 1.17
C LYS A 132 -10.82 39.17 0.88
N VAL A 133 -10.92 38.15 1.74
CA VAL A 133 -10.18 36.91 1.56
C VAL A 133 -11.09 35.71 1.33
N GLY A 134 -12.39 35.83 1.53
CA GLY A 134 -13.28 34.70 1.29
C GLY A 134 -14.74 35.10 1.39
N SER A 135 -15.57 34.31 0.73
CA SER A 135 -17.03 34.44 0.78
C SER A 135 -17.58 33.08 1.19
N ALA A 136 -17.96 32.93 2.45
CA ALA A 136 -18.47 31.67 2.96
C ALA A 136 -19.97 31.55 2.69
N ASP A 137 -20.41 30.33 2.39
CA ASP A 137 -21.84 30.09 2.16
C ASP A 137 -22.25 28.67 2.54
N ASN A 138 -21.60 28.07 3.53
CA ASN A 138 -21.95 26.72 3.97
C ASN A 138 -21.71 26.63 5.47
N MET A 139 -22.80 26.40 6.22
CA MET A 139 -22.74 26.35 7.67
C MET A 139 -21.99 25.13 8.20
N LEU A 140 -21.94 24.05 7.43
CA LEU A 140 -21.61 22.73 7.94
C LEU A 140 -20.15 22.34 7.80
N ILE A 141 -19.33 23.11 7.09
CA ILE A 141 -17.97 22.71 6.77
C ILE A 141 -17.00 23.81 7.16
N GLU A 142 -15.72 23.46 7.17
CA GLU A 142 -14.67 24.39 7.53
C GLU A 142 -14.36 25.33 6.37
N HIS A 143 -13.76 26.47 6.69
CA HIS A 143 -13.37 27.46 5.69
C HIS A 143 -11.96 27.94 6.01
N ASP A 144 -11.02 27.66 5.12
CA ASP A 144 -9.63 28.04 5.30
C ASP A 144 -9.24 29.05 4.22
N TYR A 145 -8.50 30.08 4.63
CA TYR A 145 -8.05 31.12 3.72
C TYR A 145 -6.57 31.40 3.94
N ASP A 146 -5.82 31.50 2.85
CA ASP A 146 -4.41 31.84 2.92
C ASP A 146 -4.27 33.35 2.95
N ILE A 147 -3.90 33.88 4.11
CA ILE A 147 -3.85 35.34 4.29
C ILE A 147 -2.40 35.78 4.47
N THR A 148 -1.46 35.03 3.87
CA THR A 148 -0.05 35.35 4.01
C THR A 148 0.28 36.73 3.46
N SER A 149 -0.28 37.07 2.29
CA SER A 149 0.13 38.30 1.61
C SER A 149 -0.66 39.51 2.09
N VAL A 150 -1.91 39.32 2.54
CA VAL A 150 -2.74 40.45 2.97
C VAL A 150 -2.48 40.86 4.40
N VAL A 151 -1.80 40.04 5.19
CA VAL A 151 -1.54 40.35 6.59
C VAL A 151 -0.41 41.38 6.67
N LYS A 152 -0.50 42.26 7.66
CA LYS A 152 0.49 43.32 7.85
C LYS A 152 1.24 43.10 9.16
N GLU A 153 2.31 43.86 9.32
CA GLU A 153 3.13 43.79 10.53
C GLU A 153 2.42 44.50 11.67
N GLY A 154 2.29 43.80 12.80
CA GLY A 154 1.69 44.38 13.99
C GLY A 154 0.21 44.04 14.10
N GLU A 155 -0.61 45.04 14.40
CA GLU A 155 -2.04 44.84 14.61
C GLU A 155 -2.75 44.66 13.28
N ASN A 156 -3.66 43.68 13.24
CA ASN A 156 -4.43 43.37 12.05
C ASN A 156 -5.91 43.38 12.38
N ARG A 157 -6.75 43.60 11.36
CA ARG A 157 -8.18 43.63 11.51
C ARG A 157 -8.81 42.41 10.84
N LEU A 158 -9.80 41.83 11.52
CA LEU A 158 -10.56 40.70 10.99
C LEU A 158 -12.05 41.04 11.11
N ASP A 159 -12.74 41.10 9.98
CA ASP A 159 -14.13 41.51 9.92
C ASP A 159 -14.93 40.48 9.13
N VAL A 160 -16.03 40.01 9.72
CA VAL A 160 -16.93 39.07 9.08
C VAL A 160 -18.33 39.68 9.07
N ILE A 161 -18.92 39.81 7.88
CA ILE A 161 -20.21 40.45 7.70
C ILE A 161 -21.18 39.39 7.20
N ILE A 162 -22.14 39.01 8.03
CA ILE A 162 -23.05 37.90 7.77
C ILE A 162 -24.39 38.46 7.30
N ARG A 163 -24.97 37.82 6.29
CA ARG A 163 -26.29 38.17 5.77
C ARG A 163 -27.36 37.28 6.38
N SER A 164 -28.61 37.58 6.05
CA SER A 164 -29.75 36.81 6.52
C SER A 164 -29.87 35.52 5.73
N SER A 165 -29.82 34.39 6.43
CA SER A 165 -29.97 33.09 5.76
C SER A 165 -31.37 32.95 5.15
N VAL A 166 -32.39 33.39 5.87
CA VAL A 166 -33.77 33.25 5.39
C VAL A 166 -33.95 33.98 4.06
N MET A 167 -33.47 35.23 3.98
CA MET A 167 -33.63 36.01 2.76
C MET A 167 -32.84 35.46 1.59
N GLU A 168 -31.82 34.63 1.84
CA GLU A 168 -31.06 34.04 0.74
C GLU A 168 -31.91 33.09 -0.08
N ALA A 169 -32.92 32.47 0.53
CA ALA A 169 -33.74 31.50 -0.18
C ALA A 169 -34.45 32.12 -1.37
N GLN A 170 -34.84 33.39 -1.27
CA GLN A 170 -35.58 34.05 -2.34
C GLN A 170 -34.70 34.40 -3.54
N ASN A 171 -33.39 34.20 -3.44
CA ASN A 171 -32.53 34.31 -4.62
C ASN A 171 -32.63 33.09 -5.53
N HIS A 172 -33.51 32.13 -5.22
CA HIS A 172 -33.59 30.87 -5.93
C HIS A 172 -35.04 30.55 -6.26
N PHE A 173 -35.26 29.95 -7.42
CA PHE A 173 -36.57 29.48 -7.83
C PHE A 173 -36.67 27.99 -7.54
N LEU A 174 -37.67 27.61 -6.75
CA LEU A 174 -37.78 26.25 -6.25
C LEU A 174 -38.49 25.34 -7.23
N GLY A 175 -38.07 24.08 -7.27
CA GLY A 175 -38.81 23.08 -7.99
C GLY A 175 -40.00 22.57 -7.20
N THR A 176 -40.92 21.93 -7.91
CA THR A 176 -42.16 21.47 -7.30
C THR A 176 -41.89 20.55 -6.12
N LEU A 177 -40.90 19.67 -6.24
CA LEU A 177 -40.62 18.71 -5.19
C LEU A 177 -40.00 19.33 -3.95
N SER A 178 -39.53 20.58 -4.04
CA SER A 178 -38.92 21.27 -2.92
C SER A 178 -39.92 22.03 -2.08
N ILE A 179 -41.21 22.00 -2.43
CA ILE A 179 -42.24 22.77 -1.76
C ILE A 179 -43.23 21.81 -1.13
N GLY A 180 -43.62 22.11 0.12
CA GLY A 180 -44.59 21.30 0.83
C GLY A 180 -44.02 20.16 1.64
N ASN A 181 -42.70 20.05 1.73
CA ASN A 181 -42.07 19.04 2.57
C ASN A 181 -42.12 19.48 4.03
N PHE A 182 -41.82 18.54 4.94
CA PHE A 182 -41.77 18.91 6.34
C PHE A 182 -40.61 19.86 6.62
N SER A 183 -39.48 19.66 5.94
CA SER A 183 -38.40 20.63 5.99
C SER A 183 -38.82 21.92 5.29
N ASN A 184 -38.29 23.03 5.76
CA ASN A 184 -38.74 24.33 5.30
C ASN A 184 -38.23 24.63 3.89
N GLU A 185 -39.06 25.36 3.12
CA GLU A 185 -38.64 25.80 1.80
C GLU A 185 -37.44 26.72 1.87
N GLU A 186 -37.27 27.44 2.98
CA GLU A 186 -36.09 28.27 3.18
C GLU A 186 -34.83 27.40 3.23
N SER A 187 -34.96 26.15 3.67
CA SER A 187 -33.81 25.26 3.81
C SER A 187 -33.37 24.64 2.50
N ALA A 188 -34.27 24.55 1.51
CA ALA A 188 -33.98 23.80 0.29
C ALA A 188 -32.75 24.30 -0.47
N PRO A 189 -32.59 25.58 -0.77
CA PRO A 189 -31.46 26.02 -1.60
C PRO A 189 -30.19 26.40 -0.86
N VAL A 190 -30.12 26.17 0.46
CA VAL A 190 -28.97 26.62 1.24
C VAL A 190 -28.39 25.44 2.00
N ARG A 191 -27.07 25.51 2.25
CA ARG A 191 -26.35 24.45 2.94
C ARG A 191 -26.28 24.79 4.43
N ARG A 192 -27.37 24.47 5.12
CA ARG A 192 -27.47 24.66 6.56
C ARG A 192 -28.22 23.47 7.14
N ALA A 193 -28.11 23.28 8.44
CA ALA A 193 -28.84 22.22 9.12
C ALA A 193 -30.34 22.47 8.96
N PRO A 194 -31.09 21.56 8.34
CA PRO A 194 -32.52 21.82 8.11
C PRO A 194 -33.32 21.99 9.39
N SER A 195 -32.89 21.38 10.50
CA SER A 195 -33.66 21.47 11.73
C SER A 195 -33.60 22.87 12.37
N THR A 196 -32.69 23.73 11.93
CA THR A 196 -32.62 25.07 12.51
C THR A 196 -33.82 25.92 12.11
N TYR A 197 -34.51 25.58 11.03
CA TYR A 197 -35.70 26.30 10.61
C TYR A 197 -36.95 25.86 11.36
N GLY A 198 -36.82 24.91 12.28
CA GLY A 198 -37.95 24.39 13.01
C GLY A 198 -38.22 22.96 12.62
N TRP A 199 -38.52 22.13 13.62
CA TRP A 199 -38.88 20.74 13.41
C TRP A 199 -39.88 20.37 14.50
N ASP A 200 -40.42 19.15 14.42
CA ASP A 200 -41.30 18.73 15.50
C ASP A 200 -40.53 18.36 16.76
N ILE A 201 -39.22 18.15 16.66
CA ILE A 201 -38.38 17.83 17.80
C ILE A 201 -37.33 18.90 18.08
N MET A 202 -37.35 20.01 17.35
CA MET A 202 -36.43 21.12 17.57
C MET A 202 -37.15 22.43 17.33
N PRO A 203 -36.84 23.48 18.09
CA PRO A 203 -37.49 24.76 17.85
C PRO A 203 -36.94 25.43 16.59
N ARG A 204 -37.71 26.38 16.08
CA ARG A 204 -37.19 27.24 15.02
C ARG A 204 -36.25 28.27 15.65
N LEU A 205 -34.99 28.24 15.25
CA LEU A 205 -34.01 29.20 15.71
C LEU A 205 -32.90 29.26 14.66
N VAL A 206 -33.11 30.04 13.61
CA VAL A 206 -32.16 30.10 12.51
C VAL A 206 -30.78 30.50 13.00
N SER A 207 -30.72 31.53 13.86
CA SER A 207 -29.47 31.97 14.47
C SER A 207 -28.45 32.40 13.42
N ALA A 208 -27.21 32.59 13.85
CA ALA A 208 -26.07 32.97 13.01
C ALA A 208 -24.86 33.10 13.91
N GLY A 209 -23.69 33.23 13.30
CA GLY A 209 -22.48 33.55 14.03
C GLY A 209 -21.35 32.61 13.70
N LEU A 210 -20.25 32.79 14.43
CA LEU A 210 -19.06 31.95 14.29
C LEU A 210 -19.15 30.88 15.38
N TRP A 211 -19.77 29.75 15.03
CA TRP A 211 -20.17 28.76 16.03
C TRP A 211 -19.09 27.72 16.31
N ARG A 212 -17.93 27.79 15.65
CA ARG A 212 -16.81 26.91 15.95
C ARG A 212 -15.53 27.74 15.94
N ASP A 213 -14.41 27.08 16.25
CA ASP A 213 -13.14 27.77 16.50
C ASP A 213 -12.71 28.60 15.30
N VAL A 214 -12.04 29.71 15.58
CA VAL A 214 -11.33 30.52 14.60
C VAL A 214 -9.88 30.57 15.03
N THR A 215 -8.97 30.13 14.16
CA THR A 215 -7.57 30.02 14.51
C THR A 215 -6.69 30.59 13.39
N LEU A 216 -5.41 30.74 13.71
CA LEU A 216 -4.38 31.14 12.76
C LEU A 216 -3.32 30.04 12.73
N ARG A 217 -3.12 29.44 11.57
CA ARG A 217 -2.19 28.33 11.39
C ARG A 217 -0.98 28.79 10.59
N VAL A 218 0.21 28.40 11.06
CA VAL A 218 1.46 28.66 10.36
C VAL A 218 1.94 27.33 9.80
N GLU A 219 2.18 27.30 8.49
CA GLU A 219 2.63 26.10 7.80
C GLU A 219 3.95 26.35 7.10
N ASN A 220 4.74 25.31 6.95
CA ASN A 220 5.97 25.39 6.17
C ASN A 220 5.69 25.08 4.71
N PRO A 221 6.59 25.47 3.80
CA PRO A 221 6.44 25.04 2.40
C PRO A 221 6.33 23.53 2.27
N VAL A 222 7.05 22.79 3.12
CA VAL A 222 6.88 21.35 3.23
C VAL A 222 5.84 21.09 4.32
N THR A 223 4.70 20.51 3.93
CA THR A 223 3.62 20.32 4.87
C THR A 223 2.76 19.15 4.42
N ILE A 224 2.06 18.55 5.37
CA ILE A 224 1.17 17.43 5.11
C ILE A 224 -0.20 17.99 4.74
N VAL A 225 -0.64 17.71 3.50
CA VAL A 225 -1.96 18.14 3.08
C VAL A 225 -3.03 17.17 3.57
N ASP A 226 -2.76 15.88 3.55
CA ASP A 226 -3.73 14.91 4.03
C ASP A 226 -3.03 13.60 4.39
N ALA A 227 -3.44 13.02 5.51
CA ALA A 227 -2.99 11.70 5.96
C ALA A 227 -4.21 10.79 6.05
N ASN A 228 -4.32 9.85 5.12
CA ASN A 228 -5.51 9.01 4.99
C ASN A 228 -5.13 7.57 5.33
N TRP A 229 -5.62 7.10 6.48
CA TRP A 229 -5.33 5.75 6.96
C TRP A 229 -6.47 4.81 6.58
N VAL A 230 -6.12 3.68 5.97
CA VAL A 230 -7.09 2.71 5.48
C VAL A 230 -6.66 1.32 5.93
N THR A 231 -7.56 0.61 6.61
CA THR A 231 -7.31 -0.79 6.96
C THR A 231 -7.65 -1.67 5.77
N LEU A 232 -6.63 -2.20 5.10
CA LEU A 232 -6.86 -3.14 4.00
C LEU A 232 -7.43 -4.45 4.51
N SER A 233 -6.83 -4.99 5.57
CA SER A 233 -7.25 -6.27 6.11
C SER A 233 -6.93 -6.30 7.59
N VAL A 234 -7.59 -7.22 8.30
CA VAL A 234 -7.35 -7.42 9.72
C VAL A 234 -7.50 -8.90 10.02
N ASN A 235 -6.61 -9.43 10.85
CA ASN A 235 -6.63 -10.83 11.26
C ASN A 235 -6.65 -10.84 12.78
N PRO A 236 -7.84 -10.88 13.39
CA PRO A 236 -7.92 -10.73 14.85
C PRO A 236 -7.28 -11.87 15.61
N LYS A 237 -7.43 -13.11 15.15
CA LYS A 237 -6.85 -14.24 15.89
C LYS A 237 -5.33 -14.19 15.85
N ALA A 238 -4.75 -13.78 14.72
CA ALA A 238 -3.30 -13.67 14.60
C ALA A 238 -2.75 -12.36 15.14
N ARG A 239 -3.63 -11.44 15.54
CA ARG A 239 -3.24 -10.11 16.01
C ARG A 239 -2.41 -9.39 14.96
N GLU A 240 -2.90 -9.43 13.72
CA GLU A 240 -2.25 -8.77 12.60
C GLU A 240 -3.25 -7.89 11.87
N ALA A 241 -2.72 -6.99 11.04
CA ALA A 241 -3.53 -6.13 10.19
C ALA A 241 -2.62 -5.53 9.13
N SER A 242 -3.21 -5.19 7.99
CA SER A 242 -2.52 -4.48 6.92
C SER A 242 -3.15 -3.09 6.80
N GLU A 243 -2.32 -2.06 6.98
CA GLU A 243 -2.78 -0.67 7.02
C GLU A 243 -2.10 0.12 5.93
N SER A 244 -2.88 0.83 5.13
CA SER A 244 -2.36 1.71 4.09
C SER A 244 -2.40 3.15 4.57
N LEU A 245 -1.41 3.93 4.13
CA LEU A 245 -1.35 5.37 4.40
C LEU A 245 -1.28 6.08 3.05
N TYR A 246 -2.34 6.80 2.70
CA TYR A 246 -2.37 7.65 1.52
C TYR A 246 -1.96 9.05 1.96
N LEU A 247 -0.75 9.45 1.60
CA LEU A 247 -0.15 10.70 2.07
C LEU A 247 -0.06 11.69 0.91
N GLN A 248 -0.61 12.87 1.13
CA GLN A 248 -0.50 13.98 0.18
C GLN A 248 0.17 15.14 0.89
N THR A 249 1.16 15.74 0.23
CA THR A 249 1.96 16.79 0.84
C THR A 249 2.17 17.91 -0.18
N ARG A 250 2.51 19.08 0.33
CA ARG A 250 3.16 20.10 -0.49
C ARG A 250 4.66 19.94 -0.32
N LEU A 251 5.38 19.97 -1.42
CA LEU A 251 6.79 19.62 -1.45
C LEU A 251 7.44 20.41 -2.57
N PRO A 252 8.09 21.53 -2.26
CA PRO A 252 8.86 22.23 -3.30
C PRO A 252 9.86 21.28 -3.93
N PHE A 253 10.08 21.44 -5.24
CA PHE A 253 10.94 20.49 -5.93
C PHE A 253 12.36 20.50 -5.37
N GLU A 254 12.82 21.65 -4.91
CA GLU A 254 14.12 21.73 -4.25
C GLU A 254 14.19 20.81 -3.03
N MET A 255 13.05 20.45 -2.44
CA MET A 255 12.99 19.57 -1.30
C MET A 255 12.69 18.12 -1.67
N HIS A 256 12.44 17.83 -2.95
CA HIS A 256 12.35 16.45 -3.38
C HIS A 256 13.68 15.75 -3.11
N ASP A 257 13.61 14.51 -2.62
CA ASP A 257 14.74 13.67 -2.25
C ASP A 257 15.54 14.22 -1.08
N LYS A 258 15.11 15.33 -0.47
CA LYS A 258 15.77 15.88 0.71
C LYS A 258 14.91 15.77 1.97
N VAL A 259 13.73 15.17 1.87
CA VAL A 259 12.81 15.01 2.99
C VAL A 259 12.42 13.54 3.05
N LYS A 260 12.21 13.05 4.27
CA LYS A 260 11.74 11.69 4.50
C LYS A 260 10.46 11.70 5.31
N ALA A 261 9.59 10.73 5.05
CA ALA A 261 8.40 10.51 5.84
C ALA A 261 8.73 9.55 6.97
N VAL A 262 8.36 9.92 8.19
CA VAL A 262 8.55 9.08 9.37
C VAL A 262 7.16 8.63 9.83
N ILE A 263 6.91 7.33 9.74
CA ILE A 263 5.60 6.75 10.02
C ILE A 263 5.74 5.87 11.26
N THR A 264 4.93 6.17 12.28
CA THR A 264 4.98 5.44 13.53
C THR A 264 3.58 4.97 13.92
N ILE A 265 3.46 3.70 14.25
CA ILE A 265 2.30 3.14 14.93
C ILE A 265 2.72 2.79 16.34
N SER A 266 2.01 3.31 17.34
CA SER A 266 2.37 3.07 18.73
C SER A 266 1.11 2.99 19.57
N ARG A 267 1.29 2.54 20.81
CA ARG A 267 0.19 2.44 21.77
C ARG A 267 0.78 2.68 23.16
N ASP A 268 0.42 3.81 23.77
CA ASP A 268 0.90 4.18 25.11
C ASP A 268 2.42 4.24 25.15
N GLY A 269 3.00 4.96 24.20
CA GLY A 269 4.43 5.16 24.16
C GLY A 269 5.22 4.01 23.56
N ARG A 270 4.72 2.78 23.76
CA ARG A 270 5.37 1.60 23.20
C ARG A 270 5.23 1.60 21.68
N GLN A 271 6.36 1.63 20.97
CA GLN A 271 6.35 1.68 19.52
C GLN A 271 6.03 0.31 18.95
N ILE A 272 5.00 0.24 18.12
CA ILE A 272 4.62 -0.99 17.44
C ILE A 272 5.39 -1.16 16.13
N LEU A 273 5.52 -0.08 15.35
CA LEU A 273 6.16 -0.15 14.05
C LEU A 273 6.68 1.23 13.69
N ARG A 274 7.85 1.27 13.04
CA ARG A 274 8.41 2.51 12.52
C ARG A 274 8.91 2.26 11.10
N LYS A 275 8.47 3.11 10.18
CA LYS A 275 8.88 3.06 8.78
C LYS A 275 9.33 4.44 8.35
N GLU A 276 10.46 4.50 7.67
CA GLU A 276 10.96 5.74 7.08
C GLU A 276 11.12 5.54 5.57
N ALA A 277 10.75 6.57 4.81
CA ALA A 277 10.86 6.49 3.35
C ALA A 277 11.18 7.87 2.81
N LEU A 278 12.16 7.93 1.91
CA LEU A 278 12.50 9.18 1.26
C LEU A 278 11.34 9.67 0.40
N MET A 279 11.09 10.98 0.45
CA MET A 279 10.01 11.61 -0.31
C MET A 279 10.53 11.99 -1.69
N ARG A 280 10.22 11.16 -2.68
CA ARG A 280 10.60 11.43 -4.06
C ARG A 280 9.46 12.02 -4.88
N LYS A 281 8.26 12.12 -4.30
CA LYS A 281 7.12 12.74 -4.97
C LYS A 281 6.13 13.18 -3.90
N PHE A 282 5.23 14.07 -4.30
CA PHE A 282 4.37 14.76 -3.34
C PHE A 282 3.33 13.83 -2.73
N ALA A 283 2.93 12.77 -3.44
CA ALA A 283 1.87 11.88 -2.98
C ALA A 283 2.35 10.45 -3.06
N ASN A 284 1.99 9.65 -2.05
CA ASN A 284 2.53 8.31 -1.91
C ASN A 284 1.53 7.40 -1.22
N LEU A 285 1.64 6.11 -1.52
CA LEU A 285 0.94 5.06 -0.79
C LEU A 285 1.98 4.23 -0.05
N PHE A 286 1.89 4.22 1.28
CA PHE A 286 2.74 3.39 2.12
C PHE A 286 1.89 2.30 2.74
N THR A 287 2.31 1.05 2.58
CA THR A 287 1.61 -0.10 3.13
C THR A 287 2.40 -0.63 4.33
N LEU A 288 1.70 -0.84 5.44
CA LEU A 288 2.29 -1.31 6.68
C LEU A 288 1.68 -2.66 7.04
N ASN A 289 2.53 -3.67 7.18
CA ASN A 289 2.11 -4.99 7.63
C ASN A 289 2.50 -5.13 9.10
N LEU A 290 1.49 -5.15 9.97
CA LEU A 290 1.68 -5.03 11.41
C LEU A 290 1.46 -6.36 12.11
N SER A 291 2.22 -6.58 13.19
CA SER A 291 2.08 -7.74 14.04
C SER A 291 1.83 -7.28 15.48
N GLY A 292 1.19 -8.14 16.27
CA GLY A 292 0.91 -7.82 17.64
C GLY A 292 -0.05 -6.65 17.84
N VAL A 293 -1.05 -6.52 16.97
CA VAL A 293 -2.03 -5.45 17.04
C VAL A 293 -3.42 -6.05 17.14
N ASP A 294 -4.25 -5.50 18.01
CA ASP A 294 -5.60 -5.98 18.20
C ASP A 294 -6.58 -5.22 17.32
N ALA A 295 -7.64 -5.89 16.90
CA ALA A 295 -8.64 -5.31 16.03
C ALA A 295 -9.58 -4.40 16.81
N TRP A 296 -10.20 -3.47 16.10
CA TRP A 296 -11.20 -2.58 16.67
C TRP A 296 -12.58 -3.22 16.55
N TRP A 297 -13.28 -3.33 17.66
CA TRP A 297 -14.61 -3.91 17.68
C TRP A 297 -15.61 -2.92 18.28
N PRO A 298 -16.87 -2.97 17.83
CA PRO A 298 -17.92 -2.23 18.53
C PRO A 298 -18.28 -2.91 19.84
N ARG A 299 -19.06 -2.18 20.66
CA ARG A 299 -19.38 -2.65 22.00
C ARG A 299 -20.05 -4.02 21.95
N GLY A 300 -19.60 -4.91 22.84
CA GLY A 300 -20.18 -6.23 22.92
C GLY A 300 -19.38 -7.25 22.15
N TYR A 301 -18.94 -6.89 20.94
CA TYR A 301 -18.21 -7.81 20.08
C TYR A 301 -16.70 -7.78 20.32
N GLY A 302 -16.22 -6.98 21.27
CA GLY A 302 -14.82 -6.96 21.60
C GLY A 302 -14.42 -5.61 22.16
N GLU A 303 -13.11 -5.40 22.21
CA GLU A 303 -12.53 -4.16 22.71
C GLU A 303 -12.29 -3.18 21.57
N PRO A 304 -12.54 -1.89 21.80
CA PRO A 304 -12.30 -0.86 20.77
C PRO A 304 -10.83 -0.44 20.73
N ALA A 305 -9.98 -1.37 20.32
CA ALA A 305 -8.55 -1.14 20.31
C ALA A 305 -8.19 0.02 19.39
N LEU A 306 -7.41 0.95 19.91
CA LEU A 306 -6.96 2.11 19.16
C LEU A 306 -5.45 2.20 19.20
N TYR A 307 -4.87 2.79 18.16
CA TYR A 307 -3.43 2.92 18.04
C TYR A 307 -3.09 4.31 17.53
N THR A 308 -2.11 4.94 18.15
CA THR A 308 -1.63 6.24 17.68
C THR A 308 -0.87 6.05 16.37
N ALA A 309 -1.40 6.65 15.30
CA ALA A 309 -0.74 6.68 14.01
C ALA A 309 -0.21 8.08 13.77
N GLU A 310 1.09 8.18 13.47
CA GLU A 310 1.74 9.47 13.32
C GLU A 310 2.61 9.47 12.08
N VAL A 311 2.57 10.57 11.34
CA VAL A 311 3.43 10.77 10.18
C VAL A 311 4.06 12.15 10.28
N SER A 312 5.36 12.23 10.00
CA SER A 312 6.10 13.48 10.05
C SER A 312 6.97 13.60 8.80
N LEU A 313 7.11 14.82 8.31
CA LEU A 313 8.02 15.14 7.22
C LEU A 313 9.29 15.70 7.83
N VAL A 314 10.40 14.98 7.68
CA VAL A 314 11.63 15.26 8.39
C VAL A 314 12.75 15.47 7.37
N ASP A 315 13.48 16.57 7.52
CA ASP A 315 14.67 16.80 6.69
C ASP A 315 15.70 15.70 6.96
N VAL A 316 16.18 15.08 5.88
CA VAL A 316 17.07 13.93 6.03
C VAL A 316 18.46 14.34 6.52
N THR A 317 18.81 15.62 6.44
CA THR A 317 20.12 16.10 6.81
C THR A 317 20.14 16.84 8.15
N SER A 318 19.22 17.78 8.34
CA SER A 318 19.19 18.57 9.56
C SER A 318 18.25 18.02 10.62
N GLY A 319 17.37 17.07 10.27
CA GLY A 319 16.39 16.58 11.21
C GLY A 319 15.22 17.51 11.44
N LYS A 320 15.13 18.61 10.69
CA LYS A 320 14.03 19.56 10.86
C LYS A 320 12.69 18.88 10.63
N ILE A 321 11.76 19.07 11.57
CA ILE A 321 10.43 18.51 11.47
C ILE A 321 9.54 19.57 10.80
N TYR A 322 9.22 19.34 9.53
CA TYR A 322 8.44 20.31 8.76
C TYR A 322 6.96 20.26 9.11
N ASP A 323 6.44 19.09 9.44
CA ASP A 323 5.03 18.95 9.81
C ASP A 323 4.84 17.59 10.46
N THR A 324 3.78 17.49 11.26
CA THR A 324 3.44 16.24 11.93
C THR A 324 1.92 16.13 12.02
N LYS A 325 1.41 14.95 11.69
CA LYS A 325 0.00 14.62 11.81
C LYS A 325 -0.15 13.40 12.69
N THR A 326 -1.01 13.51 13.70
CA THR A 326 -1.16 12.48 14.72
C THR A 326 -2.64 12.23 14.97
N SER A 327 -3.00 10.96 15.07
CA SER A 327 -4.39 10.58 15.35
C SER A 327 -4.40 9.17 15.90
N LYS A 328 -5.58 8.73 16.34
CA LYS A 328 -5.79 7.37 16.81
C LYS A 328 -6.68 6.65 15.80
N ILE A 329 -6.15 5.58 15.21
CA ILE A 329 -6.87 4.79 14.23
C ILE A 329 -7.24 3.44 14.84
N GLY A 330 -8.15 2.74 14.18
CA GLY A 330 -8.53 1.41 14.59
C GLY A 330 -8.53 0.45 13.44
N PHE A 331 -7.88 -0.70 13.58
CA PHE A 331 -7.79 -1.68 12.51
C PHE A 331 -9.10 -2.45 12.45
N ARG A 332 -9.88 -2.18 11.40
CA ARG A 332 -11.24 -2.68 11.28
C ARG A 332 -11.64 -2.68 9.82
N THR A 333 -12.41 -3.69 9.41
CA THR A 333 -13.08 -3.69 8.13
C THR A 333 -14.57 -3.62 8.33
N VAL A 334 -15.26 -2.94 7.42
CA VAL A 334 -16.71 -2.80 7.46
C VAL A 334 -17.27 -3.14 6.09
N LYS A 335 -18.37 -3.90 6.08
CA LYS A 335 -19.09 -4.24 4.87
C LYS A 335 -20.58 -4.20 5.17
N LEU A 336 -21.36 -3.71 4.22
CA LEU A 336 -22.82 -3.71 4.32
C LEU A 336 -23.34 -4.87 3.47
N GLU A 337 -23.59 -6.01 4.12
CA GLU A 337 -24.07 -7.20 3.45
C GLU A 337 -25.55 -7.02 3.12
N LEU A 338 -25.86 -6.83 1.84
CA LEU A 338 -27.24 -6.66 1.41
C LEU A 338 -27.90 -8.01 1.22
N ASP A 339 -29.12 -8.14 1.75
CA ASP A 339 -29.97 -9.30 1.48
C ASP A 339 -30.80 -8.98 0.25
N GLU A 340 -30.35 -9.46 -0.91
CA GLU A 340 -31.05 -9.25 -2.17
C GLU A 340 -31.99 -10.38 -2.52
N VAL A 341 -32.22 -11.32 -1.61
CA VAL A 341 -33.17 -12.42 -1.84
C VAL A 341 -34.52 -12.13 -1.20
N ASN A 342 -34.54 -11.77 0.08
CA ASN A 342 -35.78 -11.58 0.82
C ASN A 342 -36.23 -10.13 0.75
N LEU A 343 -37.48 -9.94 0.31
CA LEU A 343 -38.14 -8.64 0.20
C LEU A 343 -37.31 -7.65 -0.62
N PRO A 344 -37.11 -7.88 -1.91
CA PRO A 344 -36.40 -6.87 -2.73
C PRO A 344 -37.22 -5.60 -2.81
N GLY A 345 -36.55 -4.47 -2.59
CA GLY A 345 -37.20 -3.18 -2.54
C GLY A 345 -37.62 -2.72 -1.16
N GLN A 346 -37.65 -3.64 -0.19
CA GLN A 346 -37.97 -3.27 1.19
C GLN A 346 -36.75 -2.61 1.83
N PRO A 347 -36.95 -1.53 2.60
CA PRO A 347 -35.82 -0.92 3.31
C PRO A 347 -35.39 -1.75 4.50
N GLY A 348 -34.10 -1.69 4.79
CA GLY A 348 -33.54 -2.38 5.93
C GLY A 348 -33.16 -3.83 5.69
N GLN A 349 -33.07 -4.27 4.43
CA GLN A 349 -32.70 -5.65 4.13
C GLN A 349 -31.18 -5.74 3.96
N PHE A 350 -30.49 -5.56 5.09
CA PHE A 350 -29.03 -5.62 5.10
C PHE A 350 -28.56 -5.91 6.52
N GLN A 351 -27.26 -6.14 6.65
CA GLN A 351 -26.62 -6.37 7.94
C GLN A 351 -25.18 -5.91 7.87
N PHE A 352 -24.72 -5.28 8.94
CA PHE A 352 -23.33 -4.84 9.02
C PHE A 352 -22.40 -6.01 9.34
N ILE A 353 -21.30 -6.11 8.61
CA ILE A 353 -20.28 -7.12 8.81
C ILE A 353 -19.02 -6.40 9.28
N ILE A 354 -18.63 -6.62 10.53
CA ILE A 354 -17.47 -5.97 11.13
C ILE A 354 -16.40 -7.03 11.36
N ASN A 355 -15.25 -6.85 10.70
CA ASN A 355 -14.14 -7.81 10.80
C ASN A 355 -14.59 -9.22 10.44
N GLY A 356 -15.46 -9.33 9.44
CA GLY A 356 -15.96 -10.61 9.00
C GLY A 356 -17.08 -11.20 9.84
N GLU A 357 -17.46 -10.56 10.95
CA GLU A 357 -18.52 -11.09 11.79
C GLU A 357 -19.82 -10.33 11.57
N PRO A 358 -20.94 -11.02 11.40
CA PRO A 358 -22.23 -10.32 11.32
C PRO A 358 -22.64 -9.81 12.70
N VAL A 359 -22.74 -8.49 12.83
CA VAL A 359 -23.05 -7.86 14.11
C VAL A 359 -24.51 -7.42 14.13
N PHE A 360 -25.14 -7.56 15.29
CA PHE A 360 -26.48 -7.05 15.51
C PHE A 360 -26.37 -5.62 16.02
N ALA A 361 -26.94 -4.67 15.27
CA ALA A 361 -26.84 -3.26 15.62
C ALA A 361 -27.97 -2.87 16.55
N LYS A 362 -27.64 -2.06 17.55
CA LYS A 362 -28.62 -1.54 18.49
C LYS A 362 -28.13 -0.18 18.98
N GLY A 363 -28.95 0.85 18.80
CA GLY A 363 -28.53 2.18 19.20
C GLY A 363 -29.59 3.21 18.92
N THR A 364 -29.18 4.47 18.98
CA THR A 364 -30.09 5.60 18.93
C THR A 364 -29.82 6.47 17.70
N ASN A 365 -30.85 7.19 17.28
CA ASN A 365 -30.68 8.28 16.34
C ASN A 365 -30.12 9.50 17.09
N TRP A 366 -29.26 10.24 16.41
CA TRP A 366 -28.53 11.37 17.01
C TRP A 366 -29.06 12.66 16.41
N VAL A 367 -29.61 13.52 17.25
CA VAL A 367 -30.27 14.75 16.82
C VAL A 367 -29.41 15.92 17.30
N PRO A 368 -29.76 17.18 17.00
CA PRO A 368 -28.93 18.29 17.50
C PRO A 368 -28.73 18.21 19.01
N LEU A 369 -27.53 18.58 19.46
CA LEU A 369 -27.26 18.70 20.87
C LEU A 369 -27.77 19.99 21.45
N ASP A 370 -27.99 21.00 20.62
CA ASP A 370 -28.45 22.32 21.07
C ASP A 370 -28.93 23.09 19.84
N ALA A 371 -30.01 23.86 20.01
CA ALA A 371 -30.45 24.73 18.94
C ALA A 371 -29.44 25.82 18.64
N LEU A 372 -28.64 26.20 19.64
CA LEU A 372 -27.52 27.13 19.44
C LEU A 372 -26.27 26.27 19.40
N HIS A 373 -25.87 25.88 18.18
CA HIS A 373 -24.90 24.82 17.98
C HIS A 373 -23.50 25.17 18.44
N SER A 374 -23.23 26.43 18.81
CA SER A 374 -21.95 26.75 19.41
C SER A 374 -21.76 26.08 20.76
N ARG A 375 -22.85 25.62 21.37
CA ARG A 375 -22.79 24.90 22.63
C ARG A 375 -22.80 23.39 22.45
N ASP A 376 -22.82 22.90 21.21
CA ASP A 376 -22.77 21.46 20.95
C ASP A 376 -21.57 20.81 21.63
N ALA A 377 -20.38 21.40 21.43
CA ALA A 377 -19.15 20.79 21.91
C ALA A 377 -19.15 20.58 23.41
N SER A 378 -19.79 21.47 24.16
CA SER A 378 -19.82 21.36 25.62
C SER A 378 -20.80 20.30 26.11
N HIS A 379 -21.66 19.76 25.23
CA HIS A 379 -22.59 18.70 25.59
C HIS A 379 -22.11 17.31 25.19
N VAL A 380 -21.09 17.20 24.33
CA VAL A 380 -20.84 15.95 23.64
C VAL A 380 -20.32 14.88 24.60
N GLU A 381 -19.53 15.26 25.60
CA GLU A 381 -19.01 14.26 26.53
C GLU A 381 -20.13 13.57 27.29
N GLU A 382 -21.03 14.35 27.89
CA GLU A 382 -22.12 13.77 28.68
C GLU A 382 -23.16 13.10 27.79
N ALA A 383 -23.30 13.56 26.55
CA ALA A 383 -24.27 12.94 25.65
C ALA A 383 -23.79 11.58 25.16
N VAL A 384 -22.48 11.48 24.85
CA VAL A 384 -21.93 10.17 24.48
C VAL A 384 -21.97 9.22 25.67
N GLN A 385 -21.79 9.74 26.88
CA GLN A 385 -21.89 8.89 28.07
C GLN A 385 -23.30 8.31 28.22
N LEU A 386 -24.32 8.99 27.69
CA LEU A 386 -25.65 8.41 27.67
C LEU A 386 -25.67 7.12 26.85
N MET A 387 -25.03 7.14 25.68
CA MET A 387 -24.99 5.94 24.85
C MET A 387 -24.12 4.86 25.48
N VAL A 388 -23.09 5.24 26.24
CA VAL A 388 -22.23 4.25 26.87
C VAL A 388 -22.97 3.54 28.00
N GLU A 389 -23.64 4.31 28.86
CA GLU A 389 -24.45 3.71 29.90
C GLU A 389 -25.57 2.85 29.32
N MET A 390 -26.16 3.30 28.21
CA MET A 390 -27.20 2.53 27.54
C MET A 390 -26.62 1.28 26.88
N ASN A 391 -25.34 1.31 26.52
CA ASN A 391 -24.65 0.23 25.79
C ASN A 391 -25.16 0.15 24.35
N CYS A 392 -25.23 1.30 23.67
CA CYS A 392 -25.44 1.34 22.24
C CYS A 392 -24.15 0.94 21.54
N ASN A 393 -24.26 0.06 20.54
CA ASN A 393 -23.09 -0.23 19.70
C ASN A 393 -23.16 0.51 18.37
N ILE A 394 -24.16 1.35 18.16
CA ILE A 394 -24.29 2.12 16.94
C ILE A 394 -25.06 3.40 17.25
N VAL A 395 -24.83 4.43 16.43
CA VAL A 395 -25.55 5.69 16.50
C VAL A 395 -25.66 6.23 15.09
N ARG A 396 -26.85 6.72 14.73
CA ARG A 396 -27.10 7.29 13.40
C ARG A 396 -27.24 8.80 13.52
N CYS A 397 -26.29 9.53 12.95
CA CYS A 397 -26.31 10.98 12.97
C CYS A 397 -27.31 11.48 11.92
N TRP A 398 -28.40 12.07 12.40
CA TRP A 398 -29.53 12.42 11.55
C TRP A 398 -29.19 13.60 10.64
N GLY A 399 -29.63 13.50 9.37
CA GLY A 399 -29.38 14.53 8.38
C GLY A 399 -30.05 15.86 8.65
N GLY A 400 -30.93 15.93 9.64
CA GLY A 400 -31.48 17.22 10.04
C GLY A 400 -30.54 18.07 10.87
N ASN A 401 -29.48 17.47 11.40
CA ASN A 401 -28.51 18.13 12.26
C ASN A 401 -27.28 18.53 11.44
N VAL A 402 -26.40 19.30 12.07
CA VAL A 402 -25.08 19.59 11.51
C VAL A 402 -24.27 18.30 11.54
N TYR A 403 -23.11 18.32 10.89
CA TYR A 403 -22.13 17.26 11.10
C TYR A 403 -21.38 17.52 12.39
N GLU A 404 -21.28 16.49 13.23
CA GLU A 404 -20.52 16.65 14.47
C GLU A 404 -19.04 16.83 14.16
N ASP A 405 -18.31 17.36 15.13
CA ASP A 405 -16.91 17.67 14.96
C ASP A 405 -16.06 16.43 15.24
N THR A 406 -14.75 16.61 15.16
CA THR A 406 -13.81 15.49 15.29
C THR A 406 -13.92 14.82 16.65
N HIS A 407 -14.19 15.59 17.70
CA HIS A 407 -14.14 15.04 19.05
C HIS A 407 -15.29 14.08 19.31
N PHE A 408 -16.45 14.29 18.68
CA PHE A 408 -17.54 13.32 18.79
C PHE A 408 -17.11 11.96 18.23
N PHE A 409 -16.45 11.96 17.08
CA PHE A 409 -15.98 10.71 16.49
C PHE A 409 -14.82 10.12 17.27
N GLU A 410 -13.99 10.96 17.90
CA GLU A 410 -12.96 10.44 18.80
C GLU A 410 -13.59 9.65 19.94
N LEU A 411 -14.66 10.19 20.54
CA LEU A 411 -15.32 9.49 21.63
C LEU A 411 -15.96 8.19 21.14
N CYS A 412 -16.57 8.21 19.95
CA CYS A 412 -17.15 6.98 19.41
C CYS A 412 -16.07 5.96 19.04
N ASP A 413 -14.90 6.43 18.61
CA ASP A 413 -13.76 5.53 18.45
C ASP A 413 -13.38 4.90 19.79
N LYS A 414 -13.29 5.72 20.83
CA LYS A 414 -12.79 5.27 22.13
C LYS A 414 -13.74 4.28 22.78
N TYR A 415 -15.04 4.51 22.67
CA TYR A 415 -16.02 3.69 23.37
C TYR A 415 -16.66 2.62 22.49
N GLY A 416 -16.21 2.47 21.24
CA GLY A 416 -16.69 1.40 20.40
C GLY A 416 -18.11 1.56 19.89
N ILE A 417 -18.53 2.78 19.61
CA ILE A 417 -19.87 3.05 19.10
C ILE A 417 -19.75 3.34 17.61
N MET A 418 -20.31 2.45 16.79
CA MET A 418 -20.29 2.65 15.35
C MET A 418 -21.17 3.82 14.96
N VAL A 419 -20.75 4.56 13.94
CA VAL A 419 -21.43 5.79 13.53
C VAL A 419 -21.97 5.61 12.11
N TRP A 420 -23.27 5.81 11.96
CA TRP A 420 -23.95 5.88 10.67
C TRP A 420 -24.20 7.36 10.38
N GLN A 421 -23.56 7.89 9.34
CA GLN A 421 -23.55 9.33 9.07
C GLN A 421 -24.44 9.66 7.89
N ASP A 422 -25.54 10.36 8.15
CA ASP A 422 -26.33 10.95 7.08
C ASP A 422 -25.64 12.20 6.55
N PHE A 423 -25.71 12.40 5.24
CA PHE A 423 -25.44 13.73 4.72
C PHE A 423 -26.60 14.64 5.08
N ALA A 424 -26.31 15.94 5.19
CA ALA A 424 -27.28 16.87 5.74
C ALA A 424 -28.42 17.15 4.76
N MET A 425 -29.44 16.31 4.79
CA MET A 425 -30.65 16.51 3.99
C MET A 425 -31.87 16.33 4.89
N GLY A 426 -32.90 17.15 4.65
CA GLY A 426 -34.17 16.99 5.31
C GLY A 426 -35.10 16.05 4.56
N CYS A 427 -36.35 16.04 4.98
CA CYS A 427 -37.36 15.13 4.42
C CYS A 427 -37.96 15.77 3.17
N GLY A 428 -37.30 15.57 2.04
CA GLY A 428 -37.82 16.10 0.78
C GLY A 428 -36.88 15.77 -0.37
N ASN A 429 -37.27 16.26 -1.54
CA ASN A 429 -36.47 16.16 -2.75
C ASN A 429 -35.86 17.52 -3.06
N TYR A 430 -34.75 17.50 -3.80
CA TYR A 430 -33.91 18.69 -3.93
C TYR A 430 -33.63 18.98 -5.40
N SER A 431 -33.02 20.14 -5.62
CA SER A 431 -32.76 20.62 -6.97
C SER A 431 -31.84 19.66 -7.72
N GLN A 432 -32.11 19.49 -9.01
CA GLN A 432 -31.28 18.67 -9.89
C GLN A 432 -30.30 19.50 -10.70
N ARG A 433 -30.22 20.80 -10.45
CA ARG A 433 -29.46 21.71 -11.29
C ARG A 433 -28.00 21.78 -10.84
N ASP A 434 -27.18 22.40 -11.69
CA ASP A 434 -25.73 22.33 -11.54
C ASP A 434 -25.23 23.10 -10.32
N ASN A 435 -25.86 24.25 -10.01
CA ASN A 435 -25.37 25.09 -8.92
C ASN A 435 -25.51 24.37 -7.58
N PHE A 436 -26.64 23.68 -7.36
CA PHE A 436 -26.83 22.96 -6.11
C PHE A 436 -25.95 21.71 -6.06
N ALA A 437 -25.78 21.05 -7.21
CA ALA A 437 -24.93 19.85 -7.24
C ALA A 437 -23.48 20.20 -6.91
N ALA A 438 -23.02 21.38 -7.34
CA ALA A 438 -21.65 21.78 -7.05
C ALA A 438 -21.49 22.14 -5.57
N ALA A 439 -22.49 22.79 -4.98
CA ALA A 439 -22.43 23.13 -3.57
C ALA A 439 -22.41 21.88 -2.70
N LEU A 440 -23.22 20.88 -3.07
CA LEU A 440 -23.27 19.66 -2.27
C LEU A 440 -22.01 18.82 -2.44
N GLU A 441 -21.45 18.80 -3.65
CA GLU A 441 -20.23 18.03 -3.88
C GLU A 441 -19.07 18.60 -3.07
N LYS A 442 -18.92 19.92 -3.06
CA LYS A 442 -17.86 20.54 -2.26
C LYS A 442 -18.03 20.20 -0.78
N GLU A 443 -19.26 20.24 -0.29
CA GLU A 443 -19.53 19.87 1.10
C GLU A 443 -19.19 18.40 1.35
N ALA A 444 -19.63 17.53 0.45
CA ALA A 444 -19.42 16.09 0.64
C ALA A 444 -17.94 15.75 0.68
N ILE A 445 -17.17 16.28 -0.28
CA ILE A 445 -15.72 16.03 -0.29
C ILE A 445 -15.09 16.54 1.00
N SER A 446 -15.53 17.71 1.48
CA SER A 446 -14.97 18.27 2.71
C SER A 446 -15.23 17.35 3.90
N VAL A 447 -16.47 16.91 4.07
CA VAL A 447 -16.83 16.12 5.25
C VAL A 447 -16.21 14.72 5.18
N VAL A 448 -16.16 14.14 3.97
CA VAL A 448 -15.62 12.79 3.83
C VAL A 448 -14.13 12.77 4.17
N VAL A 449 -13.36 13.68 3.56
CA VAL A 449 -11.93 13.76 3.84
C VAL A 449 -11.68 14.00 5.33
N LYS A 450 -12.57 14.72 5.99
CA LYS A 450 -12.36 15.06 7.40
C LYS A 450 -12.61 13.87 8.31
N LEU A 451 -13.60 13.03 7.98
CA LEU A 451 -14.04 11.99 8.90
C LEU A 451 -13.64 10.57 8.49
N ARG A 452 -13.04 10.39 7.31
CA ARG A 452 -12.88 9.04 6.76
C ARG A 452 -11.85 8.20 7.52
N ASN A 453 -11.09 8.76 8.45
CA ASN A 453 -10.08 8.01 9.17
C ASN A 453 -10.56 7.48 10.52
N HIS A 454 -11.78 7.81 10.91
CA HIS A 454 -12.27 7.35 12.22
C HIS A 454 -12.79 5.92 12.11
N PRO A 455 -12.29 4.99 12.93
CA PRO A 455 -12.79 3.61 12.85
C PRO A 455 -14.26 3.47 13.19
N SER A 456 -14.80 4.34 14.04
CA SER A 456 -16.20 4.20 14.43
C SER A 456 -17.15 4.47 13.26
N LEU A 457 -16.77 5.36 12.35
CA LEU A 457 -17.61 5.63 11.19
C LEU A 457 -17.68 4.39 10.29
N ILE A 458 -18.90 3.99 9.93
CA ILE A 458 -19.08 2.73 9.20
C ILE A 458 -19.98 2.87 7.98
N LEU A 459 -20.69 3.99 7.85
CA LEU A 459 -21.71 4.07 6.80
C LEU A 459 -21.99 5.53 6.45
N TRP A 460 -22.02 5.82 5.16
CA TRP A 460 -22.53 7.09 4.64
C TRP A 460 -23.92 6.86 4.05
N SER A 461 -24.82 7.82 4.27
CA SER A 461 -26.18 7.72 3.78
C SER A 461 -26.61 9.04 3.17
N GLY A 462 -27.33 8.96 2.05
CA GLY A 462 -27.80 10.16 1.38
C GLY A 462 -29.31 10.17 1.15
N ASN A 463 -30.06 9.80 2.18
CA ASN A 463 -31.53 9.74 2.09
C ASN A 463 -32.12 11.08 1.66
N ASN A 484 -34.18 9.36 -11.57
CA ASN A 484 -33.92 9.34 -10.14
C ASN A 484 -33.25 10.62 -9.67
N ASP A 485 -33.07 10.73 -8.36
CA ASP A 485 -32.48 11.93 -7.78
C ASP A 485 -31.00 12.03 -8.15
N ARG A 486 -30.60 13.18 -8.68
CA ARG A 486 -29.19 13.44 -8.97
C ARG A 486 -28.38 13.54 -7.68
N VAL A 487 -29.01 13.97 -6.58
CA VAL A 487 -28.29 14.18 -5.33
C VAL A 487 -27.82 12.86 -4.74
N SER A 488 -28.76 11.95 -4.51
CA SER A 488 -28.45 10.71 -3.79
C SER A 488 -27.84 9.65 -4.70
N ARG A 489 -28.20 9.64 -5.98
CA ARG A 489 -27.77 8.58 -6.88
C ARG A 489 -26.55 8.96 -7.73
N GLN A 490 -26.06 10.20 -7.64
CA GLN A 490 -24.96 10.60 -8.50
C GLN A 490 -23.92 11.45 -7.79
N VAL A 491 -24.35 12.57 -7.20
CA VAL A 491 -23.39 13.51 -6.59
C VAL A 491 -22.69 12.85 -5.41
N LEU A 492 -23.46 12.41 -4.42
CA LEU A 492 -22.86 11.84 -3.22
C LEU A 492 -22.19 10.50 -3.49
N SER A 493 -22.74 9.71 -4.41
CA SER A 493 -22.16 8.41 -4.72
C SER A 493 -20.79 8.56 -5.38
N ARG A 494 -20.63 9.56 -6.26
CA ARG A 494 -19.33 9.79 -6.88
C ARG A 494 -18.29 10.26 -5.86
N VAL A 495 -18.73 10.98 -4.82
CA VAL A 495 -17.79 11.41 -3.79
C VAL A 495 -17.28 10.22 -3.00
N ILE A 496 -18.18 9.36 -2.53
CA ILE A 496 -17.77 8.18 -1.77
C ILE A 496 -16.92 7.26 -2.61
N TYR A 497 -17.26 7.13 -3.90
CA TYR A 497 -16.52 6.26 -4.80
C TYR A 497 -15.07 6.71 -4.97
N GLU A 498 -14.83 8.02 -4.97
CA GLU A 498 -13.50 8.54 -5.21
C GLU A 498 -12.70 8.78 -3.92
N PHE A 499 -13.36 9.16 -2.82
CA PHE A 499 -12.66 9.60 -1.62
C PHE A 499 -12.88 8.72 -0.41
N ASP A 500 -13.69 7.67 -0.50
CA ASP A 500 -13.83 6.72 0.60
C ASP A 500 -14.31 5.39 0.03
N PRO A 501 -13.45 4.68 -0.69
CA PRO A 501 -13.80 3.34 -1.20
C PRO A 501 -13.90 2.27 -0.12
N THR A 502 -13.61 2.61 1.13
CA THR A 502 -13.57 1.64 2.22
C THR A 502 -14.89 1.50 2.96
N ARG A 503 -15.86 2.39 2.71
CA ARG A 503 -17.10 2.35 3.46
C ARG A 503 -18.30 2.21 2.54
N PRO A 504 -19.34 1.52 2.98
CA PRO A 504 -20.56 1.44 2.16
C PRO A 504 -21.30 2.76 2.13
N TYR A 505 -22.02 2.97 1.04
CA TYR A 505 -22.87 4.13 0.85
C TYR A 505 -24.30 3.67 0.60
N LEU A 506 -25.26 4.30 1.27
CA LEU A 506 -26.68 3.98 1.08
C LEU A 506 -27.36 5.14 0.40
N PRO A 507 -27.95 4.95 -0.79
CA PRO A 507 -28.64 6.06 -1.47
C PRO A 507 -29.84 6.57 -0.69
N SER A 508 -30.56 5.70 0.02
CA SER A 508 -31.70 6.11 0.81
C SER A 508 -31.68 5.39 2.15
N SER A 509 -32.43 5.93 3.11
CA SER A 509 -32.48 5.38 4.46
C SER A 509 -32.96 3.93 4.48
N ARG A 535 -50.58 7.65 15.86
CA ARG A 535 -49.54 6.64 16.17
C ARG A 535 -50.20 5.33 16.65
N GLY A 536 -50.38 5.13 17.97
CA GLY A 536 -51.34 4.12 18.47
C GLY A 536 -50.74 3.09 19.40
N TYR A 537 -51.27 1.87 19.41
CA TYR A 537 -50.82 0.81 20.30
C TYR A 537 -49.52 0.21 19.80
N TYR A 538 -48.57 0.00 20.72
CA TYR A 538 -47.26 -0.49 20.31
C TYR A 538 -47.26 -1.95 19.88
N LYS A 539 -48.35 -2.69 20.15
CA LYS A 539 -48.52 -4.05 19.64
C LYS A 539 -49.43 -4.10 18.42
N ASP A 540 -49.67 -2.97 17.77
CA ASP A 540 -50.46 -2.96 16.55
C ASP A 540 -49.68 -3.63 15.41
N PRO A 541 -50.39 -4.16 14.41
CA PRO A 541 -49.69 -4.85 13.31
C PRO A 541 -48.76 -3.94 12.52
N PHE A 542 -48.91 -2.61 12.63
CA PHE A 542 -47.98 -1.73 11.93
C PHE A 542 -46.55 -1.90 12.43
N TYR A 543 -46.41 -2.30 13.68
CA TYR A 543 -45.08 -2.53 14.29
C TYR A 543 -44.71 -4.01 14.22
N THR A 544 -45.60 -4.86 14.72
CA THR A 544 -45.28 -6.27 14.88
C THR A 544 -45.19 -7.03 13.56
N GLU A 545 -45.79 -6.50 12.49
CA GLU A 545 -45.76 -7.16 11.19
C GLU A 545 -44.74 -6.54 10.23
N ASN A 546 -43.99 -5.53 10.68
CA ASN A 546 -42.94 -4.94 9.87
C ASN A 546 -41.89 -6.00 9.56
N PRO A 547 -41.64 -6.33 8.30
CA PRO A 547 -40.65 -7.37 7.96
C PRO A 547 -39.23 -6.87 7.75
N SER A 548 -38.93 -5.61 8.04
CA SER A 548 -37.59 -5.08 7.85
C SER A 548 -36.62 -5.73 8.83
N GLN A 549 -35.53 -6.28 8.30
CA GLN A 549 -34.49 -6.86 9.15
C GLN A 549 -33.83 -5.79 10.00
N PHE A 550 -33.47 -4.67 9.39
CA PHE A 550 -32.83 -3.54 10.06
C PHE A 550 -33.83 -2.40 10.08
N VAL A 551 -34.41 -2.14 11.25
CA VAL A 551 -35.49 -1.17 11.37
C VAL A 551 -34.97 0.11 12.00
N SER A 552 -35.58 1.22 11.63
CA SER A 552 -35.44 2.50 12.31
C SER A 552 -36.74 2.76 13.06
N GLN A 553 -36.71 2.58 14.37
CA GLN A 553 -37.92 2.62 15.19
C GLN A 553 -38.43 4.04 15.36
N ILE A 554 -39.75 4.17 15.40
CA ILE A 554 -40.45 5.47 15.22
C ILE A 554 -40.32 6.29 16.52
N GLY A 555 -40.45 5.63 17.68
CA GLY A 555 -40.42 6.40 18.94
C GLY A 555 -41.78 6.70 19.49
N TYR A 556 -41.91 6.62 20.81
CA TYR A 556 -43.17 6.96 21.52
C TYR A 556 -42.92 8.14 22.45
N HIS A 557 -43.94 8.95 22.60
CA HIS A 557 -43.88 10.16 23.42
C HIS A 557 -43.70 9.82 24.89
N GLY A 558 -42.98 10.69 25.59
CA GLY A 558 -42.83 10.58 27.03
C GLY A 558 -42.79 11.94 27.68
N CYS A 559 -43.74 12.22 28.56
CA CYS A 559 -43.75 13.50 29.26
C CYS A 559 -42.49 13.63 30.11
N PRO A 560 -41.72 14.70 29.96
CA PRO A 560 -40.47 14.83 30.72
C PRO A 560 -40.73 14.93 32.22
N ASN A 561 -39.64 14.82 32.98
CA ASN A 561 -39.71 14.84 34.43
C ASN A 561 -40.27 16.18 34.92
N ARG A 562 -40.83 16.15 36.14
CA ARG A 562 -41.46 17.34 36.69
C ARG A 562 -40.49 18.51 36.79
N GLU A 563 -39.25 18.23 37.20
CA GLU A 563 -38.27 19.30 37.34
C GLU A 563 -38.02 20.01 36.01
N THR A 564 -38.04 19.26 34.90
CA THR A 564 -37.90 19.88 33.59
C THR A 564 -39.12 20.72 33.25
N LEU A 565 -40.32 20.22 33.56
CA LEU A 565 -41.54 21.00 33.30
C LEU A 565 -41.53 22.31 34.07
N GLU A 566 -41.13 22.27 35.34
CA GLU A 566 -41.10 23.48 36.16
C GLU A 566 -39.99 24.44 35.76
N ARG A 567 -39.03 23.97 34.96
CA ARG A 567 -37.92 24.82 34.56
C ARG A 567 -38.16 25.52 33.23
N MET A 568 -38.92 24.91 32.32
CA MET A 568 -39.15 25.48 31.01
C MET A 568 -40.53 26.10 30.83
N PHE A 569 -41.47 25.86 31.75
CA PHE A 569 -42.78 26.48 31.68
C PHE A 569 -42.90 27.57 32.73
N SER A 570 -43.68 28.60 32.40
CA SER A 570 -44.03 29.62 33.37
C SER A 570 -44.83 28.98 34.50
N PRO A 571 -44.78 29.56 35.71
CA PRO A 571 -45.51 28.95 36.84
C PRO A 571 -46.98 28.68 36.57
N ASP A 572 -47.65 29.56 35.82
CA ASP A 572 -49.06 29.35 35.51
C ASP A 572 -49.29 28.35 34.39
N SER A 573 -48.23 27.91 33.71
CA SER A 573 -48.34 26.97 32.61
C SER A 573 -47.71 25.62 32.91
N VAL A 574 -47.21 25.41 34.13
CA VAL A 574 -46.61 24.11 34.47
C VAL A 574 -47.64 23.00 34.36
N ASN A 575 -48.84 23.24 34.88
CA ASN A 575 -49.91 22.27 34.70
C ASN A 575 -50.40 22.32 33.26
N PRO A 576 -50.47 21.18 32.57
CA PRO A 576 -50.74 21.22 31.12
C PRO A 576 -52.17 21.62 30.77
N TRP A 577 -53.14 21.28 31.61
CA TRP A 577 -54.55 21.38 31.23
C TRP A 577 -55.02 22.83 31.30
N GLN A 578 -55.43 23.36 30.16
CA GLN A 578 -55.95 24.73 30.10
C GLN A 578 -57.28 24.81 30.83
N ASN A 579 -57.33 25.63 31.88
CA ASN A 579 -58.51 25.79 32.73
C ASN A 579 -58.96 24.46 33.33
N GLY A 580 -57.99 23.60 33.66
CA GLY A 580 -58.29 22.33 34.29
C GLY A 580 -58.98 21.31 33.43
N VAL A 581 -59.11 21.56 32.12
CA VAL A 581 -59.79 20.63 31.23
C VAL A 581 -58.77 19.61 30.74
N VAL A 582 -58.92 18.36 31.18
CA VAL A 582 -58.00 17.30 30.79
C VAL A 582 -58.11 17.07 29.28
N GLY A 583 -56.96 17.05 28.61
CA GLY A 583 -56.89 16.85 27.18
C GLY A 583 -56.61 18.09 26.37
N MET A 584 -56.87 19.27 26.93
CA MET A 584 -56.62 20.54 26.26
C MET A 584 -55.33 21.14 26.82
N TRP A 585 -54.35 21.33 25.95
CA TRP A 585 -53.04 21.83 26.36
C TRP A 585 -53.03 23.36 26.34
N ASN A 586 -52.39 23.95 27.34
CA ASN A 586 -52.26 25.41 27.34
C ASN A 586 -51.25 25.84 26.28
N ASP A 587 -51.14 27.16 26.09
CA ASP A 587 -50.40 27.68 24.95
C ASP A 587 -48.91 27.39 25.07
N GLU A 588 -48.36 27.44 26.29
CA GLU A 588 -46.93 27.18 26.44
C GLU A 588 -46.60 25.71 26.20
N TRP A 589 -47.49 24.80 26.60
CA TRP A 589 -47.29 23.40 26.27
C TRP A 589 -47.39 23.15 24.77
N GLN A 590 -48.26 23.90 24.08
CA GLN A 590 -48.35 23.79 22.62
C GLN A 590 -47.08 24.30 21.96
N THR A 591 -46.44 25.31 22.54
CA THR A 591 -45.17 25.81 21.98
C THR A 591 -44.08 24.75 22.08
N LYS A 592 -44.08 23.96 23.16
CA LYS A 592 -43.06 22.94 23.36
C LYS A 592 -43.45 21.63 22.69
N ALA A 593 -44.20 21.73 21.58
CA ALA A 593 -44.72 20.54 20.93
C ALA A 593 -43.63 19.71 20.25
N ASN A 594 -42.73 20.32 19.46
CA ASN A 594 -42.51 21.76 19.23
C ASN A 594 -43.41 22.33 18.12
N ARG A 595 -43.94 23.52 18.39
CA ARG A 595 -44.73 24.27 17.41
C ARG A 595 -43.80 25.27 16.73
N ILE A 596 -43.65 25.14 15.41
CA ILE A 596 -42.65 25.92 14.68
C ILE A 596 -43.02 27.40 14.69
N TYR A 597 -44.22 27.73 14.24
CA TYR A 597 -44.67 29.11 14.16
C TYR A 597 -45.70 29.39 15.25
N ASP A 598 -45.78 30.67 15.66
CA ASP A 598 -46.69 31.09 16.72
C ASP A 598 -48.11 31.13 16.16
N ASP A 599 -48.73 29.96 16.08
CA ASP A 599 -50.08 29.77 15.59
C ASP A 599 -50.94 29.23 16.72
N LYS A 600 -51.95 29.98 17.13
CA LYS A 600 -52.84 29.54 18.20
C LYS A 600 -53.78 28.47 17.68
N PHE A 601 -53.64 27.25 18.18
CA PHE A 601 -54.56 26.17 17.86
C PHE A 601 -54.59 25.19 19.02
N GLN A 602 -55.54 24.27 18.97
CA GLN A 602 -55.71 23.25 20.00
C GLN A 602 -55.39 21.88 19.40
N GLY A 603 -54.92 20.98 20.27
CA GLY A 603 -54.58 19.65 19.80
C GLY A 603 -53.27 19.63 19.03
N GLY A 604 -53.13 18.61 18.18
CA GLY A 604 -51.93 18.46 17.39
C GLY A 604 -50.98 17.43 17.95
N ARG A 605 -49.68 17.73 17.87
CA ARG A 605 -48.66 16.75 18.24
C ARG A 605 -48.76 16.34 19.70
N ASN A 606 -49.19 17.24 20.58
CA ASN A 606 -49.28 16.92 22.00
C ASN A 606 -50.36 15.88 22.30
N ASP A 607 -51.39 15.76 21.46
CA ASP A 607 -52.41 14.75 21.67
C ASP A 607 -51.85 13.33 21.58
N LEU A 608 -50.63 13.18 21.11
CA LEU A 608 -49.98 11.85 21.08
C LEU A 608 -49.73 11.37 22.52
N MET A 609 -49.48 12.29 23.44
CA MET A 609 -49.26 11.90 24.82
C MET A 609 -50.53 11.36 25.47
N THR A 610 -51.67 12.02 25.22
CA THR A 610 -52.92 11.58 25.82
C THR A 610 -53.49 10.34 25.13
N ASN A 611 -53.42 10.29 23.80
CA ASN A 611 -54.00 9.17 23.08
C ASN A 611 -53.23 7.88 23.35
N GLN A 612 -51.95 8.01 23.71
CA GLN A 612 -51.11 6.81 23.92
C GLN A 612 -51.34 6.28 25.33
N VAL A 613 -51.57 7.17 26.30
CA VAL A 613 -51.92 6.71 27.64
C VAL A 613 -53.38 6.31 27.73
N ARG A 614 -54.22 6.78 26.80
CA ARG A 614 -55.62 6.38 26.80
C ARG A 614 -55.79 4.95 26.28
N ILE A 615 -54.86 4.50 25.43
CA ILE A 615 -54.91 3.12 24.93
C ILE A 615 -54.37 2.15 25.97
N ILE A 616 -53.32 2.55 26.69
CA ILE A 616 -52.68 1.64 27.62
C ILE A 616 -53.38 1.64 28.97
N PHE A 617 -53.84 2.80 29.43
CA PHE A 617 -54.40 2.94 30.77
C PHE A 617 -55.86 3.37 30.77
N GLY A 618 -56.50 3.42 29.61
CA GLY A 618 -57.93 3.74 29.55
C GLY A 618 -58.32 5.19 29.72
N GLU A 619 -57.78 5.86 30.73
CA GLU A 619 -58.11 7.24 31.03
C GLU A 619 -56.83 8.04 31.29
N VAL A 620 -56.89 9.33 30.96
CA VAL A 620 -55.78 10.24 31.18
C VAL A 620 -55.89 10.77 32.61
N PRO A 621 -54.88 10.59 33.45
CA PRO A 621 -54.95 11.10 34.82
C PRO A 621 -54.96 12.62 34.84
N ALA A 622 -55.75 13.19 35.76
CA ALA A 622 -55.80 14.64 35.90
C ALA A 622 -54.64 15.17 36.72
N ASP A 623 -54.15 14.40 37.69
CA ASP A 623 -53.00 14.81 38.47
C ASP A 623 -51.75 14.83 37.61
N LEU A 624 -50.93 15.87 37.78
CA LEU A 624 -49.75 16.01 36.93
C LEU A 624 -48.73 14.91 37.18
N ASP A 625 -48.53 14.53 38.44
CA ASP A 625 -47.56 13.49 38.76
C ASP A 625 -48.02 12.13 38.25
N ASP A 626 -49.32 11.84 38.33
CA ASP A 626 -49.84 10.60 37.78
C ASP A 626 -49.78 10.60 36.26
N PHE A 627 -49.94 11.77 35.64
CA PHE A 627 -49.83 11.87 34.19
C PHE A 627 -48.40 11.62 33.73
N ILE A 628 -47.41 12.08 34.51
CA ILE A 628 -46.02 11.83 34.17
C ILE A 628 -45.72 10.34 34.24
N PHE A 629 -46.26 9.65 35.25
CA PHE A 629 -46.02 8.21 35.35
C PHE A 629 -46.68 7.46 34.21
N ALA A 630 -47.93 7.81 33.88
CA ALA A 630 -48.63 7.13 32.81
C ALA A 630 -47.91 7.34 31.47
N SER A 631 -47.49 8.57 31.19
CA SER A 631 -46.88 8.87 29.89
C SER A 631 -45.52 8.19 29.76
N GLN A 632 -44.68 8.30 30.80
CA GLN A 632 -43.37 7.67 30.74
C GLN A 632 -43.47 6.15 30.75
N SER A 633 -44.52 5.60 31.35
CA SER A 633 -44.68 4.15 31.36
C SER A 633 -45.03 3.63 29.96
N VAL A 634 -45.90 4.33 29.24
CA VAL A 634 -46.23 3.93 27.88
C VAL A 634 -44.99 4.00 27.00
N GLN A 635 -44.20 5.07 27.14
CA GLN A 635 -42.96 5.18 26.38
C GLN A 635 -41.99 4.07 26.74
N ALA A 636 -41.91 3.73 28.03
CA ALA A 636 -40.97 2.71 28.48
C ALA A 636 -41.36 1.33 27.98
N GLU A 637 -42.66 1.01 28.04
CA GLU A 637 -43.11 -0.30 27.58
C GLU A 637 -42.98 -0.44 26.07
N ALA A 638 -43.29 0.63 25.33
CA ALA A 638 -43.28 0.55 23.87
C ALA A 638 -41.86 0.36 23.34
N MET A 639 -40.93 1.23 23.74
CA MET A 639 -39.58 1.16 23.22
C MET A 639 -38.88 -0.13 23.64
N LYS A 640 -39.06 -0.55 24.90
CA LYS A 640 -38.51 -1.82 25.35
C LYS A 640 -39.08 -2.98 24.55
N PHE A 641 -40.38 -2.93 24.23
CA PHE A 641 -40.99 -4.00 23.45
C PHE A 641 -40.42 -4.06 22.04
N PHE A 642 -40.09 -2.91 21.46
CA PHE A 642 -39.55 -2.90 20.10
C PHE A 642 -38.14 -3.49 20.05
N VAL A 643 -37.31 -3.18 21.05
CA VAL A 643 -35.96 -3.73 21.09
C VAL A 643 -36.01 -5.24 21.31
N GLU A 644 -36.79 -5.68 22.30
CA GLU A 644 -36.92 -7.12 22.55
C GLU A 644 -37.49 -7.85 21.35
N LEU A 645 -38.37 -7.20 20.59
CA LEU A 645 -38.96 -7.86 19.42
C LEU A 645 -37.94 -8.10 18.34
N TRP A 646 -36.99 -7.17 18.17
CA TRP A 646 -35.98 -7.36 17.13
C TRP A 646 -34.84 -8.25 17.60
N ARG A 647 -34.44 -8.13 18.88
CA ARG A 647 -33.42 -9.02 19.42
C ARG A 647 -33.94 -10.45 19.52
N GLY A 648 -35.24 -10.63 19.72
CA GLY A 648 -35.80 -11.97 19.89
C GLY A 648 -36.08 -12.72 18.61
N ARG A 649 -36.08 -12.02 17.47
CA ARG A 649 -36.36 -12.65 16.19
C ARG A 649 -35.12 -12.73 15.30
N ARG A 650 -33.93 -12.71 15.90
CA ARG A 650 -32.72 -13.03 15.17
C ARG A 650 -32.73 -14.50 14.77
N PRO A 651 -31.96 -14.90 13.74
CA PRO A 651 -30.99 -14.12 12.95
C PRO A 651 -31.61 -13.35 11.78
N TYR A 652 -32.92 -13.45 11.52
CA TYR A 652 -33.51 -12.69 10.43
C TYR A 652 -33.41 -11.19 10.70
N ARG A 653 -33.77 -10.77 11.91
CA ARG A 653 -33.59 -9.37 12.29
C ARG A 653 -32.12 -9.09 12.55
N THR A 654 -31.64 -7.96 12.03
CA THR A 654 -30.23 -7.65 12.05
C THR A 654 -29.87 -6.38 12.81
N GLY A 655 -30.81 -5.51 13.10
CA GLY A 655 -30.51 -4.29 13.83
C GLY A 655 -31.75 -3.48 14.10
N ILE A 656 -31.62 -2.59 15.09
CA ILE A 656 -32.68 -1.65 15.42
C ILE A 656 -32.06 -0.36 15.93
N ILE A 657 -32.35 0.75 15.25
CA ILE A 657 -31.92 2.08 15.65
C ILE A 657 -33.16 2.85 16.05
N TRP A 658 -33.29 3.16 17.33
CA TRP A 658 -34.50 3.76 17.87
C TRP A 658 -34.32 5.26 18.07
N TRP A 659 -35.46 5.94 18.17
CA TRP A 659 -35.53 7.40 18.21
C TRP A 659 -36.23 7.80 19.50
N ASN A 660 -35.53 8.52 20.39
CA ASN A 660 -34.09 8.82 20.32
C ASN A 660 -33.61 8.98 21.77
N ILE A 661 -32.32 9.22 21.97
CA ILE A 661 -31.78 9.16 23.33
C ILE A 661 -31.78 10.51 24.05
N ARG A 662 -31.68 11.63 23.33
CA ARG A 662 -31.50 12.91 24.00
C ARG A 662 -32.13 14.04 23.20
N ASP A 663 -32.85 14.92 23.90
CA ASP A 663 -33.39 16.13 23.30
C ASP A 663 -32.28 17.15 23.04
N GLY A 664 -32.48 17.95 21.99
CA GLY A 664 -31.62 19.08 21.71
C GLY A 664 -32.15 20.42 22.18
N TRP A 665 -33.17 20.41 23.03
CA TRP A 665 -33.84 21.62 23.51
C TRP A 665 -34.88 21.22 24.53
N PRO A 666 -35.13 22.04 25.56
CA PRO A 666 -36.25 21.74 26.47
C PRO A 666 -37.57 21.69 25.72
N LEU A 667 -38.13 20.48 25.60
CA LEU A 667 -39.33 20.28 24.79
C LEU A 667 -40.09 19.07 25.31
N LEU A 668 -41.32 18.93 24.85
CA LEU A 668 -42.08 17.70 24.97
C LEU A 668 -41.81 16.87 23.73
N SER A 669 -41.30 15.65 23.90
CA SER A 669 -40.84 14.88 22.77
C SER A 669 -40.95 13.38 23.07
N ASP A 670 -40.46 12.62 22.10
CA ASP A 670 -40.39 11.14 22.11
C ASP A 670 -38.98 10.70 22.46
N ALA A 671 -38.13 11.63 22.89
CA ALA A 671 -36.82 11.25 23.39
C ALA A 671 -36.94 10.67 24.79
N ILE A 672 -35.96 9.84 25.17
CA ILE A 672 -35.98 9.18 26.46
C ILE A 672 -35.14 9.93 27.50
N SER A 673 -34.65 11.11 27.16
CA SER A 673 -33.89 11.95 28.08
C SER A 673 -33.94 13.38 27.56
N ASP A 674 -34.27 14.33 28.44
CA ASP A 674 -34.49 15.70 27.99
C ASP A 674 -33.17 16.47 27.89
N TYR A 675 -33.30 17.74 27.49
CA TYR A 675 -32.13 18.57 27.20
C TYR A 675 -31.25 18.79 28.43
N TRP A 676 -31.85 18.76 29.62
CA TRP A 676 -31.11 19.02 30.85
C TRP A 676 -30.60 17.75 31.52
N GLY A 677 -30.61 16.62 30.82
CA GLY A 677 -30.17 15.38 31.40
C GLY A 677 -31.19 14.65 32.24
N GLY A 678 -32.46 15.07 32.19
CA GLY A 678 -33.51 14.41 32.92
C GLY A 678 -33.92 13.10 32.28
N LYS A 679 -33.45 11.99 32.84
CA LYS A 679 -33.75 10.68 32.26
C LYS A 679 -35.19 10.29 32.53
N LYS A 680 -35.92 9.97 31.47
CA LYS A 680 -37.28 9.46 31.60
C LYS A 680 -37.24 7.97 31.94
N GLN A 681 -38.41 7.44 32.29
CA GLN A 681 -38.49 6.03 32.70
C GLN A 681 -38.04 5.10 31.59
N ALA A 682 -38.23 5.50 30.33
CA ALA A 682 -37.85 4.64 29.21
C ALA A 682 -36.34 4.39 29.17
N PHE A 683 -35.55 5.32 29.70
CA PHE A 683 -34.09 5.14 29.66
C PHE A 683 -33.67 3.89 30.42
N TYR A 684 -34.27 3.65 31.59
CA TYR A 684 -33.87 2.49 32.39
C TYR A 684 -34.45 1.20 31.84
N TYR A 685 -35.68 1.26 31.29
CA TYR A 685 -36.23 0.09 30.59
C TYR A 685 -35.33 -0.31 29.43
N MET A 686 -34.98 0.65 28.58
CA MET A 686 -34.11 0.36 27.44
C MET A 686 -32.75 -0.15 27.89
N GLN A 687 -32.25 0.35 29.02
CA GLN A 687 -30.94 -0.07 29.50
C GLN A 687 -30.91 -1.56 29.82
N ASN A 688 -31.98 -2.07 30.42
CA ASN A 688 -32.03 -3.47 30.82
C ASN A 688 -32.26 -4.42 29.64
N VAL A 689 -32.64 -3.91 28.48
CA VAL A 689 -32.78 -4.74 27.28
C VAL A 689 -31.69 -4.43 26.25
N HIS A 690 -30.63 -3.73 26.66
CA HIS A 690 -29.49 -3.45 25.79
C HIS A 690 -28.22 -4.16 26.24
N HIS A 691 -28.29 -5.01 27.26
CA HIS A 691 -27.12 -5.71 27.75
C HIS A 691 -26.51 -6.58 26.65
N ASP A 692 -25.24 -6.97 26.86
CA ASP A 692 -24.58 -7.88 25.92
C ASP A 692 -25.34 -9.18 25.80
N VAL A 693 -25.74 -9.76 26.93
CA VAL A 693 -26.57 -10.96 26.98
C VAL A 693 -27.83 -10.62 27.76
N CYS A 694 -28.99 -10.82 27.13
CA CYS A 694 -30.26 -10.37 27.70
C CYS A 694 -31.30 -11.46 27.56
N CYS A 695 -31.95 -11.81 28.67
CA CYS A 695 -33.09 -12.73 28.67
C CYS A 695 -34.36 -11.91 28.55
N LEU A 696 -35.14 -12.17 27.50
CA LEU A 696 -36.36 -11.43 27.23
C LEU A 696 -37.50 -12.41 26.96
N ILE A 697 -38.69 -11.87 26.76
CA ILE A 697 -39.90 -12.66 26.52
C ILE A 697 -40.65 -12.03 25.36
N ASN A 698 -40.86 -12.81 24.28
CA ASN A 698 -41.66 -12.35 23.16
C ASN A 698 -43.04 -13.00 23.20
N PRO A 699 -44.08 -12.28 22.76
CA PRO A 699 -45.39 -12.91 22.66
C PRO A 699 -45.42 -13.98 21.58
N ALA A 700 -46.11 -15.07 21.88
CA ALA A 700 -46.26 -16.19 20.96
C ALA A 700 -47.72 -16.34 20.55
N ALA A 701 -47.96 -17.27 19.63
CA ALA A 701 -49.32 -17.53 19.19
C ALA A 701 -50.20 -17.96 20.36
N ASN A 702 -49.74 -18.94 21.14
CA ASN A 702 -50.38 -19.34 22.38
C ASN A 702 -49.33 -19.28 23.48
N GLY A 703 -49.48 -18.32 24.38
CA GLY A 703 -48.51 -18.12 25.44
C GLY A 703 -47.38 -17.21 25.03
N TYR A 704 -46.22 -17.38 25.64
CA TYR A 704 -45.05 -16.56 25.39
C TYR A 704 -43.84 -17.47 25.17
N MET A 705 -42.70 -16.86 24.87
CA MET A 705 -41.46 -17.59 24.65
C MET A 705 -40.32 -16.86 25.35
N LEU A 706 -39.69 -17.54 26.30
CA LEU A 706 -38.52 -16.99 26.98
C LEU A 706 -37.28 -17.22 26.12
N LYS A 707 -36.61 -16.13 25.75
CA LYS A 707 -35.43 -16.19 24.89
C LYS A 707 -34.25 -15.50 25.57
N VAL A 708 -33.07 -15.73 25.00
CA VAL A 708 -31.86 -15.04 25.41
C VAL A 708 -31.08 -14.67 24.14
N ASP A 709 -30.71 -13.40 24.03
CA ASP A 709 -29.98 -12.91 22.87
C ASP A 709 -28.57 -12.53 23.27
N ASN A 710 -27.61 -12.86 22.39
CA ASN A 710 -26.19 -12.66 22.66
C ASN A 710 -25.60 -11.81 21.53
N ASN A 711 -25.10 -10.63 21.88
CA ASN A 711 -24.48 -9.72 20.93
C ASN A 711 -22.97 -9.66 21.12
N THR A 712 -22.37 -10.79 21.49
CA THR A 712 -20.93 -10.92 21.66
C THR A 712 -20.42 -12.06 20.78
N LEU A 713 -19.11 -12.29 20.84
CA LEU A 713 -18.48 -13.43 20.20
C LEU A 713 -18.07 -14.51 21.20
N LYS A 714 -18.65 -14.47 22.40
CA LYS A 714 -18.31 -15.40 23.47
C LYS A 714 -19.56 -16.14 23.92
N ASP A 715 -19.36 -17.36 24.42
CA ASP A 715 -20.44 -18.16 24.97
C ASP A 715 -20.61 -17.86 26.46
N PHE A 716 -21.85 -17.91 26.92
CA PHE A 716 -22.15 -17.70 28.33
C PHE A 716 -23.18 -18.72 28.78
N GLU A 717 -23.12 -19.07 30.06
CA GLU A 717 -24.08 -19.95 30.70
C GLU A 717 -24.67 -19.25 31.91
N GLY A 718 -25.78 -19.79 32.41
CA GLY A 718 -26.38 -19.23 33.60
C GLY A 718 -27.75 -19.83 33.85
N VAL A 719 -28.36 -19.37 34.94
CA VAL A 719 -29.70 -19.77 35.32
C VAL A 719 -30.63 -18.58 35.16
N VAL A 720 -31.92 -18.86 34.98
CA VAL A 720 -32.93 -17.83 34.81
C VAL A 720 -34.19 -18.27 35.55
N GLU A 721 -34.90 -17.30 36.12
CA GLU A 721 -36.10 -17.55 36.90
C GLU A 721 -37.18 -16.56 36.47
N VAL A 722 -38.33 -17.08 36.03
CA VAL A 722 -39.48 -16.27 35.67
C VAL A 722 -40.57 -16.52 36.69
N LYS A 723 -41.02 -15.46 37.35
CA LYS A 723 -42.06 -15.54 38.36
C LYS A 723 -43.13 -14.50 38.09
N ASP A 724 -44.27 -14.65 38.76
CA ASP A 724 -45.34 -13.67 38.69
C ASP A 724 -45.12 -12.62 39.77
N VAL A 725 -45.34 -11.36 39.41
CA VAL A 725 -45.06 -10.28 40.35
C VAL A 725 -46.17 -10.15 41.39
N ALA A 726 -47.42 -10.42 41.01
CA ALA A 726 -48.53 -10.23 41.94
C ALA A 726 -48.73 -11.42 42.86
N SER A 727 -48.49 -12.65 42.37
CA SER A 727 -48.72 -13.85 43.16
C SER A 727 -47.45 -14.51 43.67
N GLY A 728 -46.30 -14.25 43.05
CA GLY A 728 -45.06 -14.89 43.44
C GLY A 728 -44.89 -16.31 42.93
N LYS A 729 -45.81 -16.81 42.11
CA LYS A 729 -45.69 -18.16 41.59
C LYS A 729 -44.60 -18.23 40.52
N GLN A 730 -43.94 -19.38 40.45
CA GLN A 730 -42.85 -19.58 39.50
C GLN A 730 -43.41 -20.12 38.19
N VAL A 731 -43.23 -19.36 37.11
CA VAL A 731 -43.65 -19.82 35.79
C VAL A 731 -42.57 -20.69 35.14
N PHE A 732 -41.30 -20.41 35.38
CA PHE A 732 -40.21 -21.18 34.82
C PHE A 732 -38.94 -20.92 35.62
N LYS A 733 -38.04 -21.89 35.61
CA LYS A 733 -36.72 -21.76 36.22
C LYS A 733 -35.79 -22.85 35.71
N GLY A 734 -34.82 -22.48 34.88
CA GLY A 734 -33.96 -23.49 34.29
C GLY A 734 -32.63 -22.89 33.88
N LYS A 735 -31.69 -23.78 33.58
CA LYS A 735 -30.37 -23.41 33.13
C LYS A 735 -30.39 -23.27 31.60
N PHE A 736 -29.66 -22.29 31.09
CA PHE A 736 -29.66 -21.99 29.66
C PHE A 736 -28.23 -21.79 29.17
N VAL A 737 -28.05 -22.02 27.88
CA VAL A 737 -26.76 -21.82 27.20
C VAL A 737 -27.00 -20.74 26.15
N SER A 738 -26.38 -19.57 26.35
CA SER A 738 -26.47 -18.47 25.39
C SER A 738 -25.30 -18.56 24.44
N LYS A 739 -25.51 -19.15 23.27
CA LYS A 739 -24.47 -19.27 22.27
C LYS A 739 -24.10 -17.90 21.72
N ALA A 740 -22.84 -17.78 21.30
CA ALA A 740 -22.30 -16.49 20.88
C ALA A 740 -23.01 -15.98 19.63
N ASN A 741 -23.31 -14.68 19.63
CA ASN A 741 -23.76 -13.94 18.45
C ASN A 741 -25.03 -14.54 17.83
N GLN A 742 -25.98 -14.91 18.68
CA GLN A 742 -27.24 -15.43 18.17
C GLN A 742 -28.29 -15.35 19.26
N MET A 743 -29.55 -15.50 18.84
CA MET A 743 -30.66 -15.65 19.76
C MET A 743 -30.91 -17.14 19.99
N SER A 744 -31.13 -17.49 21.26
CA SER A 744 -31.38 -18.88 21.64
C SER A 744 -32.68 -18.94 22.43
N GLU A 745 -33.63 -19.74 21.97
CA GLU A 745 -34.87 -19.95 22.68
C GLU A 745 -34.63 -20.85 23.88
N ILE A 746 -35.15 -20.45 25.04
CA ILE A 746 -34.99 -21.25 26.25
C ILE A 746 -36.17 -22.19 26.40
N ALA A 747 -37.35 -21.63 26.69
CA ALA A 747 -38.53 -22.45 26.91
C ALA A 747 -39.78 -21.65 26.61
N THR A 748 -40.86 -22.37 26.31
CA THR A 748 -42.16 -21.77 26.07
C THR A 748 -42.93 -21.64 27.37
N LEU A 749 -43.55 -20.48 27.57
CA LEU A 749 -44.32 -20.23 28.78
C LEU A 749 -45.81 -20.18 28.46
N PRO A 750 -46.66 -20.80 29.28
CA PRO A 750 -48.10 -20.79 29.00
C PRO A 750 -48.72 -19.43 29.28
N MET A 751 -49.93 -19.25 28.75
CA MET A 751 -50.66 -18.01 28.97
C MET A 751 -51.15 -17.93 30.42
N GLN A 752 -50.86 -16.80 31.07
CA GLN A 752 -51.29 -16.58 32.43
C GLN A 752 -52.67 -15.93 32.47
N LYS A 753 -53.34 -16.06 33.61
CA LYS A 753 -54.71 -15.60 33.74
C LYS A 753 -54.75 -14.08 33.82
N GLY A 754 -55.52 -13.46 32.92
CA GLY A 754 -55.78 -12.03 32.97
C GLY A 754 -54.55 -11.18 32.73
N GLN A 755 -54.51 -10.05 33.41
CA GLN A 755 -53.40 -9.11 33.33
C GLN A 755 -52.42 -9.34 34.47
N GLY A 756 -51.26 -8.74 34.36
CA GLY A 756 -50.22 -8.87 35.36
C GLY A 756 -48.85 -8.64 34.76
N MET A 757 -47.82 -9.07 35.48
CA MET A 757 -46.45 -8.87 35.05
C MET A 757 -45.60 -10.05 35.50
N LEU A 758 -44.64 -10.43 34.65
CA LEU A 758 -43.67 -11.47 34.96
C LEU A 758 -42.32 -10.82 35.20
N VAL A 759 -41.57 -11.35 36.17
CA VAL A 759 -40.25 -10.83 36.50
C VAL A 759 -39.19 -11.85 36.05
N ILE A 760 -38.19 -11.37 35.32
CA ILE A 760 -37.09 -12.20 34.85
C ILE A 760 -35.87 -11.91 35.71
N SER A 761 -35.26 -12.96 36.25
CA SER A 761 -34.07 -12.85 37.08
C SER A 761 -33.08 -13.91 36.63
N TYR A 762 -32.04 -13.49 35.91
CA TYR A 762 -31.02 -14.41 35.42
C TYR A 762 -29.65 -13.99 35.94
N ARG A 763 -28.78 -14.99 36.11
CA ARG A 763 -27.46 -14.80 36.69
C ARG A 763 -26.40 -15.33 35.73
N ILE A 764 -25.43 -14.48 35.40
CA ILE A 764 -24.38 -14.82 34.46
C ILE A 764 -23.05 -14.42 35.08
N GLU A 765 -22.18 -15.41 35.32
CA GLU A 765 -20.82 -15.19 35.84
C GLU A 765 -20.84 -14.40 37.14
N GLY A 766 -21.68 -14.83 38.07
CA GLY A 766 -21.76 -14.19 39.37
C GLY A 766 -22.37 -12.80 39.37
N ASN A 767 -23.05 -12.41 38.29
CA ASN A 767 -23.71 -11.12 38.19
C ASN A 767 -25.20 -11.33 38.00
N GLU A 768 -26.01 -10.57 38.73
CA GLU A 768 -27.45 -10.68 38.66
C GLU A 768 -28.02 -9.57 37.77
N TYR A 769 -28.83 -9.97 36.79
CA TYR A 769 -29.53 -9.04 35.92
C TYR A 769 -31.03 -9.25 36.06
N PHE A 770 -31.79 -8.23 35.69
CA PHE A 770 -33.23 -8.24 35.90
C PHE A 770 -33.95 -7.68 34.69
N ASN A 771 -35.12 -8.25 34.40
CA ASN A 771 -35.97 -7.80 33.32
C ASN A 771 -37.41 -8.12 33.72
N HIS A 772 -38.36 -7.84 32.81
CA HIS A 772 -39.76 -8.11 33.10
C HIS A 772 -40.54 -8.17 31.79
N TYR A 773 -41.81 -8.53 31.91
CA TYR A 773 -42.71 -8.63 30.77
C TYR A 773 -44.14 -8.36 31.23
N LEU A 774 -44.81 -7.44 30.56
CA LEU A 774 -46.21 -7.12 30.86
C LEU A 774 -47.11 -7.98 29.97
N TYR A 775 -47.92 -8.84 30.59
CA TYR A 775 -48.83 -9.70 29.86
C TYR A 775 -50.27 -9.24 30.04
N GLY A 776 -51.12 -9.71 29.15
CA GLY A 776 -52.52 -9.30 29.11
C GLY A 776 -52.78 -8.31 27.99
N GLU A 777 -54.03 -7.89 27.89
CA GLU A 777 -54.41 -6.93 26.88
C GLU A 777 -54.83 -5.62 27.52
N PRO A 778 -54.49 -4.48 26.90
CA PRO A 778 -54.91 -3.18 27.44
C PRO A 778 -56.41 -3.01 27.32
N PRO A 779 -57.00 -2.07 28.06
CA PRO A 779 -56.39 -1.11 28.98
C PRO A 779 -56.12 -1.67 30.38
N TYR A 780 -54.99 -1.28 30.97
CA TYR A 780 -54.67 -1.61 32.35
C TYR A 780 -55.08 -0.46 33.26
N LYS A 781 -55.01 -0.71 34.56
CA LYS A 781 -55.26 0.31 35.57
C LYS A 781 -53.92 0.90 36.02
N LEU A 782 -53.81 2.23 35.94
CA LEU A 782 -52.54 2.89 36.21
C LEU A 782 -52.01 2.55 37.59
N ASP A 783 -52.90 2.46 38.58
CA ASP A 783 -52.46 2.18 39.94
C ASP A 783 -52.03 0.73 40.12
N GLN A 784 -52.65 -0.20 39.39
CA GLN A 784 -52.23 -1.60 39.48
C GLN A 784 -50.89 -1.81 38.78
N TYR A 785 -50.66 -1.10 37.68
CA TYR A 785 -49.35 -1.17 37.04
C TYR A 785 -48.27 -0.57 37.93
N ARG A 786 -48.61 0.47 38.69
CA ARG A 786 -47.64 1.05 39.62
C ARG A 786 -47.25 0.06 40.72
N LYS A 787 -48.22 -0.72 41.19
CA LYS A 787 -47.91 -1.74 42.19
C LYS A 787 -46.98 -2.81 41.62
N TRP A 788 -47.19 -3.18 40.35
CA TRP A 788 -46.35 -4.21 39.74
C TRP A 788 -44.91 -3.73 39.56
N VAL A 789 -44.71 -2.43 39.32
CA VAL A 789 -43.36 -1.91 39.17
C VAL A 789 -42.66 -1.89 40.53
N LYS A 790 -43.37 -1.49 41.58
CA LYS A 790 -42.77 -1.48 42.91
C LYS A 790 -42.51 -2.90 43.41
N LYS A 791 -43.48 -3.80 43.20
CA LYS A 791 -43.33 -5.18 43.64
C LYS A 791 -42.26 -5.92 42.85
N CYS A 792 -41.97 -5.49 41.62
CA CYS A 792 -40.90 -6.12 40.85
C CYS A 792 -39.53 -5.76 41.41
N GLY A 793 -39.37 -4.53 41.86
CA GLY A 793 -38.14 -4.09 42.48
C GLY A 793 -37.04 -3.64 41.55
N ILE A 794 -37.33 -3.50 40.26
CA ILE A 794 -36.31 -3.13 39.28
C ILE A 794 -36.25 -1.60 39.15
N TYR A 795 -37.36 -1.01 38.71
CA TYR A 795 -37.41 0.41 38.40
C TYR A 795 -38.10 1.17 39.52
N GLU A 796 -37.48 2.25 39.98
CA GLU A 796 -38.16 3.16 40.88
C GLU A 796 -39.27 3.89 40.13
N LEU A 797 -40.35 4.20 40.84
CA LEU A 797 -41.50 4.87 40.25
C LEU A 797 -41.08 6.20 39.62
N GLU A 798 -40.70 7.16 40.45
CA GLU A 798 -40.16 8.42 39.94
C GLU A 798 -39.00 8.87 40.83
N SER B 24 -0.86 30.26 -47.59
CA SER B 24 0.56 30.10 -47.28
C SER B 24 0.76 29.64 -45.84
N GLU B 25 1.90 28.98 -45.59
CA GLU B 25 2.24 28.51 -44.25
C GLU B 25 3.73 28.78 -44.04
N GLN B 26 4.04 29.80 -43.25
CA GLN B 26 5.40 30.19 -42.95
C GLN B 26 5.88 29.45 -41.70
N SER B 27 6.94 28.65 -41.85
CA SER B 27 7.43 27.85 -40.75
C SER B 27 8.21 28.69 -39.75
N LEU B 28 7.96 28.45 -38.46
CA LEU B 28 8.71 29.07 -37.37
C LEU B 28 9.69 28.10 -36.73
N ASN B 29 9.87 26.91 -37.31
CA ASN B 29 10.90 26.01 -36.85
C ASN B 29 12.29 26.59 -37.12
N GLY B 30 13.28 26.01 -36.45
CA GLY B 30 14.66 26.44 -36.60
C GLY B 30 15.28 26.80 -35.25
N ARG B 31 16.19 27.78 -35.30
CA ARG B 31 16.93 28.18 -34.11
C ARG B 31 16.12 29.15 -33.28
N TRP B 32 16.00 28.85 -32.00
CA TRP B 32 15.36 29.71 -31.00
C TRP B 32 16.36 30.02 -29.90
N THR B 33 15.92 30.83 -28.94
CA THR B 33 16.69 31.11 -27.74
C THR B 33 15.96 30.49 -26.55
N LEU B 34 16.73 29.81 -25.68
CA LEU B 34 16.16 29.08 -24.56
C LEU B 34 16.86 29.51 -23.28
N LYS B 35 16.12 30.17 -22.39
CA LYS B 35 16.60 30.52 -21.06
C LYS B 35 15.91 29.65 -20.04
N PHE B 36 16.69 29.04 -19.16
CA PHE B 36 16.14 28.14 -18.15
C PHE B 36 16.72 28.45 -16.78
N PHE B 37 15.92 28.17 -15.75
CA PHE B 37 16.24 28.53 -14.38
C PHE B 37 15.34 27.73 -13.45
N PRO B 38 15.73 27.56 -12.20
CA PRO B 38 14.84 26.90 -11.24
C PRO B 38 13.54 27.68 -11.06
N GLN B 39 12.44 26.96 -10.91
CA GLN B 39 11.14 27.59 -10.78
C GLN B 39 10.97 28.13 -9.36
N PRO B 40 10.66 29.41 -9.18
CA PRO B 40 10.43 29.94 -7.83
C PRO B 40 9.11 29.44 -7.26
N ALA B 41 8.91 29.74 -5.97
CA ALA B 41 7.68 29.34 -5.30
C ALA B 41 6.45 29.90 -6.02
N VAL B 42 6.55 31.14 -6.52
CA VAL B 42 5.53 31.70 -7.40
C VAL B 42 6.03 31.52 -8.83
N PRO B 43 5.37 30.70 -9.65
CA PRO B 43 5.89 30.41 -10.99
C PRO B 43 5.89 31.66 -11.88
N VAL B 44 6.96 31.80 -12.66
CA VAL B 44 7.06 32.92 -13.59
C VAL B 44 6.03 32.77 -14.69
N MET B 45 5.21 33.80 -14.89
CA MET B 45 4.15 33.79 -15.88
C MET B 45 4.33 34.83 -16.98
N THR B 46 5.10 35.89 -16.74
CA THR B 46 5.19 37.03 -17.63
C THR B 46 6.59 37.09 -18.27
N ILE B 47 6.65 37.83 -19.39
CA ILE B 47 7.94 38.03 -20.06
C ILE B 47 8.89 38.80 -19.16
N GLU B 48 8.37 39.76 -18.40
CA GLU B 48 9.20 40.54 -17.49
C GLU B 48 9.87 39.62 -16.46
N GLY B 49 9.08 38.75 -15.83
CA GLY B 49 9.65 37.84 -14.85
C GLY B 49 10.64 36.86 -15.45
N ALA B 50 10.42 36.46 -16.70
CA ALA B 50 11.36 35.53 -17.35
C ALA B 50 12.67 36.21 -17.69
N GLU B 51 12.61 37.47 -18.14
CA GLU B 51 13.82 38.21 -18.46
C GLU B 51 14.55 38.72 -17.23
N ALA B 52 13.87 38.78 -16.08
CA ALA B 52 14.48 39.25 -14.85
C ALA B 52 15.06 38.13 -13.99
N ALA B 53 14.72 36.87 -14.27
CA ALA B 53 15.19 35.77 -13.47
C ALA B 53 16.66 35.47 -13.76
N ASN B 54 17.35 34.91 -12.77
CA ASN B 54 18.72 34.47 -12.93
C ASN B 54 18.72 33.09 -13.58
N GLY B 55 19.08 33.05 -14.86
CA GLY B 55 19.08 31.79 -15.58
C GLY B 55 20.22 31.64 -16.56
N ILE B 56 20.19 30.56 -17.34
CA ILE B 56 21.22 30.27 -18.33
C ILE B 56 20.57 30.31 -19.71
N VAL B 57 21.24 30.97 -20.65
CA VAL B 57 20.73 31.18 -22.00
C VAL B 57 21.53 30.30 -22.95
N VAL B 58 20.84 29.69 -23.92
CA VAL B 58 21.44 28.72 -24.83
C VAL B 58 20.65 28.71 -26.13
N ASP B 59 21.31 28.28 -27.21
CA ASP B 59 20.62 28.07 -28.48
C ASP B 59 19.74 26.83 -28.39
N ALA B 60 18.57 26.90 -29.02
CA ALA B 60 17.62 25.79 -29.01
C ALA B 60 17.14 25.52 -30.43
N VAL B 61 16.68 24.29 -30.64
CA VAL B 61 16.15 23.84 -31.94
C VAL B 61 14.69 23.48 -31.75
N VAL B 62 13.83 24.04 -32.59
CA VAL B 62 12.40 23.75 -32.60
C VAL B 62 12.08 23.07 -33.92
N PRO B 63 11.42 21.90 -33.91
CA PRO B 63 10.98 21.11 -32.74
C PRO B 63 12.16 20.57 -31.94
N GLY B 64 11.98 20.35 -30.64
CA GLY B 64 13.07 19.83 -29.83
C GLY B 64 12.61 19.63 -28.40
N ASN B 65 13.47 18.97 -27.63
CA ASN B 65 13.35 18.86 -26.19
C ASN B 65 14.48 19.65 -25.54
N VAL B 66 14.21 20.19 -24.35
CA VAL B 66 15.17 21.09 -23.72
C VAL B 66 16.46 20.35 -23.37
N GLU B 67 16.39 19.04 -23.15
CA GLU B 67 17.59 18.28 -22.82
C GLU B 67 18.51 18.13 -24.03
N ILE B 68 17.95 18.12 -25.25
CA ILE B 68 18.79 18.06 -26.44
C ILE B 68 19.56 19.37 -26.61
N ASP B 69 18.91 20.50 -26.32
CA ASP B 69 19.60 21.78 -26.41
C ASP B 69 20.67 21.89 -25.33
N MET B 70 20.41 21.39 -24.14
CA MET B 70 21.40 21.46 -23.07
C MET B 70 22.59 20.56 -23.38
N GLU B 71 22.35 19.38 -23.94
CA GLU B 71 23.46 18.50 -24.31
C GLU B 71 24.28 19.11 -25.45
N ALA B 72 23.61 19.79 -26.39
CA ALA B 72 24.33 20.47 -27.45
C ALA B 72 25.25 21.55 -26.92
N ALA B 73 24.94 22.10 -25.74
CA ALA B 73 25.77 23.08 -25.08
C ALA B 73 26.75 22.45 -24.10
N GLY B 74 26.85 21.12 -24.07
CA GLY B 74 27.74 20.45 -23.13
C GLY B 74 27.36 20.63 -21.68
N LEU B 75 26.10 20.97 -21.40
CA LEU B 75 25.67 21.21 -20.04
C LEU B 75 25.14 19.95 -19.34
N VAL B 76 24.79 18.92 -20.10
CA VAL B 76 24.37 17.64 -19.55
C VAL B 76 25.09 16.53 -20.30
N GLU B 77 25.19 15.38 -19.65
CA GLU B 77 25.79 14.21 -20.27
C GLU B 77 24.73 13.38 -20.98
N ASP B 78 25.18 12.51 -21.88
CA ASP B 78 24.32 11.64 -22.68
C ASP B 78 23.42 10.81 -21.77
N PRO B 79 22.12 11.08 -21.73
CA PRO B 79 21.24 10.35 -20.81
C PRO B 79 21.05 8.89 -21.17
N MET B 80 21.49 8.47 -22.36
CA MET B 80 21.33 7.08 -22.78
C MET B 80 22.38 6.14 -22.21
N VAL B 81 23.42 6.66 -21.55
CA VAL B 81 24.55 5.85 -21.12
C VAL B 81 24.55 5.74 -19.60
N GLY B 82 24.76 4.52 -19.11
CA GLY B 82 24.99 4.29 -17.69
C GLY B 82 23.86 4.81 -16.82
N ASN B 83 24.23 5.61 -15.82
CA ASN B 83 23.29 6.19 -14.88
C ASN B 83 23.05 7.68 -15.14
N ASN B 84 23.36 8.15 -16.35
CA ASN B 84 23.22 9.57 -16.63
C ASN B 84 21.76 10.03 -16.67
N ILE B 85 20.81 9.09 -16.78
CA ILE B 85 19.40 9.47 -16.78
C ILE B 85 19.04 10.16 -15.47
N TYR B 86 19.61 9.68 -14.36
CA TYR B 86 19.31 10.25 -13.05
C TYR B 86 19.85 11.67 -12.89
N LYS B 87 20.87 12.04 -13.67
CA LYS B 87 21.44 13.38 -13.55
C LYS B 87 20.52 14.46 -14.09
N LEU B 88 19.49 14.10 -14.84
CA LEU B 88 18.51 15.08 -15.32
C LEU B 88 17.47 15.43 -14.27
N ARG B 89 17.48 14.73 -13.13
CA ARG B 89 16.48 14.92 -12.08
C ARG B 89 16.26 16.38 -11.68
N PRO B 90 17.29 17.21 -11.47
CA PRO B 90 17.01 18.59 -11.03
C PRO B 90 16.18 19.40 -12.01
N TYR B 91 16.28 19.13 -13.31
CA TYR B 91 15.61 20.00 -14.29
C TYR B 91 14.10 19.81 -14.31
N GLU B 92 13.57 18.82 -13.61
CA GLU B 92 12.12 18.68 -13.50
C GLU B 92 11.49 19.85 -12.76
N GLY B 93 12.28 20.60 -11.98
CA GLY B 93 11.75 21.75 -11.28
C GLY B 93 12.16 23.07 -11.91
N TYR B 94 12.55 23.02 -13.18
CA TYR B 94 12.99 24.21 -13.90
C TYR B 94 11.86 24.79 -14.74
N GLN B 95 12.06 26.02 -15.19
CA GLN B 95 11.21 26.67 -16.17
C GLN B 95 11.99 26.87 -17.46
N TRP B 96 11.26 27.01 -18.56
CA TRP B 96 11.87 27.04 -19.89
C TRP B 96 11.26 28.17 -20.70
N TYR B 97 12.10 29.11 -21.12
CA TYR B 97 11.68 30.33 -21.80
C TYR B 97 12.19 30.28 -23.24
N TYR B 98 11.30 29.93 -24.17
CA TYR B 98 11.58 29.98 -25.60
C TYR B 98 11.34 31.39 -26.12
N SER B 99 12.20 31.83 -27.03
CA SER B 99 12.07 33.16 -27.61
C SER B 99 12.68 33.20 -29.00
N ARG B 100 11.96 33.83 -29.93
CA ARG B 100 12.48 34.12 -31.25
C ARG B 100 11.68 35.26 -31.84
N THR B 101 12.14 35.76 -32.98
CA THR B 101 11.46 36.82 -33.71
C THR B 101 11.08 36.31 -35.09
N PHE B 102 10.06 36.93 -35.67
CA PHE B 102 9.59 36.55 -37.00
C PHE B 102 9.02 37.76 -37.70
N ALA B 103 8.86 37.64 -39.01
CA ALA B 103 8.27 38.70 -39.84
C ALA B 103 6.82 38.33 -40.12
N ALA B 104 5.91 39.21 -39.75
CA ALA B 104 4.48 38.97 -39.95
C ALA B 104 4.16 39.00 -41.44
N PRO B 105 3.57 37.95 -42.01
CA PRO B 105 3.23 37.97 -43.43
C PRO B 105 2.13 38.98 -43.73
N VAL B 106 1.99 39.30 -45.01
CA VAL B 106 0.97 40.24 -45.45
C VAL B 106 -0.40 39.61 -45.29
N VAL B 107 -1.32 40.33 -44.64
CA VAL B 107 -2.67 39.85 -44.40
C VAL B 107 -3.64 40.89 -44.95
N THR B 108 -4.43 40.48 -45.94
CA THR B 108 -5.42 41.37 -46.53
C THR B 108 -6.67 41.42 -45.67
N GLU B 109 -7.63 42.23 -46.08
CA GLU B 109 -8.85 42.41 -45.30
C GLU B 109 -9.66 41.12 -45.25
N GLY B 110 -9.95 40.65 -44.04
CA GLY B 110 -10.73 39.45 -43.82
C GLY B 110 -9.92 38.20 -43.58
N GLN B 111 -8.63 38.22 -43.91
CA GLN B 111 -7.79 37.05 -43.69
C GLN B 111 -7.44 36.90 -42.21
N ARG B 112 -7.10 35.67 -41.83
CA ARG B 112 -6.70 35.35 -40.47
C ARG B 112 -5.25 34.90 -40.44
N LEU B 113 -4.52 35.34 -39.42
CA LEU B 113 -3.18 34.85 -39.14
C LEU B 113 -3.26 33.97 -37.90
N VAL B 114 -2.88 32.71 -38.05
CA VAL B 114 -3.04 31.69 -37.01
C VAL B 114 -1.67 31.18 -36.63
N LEU B 115 -1.34 31.25 -35.35
CA LEU B 115 -0.11 30.68 -34.81
C LEU B 115 -0.40 29.25 -34.36
N HIS B 116 0.17 28.28 -35.07
CA HIS B 116 -0.09 26.87 -34.86
C HIS B 116 1.07 26.22 -34.10
N PHE B 117 0.74 25.55 -33.00
CA PHE B 117 1.69 24.74 -32.25
C PHE B 117 1.27 23.28 -32.38
N GLY B 118 2.18 22.45 -32.90
CA GLY B 118 1.92 21.02 -32.95
C GLY B 118 2.10 20.33 -31.62
N GLY B 119 2.90 20.90 -30.73
CA GLY B 119 3.15 20.29 -29.43
C GLY B 119 3.85 21.20 -28.46
N ILE B 120 3.16 21.54 -27.36
CA ILE B 120 3.74 22.30 -26.26
C ILE B 120 3.75 21.41 -25.04
N ASP B 121 4.93 21.24 -24.44
CA ASP B 121 5.12 20.36 -23.29
C ASP B 121 5.65 21.23 -22.13
N THR B 122 4.75 21.70 -21.26
CA THR B 122 3.31 21.52 -21.37
C THR B 122 2.57 22.79 -20.93
N PHE B 123 2.75 23.17 -19.67
CA PHE B 123 2.07 24.30 -19.06
C PHE B 123 2.84 25.57 -19.41
N ALA B 124 2.32 26.35 -20.35
CA ALA B 124 3.07 27.48 -20.89
C ALA B 124 2.14 28.66 -21.18
N GLU B 125 2.70 29.86 -21.01
CA GLU B 125 2.05 31.09 -21.43
C GLU B 125 2.68 31.56 -22.73
N VAL B 126 1.85 31.80 -23.74
CA VAL B 126 2.29 32.16 -25.08
C VAL B 126 2.04 33.65 -25.30
N TYR B 127 3.06 34.35 -25.76
CA TYR B 127 3.00 35.79 -25.98
C TYR B 127 3.43 36.12 -27.39
N VAL B 128 2.68 37.03 -28.03
CA VAL B 128 3.05 37.61 -29.31
C VAL B 128 3.07 39.12 -29.13
N ASN B 129 4.25 39.73 -29.32
CA ASN B 129 4.43 41.18 -29.16
C ASN B 129 3.99 41.63 -27.78
N GLY B 130 4.48 40.93 -26.75
CA GLY B 130 4.15 41.26 -25.38
C GLY B 130 2.72 41.02 -24.97
N ILE B 131 1.85 40.60 -25.88
CA ILE B 131 0.43 40.37 -25.60
C ILE B 131 0.20 38.87 -25.53
N LYS B 132 -0.39 38.41 -24.42
CA LYS B 132 -0.68 36.99 -24.26
C LYS B 132 -1.77 36.57 -25.24
N VAL B 133 -1.55 35.42 -25.88
CA VAL B 133 -2.50 34.89 -26.85
C VAL B 133 -3.05 33.53 -26.46
N GLY B 134 -2.53 32.89 -25.42
CA GLY B 134 -3.08 31.62 -24.99
C GLY B 134 -2.30 31.05 -23.83
N SER B 135 -2.95 30.16 -23.10
CA SER B 135 -2.35 29.39 -22.02
C SER B 135 -2.52 27.91 -22.33
N ALA B 136 -1.41 27.24 -22.62
CA ALA B 136 -1.45 25.83 -22.99
C ALA B 136 -1.27 24.95 -21.75
N ASP B 137 -1.95 23.80 -21.75
CA ASP B 137 -1.88 22.88 -20.63
C ASP B 137 -2.19 21.44 -21.04
N ASN B 138 -1.84 21.06 -22.27
CA ASN B 138 -2.05 19.70 -22.72
C ASN B 138 -0.92 19.33 -23.68
N MET B 139 -0.09 18.38 -23.27
CA MET B 139 1.07 17.97 -24.06
C MET B 139 0.69 17.31 -25.38
N LEU B 140 -0.49 16.67 -25.42
CA LEU B 140 -0.80 15.69 -26.45
C LEU B 140 -1.57 16.24 -27.64
N ILE B 141 -2.01 17.49 -27.61
CA ILE B 141 -2.87 18.02 -28.67
C ILE B 141 -2.27 19.32 -29.20
N GLU B 142 -2.77 19.73 -30.36
CA GLU B 142 -2.33 20.96 -31.01
C GLU B 142 -2.95 22.18 -30.33
N HIS B 143 -2.30 23.32 -30.53
CA HIS B 143 -2.76 24.58 -29.95
C HIS B 143 -2.67 25.67 -31.02
N ASP B 144 -3.82 26.19 -31.44
CA ASP B 144 -3.89 27.24 -32.44
C ASP B 144 -4.42 28.52 -31.80
N TYR B 145 -3.78 29.65 -32.12
CA TYR B 145 -4.20 30.94 -31.60
C TYR B 145 -4.33 31.92 -32.76
N ASP B 146 -5.46 32.63 -32.80
CA ASP B 146 -5.67 33.69 -33.77
C ASP B 146 -4.92 34.93 -33.31
N ILE B 147 -3.92 35.35 -34.07
CA ILE B 147 -3.08 36.49 -33.70
C ILE B 147 -3.17 37.57 -34.76
N THR B 148 -4.33 37.67 -35.42
CA THR B 148 -4.50 38.67 -36.47
C THR B 148 -4.37 40.09 -35.93
N SER B 149 -4.92 40.35 -34.75
CA SER B 149 -5.03 41.71 -34.22
C SER B 149 -3.89 42.09 -33.30
N VAL B 150 -2.97 41.18 -32.99
CA VAL B 150 -1.87 41.48 -32.09
C VAL B 150 -0.52 41.59 -32.80
N VAL B 151 -0.41 41.11 -34.02
CA VAL B 151 0.84 41.24 -34.77
C VAL B 151 0.92 42.63 -35.37
N LYS B 152 2.15 43.09 -35.59
CA LYS B 152 2.40 44.39 -36.19
C LYS B 152 3.30 44.22 -37.41
N GLU B 153 3.49 45.31 -38.14
CA GLU B 153 4.34 45.26 -39.32
C GLU B 153 5.80 45.15 -38.91
N GLY B 154 6.57 44.43 -39.73
CA GLY B 154 7.99 44.24 -39.46
C GLY B 154 8.30 43.09 -38.53
N GLU B 155 9.21 43.32 -37.59
CA GLU B 155 9.63 42.28 -36.67
C GLU B 155 8.61 42.11 -35.54
N ASN B 156 8.35 40.85 -35.19
CA ASN B 156 7.45 40.51 -34.10
C ASN B 156 8.18 39.65 -33.09
N ARG B 157 7.70 39.69 -31.84
CA ARG B 157 8.24 38.86 -30.77
C ARG B 157 7.34 37.66 -30.52
N LEU B 158 7.96 36.51 -30.32
CA LEU B 158 7.27 35.29 -29.90
C LEU B 158 7.98 34.78 -28.65
N ASP B 159 7.23 34.62 -27.56
CA ASP B 159 7.79 34.21 -26.28
C ASP B 159 6.90 33.14 -25.67
N VAL B 160 7.50 32.04 -25.24
CA VAL B 160 6.79 30.93 -24.62
C VAL B 160 7.46 30.63 -23.28
N ILE B 161 6.69 30.65 -22.20
CA ILE B 161 7.22 30.52 -20.86
C ILE B 161 6.59 29.28 -20.22
N ILE B 162 7.38 28.22 -20.12
CA ILE B 162 6.92 26.91 -19.65
C ILE B 162 7.19 26.79 -18.15
N ARG B 163 6.23 26.22 -17.44
CA ARG B 163 6.36 25.94 -16.01
C ARG B 163 6.73 24.47 -15.80
N SER B 164 6.98 24.13 -14.54
CA SER B 164 7.34 22.78 -14.17
C SER B 164 6.09 21.90 -14.14
N SER B 165 6.09 20.84 -14.95
CA SER B 165 4.96 19.92 -14.99
C SER B 165 4.78 19.21 -13.66
N VAL B 166 5.88 18.71 -13.09
CA VAL B 166 5.81 17.98 -11.83
C VAL B 166 5.16 18.84 -10.75
N MET B 167 5.57 20.12 -10.66
CA MET B 167 5.02 20.99 -9.63
C MET B 167 3.56 21.35 -9.87
N GLU B 168 3.09 21.30 -11.13
CA GLU B 168 1.68 21.57 -11.40
C GLU B 168 0.78 20.58 -10.70
N ALA B 169 1.28 19.37 -10.43
CA ALA B 169 0.45 18.34 -9.81
C ALA B 169 -0.02 18.74 -8.41
N GLN B 170 0.76 19.55 -7.71
CA GLN B 170 0.40 19.95 -6.35
C GLN B 170 -0.67 21.03 -6.31
N ASN B 171 -1.13 21.52 -7.46
CA ASN B 171 -2.31 22.37 -7.52
C ASN B 171 -3.60 21.58 -7.46
N HIS B 172 -3.53 20.28 -7.18
CA HIS B 172 -4.70 19.41 -7.19
C HIS B 172 -4.70 18.51 -5.97
N PHE B 173 -5.89 18.20 -5.48
CA PHE B 173 -6.09 17.25 -4.40
C PHE B 173 -6.53 15.92 -5.02
N LEU B 174 -5.72 14.88 -4.82
CA LEU B 174 -5.97 13.60 -5.47
C LEU B 174 -6.95 12.76 -4.68
N GLY B 175 -7.80 12.02 -5.40
CA GLY B 175 -8.64 11.02 -4.76
C GLY B 175 -7.86 9.75 -4.47
N THR B 176 -8.43 8.93 -3.58
CA THR B 176 -7.73 7.74 -3.10
C THR B 176 -7.33 6.83 -4.25
N LEU B 177 -8.17 6.71 -5.27
CA LEU B 177 -7.89 5.79 -6.38
C LEU B 177 -6.71 6.24 -7.22
N SER B 178 -6.34 7.52 -7.17
CA SER B 178 -5.24 8.04 -7.96
C SER B 178 -3.89 7.92 -7.28
N ILE B 179 -3.84 7.33 -6.09
CA ILE B 179 -2.61 7.23 -5.30
C ILE B 179 -2.25 5.77 -5.15
N GLY B 180 -0.99 5.43 -5.42
CA GLY B 180 -0.50 4.08 -5.27
C GLY B 180 -0.53 3.24 -6.52
N ASN B 181 -0.98 3.79 -7.65
CA ASN B 181 -0.97 3.04 -8.90
C ASN B 181 0.44 2.96 -9.46
N PHE B 182 0.60 2.21 -10.55
CA PHE B 182 1.91 2.13 -11.17
C PHE B 182 2.26 3.43 -11.88
N SER B 183 1.27 4.09 -12.48
CA SER B 183 1.48 5.43 -13.01
C SER B 183 1.68 6.41 -11.86
N ASN B 184 2.49 7.44 -12.12
CA ASN B 184 2.90 8.35 -11.08
C ASN B 184 1.75 9.25 -10.64
N GLU B 185 1.71 9.56 -9.34
CA GLU B 185 0.72 10.51 -8.83
C GLU B 185 0.87 11.86 -9.49
N GLU B 186 2.08 12.21 -9.94
CA GLU B 186 2.30 13.45 -10.67
C GLU B 186 1.59 13.46 -12.01
N SER B 187 1.28 12.30 -12.58
CA SER B 187 0.62 12.19 -13.87
C SER B 187 -0.90 12.30 -13.78
N ALA B 188 -1.48 11.93 -12.64
CA ALA B 188 -2.93 11.79 -12.53
C ALA B 188 -3.72 13.06 -12.87
N PRO B 189 -3.34 14.26 -12.44
CA PRO B 189 -4.16 15.45 -12.75
C PRO B 189 -3.71 16.27 -13.96
N VAL B 190 -2.76 15.79 -14.75
CA VAL B 190 -2.26 16.55 -15.89
C VAL B 190 -2.45 15.73 -17.16
N ARG B 191 -2.54 16.43 -18.28
CA ARG B 191 -2.73 15.80 -19.59
C ARG B 191 -1.37 15.71 -20.28
N ARG B 192 -0.62 14.68 -19.90
CA ARG B 192 0.69 14.40 -20.44
C ARG B 192 0.83 12.90 -20.62
N ALA B 193 1.84 12.49 -21.39
CA ALA B 193 2.10 11.07 -21.57
C ALA B 193 2.56 10.47 -20.25
N PRO B 194 1.82 9.52 -19.67
CA PRO B 194 2.19 9.03 -18.33
C PRO B 194 3.56 8.37 -18.27
N SER B 195 4.02 7.76 -19.36
CA SER B 195 5.31 7.07 -19.34
C SER B 195 6.48 8.02 -19.17
N THR B 196 6.27 9.33 -19.39
CA THR B 196 7.37 10.28 -19.23
C THR B 196 7.83 10.41 -17.78
N TYR B 197 6.97 10.07 -16.83
CA TYR B 197 7.36 10.07 -15.42
C TYR B 197 8.11 8.82 -15.02
N GLY B 198 8.40 7.94 -15.97
CA GLY B 198 9.06 6.69 -15.67
C GLY B 198 8.11 5.52 -15.76
N TRP B 199 8.63 4.40 -16.23
CA TRP B 199 7.87 3.16 -16.37
C TRP B 199 8.88 2.03 -16.32
N ASP B 200 8.37 0.78 -16.36
CA ASP B 200 9.32 -0.32 -16.40
C ASP B 200 9.95 -0.48 -17.78
N ILE B 201 9.36 0.12 -18.82
CA ILE B 201 9.91 0.06 -20.16
C ILE B 201 10.34 1.43 -20.69
N MET B 202 10.25 2.47 -19.87
CA MET B 202 10.67 3.81 -20.28
C MET B 202 11.33 4.51 -19.10
N PRO B 203 12.41 5.26 -19.34
CA PRO B 203 13.05 5.99 -18.25
C PRO B 203 12.18 7.13 -17.78
N ARG B 204 12.44 7.58 -16.56
CA ARG B 204 11.86 8.84 -16.12
C ARG B 204 12.60 9.96 -16.81
N LEU B 205 11.89 10.69 -17.67
CA LEU B 205 12.47 11.83 -18.37
C LEU B 205 11.33 12.82 -18.66
N VAL B 206 10.93 13.56 -17.63
CA VAL B 206 9.75 14.43 -17.74
C VAL B 206 9.90 15.38 -18.91
N SER B 207 11.05 16.05 -19.00
CA SER B 207 11.39 16.91 -20.12
C SER B 207 10.42 18.09 -20.23
N ALA B 208 10.50 18.81 -21.34
CA ALA B 208 9.70 19.99 -21.68
C ALA B 208 10.17 20.50 -23.03
N GLY B 209 9.38 21.35 -23.64
CA GLY B 209 9.77 22.05 -24.85
C GLY B 209 8.70 22.03 -25.91
N LEU B 210 9.02 22.69 -27.02
CA LEU B 210 8.15 22.75 -28.19
C LEU B 210 8.53 21.57 -29.09
N TRP B 211 7.92 20.42 -28.83
CA TRP B 211 8.37 19.16 -29.39
C TRP B 211 7.76 18.84 -30.75
N ARG B 212 6.92 19.72 -31.30
CA ARG B 212 6.41 19.54 -32.65
C ARG B 212 6.42 20.89 -33.37
N ASP B 213 5.95 20.89 -34.61
CA ASP B 213 6.12 22.03 -35.50
C ASP B 213 5.44 23.28 -34.97
N VAL B 214 6.07 24.41 -35.21
CA VAL B 214 5.49 25.73 -34.94
C VAL B 214 5.42 26.46 -36.27
N THR B 215 4.21 26.82 -36.70
CA THR B 215 4.02 27.41 -38.02
C THR B 215 3.06 28.59 -37.93
N LEU B 216 3.14 29.46 -38.93
CA LEU B 216 2.19 30.54 -39.14
C LEU B 216 1.31 30.18 -40.32
N ARG B 217 0.00 30.26 -40.14
CA ARG B 217 -0.96 29.93 -41.19
C ARG B 217 -1.79 31.16 -41.53
N VAL B 218 -2.04 31.35 -42.82
CA VAL B 218 -2.91 32.42 -43.31
C VAL B 218 -4.16 31.78 -43.88
N GLU B 219 -5.31 32.21 -43.39
CA GLU B 219 -6.60 31.69 -43.83
C GLU B 219 -7.40 32.80 -44.49
N ASN B 220 -8.22 32.41 -45.47
CA ASN B 220 -9.12 33.34 -46.13
C ASN B 220 -10.44 33.42 -45.38
N PRO B 221 -11.22 34.48 -45.60
CA PRO B 221 -12.58 34.52 -45.00
C PRO B 221 -13.40 33.30 -45.34
N VAL B 222 -13.28 32.79 -46.56
CA VAL B 222 -13.83 31.49 -46.94
C VAL B 222 -12.72 30.46 -46.72
N THR B 223 -12.99 29.50 -45.83
CA THR B 223 -11.99 28.50 -45.51
C THR B 223 -12.69 27.24 -45.04
N ILE B 224 -12.02 26.10 -45.21
CA ILE B 224 -12.54 24.81 -44.76
C ILE B 224 -12.16 24.61 -43.31
N VAL B 225 -13.17 24.44 -42.45
CA VAL B 225 -12.91 24.16 -41.04
C VAL B 225 -12.59 22.69 -40.85
N ASP B 226 -13.34 21.80 -41.49
CA ASP B 226 -13.09 20.37 -41.35
C ASP B 226 -13.67 19.62 -42.54
N ALA B 227 -12.90 18.68 -43.06
CA ALA B 227 -13.34 17.76 -44.10
C ALA B 227 -13.28 16.35 -43.50
N ASN B 228 -14.45 15.78 -43.23
CA ASN B 228 -14.58 14.50 -42.54
C ASN B 228 -15.11 13.46 -43.52
N TRP B 229 -14.27 12.49 -43.86
CA TRP B 229 -14.61 11.45 -44.84
C TRP B 229 -15.04 10.18 -44.12
N VAL B 230 -16.21 9.67 -44.49
CA VAL B 230 -16.82 8.51 -43.83
C VAL B 230 -17.25 7.52 -44.91
N THR B 231 -16.83 6.27 -44.77
CA THR B 231 -17.24 5.20 -45.69
C THR B 231 -18.51 4.56 -45.15
N LEU B 232 -19.61 4.72 -45.88
CA LEU B 232 -20.88 4.14 -45.47
C LEU B 232 -20.97 2.66 -45.85
N SER B 233 -20.54 2.34 -47.06
CA SER B 233 -20.65 0.98 -47.58
C SER B 233 -19.56 0.76 -48.60
N VAL B 234 -19.20 -0.50 -48.79
CA VAL B 234 -18.21 -0.89 -49.79
C VAL B 234 -18.65 -2.21 -50.42
N ASN B 235 -18.46 -2.32 -51.73
CA ASN B 235 -18.80 -3.53 -52.49
C ASN B 235 -17.56 -3.88 -53.31
N PRO B 236 -16.65 -4.67 -52.74
CA PRO B 236 -15.38 -4.92 -53.44
C PRO B 236 -15.52 -5.62 -54.77
N LYS B 237 -16.42 -6.61 -54.88
CA LYS B 237 -16.54 -7.34 -56.14
C LYS B 237 -17.07 -6.45 -57.25
N ALA B 238 -18.04 -5.59 -56.93
CA ALA B 238 -18.54 -4.62 -57.89
C ALA B 238 -17.66 -3.38 -57.99
N ARG B 239 -16.59 -3.30 -57.19
CA ARG B 239 -15.67 -2.17 -57.19
C ARG B 239 -16.40 -0.85 -56.95
N GLU B 240 -17.35 -0.87 -56.03
CA GLU B 240 -18.15 0.30 -55.69
C GLU B 240 -18.03 0.61 -54.20
N ALA B 241 -18.43 1.82 -53.84
CA ALA B 241 -18.44 2.26 -52.45
C ALA B 241 -19.25 3.54 -52.35
N SER B 242 -19.90 3.72 -51.21
CA SER B 242 -20.60 4.95 -50.88
C SER B 242 -19.78 5.72 -49.85
N GLU B 243 -19.29 6.89 -50.23
CA GLU B 243 -18.46 7.73 -49.37
C GLU B 243 -19.22 9.00 -49.01
N SER B 244 -19.23 9.34 -47.73
CA SER B 244 -19.79 10.59 -47.26
C SER B 244 -18.69 11.60 -46.98
N LEU B 245 -18.94 12.84 -47.36
CA LEU B 245 -18.07 13.96 -47.01
C LEU B 245 -18.88 14.91 -46.13
N TYR B 246 -18.51 14.98 -44.85
CA TYR B 246 -19.08 15.97 -43.94
C TYR B 246 -18.15 17.18 -43.95
N LEU B 247 -18.61 18.26 -44.58
CA LEU B 247 -17.77 19.43 -44.80
C LEU B 247 -18.29 20.59 -43.95
N GLN B 248 -17.42 21.13 -43.11
CA GLN B 248 -17.70 22.34 -42.37
C GLN B 248 -16.76 23.44 -42.85
N THR B 249 -17.31 24.63 -43.08
CA THR B 249 -16.57 25.74 -43.64
C THR B 249 -16.91 27.01 -42.89
N ARG B 250 -16.04 28.01 -43.03
CA ARG B 250 -16.35 29.38 -42.70
C ARG B 250 -16.73 30.09 -44.00
N LEU B 251 -17.89 30.73 -43.99
CA LEU B 251 -18.41 31.32 -45.21
C LEU B 251 -19.17 32.61 -44.89
N PRO B 252 -18.60 33.77 -45.22
CA PRO B 252 -19.36 35.02 -45.08
C PRO B 252 -20.67 34.92 -45.85
N PHE B 253 -21.70 35.60 -45.34
CA PHE B 253 -23.01 35.47 -45.97
C PHE B 253 -23.02 36.05 -47.37
N GLU B 254 -22.27 37.13 -47.59
CA GLU B 254 -22.13 37.68 -48.93
C GLU B 254 -21.49 36.68 -49.89
N MET B 255 -20.76 35.70 -49.37
CA MET B 255 -20.17 34.64 -50.18
C MET B 255 -21.07 33.42 -50.33
N HIS B 256 -22.20 33.37 -49.63
CA HIS B 256 -23.19 32.34 -49.89
C HIS B 256 -23.70 32.46 -51.31
N ASP B 257 -24.01 31.31 -51.92
CA ASP B 257 -24.46 31.21 -53.31
C ASP B 257 -23.42 31.75 -54.31
N LYS B 258 -22.21 32.05 -53.85
CA LYS B 258 -21.15 32.55 -54.71
C LYS B 258 -19.89 31.71 -54.66
N VAL B 259 -19.88 30.64 -53.87
CA VAL B 259 -18.74 29.73 -53.75
C VAL B 259 -19.25 28.32 -54.00
N LYS B 260 -18.41 27.50 -54.63
CA LYS B 260 -18.74 26.11 -54.87
C LYS B 260 -17.66 25.20 -54.29
N ALA B 261 -18.09 24.04 -53.81
CA ALA B 261 -17.16 23.00 -53.40
C ALA B 261 -16.83 22.11 -54.59
N VAL B 262 -15.56 21.80 -54.76
CA VAL B 262 -15.08 20.94 -55.84
C VAL B 262 -14.46 19.71 -55.18
N ILE B 263 -15.14 18.58 -55.30
CA ILE B 263 -14.72 17.32 -54.68
C ILE B 263 -14.15 16.43 -55.77
N THR B 264 -12.92 15.97 -55.59
CA THR B 264 -12.24 15.13 -56.56
C THR B 264 -11.59 13.96 -55.86
N ILE B 265 -11.97 12.74 -56.25
CA ILE B 265 -11.30 11.52 -55.84
C ILE B 265 -10.41 11.09 -56.99
N SER B 266 -9.17 10.70 -56.69
CA SER B 266 -8.24 10.30 -57.73
C SER B 266 -7.29 9.25 -57.19
N ARG B 267 -6.75 8.44 -58.09
CA ARG B 267 -5.74 7.43 -57.74
C ARG B 267 -4.67 7.45 -58.83
N ASP B 268 -3.52 8.07 -58.52
CA ASP B 268 -2.36 8.08 -59.41
C ASP B 268 -2.69 8.74 -60.74
N GLY B 269 -3.20 9.97 -60.68
CA GLY B 269 -3.59 10.73 -61.85
C GLY B 269 -4.98 10.44 -62.40
N ARG B 270 -5.39 9.17 -62.37
CA ARG B 270 -6.73 8.81 -62.80
C ARG B 270 -7.77 9.46 -61.90
N GLN B 271 -8.62 10.30 -62.48
CA GLN B 271 -9.72 10.88 -61.73
C GLN B 271 -10.83 9.85 -61.57
N ILE B 272 -11.25 9.63 -60.34
CA ILE B 272 -12.35 8.71 -60.04
C ILE B 272 -13.68 9.44 -59.97
N LEU B 273 -13.68 10.67 -59.46
CA LEU B 273 -14.92 11.43 -59.31
C LEU B 273 -14.60 12.91 -59.31
N ARG B 274 -15.44 13.69 -59.98
CA ARG B 274 -15.39 15.14 -59.90
C ARG B 274 -16.81 15.66 -59.76
N LYS B 275 -17.13 16.21 -58.60
CA LYS B 275 -18.46 16.74 -58.31
C LYS B 275 -18.32 18.18 -57.85
N GLU B 276 -19.14 19.05 -58.42
CA GLU B 276 -19.22 20.45 -58.01
C GLU B 276 -20.60 20.72 -57.40
N ALA B 277 -20.62 21.50 -56.32
CA ALA B 277 -21.86 21.82 -55.62
C ALA B 277 -21.81 23.26 -55.15
N LEU B 278 -22.89 23.99 -55.40
CA LEU B 278 -22.97 25.37 -54.94
C LEU B 278 -23.15 25.40 -53.43
N MET B 279 -22.36 26.25 -52.76
CA MET B 279 -22.40 26.37 -51.31
C MET B 279 -23.54 27.30 -50.92
N ARG B 280 -24.64 26.73 -50.43
CA ARG B 280 -25.76 27.51 -49.93
C ARG B 280 -25.80 27.59 -48.42
N LYS B 281 -24.92 26.86 -47.72
CA LYS B 281 -24.83 26.94 -46.27
C LYS B 281 -23.43 26.53 -45.84
N PHE B 282 -23.12 26.78 -44.58
CA PHE B 282 -21.74 26.65 -44.09
C PHE B 282 -21.33 25.20 -43.89
N ALA B 283 -22.26 24.31 -43.59
CA ALA B 283 -21.95 22.90 -43.37
C ALA B 283 -22.87 22.04 -44.25
N ASN B 284 -22.29 21.00 -44.84
CA ASN B 284 -23.00 20.17 -45.81
C ASN B 284 -22.53 18.73 -45.73
N LEU B 285 -23.45 17.82 -46.04
CA LEU B 285 -23.14 16.40 -46.23
C LEU B 285 -23.27 16.08 -47.71
N PHE B 286 -22.18 15.64 -48.33
CA PHE B 286 -22.17 15.23 -49.72
C PHE B 286 -22.00 13.72 -49.78
N THR B 287 -22.98 13.03 -50.37
CA THR B 287 -22.89 11.61 -50.59
C THR B 287 -22.30 11.34 -51.97
N LEU B 288 -21.30 10.47 -52.02
CA LEU B 288 -20.57 10.16 -53.24
C LEU B 288 -20.69 8.66 -53.49
N ASN B 289 -21.51 8.29 -54.48
CA ASN B 289 -21.60 6.89 -54.91
C ASN B 289 -20.56 6.66 -55.99
N LEU B 290 -19.52 5.91 -55.66
CA LEU B 290 -18.33 5.78 -56.49
C LEU B 290 -18.33 4.47 -57.24
N SER B 291 -17.75 4.50 -58.44
CA SER B 291 -17.55 3.31 -59.25
C SER B 291 -16.07 3.20 -59.60
N GLY B 292 -15.65 1.97 -59.88
CA GLY B 292 -14.25 1.73 -60.20
C GLY B 292 -13.30 2.03 -59.05
N VAL B 293 -13.72 1.72 -57.83
CA VAL B 293 -12.91 1.93 -56.63
C VAL B 293 -12.68 0.59 -55.94
N ASP B 294 -11.45 0.38 -55.50
CA ASP B 294 -11.08 -0.83 -54.78
C ASP B 294 -11.11 -0.57 -53.28
N ALA B 295 -11.46 -1.61 -52.53
CA ALA B 295 -11.60 -1.49 -51.08
C ALA B 295 -10.24 -1.50 -50.40
N TRP B 296 -10.21 -0.99 -49.18
CA TRP B 296 -9.01 -0.98 -48.35
C TRP B 296 -8.99 -2.22 -47.48
N TRP B 297 -7.89 -2.94 -47.49
CA TRP B 297 -7.74 -4.16 -46.70
C TRP B 297 -6.48 -4.08 -45.86
N PRO B 298 -6.47 -4.74 -44.71
CA PRO B 298 -5.22 -4.90 -43.95
C PRO B 298 -4.31 -5.92 -44.62
N ARG B 299 -3.08 -5.98 -44.12
CA ARG B 299 -2.07 -6.86 -44.72
C ARG B 299 -2.56 -8.30 -44.74
N GLY B 300 -2.34 -8.98 -45.87
CA GLY B 300 -2.75 -10.34 -46.07
C GLY B 300 -4.13 -10.50 -46.66
N TYR B 301 -5.07 -9.61 -46.33
CA TYR B 301 -6.45 -9.74 -46.79
C TYR B 301 -6.72 -8.98 -48.08
N GLY B 302 -5.72 -8.36 -48.69
CA GLY B 302 -5.90 -7.67 -49.94
C GLY B 302 -4.98 -6.45 -50.00
N GLU B 303 -5.32 -5.56 -50.93
CA GLU B 303 -4.53 -4.36 -51.15
C GLU B 303 -4.97 -3.24 -50.20
N PRO B 304 -4.03 -2.42 -49.73
CA PRO B 304 -4.40 -1.21 -48.95
C PRO B 304 -4.64 -0.02 -49.87
N ALA B 305 -5.70 -0.12 -50.68
CA ALA B 305 -5.96 0.88 -51.71
C ALA B 305 -6.30 2.22 -51.09
N LEU B 306 -5.59 3.27 -51.51
CA LEU B 306 -5.80 4.63 -51.02
C LEU B 306 -6.14 5.54 -52.20
N TYR B 307 -7.01 6.51 -51.94
CA TYR B 307 -7.43 7.47 -52.96
C TYR B 307 -7.26 8.88 -52.43
N THR B 308 -6.75 9.76 -53.29
CA THR B 308 -6.62 11.18 -52.96
C THR B 308 -8.00 11.83 -53.00
N ALA B 309 -8.51 12.21 -51.83
CA ALA B 309 -9.76 12.93 -51.70
C ALA B 309 -9.43 14.41 -51.51
N GLU B 310 -9.87 15.25 -52.44
CA GLU B 310 -9.57 16.67 -52.40
C GLU B 310 -10.87 17.47 -52.48
N VAL B 311 -11.07 18.38 -51.53
CA VAL B 311 -12.18 19.32 -51.56
C VAL B 311 -11.61 20.72 -51.58
N SER B 312 -12.09 21.55 -52.51
CA SER B 312 -11.64 22.93 -52.64
C SER B 312 -12.86 23.85 -52.64
N LEU B 313 -12.65 25.07 -52.15
CA LEU B 313 -13.66 26.11 -52.20
C LEU B 313 -13.26 27.10 -53.29
N VAL B 314 -14.15 27.31 -54.27
CA VAL B 314 -13.84 28.06 -55.47
C VAL B 314 -14.91 29.11 -55.69
N ASP B 315 -14.48 30.33 -56.01
CA ASP B 315 -15.43 31.37 -56.39
C ASP B 315 -16.06 31.02 -57.73
N VAL B 316 -17.39 31.13 -57.81
CA VAL B 316 -18.11 30.72 -59.01
C VAL B 316 -17.73 31.61 -60.19
N THR B 317 -17.57 32.91 -59.96
CA THR B 317 -17.33 33.85 -61.04
C THR B 317 -15.84 34.00 -61.36
N SER B 318 -15.02 34.35 -60.37
CA SER B 318 -13.62 34.59 -60.61
C SER B 318 -12.79 33.32 -60.66
N GLY B 319 -13.29 32.21 -60.11
CA GLY B 319 -12.52 30.98 -60.09
C GLY B 319 -11.42 30.94 -59.06
N LYS B 320 -11.35 31.93 -58.17
CA LYS B 320 -10.31 31.94 -57.15
C LYS B 320 -10.52 30.79 -56.17
N ILE B 321 -9.43 30.11 -55.83
CA ILE B 321 -9.47 29.01 -54.88
C ILE B 321 -9.16 29.58 -53.50
N TYR B 322 -10.16 29.55 -52.62
CA TYR B 322 -10.01 30.11 -51.28
C TYR B 322 -9.35 29.13 -50.32
N ASP B 323 -9.59 27.83 -50.48
CA ASP B 323 -8.98 26.83 -49.61
C ASP B 323 -8.99 25.49 -50.31
N THR B 324 -8.15 24.58 -49.83
CA THR B 324 -8.04 23.25 -50.41
C THR B 324 -7.59 22.28 -49.33
N LYS B 325 -8.37 21.21 -49.13
CA LYS B 325 -8.03 20.13 -48.21
C LYS B 325 -7.75 18.88 -49.01
N THR B 326 -6.62 18.22 -48.73
CA THR B 326 -6.20 17.05 -49.47
C THR B 326 -5.69 15.98 -48.51
N SER B 327 -6.20 14.76 -48.66
CA SER B 327 -5.69 13.62 -47.92
C SER B 327 -5.97 12.35 -48.73
N LYS B 328 -5.40 11.24 -48.26
CA LYS B 328 -5.64 9.93 -48.86
C LYS B 328 -6.56 9.14 -47.95
N ILE B 329 -7.70 8.72 -48.50
CA ILE B 329 -8.68 7.95 -47.75
C ILE B 329 -8.72 6.53 -48.30
N GLY B 330 -9.34 5.65 -47.54
CA GLY B 330 -9.55 4.27 -47.98
C GLY B 330 -10.97 3.84 -47.71
N PHE B 331 -11.56 3.16 -48.70
CA PHE B 331 -12.95 2.72 -48.60
C PHE B 331 -12.99 1.41 -47.85
N ARG B 332 -13.54 1.45 -46.64
CA ARG B 332 -13.41 0.36 -45.68
C ARG B 332 -14.52 0.49 -44.65
N THR B 333 -15.03 -0.66 -44.20
CA THR B 333 -15.96 -0.70 -43.08
C THR B 333 -15.38 -1.57 -41.98
N VAL B 334 -15.57 -1.16 -40.73
CA VAL B 334 -15.10 -1.91 -39.57
C VAL B 334 -16.27 -2.12 -38.62
N LYS B 335 -16.45 -3.36 -38.18
CA LYS B 335 -17.43 -3.70 -37.16
C LYS B 335 -16.76 -4.59 -36.13
N LEU B 336 -17.02 -4.31 -34.85
CA LEU B 336 -16.48 -5.11 -33.76
C LEU B 336 -17.56 -6.10 -33.35
N GLU B 337 -17.42 -7.35 -33.79
CA GLU B 337 -18.40 -8.38 -33.50
C GLU B 337 -18.11 -8.98 -32.12
N LEU B 338 -19.02 -8.78 -31.18
CA LEU B 338 -18.89 -9.33 -29.85
C LEU B 338 -19.42 -10.75 -29.79
N ASP B 339 -19.03 -11.47 -28.74
CA ASP B 339 -19.49 -12.84 -28.54
C ASP B 339 -19.82 -13.08 -27.07
N GLN B 346 -15.89 -12.19 -20.07
CA GLN B 346 -14.49 -12.45 -20.37
C GLN B 346 -13.94 -11.40 -21.34
N PRO B 347 -12.74 -10.90 -21.06
CA PRO B 347 -12.11 -9.95 -21.98
C PRO B 347 -11.68 -10.63 -23.27
N GLY B 348 -11.65 -9.86 -24.34
CA GLY B 348 -11.18 -10.34 -25.62
C GLY B 348 -12.15 -11.21 -26.39
N GLN B 349 -13.42 -11.25 -26.00
CA GLN B 349 -14.41 -12.05 -26.73
C GLN B 349 -15.03 -11.23 -27.87
N PHE B 350 -14.17 -10.88 -28.83
CA PHE B 350 -14.60 -10.10 -29.98
C PHE B 350 -13.75 -10.47 -31.18
N GLN B 351 -14.14 -9.95 -32.35
CA GLN B 351 -13.39 -10.12 -33.57
C GLN B 351 -13.65 -8.93 -34.48
N PHE B 352 -12.60 -8.48 -35.18
CA PHE B 352 -12.74 -7.38 -36.12
C PHE B 352 -13.31 -7.90 -37.44
N ILE B 353 -14.35 -7.23 -37.92
CA ILE B 353 -14.97 -7.52 -39.21
C ILE B 353 -14.63 -6.37 -40.15
N ILE B 354 -13.80 -6.65 -41.13
CA ILE B 354 -13.33 -5.64 -42.09
C ILE B 354 -13.97 -5.96 -43.43
N ASN B 355 -14.81 -5.04 -43.92
CA ASN B 355 -15.51 -5.21 -45.19
C ASN B 355 -16.30 -6.52 -45.22
N GLY B 356 -16.92 -6.85 -44.09
CA GLY B 356 -17.70 -8.06 -43.98
C GLY B 356 -16.91 -9.33 -43.70
N GLU B 357 -15.58 -9.29 -43.83
CA GLU B 357 -14.81 -10.51 -43.60
C GLU B 357 -14.21 -10.52 -42.20
N PRO B 358 -14.27 -11.65 -41.51
CA PRO B 358 -13.65 -11.76 -40.17
C PRO B 358 -12.13 -11.90 -40.30
N VAL B 359 -11.41 -10.88 -39.85
CA VAL B 359 -9.97 -10.89 -39.96
C VAL B 359 -9.36 -11.45 -38.68
N PHE B 360 -8.29 -12.21 -38.82
CA PHE B 360 -7.47 -12.62 -37.69
C PHE B 360 -6.36 -11.60 -37.52
N ALA B 361 -6.38 -10.90 -36.38
CA ALA B 361 -5.42 -9.84 -36.13
C ALA B 361 -4.14 -10.41 -35.54
N LYS B 362 -3.01 -9.87 -36.00
CA LYS B 362 -1.70 -10.23 -35.46
C LYS B 362 -0.83 -8.99 -35.54
N GLY B 363 -0.28 -8.59 -34.39
CA GLY B 363 0.51 -7.38 -34.38
C GLY B 363 1.07 -7.09 -33.01
N THR B 364 1.65 -5.91 -32.88
CA THR B 364 2.41 -5.53 -31.71
C THR B 364 1.76 -4.33 -31.02
N ASN B 365 2.05 -4.19 -29.74
CA ASN B 365 1.78 -2.95 -29.04
C ASN B 365 2.83 -1.92 -29.41
N TRP B 366 2.41 -0.66 -29.45
CA TRP B 366 3.25 0.45 -29.88
C TRP B 366 3.53 1.34 -28.68
N VAL B 367 4.80 1.53 -28.38
CA VAL B 367 5.23 2.25 -27.18
C VAL B 367 5.93 3.53 -27.64
N PRO B 368 6.39 4.41 -26.76
CA PRO B 368 7.10 5.61 -27.23
C PRO B 368 8.24 5.26 -28.16
N LEU B 369 8.42 6.08 -29.19
CA LEU B 369 9.58 5.94 -30.07
C LEU B 369 10.84 6.54 -29.45
N ASP B 370 10.69 7.44 -28.49
CA ASP B 370 11.81 8.11 -27.87
C ASP B 370 11.34 8.75 -26.56
N ALA B 371 12.21 8.76 -25.56
CA ALA B 371 11.90 9.48 -24.33
C ALA B 371 11.88 10.99 -24.56
N LEU B 372 12.63 11.46 -25.56
CA LEU B 372 12.57 12.84 -26.01
C LEU B 372 11.69 12.85 -27.26
N HIS B 373 10.42 13.19 -27.08
CA HIS B 373 9.42 12.90 -28.10
C HIS B 373 9.50 13.80 -29.33
N SER B 374 10.33 14.84 -29.29
CA SER B 374 10.58 15.61 -30.51
C SER B 374 11.35 14.82 -31.54
N ARG B 375 11.91 13.67 -31.17
CA ARG B 375 12.61 12.79 -32.10
C ARG B 375 11.74 11.64 -32.58
N ASP B 376 10.48 11.59 -32.16
CA ASP B 376 9.57 10.55 -32.65
C ASP B 376 9.45 10.58 -34.17
N ALA B 377 9.32 11.79 -34.74
CA ALA B 377 9.09 11.90 -36.18
C ALA B 377 10.26 11.33 -36.99
N SER B 378 11.47 11.38 -36.45
CA SER B 378 12.63 10.86 -37.16
C SER B 378 12.76 9.34 -37.06
N HIS B 379 12.02 8.70 -36.15
CA HIS B 379 12.07 7.26 -35.97
C HIS B 379 10.91 6.53 -36.63
N VAL B 380 9.85 7.24 -37.03
CA VAL B 380 8.58 6.59 -37.37
C VAL B 380 8.70 5.80 -38.66
N GLU B 381 9.49 6.29 -39.62
CA GLU B 381 9.65 5.56 -40.89
C GLU B 381 10.27 4.19 -40.65
N GLU B 382 11.40 4.15 -39.95
CA GLU B 382 12.08 2.87 -39.72
C GLU B 382 11.28 1.99 -38.77
N ALA B 383 10.64 2.58 -37.77
CA ALA B 383 9.85 1.79 -36.82
C ALA B 383 8.67 1.13 -37.49
N VAL B 384 7.98 1.85 -38.37
CA VAL B 384 6.87 1.25 -39.11
C VAL B 384 7.40 0.16 -40.05
N GLN B 385 8.61 0.34 -40.59
CA GLN B 385 9.20 -0.70 -41.42
C GLN B 385 9.47 -1.98 -40.64
N LEU B 386 9.64 -1.87 -39.32
CA LEU B 386 9.72 -3.08 -38.50
C LEU B 386 8.42 -3.87 -38.58
N MET B 387 7.29 -3.18 -38.54
CA MET B 387 6.00 -3.86 -38.62
C MET B 387 5.73 -4.40 -40.01
N VAL B 388 6.24 -3.74 -41.05
CA VAL B 388 6.06 -4.23 -42.41
C VAL B 388 6.91 -5.47 -42.63
N GLU B 389 8.17 -5.44 -42.19
CA GLU B 389 9.01 -6.63 -42.25
C GLU B 389 8.40 -7.77 -41.44
N MET B 390 7.88 -7.46 -40.25
CA MET B 390 7.26 -8.48 -39.42
C MET B 390 5.95 -9.00 -40.02
N ASN B 391 5.31 -8.18 -40.86
CA ASN B 391 3.99 -8.47 -41.45
C ASN B 391 2.89 -8.47 -40.39
N CYS B 392 2.91 -7.45 -39.54
CA CYS B 392 1.77 -7.19 -38.67
C CYS B 392 0.62 -6.61 -39.49
N ASN B 393 -0.60 -7.03 -39.18
CA ASN B 393 -1.77 -6.39 -39.77
C ASN B 393 -2.51 -5.52 -38.78
N ILE B 394 -1.97 -5.34 -37.57
CA ILE B 394 -2.60 -4.50 -36.55
C ILE B 394 -1.52 -3.99 -35.60
N VAL B 395 -1.74 -2.81 -35.06
CA VAL B 395 -0.85 -2.20 -34.07
C VAL B 395 -1.70 -1.51 -33.04
N ARG B 396 -1.33 -1.64 -31.77
CA ARG B 396 -2.09 -1.10 -30.66
C ARG B 396 -1.27 0.00 -30.00
N CYS B 397 -1.68 1.25 -30.20
CA CYS B 397 -0.94 2.39 -29.68
C CYS B 397 -1.24 2.55 -28.20
N TRP B 398 -0.22 2.35 -27.36
CA TRP B 398 -0.40 2.22 -25.92
C TRP B 398 -0.72 3.57 -25.29
N GLY B 399 -1.71 3.57 -24.39
CA GLY B 399 -2.14 4.79 -23.71
C GLY B 399 -1.09 5.42 -22.83
N GLY B 400 0.00 4.72 -22.53
CA GLY B 400 1.10 5.34 -21.83
C GLY B 400 1.93 6.28 -22.67
N ASN B 401 1.73 6.27 -23.98
CA ASN B 401 2.49 7.08 -24.92
C ASN B 401 1.69 8.29 -25.33
N VAL B 402 2.36 9.23 -26.00
CA VAL B 402 1.67 10.31 -26.70
C VAL B 402 0.88 9.72 -27.86
N TYR B 403 -0.03 10.52 -28.42
CA TYR B 403 -0.66 10.18 -29.68
C TYR B 403 0.32 10.46 -30.81
N GLU B 404 0.52 9.48 -31.68
CA GLU B 404 1.38 9.69 -32.83
C GLU B 404 0.78 10.71 -33.78
N ASP B 405 1.64 11.35 -34.55
CA ASP B 405 1.21 12.42 -35.45
C ASP B 405 0.60 11.84 -36.71
N THR B 406 0.15 12.73 -37.60
CA THR B 406 -0.57 12.32 -38.81
C THR B 406 0.27 11.37 -39.66
N HIS B 407 1.57 11.60 -39.74
CA HIS B 407 2.41 10.81 -40.63
C HIS B 407 2.43 9.34 -40.25
N PHE B 408 2.35 9.04 -38.95
CA PHE B 408 2.30 7.64 -38.52
C PHE B 408 1.08 6.94 -39.12
N PHE B 409 -0.08 7.59 -39.05
CA PHE B 409 -1.29 7.01 -39.60
C PHE B 409 -1.26 7.00 -41.13
N GLU B 410 -0.56 7.94 -41.74
CA GLU B 410 -0.38 7.92 -43.19
C GLU B 410 0.38 6.66 -43.61
N LEU B 411 1.42 6.30 -42.86
CA LEU B 411 2.18 5.09 -43.18
C LEU B 411 1.35 3.84 -42.94
N CYS B 412 0.57 3.83 -41.86
CA CYS B 412 -0.29 2.67 -41.58
C CYS B 412 -1.38 2.53 -42.63
N ASP B 413 -1.90 3.65 -43.14
CA ASP B 413 -2.80 3.58 -44.30
C ASP B 413 -2.09 2.96 -45.49
N LYS B 414 -0.83 3.36 -45.73
CA LYS B 414 -0.13 2.96 -46.94
C LYS B 414 0.22 1.47 -46.93
N TYR B 415 0.66 0.96 -45.79
CA TYR B 415 1.09 -0.43 -45.69
C TYR B 415 0.01 -1.36 -45.15
N GLY B 416 -1.20 -0.86 -44.97
CA GLY B 416 -2.31 -1.71 -44.56
C GLY B 416 -2.21 -2.26 -43.15
N ILE B 417 -1.78 -1.43 -42.19
CA ILE B 417 -1.65 -1.84 -40.80
C ILE B 417 -2.76 -1.15 -40.02
N MET B 418 -3.70 -1.96 -39.51
CA MET B 418 -4.79 -1.40 -38.72
C MET B 418 -4.26 -0.86 -37.39
N VAL B 419 -4.90 0.20 -36.90
CA VAL B 419 -4.45 0.90 -35.70
C VAL B 419 -5.56 0.88 -34.67
N TRP B 420 -5.26 0.29 -33.51
CA TRP B 420 -6.10 0.35 -32.32
C TRP B 420 -5.52 1.42 -31.41
N GLN B 421 -6.27 2.49 -31.18
CA GLN B 421 -5.77 3.67 -30.48
C GLN B 421 -6.34 3.73 -29.07
N ASP B 422 -5.45 3.73 -28.08
CA ASP B 422 -5.82 4.04 -26.72
C ASP B 422 -5.85 5.55 -26.52
N PHE B 423 -6.83 6.04 -25.77
CA PHE B 423 -6.71 7.36 -25.22
C PHE B 423 -5.61 7.36 -24.15
N ALA B 424 -4.96 8.50 -23.97
CA ALA B 424 -3.77 8.55 -23.15
C ALA B 424 -4.09 8.45 -21.66
N MET B 425 -4.23 7.22 -21.16
CA MET B 425 -4.45 6.96 -19.75
C MET B 425 -3.38 6.00 -19.25
N GLY B 426 -3.00 6.17 -17.99
CA GLY B 426 -1.91 5.40 -17.42
C GLY B 426 -2.32 4.00 -17.00
N CYS B 427 -2.13 3.68 -15.71
CA CYS B 427 -2.45 2.38 -15.15
C CYS B 427 -3.08 2.61 -13.77
N GLY B 428 -4.26 3.22 -13.77
CA GLY B 428 -4.96 3.54 -12.54
C GLY B 428 -6.18 4.37 -12.85
N ASN B 429 -7.06 4.45 -11.85
CA ASN B 429 -8.28 5.23 -12.01
C ASN B 429 -7.99 6.72 -11.85
N TYR B 430 -8.80 7.54 -12.52
CA TYR B 430 -8.59 8.97 -12.57
C TYR B 430 -9.68 9.70 -11.78
N SER B 431 -9.69 11.02 -11.90
CA SER B 431 -10.62 11.85 -11.15
C SER B 431 -12.03 11.74 -11.73
N GLN B 432 -13.03 12.02 -10.88
CA GLN B 432 -14.42 12.01 -11.28
C GLN B 432 -15.01 13.42 -11.32
N ARG B 433 -14.22 14.44 -11.06
CA ARG B 433 -14.71 15.81 -10.94
C ARG B 433 -14.76 16.50 -12.31
N ASP B 434 -15.57 17.56 -12.38
CA ASP B 434 -15.84 18.23 -13.65
C ASP B 434 -14.57 18.78 -14.29
N ASN B 435 -13.61 19.23 -13.47
CA ASN B 435 -12.41 19.86 -14.00
C ASN B 435 -11.64 18.91 -14.92
N PHE B 436 -11.43 17.67 -14.47
CA PHE B 436 -10.70 16.71 -15.28
C PHE B 436 -11.52 16.26 -16.47
N ALA B 437 -12.84 16.15 -16.31
CA ALA B 437 -13.70 15.75 -17.42
C ALA B 437 -13.64 16.76 -18.56
N ALA B 438 -13.60 18.06 -18.21
CA ALA B 438 -13.52 19.09 -19.24
C ALA B 438 -12.19 19.05 -19.98
N ALA B 439 -11.09 18.82 -19.26
CA ALA B 439 -9.79 18.72 -19.89
C ALA B 439 -9.71 17.50 -20.79
N LEU B 440 -10.31 16.38 -20.37
CA LEU B 440 -10.25 15.17 -21.17
C LEU B 440 -11.17 15.25 -22.38
N GLU B 441 -12.34 15.86 -22.23
CA GLU B 441 -13.26 16.01 -23.35
C GLU B 441 -12.64 16.86 -24.46
N LYS B 442 -12.01 17.98 -24.08
CA LYS B 442 -11.34 18.81 -25.07
C LYS B 442 -10.25 18.02 -25.80
N GLU B 443 -9.48 17.23 -25.06
CA GLU B 443 -8.43 16.42 -25.67
C GLU B 443 -9.04 15.40 -26.63
N ALA B 444 -10.10 14.71 -26.20
CA ALA B 444 -10.69 13.65 -27.02
C ALA B 444 -11.29 14.20 -28.30
N ILE B 445 -12.00 15.33 -28.21
CA ILE B 445 -12.56 15.94 -29.41
C ILE B 445 -11.46 16.31 -30.38
N SER B 446 -10.36 16.87 -29.87
CA SER B 446 -9.25 17.28 -30.72
C SER B 446 -8.65 16.09 -31.46
N VAL B 447 -8.36 15.01 -30.74
CA VAL B 447 -7.65 13.89 -31.34
C VAL B 447 -8.56 13.10 -32.28
N VAL B 448 -9.85 12.97 -31.92
CA VAL B 448 -10.77 12.22 -32.76
C VAL B 448 -10.96 12.92 -34.10
N VAL B 449 -11.20 14.24 -34.07
CA VAL B 449 -11.36 15.01 -35.30
C VAL B 449 -10.08 14.97 -36.13
N LYS B 450 -8.93 14.88 -35.48
CA LYS B 450 -7.66 14.86 -36.21
C LYS B 450 -7.43 13.54 -36.92
N LEU B 451 -7.87 12.42 -36.35
CA LEU B 451 -7.51 11.11 -36.83
C LEU B 451 -8.64 10.31 -37.45
N ARG B 452 -9.89 10.78 -37.36
CA ARG B 452 -11.04 9.96 -37.73
C ARG B 452 -11.12 9.66 -39.24
N ASN B 453 -10.26 10.27 -40.05
CA ASN B 453 -10.32 10.08 -41.49
C ASN B 453 -9.36 9.02 -42.00
N HIS B 454 -8.54 8.43 -41.14
CA HIS B 454 -7.56 7.44 -41.58
C HIS B 454 -8.22 6.06 -41.67
N PRO B 455 -8.13 5.38 -42.81
CA PRO B 455 -8.72 4.03 -42.89
C PRO B 455 -8.06 3.02 -41.96
N SER B 456 -6.78 3.21 -41.64
CA SER B 456 -6.09 2.25 -40.78
C SER B 456 -6.69 2.23 -39.38
N LEU B 457 -7.05 3.39 -38.84
CA LEU B 457 -7.66 3.46 -37.53
C LEU B 457 -9.00 2.72 -37.53
N ILE B 458 -9.17 1.82 -36.55
CA ILE B 458 -10.33 0.94 -36.54
C ILE B 458 -10.98 0.87 -35.16
N LEU B 459 -10.34 1.44 -34.14
CA LEU B 459 -10.82 1.22 -32.78
C LEU B 459 -10.30 2.32 -31.86
N TRP B 460 -11.19 2.84 -31.02
CA TRP B 460 -10.84 3.70 -29.89
C TRP B 460 -11.03 2.93 -28.60
N SER B 461 -10.14 3.15 -27.63
CA SER B 461 -10.19 2.42 -26.37
C SER B 461 -9.88 3.35 -25.21
N GLY B 462 -10.65 3.21 -24.13
CA GLY B 462 -10.45 4.01 -22.94
C GLY B 462 -10.05 3.20 -21.73
N ASP B 485 -16.94 4.52 -13.74
CA ASP B 485 -15.91 5.49 -14.13
C ASP B 485 -16.47 6.49 -15.13
N ARG B 486 -16.66 7.73 -14.69
CA ARG B 486 -17.16 8.79 -15.56
C ARG B 486 -16.23 9.03 -16.74
N VAL B 487 -14.94 8.80 -16.56
CA VAL B 487 -13.96 9.07 -17.61
C VAL B 487 -14.20 8.18 -18.82
N SER B 488 -14.23 6.87 -18.62
CA SER B 488 -14.30 5.93 -19.72
C SER B 488 -15.72 5.49 -20.06
N ARG B 489 -16.67 5.64 -19.14
CA ARG B 489 -18.05 5.23 -19.38
C ARG B 489 -18.97 6.40 -19.73
N GLN B 490 -18.45 7.63 -19.78
CA GLN B 490 -19.30 8.78 -20.09
C GLN B 490 -18.59 9.78 -20.98
N VAL B 491 -17.46 10.33 -20.51
CA VAL B 491 -16.79 11.40 -21.24
C VAL B 491 -16.31 10.91 -22.61
N LEU B 492 -15.45 9.89 -22.61
CA LEU B 492 -14.86 9.43 -23.87
C LEU B 492 -15.92 8.84 -24.80
N SER B 493 -16.85 8.07 -24.24
CA SER B 493 -17.90 7.47 -25.08
C SER B 493 -18.81 8.54 -25.67
N ARG B 494 -19.03 9.64 -24.95
CA ARG B 494 -19.85 10.73 -25.49
C ARG B 494 -19.14 11.43 -26.65
N VAL B 495 -17.81 11.51 -26.61
CA VAL B 495 -17.07 12.11 -27.71
C VAL B 495 -17.18 11.24 -28.96
N ILE B 496 -16.97 9.93 -28.80
CA ILE B 496 -17.08 9.02 -29.93
C ILE B 496 -18.52 9.01 -30.46
N TYR B 497 -19.49 9.11 -29.56
CA TYR B 497 -20.89 9.11 -29.98
C TYR B 497 -21.20 10.28 -30.90
N GLU B 498 -20.59 11.44 -30.64
CA GLU B 498 -20.92 12.64 -31.40
C GLU B 498 -19.98 12.89 -32.57
N PHE B 499 -18.71 12.50 -32.46
CA PHE B 499 -17.71 12.85 -33.45
C PHE B 499 -17.11 11.67 -34.21
N ASP B 500 -17.51 10.43 -33.91
CA ASP B 500 -17.06 9.31 -34.72
C ASP B 500 -17.98 8.11 -34.55
N PRO B 501 -19.20 8.15 -35.11
CA PRO B 501 -20.11 7.01 -34.99
C PRO B 501 -19.72 5.82 -35.86
N THR B 502 -18.61 5.88 -36.58
CA THR B 502 -18.24 4.86 -37.55
C THR B 502 -17.22 3.87 -37.01
N ARG B 503 -16.64 4.12 -35.85
CA ARG B 503 -15.65 3.23 -35.27
C ARG B 503 -16.13 2.72 -33.92
N PRO B 504 -15.87 1.46 -33.60
CA PRO B 504 -16.21 0.96 -32.27
C PRO B 504 -15.37 1.61 -31.19
N TYR B 505 -15.91 1.62 -29.97
CA TYR B 505 -15.21 2.14 -28.81
C TYR B 505 -15.34 1.12 -27.69
N LEU B 506 -14.20 0.69 -27.15
CA LEU B 506 -14.19 -0.21 -26.01
C LEU B 506 -14.02 0.60 -24.74
N PRO B 507 -14.95 0.53 -23.79
CA PRO B 507 -14.80 1.32 -22.56
C PRO B 507 -13.57 0.95 -21.75
N SER B 508 -13.09 -0.29 -21.85
CA SER B 508 -11.90 -0.71 -21.12
C SER B 508 -11.25 -1.87 -21.87
N SER B 509 -10.01 -2.17 -21.49
CA SER B 509 -9.25 -3.24 -22.09
C SER B 509 -9.55 -4.57 -21.41
N ARG B 535 6.06 -14.48 -17.21
CA ARG B 535 6.20 -15.15 -15.92
C ARG B 535 6.16 -16.67 -16.08
N GLY B 536 7.24 -17.33 -15.68
CA GLY B 536 7.26 -18.78 -15.65
C GLY B 536 7.39 -19.40 -17.03
N TYR B 537 7.00 -20.67 -17.10
CA TYR B 537 7.06 -21.41 -18.35
C TYR B 537 6.01 -20.89 -19.32
N TYR B 538 6.40 -20.70 -20.58
CA TYR B 538 5.45 -20.19 -21.56
C TYR B 538 4.42 -21.22 -21.99
N LYS B 539 4.61 -22.50 -21.64
CA LYS B 539 3.60 -23.51 -21.85
C LYS B 539 2.80 -23.80 -20.59
N ASP B 540 2.87 -22.91 -19.60
CA ASP B 540 2.08 -23.05 -18.39
C ASP B 540 0.60 -22.91 -18.72
N PRO B 541 -0.27 -23.65 -18.02
CA PRO B 541 -1.72 -23.53 -18.29
C PRO B 541 -2.27 -22.11 -18.16
N PHE B 542 -1.55 -21.22 -17.47
CA PHE B 542 -1.96 -19.83 -17.41
C PHE B 542 -2.05 -19.22 -18.80
N TYR B 543 -1.19 -19.64 -19.73
CA TYR B 543 -1.21 -19.18 -21.10
C TYR B 543 -1.97 -20.12 -22.04
N THR B 544 -1.70 -21.42 -21.93
CA THR B 544 -2.29 -22.39 -22.86
C THR B 544 -3.78 -22.59 -22.65
N GLU B 545 -4.34 -22.13 -21.52
CA GLU B 545 -5.77 -22.29 -21.26
C GLU B 545 -6.45 -20.94 -20.98
N ASN B 546 -5.82 -19.84 -21.36
CA ASN B 546 -6.49 -18.55 -21.37
C ASN B 546 -7.59 -18.57 -22.43
N PRO B 547 -8.86 -18.46 -22.06
CA PRO B 547 -9.95 -18.60 -23.04
C PRO B 547 -10.22 -17.34 -23.85
N SER B 548 -9.40 -16.30 -23.75
CA SER B 548 -9.64 -15.06 -24.49
C SER B 548 -9.41 -15.29 -25.98
N GLN B 549 -10.43 -15.01 -26.79
CA GLN B 549 -10.27 -15.14 -28.24
C GLN B 549 -9.26 -14.13 -28.78
N PHE B 550 -9.33 -12.89 -28.30
CA PHE B 550 -8.42 -11.82 -28.69
C PHE B 550 -7.57 -11.47 -27.47
N VAL B 551 -6.29 -11.85 -27.50
CA VAL B 551 -5.41 -11.75 -26.34
C VAL B 551 -4.41 -10.63 -26.57
N SER B 552 -4.05 -9.95 -25.47
CA SER B 552 -2.92 -9.02 -25.44
C SER B 552 -1.78 -9.76 -24.77
N GLN B 553 -0.99 -10.46 -25.58
CA GLN B 553 0.01 -11.40 -25.06
C GLN B 553 1.14 -10.65 -24.36
N ILE B 554 1.34 -10.95 -23.08
CA ILE B 554 2.47 -10.40 -22.35
C ILE B 554 3.76 -10.99 -22.91
N GLY B 555 4.82 -10.17 -22.94
CA GLY B 555 6.06 -10.58 -23.55
C GLY B 555 7.00 -11.29 -22.61
N TYR B 556 8.09 -11.79 -23.18
CA TYR B 556 9.16 -12.42 -22.43
C TYR B 556 10.44 -11.62 -22.58
N HIS B 557 11.28 -11.67 -21.55
CA HIS B 557 12.50 -10.88 -21.56
C HIS B 557 13.52 -11.43 -22.56
N GLY B 558 14.28 -10.52 -23.14
CA GLY B 558 15.39 -10.88 -23.98
C GLY B 558 16.53 -9.89 -23.82
N CYS B 559 17.66 -10.36 -23.31
CA CYS B 559 18.83 -9.50 -23.20
C CYS B 559 19.19 -8.94 -24.57
N PRO B 560 19.41 -7.64 -24.71
CA PRO B 560 19.74 -7.08 -26.02
C PRO B 560 21.08 -7.56 -26.54
N ASN B 561 21.28 -7.37 -27.85
CA ASN B 561 22.52 -7.76 -28.50
C ASN B 561 23.72 -7.12 -27.82
N ARG B 562 24.87 -7.79 -27.92
CA ARG B 562 26.08 -7.32 -27.24
C ARG B 562 26.44 -5.91 -27.65
N GLU B 563 26.31 -5.59 -28.95
CA GLU B 563 26.67 -4.26 -29.44
C GLU B 563 25.87 -3.18 -28.74
N THR B 564 24.61 -3.45 -28.43
CA THR B 564 23.80 -2.49 -27.69
C THR B 564 24.27 -2.38 -26.24
N LEU B 565 24.60 -3.51 -25.61
CA LEU B 565 25.14 -3.47 -24.26
C LEU B 565 26.41 -2.65 -24.19
N GLU B 566 27.29 -2.82 -25.17
CA GLU B 566 28.54 -2.06 -25.19
C GLU B 566 28.31 -0.59 -25.50
N ARG B 567 27.16 -0.22 -26.04
CA ARG B 567 26.89 1.18 -26.35
C ARG B 567 26.21 1.93 -25.22
N MET B 568 25.37 1.26 -24.43
CA MET B 568 24.61 1.94 -23.38
C MET B 568 25.19 1.75 -21.98
N PHE B 569 26.13 0.81 -21.80
CA PHE B 569 26.76 0.59 -20.52
C PHE B 569 28.20 1.12 -20.54
N SER B 570 28.65 1.61 -19.39
CA SER B 570 30.06 1.93 -19.23
C SER B 570 30.89 0.67 -19.45
N PRO B 571 32.13 0.82 -19.92
CA PRO B 571 32.97 -0.38 -20.16
C PRO B 571 33.07 -1.31 -18.97
N ASP B 572 33.16 -0.79 -17.75
CA ASP B 572 33.27 -1.63 -16.57
C ASP B 572 31.95 -2.25 -16.15
N SER B 573 30.84 -1.87 -16.78
CA SER B 573 29.52 -2.38 -16.43
C SER B 573 28.85 -3.14 -17.57
N VAL B 574 29.55 -3.38 -18.68
CA VAL B 574 28.99 -4.16 -19.77
C VAL B 574 28.66 -5.57 -19.28
N ASN B 575 29.61 -6.21 -18.61
CA ASN B 575 29.35 -7.51 -18.03
C ASN B 575 28.36 -7.36 -16.87
N PRO B 576 27.29 -8.14 -16.83
CA PRO B 576 26.18 -7.84 -15.91
C PRO B 576 26.40 -8.24 -14.46
N TRP B 577 27.33 -9.15 -14.17
CA TRP B 577 27.35 -9.80 -12.86
C TRP B 577 28.08 -8.95 -11.84
N GLN B 578 27.36 -8.53 -10.80
CA GLN B 578 27.94 -7.75 -9.72
C GLN B 578 28.91 -8.60 -8.89
N ASN B 579 30.18 -8.20 -8.90
CA ASN B 579 31.25 -8.95 -8.23
C ASN B 579 31.41 -10.35 -8.83
N GLY B 580 31.10 -10.50 -10.11
CA GLY B 580 31.24 -11.77 -10.79
C GLY B 580 30.26 -12.85 -10.36
N VAL B 581 29.26 -12.52 -9.56
CA VAL B 581 28.29 -13.50 -9.09
C VAL B 581 27.17 -13.60 -10.11
N VAL B 582 27.03 -14.77 -10.73
CA VAL B 582 26.00 -14.97 -11.74
C VAL B 582 24.63 -14.83 -11.10
N GLY B 583 23.78 -13.99 -11.70
CA GLY B 583 22.47 -13.70 -11.19
C GLY B 583 22.33 -12.36 -10.52
N MET B 584 23.44 -11.78 -10.06
CA MET B 584 23.45 -10.50 -9.38
C MET B 584 23.76 -9.41 -10.40
N TRP B 585 22.89 -8.42 -10.51
CA TRP B 585 23.04 -7.35 -11.49
C TRP B 585 23.86 -6.21 -10.92
N ASN B 586 24.74 -5.65 -11.74
CA ASN B 586 25.45 -4.45 -11.32
C ASN B 586 24.50 -3.26 -11.37
N ASP B 587 24.97 -2.12 -10.88
CA ASP B 587 24.08 -0.98 -10.67
C ASP B 587 23.55 -0.43 -11.99
N GLU B 588 24.39 -0.37 -13.03
CA GLU B 588 23.93 0.18 -14.31
C GLU B 588 22.86 -0.70 -14.93
N TRP B 589 23.02 -2.03 -14.87
CA TRP B 589 21.98 -2.92 -15.36
C TRP B 589 20.68 -2.71 -14.58
N GLN B 590 20.79 -2.49 -13.27
CA GLN B 590 19.60 -2.19 -12.48
C GLN B 590 18.94 -0.89 -12.96
N THR B 591 19.75 0.09 -13.37
CA THR B 591 19.20 1.34 -13.88
C THR B 591 18.42 1.10 -15.17
N LYS B 592 18.94 0.23 -16.03
CA LYS B 592 18.31 -0.08 -17.32
C LYS B 592 17.18 -1.09 -17.21
N ALA B 593 16.60 -1.27 -16.01
CA ALA B 593 15.56 -2.28 -15.83
C ALA B 593 14.30 -2.00 -16.66
N ASN B 594 13.79 -0.77 -16.71
CA ASN B 594 14.28 0.49 -16.15
C ASN B 594 13.94 0.66 -14.68
N ARG B 595 14.80 1.37 -13.94
CA ARG B 595 14.54 1.75 -12.56
C ARG B 595 14.21 3.24 -12.54
N ILE B 596 13.03 3.58 -12.02
CA ILE B 596 12.52 4.94 -12.15
C ILE B 596 13.38 5.91 -11.34
N TYR B 597 13.56 5.64 -10.05
CA TYR B 597 14.35 6.49 -9.17
C TYR B 597 15.65 5.81 -8.79
N ASP B 598 16.66 6.62 -8.47
CA ASP B 598 18.00 6.11 -8.14
C ASP B 598 17.97 5.57 -6.70
N ASP B 599 17.40 4.39 -6.55
CA ASP B 599 17.29 3.69 -5.28
C ASP B 599 18.02 2.36 -5.41
N LYS B 600 19.08 2.18 -4.62
CA LYS B 600 19.93 1.01 -4.77
C LYS B 600 19.27 -0.22 -4.18
N PHE B 601 19.21 -1.29 -4.96
CA PHE B 601 18.71 -2.58 -4.50
C PHE B 601 19.12 -3.64 -5.51
N GLN B 602 19.08 -4.89 -5.06
CA GLN B 602 19.39 -6.04 -5.89
C GLN B 602 18.11 -6.80 -6.19
N GLY B 603 18.08 -7.48 -7.33
CA GLY B 603 16.90 -8.24 -7.72
C GLY B 603 15.89 -7.36 -8.45
N GLY B 604 14.63 -7.76 -8.36
CA GLY B 604 13.57 -7.04 -9.05
C GLY B 604 13.39 -7.46 -10.49
N ARG B 605 13.08 -6.48 -11.34
CA ARG B 605 12.63 -6.77 -12.70
C ARG B 605 13.66 -7.56 -13.51
N ASN B 606 14.94 -7.22 -13.34
CA ASN B 606 15.97 -7.89 -14.14
C ASN B 606 16.00 -9.39 -13.88
N ASP B 607 15.54 -9.83 -12.70
CA ASP B 607 15.48 -11.26 -12.40
C ASP B 607 14.60 -12.03 -13.37
N LEU B 608 13.70 -11.34 -14.09
CA LEU B 608 12.89 -12.02 -15.10
C LEU B 608 13.78 -12.67 -16.16
N MET B 609 14.91 -12.05 -16.50
CA MET B 609 15.82 -12.61 -17.49
C MET B 609 16.42 -13.94 -17.01
N THR B 610 16.96 -13.95 -15.79
CA THR B 610 17.62 -15.15 -15.29
C THR B 610 16.61 -16.23 -14.90
N ASN B 611 15.43 -15.82 -14.42
CA ASN B 611 14.42 -16.82 -14.04
C ASN B 611 13.91 -17.56 -15.27
N GLN B 612 13.69 -16.84 -16.38
CA GLN B 612 13.21 -17.48 -17.60
C GLN B 612 14.30 -18.32 -18.26
N VAL B 613 15.56 -17.89 -18.17
CA VAL B 613 16.65 -18.71 -18.67
C VAL B 613 16.77 -19.99 -17.85
N ARG B 614 16.61 -19.88 -16.53
CA ARG B 614 16.75 -21.04 -15.65
C ARG B 614 15.65 -22.07 -15.91
N ILE B 615 14.45 -21.61 -16.22
CA ILE B 615 13.33 -22.54 -16.43
C ILE B 615 13.52 -23.34 -17.70
N ILE B 616 14.10 -22.73 -18.74
CA ILE B 616 14.20 -23.38 -20.04
C ILE B 616 15.52 -24.12 -20.19
N PHE B 617 16.61 -23.57 -19.67
CA PHE B 617 17.94 -24.16 -19.87
C PHE B 617 18.60 -24.63 -18.57
N GLY B 618 17.85 -24.66 -17.47
CA GLY B 618 18.40 -25.20 -16.22
C GLY B 618 19.32 -24.30 -15.41
N GLU B 619 20.35 -23.73 -16.04
CA GLU B 619 21.30 -22.88 -15.36
C GLU B 619 21.56 -21.63 -16.17
N VAL B 620 21.92 -20.55 -15.49
CA VAL B 620 22.28 -19.29 -16.13
C VAL B 620 23.76 -19.35 -16.52
N PRO B 621 24.09 -19.19 -17.80
CA PRO B 621 25.50 -19.18 -18.19
C PRO B 621 26.23 -17.96 -17.65
N ALA B 622 27.51 -18.16 -17.31
CA ALA B 622 28.32 -17.07 -16.80
C ALA B 622 28.86 -16.19 -17.92
N ASP B 623 29.25 -16.80 -19.04
CA ASP B 623 29.74 -16.03 -20.18
C ASP B 623 28.62 -15.14 -20.73
N LEU B 624 28.98 -13.90 -21.06
CA LEU B 624 27.97 -12.94 -21.50
C LEU B 624 27.33 -13.36 -22.81
N ASP B 625 28.15 -13.74 -23.80
CA ASP B 625 27.60 -14.14 -25.09
C ASP B 625 26.68 -15.35 -24.96
N ASP B 626 27.05 -16.31 -24.12
CA ASP B 626 26.16 -17.44 -23.86
C ASP B 626 24.88 -16.99 -23.19
N PHE B 627 24.98 -16.00 -22.29
CA PHE B 627 23.79 -15.49 -21.62
C PHE B 627 22.88 -14.75 -22.59
N ILE B 628 23.45 -13.95 -23.49
CA ILE B 628 22.66 -13.29 -24.52
C ILE B 628 21.95 -14.30 -25.39
N PHE B 629 22.66 -15.36 -25.79
CA PHE B 629 22.04 -16.39 -26.63
C PHE B 629 20.93 -17.12 -25.88
N ALA B 630 21.17 -17.48 -24.62
CA ALA B 630 20.16 -18.20 -23.85
C ALA B 630 18.92 -17.33 -23.64
N SER B 631 19.12 -16.08 -23.23
CA SER B 631 18.00 -15.19 -22.93
C SER B 631 17.18 -14.90 -24.19
N GLN B 632 17.85 -14.58 -25.29
CA GLN B 632 17.13 -14.31 -26.53
C GLN B 632 16.45 -15.55 -27.07
N SER B 633 17.01 -16.73 -26.78
CA SER B 633 16.38 -17.97 -27.26
C SER B 633 15.11 -18.26 -26.49
N VAL B 634 15.09 -17.97 -25.19
CA VAL B 634 13.85 -18.16 -24.42
C VAL B 634 12.78 -17.19 -24.90
N GLN B 635 13.15 -15.91 -25.09
CA GLN B 635 12.21 -14.95 -25.64
C GLN B 635 11.71 -15.40 -27.01
N ALA B 636 12.61 -15.94 -27.83
CA ALA B 636 12.24 -16.34 -29.19
C ALA B 636 11.28 -17.53 -29.17
N GLU B 637 11.60 -18.56 -28.38
CA GLU B 637 10.71 -19.71 -28.30
C GLU B 637 9.37 -19.33 -27.69
N ALA B 638 9.37 -18.42 -26.71
CA ALA B 638 8.15 -18.09 -25.99
C ALA B 638 7.17 -17.34 -26.87
N MET B 639 7.60 -16.23 -27.48
CA MET B 639 6.69 -15.41 -28.27
C MET B 639 6.26 -16.15 -29.55
N LYS B 640 7.17 -16.92 -30.14
CA LYS B 640 6.79 -17.77 -31.27
C LYS B 640 5.71 -18.77 -30.86
N PHE B 641 5.83 -19.34 -29.65
CA PHE B 641 4.85 -20.31 -29.19
C PHE B 641 3.47 -19.68 -29.04
N PHE B 642 3.41 -18.46 -28.50
CA PHE B 642 2.11 -17.82 -28.27
C PHE B 642 1.41 -17.53 -29.60
N VAL B 643 2.15 -17.09 -30.61
CA VAL B 643 1.55 -16.77 -31.90
C VAL B 643 1.07 -18.05 -32.58
N GLU B 644 1.92 -19.08 -32.58
CA GLU B 644 1.53 -20.36 -33.17
C GLU B 644 0.38 -21.00 -32.40
N LEU B 645 0.29 -20.76 -31.09
CA LEU B 645 -0.79 -21.34 -30.30
C LEU B 645 -2.13 -20.66 -30.60
N TRP B 646 -2.10 -19.39 -31.01
CA TRP B 646 -3.34 -18.68 -31.32
C TRP B 646 -3.76 -18.89 -32.77
N ARG B 647 -2.81 -18.82 -33.71
CA ARG B 647 -3.14 -19.13 -35.10
C ARG B 647 -3.57 -20.57 -35.26
N GLY B 648 -2.98 -21.48 -34.49
CA GLY B 648 -3.29 -22.89 -34.61
C GLY B 648 -4.65 -23.27 -34.08
N ARG B 649 -5.25 -22.43 -33.23
CA ARG B 649 -6.54 -22.73 -32.62
C ARG B 649 -7.65 -21.83 -33.15
N ARG B 650 -7.52 -21.36 -34.38
CA ARG B 650 -8.63 -20.72 -35.07
C ARG B 650 -9.67 -21.77 -35.42
N PRO B 651 -10.93 -21.37 -35.66
CA PRO B 651 -11.49 -20.00 -35.70
C PRO B 651 -11.86 -19.46 -34.32
N TYR B 652 -11.65 -20.20 -33.23
CA TYR B 652 -12.01 -19.66 -31.92
C TYR B 652 -11.12 -18.47 -31.56
N ARG B 653 -9.82 -18.58 -31.80
CA ARG B 653 -8.92 -17.46 -31.58
C ARG B 653 -9.08 -16.45 -32.71
N THR B 654 -9.30 -15.19 -32.34
CA THR B 654 -9.57 -14.14 -33.31
C THR B 654 -8.45 -13.14 -33.48
N GLY B 655 -7.43 -13.17 -32.61
CA GLY B 655 -6.33 -12.25 -32.75
C GLY B 655 -5.37 -12.27 -31.58
N ILE B 656 -4.15 -11.78 -31.82
CA ILE B 656 -3.13 -11.69 -30.78
C ILE B 656 -2.29 -10.43 -31.03
N ILE B 657 -2.29 -9.52 -30.07
CA ILE B 657 -1.41 -8.37 -30.07
C ILE B 657 -0.36 -8.60 -29.00
N TRP B 658 0.90 -8.74 -29.41
CA TRP B 658 1.96 -9.13 -28.49
C TRP B 658 2.84 -7.94 -28.14
N TRP B 659 3.47 -8.03 -26.97
CA TRP B 659 4.31 -6.97 -26.41
C TRP B 659 5.76 -7.41 -26.50
N ASN B 660 6.61 -6.63 -27.17
CA ASN B 660 6.27 -5.53 -28.07
C ASN B 660 7.41 -5.50 -29.09
N ILE B 661 7.30 -4.68 -30.13
CA ILE B 661 8.24 -4.83 -31.24
C ILE B 661 9.49 -3.95 -31.10
N ARG B 662 9.42 -2.82 -30.40
CA ARG B 662 10.56 -1.90 -30.40
C ARG B 662 10.63 -1.12 -29.09
N ASP B 663 11.85 -0.94 -28.60
CA ASP B 663 12.11 -0.12 -27.41
C ASP B 663 12.10 1.36 -27.77
N GLY B 664 11.66 2.16 -26.80
CA GLY B 664 11.72 3.61 -26.91
C GLY B 664 12.92 4.24 -26.24
N TRP B 665 13.87 3.44 -25.78
CA TRP B 665 15.04 3.92 -25.06
C TRP B 665 16.02 2.76 -24.91
N PRO B 666 17.32 3.00 -24.93
CA PRO B 666 18.28 1.92 -24.66
C PRO B 666 18.06 1.33 -23.27
N LEU B 667 17.56 0.10 -23.21
CA LEU B 667 17.10 -0.49 -21.96
C LEU B 667 17.18 -2.00 -22.07
N LEU B 668 16.95 -2.67 -20.94
CA LEU B 668 16.75 -4.10 -20.87
C LEU B 668 15.24 -4.34 -20.78
N SER B 669 14.67 -5.06 -21.74
CA SER B 669 13.22 -5.14 -21.83
C SER B 669 12.80 -6.46 -22.45
N ASP B 670 11.47 -6.66 -22.46
CA ASP B 670 10.81 -7.73 -23.18
C ASP B 670 10.43 -7.34 -24.60
N ALA B 671 11.04 -6.29 -25.15
CA ALA B 671 10.87 -5.99 -26.57
C ALA B 671 11.77 -6.89 -27.40
N ILE B 672 11.40 -7.08 -28.67
CA ILE B 672 12.15 -7.98 -29.54
C ILE B 672 13.10 -7.25 -30.47
N SER B 673 13.20 -5.93 -30.35
CA SER B 673 14.25 -5.16 -31.02
C SER B 673 14.46 -3.89 -30.19
N ASP B 674 15.73 -3.48 -30.05
CA ASP B 674 16.04 -2.40 -29.13
C ASP B 674 15.91 -1.04 -29.81
N TYR B 675 16.21 0.02 -29.04
CA TYR B 675 16.02 1.38 -29.48
C TYR B 675 16.90 1.74 -30.67
N TRP B 676 18.07 1.11 -30.79
CA TRP B 676 19.01 1.41 -31.86
C TRP B 676 18.86 0.47 -33.05
N GLY B 677 17.79 -0.30 -33.12
CA GLY B 677 17.56 -1.19 -34.23
C GLY B 677 18.16 -2.57 -34.09
N GLY B 678 18.73 -2.90 -32.94
CA GLY B 678 19.28 -4.22 -32.72
C GLY B 678 18.21 -5.28 -32.57
N LYS B 679 17.97 -6.05 -33.63
CA LYS B 679 16.95 -7.08 -33.60
C LYS B 679 17.41 -8.29 -32.80
N LYS B 680 16.61 -8.69 -31.81
CA LYS B 680 16.90 -9.88 -31.05
C LYS B 680 16.45 -11.12 -31.82
N GLN B 681 16.83 -12.29 -31.31
CA GLN B 681 16.48 -13.54 -31.99
C GLN B 681 14.97 -13.70 -32.12
N ALA B 682 14.20 -13.15 -31.18
CA ALA B 682 12.75 -13.28 -31.22
C ALA B 682 12.17 -12.59 -32.44
N PHE B 683 12.83 -11.55 -32.95
CA PHE B 683 12.31 -10.86 -34.14
C PHE B 683 12.23 -11.81 -35.33
N TYR B 684 13.26 -12.64 -35.51
CA TYR B 684 13.30 -13.51 -36.69
C TYR B 684 12.42 -14.75 -36.49
N TYR B 685 12.36 -15.29 -35.27
CA TYR B 685 11.41 -16.36 -34.99
C TYR B 685 9.99 -15.89 -35.23
N MET B 686 9.63 -14.71 -34.71
CA MET B 686 8.29 -14.18 -34.89
C MET B 686 7.99 -13.91 -36.36
N GLN B 687 9.00 -13.48 -37.12
CA GLN B 687 8.78 -13.20 -38.53
C GLN B 687 8.34 -14.43 -39.29
N ASN B 688 8.90 -15.60 -38.96
CA ASN B 688 8.55 -16.83 -39.66
C ASN B 688 7.21 -17.41 -39.22
N VAL B 689 6.56 -16.84 -38.21
CA VAL B 689 5.23 -17.30 -37.82
C VAL B 689 4.18 -16.21 -38.02
N HIS B 690 4.50 -15.17 -38.77
CA HIS B 690 3.56 -14.11 -39.12
C HIS B 690 3.22 -14.09 -40.60
N HIS B 691 3.68 -15.08 -41.36
CA HIS B 691 3.42 -15.10 -42.80
C HIS B 691 1.92 -15.15 -43.08
N ASP B 692 1.55 -14.68 -44.28
CA ASP B 692 0.17 -14.82 -44.76
C ASP B 692 -0.30 -16.26 -44.58
N VAL B 693 0.52 -17.21 -44.98
CA VAL B 693 0.24 -18.64 -44.84
C VAL B 693 1.44 -19.28 -44.16
N CYS B 694 1.20 -19.91 -43.01
CA CYS B 694 2.27 -20.41 -42.16
C CYS B 694 1.98 -21.85 -41.77
N CYS B 695 2.98 -22.72 -41.93
CA CYS B 695 2.90 -24.11 -41.47
C CYS B 695 3.59 -24.21 -40.11
N LEU B 696 2.84 -24.69 -39.11
CA LEU B 696 3.30 -24.69 -37.73
C LEU B 696 2.83 -25.96 -37.04
N ILE B 697 3.41 -26.23 -35.88
CA ILE B 697 3.11 -27.42 -35.08
C ILE B 697 2.66 -26.97 -33.70
N ASN B 698 1.52 -27.50 -33.26
CA ASN B 698 1.04 -27.34 -31.90
C ASN B 698 1.11 -28.67 -31.15
N PRO B 699 1.23 -28.64 -29.83
CA PRO B 699 1.17 -29.90 -29.08
C PRO B 699 -0.19 -30.55 -29.25
N ALA B 700 -0.21 -31.88 -29.23
CA ALA B 700 -1.43 -32.66 -29.33
C ALA B 700 -1.56 -33.58 -28.12
N ALA B 701 -2.59 -34.40 -28.12
CA ALA B 701 -2.87 -35.33 -27.03
C ALA B 701 -1.67 -36.25 -26.79
N ASN B 702 -1.47 -37.21 -27.69
CA ASN B 702 -0.31 -38.09 -27.66
C ASN B 702 0.48 -37.89 -28.95
N GLY B 703 1.14 -36.75 -29.04
CA GLY B 703 1.89 -36.40 -30.23
C GLY B 703 1.80 -34.92 -30.55
N TYR B 704 1.90 -34.58 -31.83
CA TYR B 704 1.85 -33.19 -32.28
C TYR B 704 0.85 -33.10 -33.43
N MET B 705 0.51 -31.86 -33.79
CA MET B 705 -0.43 -31.61 -34.87
C MET B 705 0.18 -30.61 -35.85
N LEU B 706 0.43 -31.08 -37.07
CA LEU B 706 0.92 -30.20 -38.13
C LEU B 706 -0.25 -29.46 -38.75
N LYS B 707 -0.21 -28.13 -38.68
CA LYS B 707 -1.28 -27.29 -39.19
C LYS B 707 -0.73 -26.27 -40.18
N VAL B 708 -1.63 -25.66 -40.93
CA VAL B 708 -1.31 -24.52 -41.76
C VAL B 708 -2.40 -23.48 -41.58
N ASP B 709 -2.01 -22.24 -41.28
CA ASP B 709 -2.95 -21.16 -41.10
C ASP B 709 -2.87 -20.19 -42.28
N ASN B 710 -4.01 -19.63 -42.64
CA ASN B 710 -4.14 -18.78 -43.82
C ASN B 710 -4.86 -17.50 -43.37
N ASN B 711 -4.15 -16.37 -43.42
CA ASN B 711 -4.71 -15.07 -43.06
C ASN B 711 -4.99 -14.22 -44.30
N THR B 712 -5.49 -14.84 -45.36
CA THR B 712 -5.83 -14.18 -46.60
C THR B 712 -7.23 -14.59 -47.03
N LEU B 713 -7.69 -14.02 -48.14
CA LEU B 713 -8.95 -14.41 -48.76
C LEU B 713 -8.74 -15.27 -50.00
N LYS B 714 -7.58 -15.92 -50.12
CA LYS B 714 -7.22 -16.70 -51.29
C LYS B 714 -6.82 -18.11 -50.88
N ASP B 715 -7.19 -19.08 -51.72
CA ASP B 715 -6.78 -20.47 -51.51
C ASP B 715 -5.36 -20.68 -51.98
N PHE B 716 -4.59 -21.44 -51.21
CA PHE B 716 -3.22 -21.81 -51.55
C PHE B 716 -3.05 -23.32 -51.39
N GLU B 717 -2.03 -23.85 -52.05
CA GLU B 717 -1.68 -25.25 -51.89
C GLU B 717 -0.17 -25.40 -52.03
N GLY B 718 0.36 -26.45 -51.39
CA GLY B 718 1.79 -26.67 -51.45
C GLY B 718 2.16 -28.02 -50.89
N VAL B 719 3.46 -28.20 -50.66
CA VAL B 719 4.03 -29.42 -50.10
C VAL B 719 4.78 -29.05 -48.83
N VAL B 720 4.65 -29.89 -47.80
CA VAL B 720 5.30 -29.65 -46.52
C VAL B 720 6.11 -30.89 -46.14
N GLU B 721 7.26 -30.67 -45.53
CA GLU B 721 8.10 -31.74 -45.01
C GLU B 721 8.50 -31.41 -43.58
N VAL B 722 8.39 -32.39 -42.69
CA VAL B 722 8.83 -32.28 -41.31
C VAL B 722 9.85 -33.38 -41.06
N LYS B 723 11.02 -33.00 -40.56
CA LYS B 723 12.06 -33.98 -40.27
C LYS B 723 12.78 -33.60 -38.98
N ASP B 724 13.39 -34.61 -38.37
CA ASP B 724 14.13 -34.40 -37.12
C ASP B 724 15.49 -33.82 -37.42
N VAL B 725 15.85 -32.74 -36.71
CA VAL B 725 17.10 -32.04 -37.00
C VAL B 725 18.30 -32.87 -36.58
N ALA B 726 18.22 -33.54 -35.43
CA ALA B 726 19.37 -34.26 -34.89
C ALA B 726 19.69 -35.49 -35.74
N SER B 727 18.71 -36.38 -35.92
CA SER B 727 18.94 -37.64 -36.60
C SER B 727 18.79 -37.54 -38.11
N GLY B 728 17.96 -36.63 -38.60
CA GLY B 728 17.68 -36.53 -40.02
C GLY B 728 16.52 -37.36 -40.51
N LYS B 729 15.84 -38.08 -39.61
CA LYS B 729 14.71 -38.90 -40.02
C LYS B 729 13.57 -38.02 -40.54
N GLN B 730 12.91 -38.50 -41.59
CA GLN B 730 11.71 -37.84 -42.06
C GLN B 730 10.53 -38.23 -41.19
N VAL B 731 9.84 -37.24 -40.63
CA VAL B 731 8.67 -37.51 -39.82
C VAL B 731 7.39 -37.45 -40.65
N PHE B 732 7.32 -36.52 -41.60
CA PHE B 732 6.16 -36.40 -42.47
C PHE B 732 6.55 -35.66 -43.74
N LYS B 733 5.82 -35.95 -44.82
CA LYS B 733 5.94 -35.19 -46.06
C LYS B 733 4.71 -35.46 -46.89
N GLY B 734 4.11 -34.40 -47.42
CA GLY B 734 2.91 -34.56 -48.25
C GLY B 734 2.38 -33.20 -48.66
N LYS B 735 1.38 -33.26 -49.53
CA LYS B 735 0.71 -32.05 -50.00
C LYS B 735 -0.33 -31.59 -48.98
N PHE B 736 -0.66 -30.30 -49.04
CA PHE B 736 -1.71 -29.74 -48.19
C PHE B 736 -2.49 -28.71 -48.99
N VAL B 737 -3.76 -28.55 -48.63
CA VAL B 737 -4.63 -27.53 -49.18
C VAL B 737 -4.97 -26.56 -48.06
N SER B 738 -4.55 -25.30 -48.22
CA SER B 738 -4.80 -24.25 -47.24
C SER B 738 -5.94 -23.38 -47.75
N LYS B 739 -7.14 -23.60 -47.21
CA LYS B 739 -8.28 -22.79 -47.58
C LYS B 739 -8.18 -21.40 -46.97
N ALA B 740 -8.83 -20.44 -47.63
CA ALA B 740 -8.65 -19.03 -47.28
C ALA B 740 -9.20 -18.73 -45.90
N ASN B 741 -8.47 -17.88 -45.16
CA ASN B 741 -8.94 -17.27 -43.93
C ASN B 741 -9.37 -18.30 -42.89
N GLN B 742 -8.59 -19.37 -42.77
CA GLN B 742 -8.90 -20.41 -41.80
C GLN B 742 -7.65 -21.21 -41.49
N MET B 743 -7.71 -21.92 -40.37
CA MET B 743 -6.71 -22.93 -40.04
C MET B 743 -7.21 -24.28 -40.52
N SER B 744 -6.31 -25.06 -41.12
CA SER B 744 -6.63 -26.40 -41.59
C SER B 744 -5.57 -27.37 -41.09
N GLU B 745 -6.03 -28.48 -40.52
CA GLU B 745 -5.11 -29.50 -40.01
C GLU B 745 -4.59 -30.36 -41.13
N ILE B 746 -3.29 -30.68 -41.07
CA ILE B 746 -2.63 -31.41 -42.15
C ILE B 746 -2.45 -32.87 -41.77
N ALA B 747 -1.75 -33.12 -40.65
CA ALA B 747 -1.47 -34.49 -40.24
C ALA B 747 -1.08 -34.52 -38.77
N THR B 748 -1.47 -35.61 -38.11
CA THR B 748 -0.94 -35.89 -36.79
C THR B 748 0.51 -36.35 -36.92
N LEU B 749 1.36 -35.86 -36.02
CA LEU B 749 2.74 -36.29 -36.00
C LEU B 749 2.98 -37.17 -34.80
N PRO B 750 3.66 -38.30 -34.96
CA PRO B 750 3.88 -39.20 -33.82
C PRO B 750 4.80 -38.57 -32.79
N MET B 751 4.64 -39.03 -31.54
CA MET B 751 5.47 -38.56 -30.45
C MET B 751 6.93 -38.94 -30.69
N GLN B 752 7.82 -37.95 -30.61
CA GLN B 752 9.25 -38.19 -30.68
C GLN B 752 9.81 -38.41 -29.28
N LYS B 753 10.91 -39.15 -29.21
CA LYS B 753 11.50 -39.54 -27.94
C LYS B 753 12.48 -38.48 -27.45
N GLY B 754 12.34 -38.10 -26.18
CA GLY B 754 13.33 -37.23 -25.56
C GLY B 754 13.22 -35.79 -26.05
N GLN B 755 14.37 -35.14 -26.15
CA GLN B 755 14.46 -33.74 -26.54
C GLN B 755 15.03 -33.63 -27.95
N GLY B 756 14.68 -32.55 -28.63
CA GLY B 756 15.17 -32.31 -29.97
C GLY B 756 14.36 -31.24 -30.66
N MET B 757 14.66 -31.06 -31.94
CA MET B 757 14.01 -30.05 -32.76
C MET B 757 13.55 -30.67 -34.07
N LEU B 758 12.34 -30.33 -34.49
CA LEU B 758 11.83 -30.65 -35.81
C LEU B 758 11.94 -29.42 -36.70
N VAL B 759 12.22 -29.63 -37.98
CA VAL B 759 12.31 -28.55 -38.94
C VAL B 759 11.16 -28.68 -39.93
N ILE B 760 10.43 -27.59 -40.11
CA ILE B 760 9.29 -27.53 -41.02
C ILE B 760 9.73 -26.80 -42.27
N SER B 761 9.66 -27.49 -43.41
CA SER B 761 9.95 -26.89 -44.71
C SER B 761 8.71 -27.00 -45.57
N TYR B 762 8.32 -25.89 -46.20
CA TYR B 762 7.15 -25.95 -47.06
C TYR B 762 7.30 -24.97 -48.22
N ARG B 763 6.74 -25.35 -49.36
CA ARG B 763 6.86 -24.62 -50.61
C ARG B 763 5.46 -24.25 -51.09
N ILE B 764 5.24 -22.97 -51.36
CA ILE B 764 3.96 -22.46 -51.84
C ILE B 764 4.25 -21.55 -53.03
N GLU B 765 3.77 -21.96 -54.21
CA GLU B 765 3.90 -21.18 -55.44
C GLU B 765 5.36 -20.82 -55.71
N GLY B 766 6.22 -21.82 -55.65
CA GLY B 766 7.62 -21.65 -55.97
C GLY B 766 8.47 -20.98 -54.90
N ASN B 767 7.89 -20.55 -53.79
CA ASN B 767 8.63 -19.93 -52.71
C ASN B 767 8.82 -20.93 -51.57
N GLU B 768 10.01 -20.93 -50.98
CA GLU B 768 10.34 -21.83 -49.89
C GLU B 768 10.28 -21.09 -48.56
N TYR B 769 9.56 -21.65 -47.59
CA TYR B 769 9.43 -21.09 -46.26
C TYR B 769 9.89 -22.11 -45.23
N PHE B 770 10.29 -21.61 -44.06
CA PHE B 770 10.92 -22.44 -43.03
C PHE B 770 10.35 -22.12 -41.67
N ASN B 771 10.10 -23.17 -40.88
CA ASN B 771 9.67 -23.07 -39.50
C ASN B 771 10.32 -24.21 -38.73
N HIS B 772 10.07 -24.27 -37.43
CA HIS B 772 10.62 -25.34 -36.61
C HIS B 772 9.73 -25.54 -35.39
N TYR B 773 9.94 -26.67 -34.72
CA TYR B 773 9.22 -26.98 -33.49
C TYR B 773 10.17 -27.68 -32.53
N LEU B 774 10.32 -27.09 -31.34
CA LEU B 774 11.11 -27.70 -30.27
C LEU B 774 10.21 -28.65 -29.48
N TYR B 775 10.61 -29.91 -29.39
CA TYR B 775 9.83 -30.91 -28.66
C TYR B 775 10.61 -31.38 -27.43
N GLY B 776 9.91 -32.14 -26.59
CA GLY B 776 10.44 -32.58 -25.32
C GLY B 776 10.04 -31.66 -24.18
N GLU B 777 10.56 -31.98 -23.00
CA GLU B 777 10.26 -31.22 -21.80
C GLU B 777 11.51 -30.50 -21.30
N PRO B 778 11.39 -29.24 -20.89
CA PRO B 778 12.53 -28.53 -20.30
C PRO B 778 12.90 -29.14 -18.96
N PRO B 779 14.12 -28.89 -18.46
CA PRO B 779 15.18 -28.02 -19.00
C PRO B 779 16.03 -28.67 -20.09
N TYR B 780 16.46 -27.86 -21.06
CA TYR B 780 17.33 -28.28 -22.14
C TYR B 780 18.76 -27.85 -21.86
N LYS B 781 19.70 -28.51 -22.53
CA LYS B 781 21.10 -28.12 -22.47
C LYS B 781 21.35 -27.06 -23.54
N LEU B 782 21.93 -25.94 -23.11
CA LEU B 782 22.07 -24.78 -24.00
C LEU B 782 22.91 -25.12 -25.23
N ASP B 783 24.01 -25.85 -25.03
CA ASP B 783 24.88 -26.19 -26.15
C ASP B 783 24.17 -27.10 -27.14
N GLN B 784 23.32 -28.00 -26.64
CA GLN B 784 22.54 -28.86 -27.54
C GLN B 784 21.53 -28.04 -28.33
N TYR B 785 20.81 -27.13 -27.66
CA TYR B 785 19.87 -26.27 -28.37
C TYR B 785 20.58 -25.43 -29.42
N ARG B 786 21.77 -24.94 -29.10
CA ARG B 786 22.54 -24.17 -30.08
C ARG B 786 22.87 -25.02 -31.30
N LYS B 787 23.28 -26.27 -31.08
CA LYS B 787 23.59 -27.16 -32.20
C LYS B 787 22.36 -27.40 -33.07
N TRP B 788 21.20 -27.60 -32.44
CA TRP B 788 19.97 -27.81 -33.21
C TRP B 788 19.63 -26.60 -34.06
N VAL B 789 19.83 -25.40 -33.52
CA VAL B 789 19.50 -24.19 -34.27
C VAL B 789 20.42 -24.03 -35.47
N LYS B 790 21.71 -24.29 -35.29
CA LYS B 790 22.66 -24.17 -36.40
C LYS B 790 22.36 -25.20 -37.49
N LYS B 791 22.20 -26.46 -37.09
CA LYS B 791 21.92 -27.51 -38.07
C LYS B 791 20.56 -27.32 -38.72
N CYS B 792 19.63 -26.66 -38.05
CA CYS B 792 18.34 -26.39 -38.65
C CYS B 792 18.46 -25.47 -39.86
N GLY B 793 19.46 -24.59 -39.85
CA GLY B 793 19.77 -23.75 -40.99
C GLY B 793 18.88 -22.55 -41.20
N ILE B 794 17.94 -22.28 -40.28
CA ILE B 794 17.01 -21.17 -40.46
C ILE B 794 17.61 -19.89 -39.91
N TYR B 795 18.03 -19.90 -38.66
CA TYR B 795 18.44 -18.69 -37.96
C TYR B 795 19.94 -18.71 -37.69
N GLU B 796 20.48 -17.51 -37.49
CA GLU B 796 21.89 -17.35 -37.16
C GLU B 796 22.06 -17.26 -35.65
N LEU B 797 23.22 -17.72 -35.18
CA LEU B 797 23.52 -17.79 -33.75
C LEU B 797 24.08 -16.49 -33.19
N GLU B 798 23.55 -15.35 -33.63
CA GLU B 798 23.97 -14.02 -33.17
C GLU B 798 25.43 -13.71 -33.51
N SER C 24 -49.29 47.80 -12.25
CA SER C 24 -49.56 48.42 -13.53
C SER C 24 -48.68 47.82 -14.63
N GLU C 25 -49.14 47.90 -15.88
CA GLU C 25 -48.40 47.38 -17.02
C GLU C 25 -48.60 48.31 -18.21
N GLN C 26 -47.58 49.11 -18.51
CA GLN C 26 -47.60 49.99 -19.67
C GLN C 26 -47.09 49.23 -20.89
N SER C 27 -47.81 49.35 -22.00
CA SER C 27 -47.42 48.67 -23.21
C SER C 27 -46.39 49.49 -23.99
N LEU C 28 -45.42 48.79 -24.58
CA LEU C 28 -44.42 49.41 -25.45
C LEU C 28 -44.61 48.99 -26.90
N ASN C 29 -45.74 48.38 -27.25
CA ASN C 29 -46.04 48.08 -28.63
C ASN C 29 -46.40 49.36 -29.38
N GLY C 30 -46.23 49.32 -30.70
CA GLY C 30 -46.56 50.45 -31.53
C GLY C 30 -45.51 50.81 -32.55
N ARG C 31 -45.36 52.10 -32.84
CA ARG C 31 -44.42 52.55 -33.86
C ARG C 31 -43.01 52.61 -33.29
N TRP C 32 -42.11 51.85 -33.89
CA TRP C 32 -40.69 51.89 -33.59
C TRP C 32 -39.92 52.40 -34.80
N THR C 33 -38.62 52.64 -34.60
CA THR C 33 -37.70 52.99 -35.66
C THR C 33 -36.79 51.79 -35.93
N LEU C 34 -36.83 51.28 -37.16
CA LEU C 34 -36.05 50.13 -37.55
C LEU C 34 -34.97 50.54 -38.55
N LYS C 35 -33.71 50.30 -38.20
CA LYS C 35 -32.58 50.56 -39.08
C LYS C 35 -31.89 49.23 -39.37
N PHE C 36 -31.69 48.93 -40.65
CA PHE C 36 -31.07 47.68 -41.05
C PHE C 36 -29.95 47.94 -42.04
N PHE C 37 -29.01 47.00 -42.09
CA PHE C 37 -27.81 47.11 -42.90
C PHE C 37 -27.14 45.74 -42.95
N PRO C 38 -26.30 45.49 -43.95
CA PRO C 38 -25.53 44.24 -43.97
C PRO C 38 -24.60 44.14 -42.78
N GLN C 39 -24.46 42.93 -42.25
CA GLN C 39 -23.67 42.70 -41.05
C GLN C 39 -22.19 42.64 -41.41
N PRO C 40 -21.34 43.51 -40.83
CA PRO C 40 -19.91 43.46 -41.14
C PRO C 40 -19.26 42.18 -40.61
N ALA C 41 -17.96 42.02 -40.90
CA ALA C 41 -17.25 40.83 -40.41
C ALA C 41 -17.26 40.76 -38.89
N VAL C 42 -17.16 41.91 -38.23
CA VAL C 42 -17.30 42.01 -36.78
C VAL C 42 -18.73 42.51 -36.50
N PRO C 43 -19.59 41.71 -35.87
CA PRO C 43 -20.99 42.11 -35.71
C PRO C 43 -21.14 43.36 -34.87
N VAL C 44 -22.06 44.24 -35.29
CA VAL C 44 -22.35 45.45 -34.54
C VAL C 44 -23.02 45.09 -33.22
N MET C 45 -22.46 45.59 -32.12
CA MET C 45 -22.94 45.26 -30.78
C MET C 45 -23.42 46.45 -29.98
N THR C 46 -22.98 47.67 -30.31
CA THR C 46 -23.24 48.84 -29.50
C THR C 46 -24.11 49.84 -30.26
N ILE C 47 -24.68 50.78 -29.51
CA ILE C 47 -25.49 51.83 -30.11
C ILE C 47 -24.65 52.67 -31.07
N GLU C 48 -23.43 53.00 -30.65
CA GLU C 48 -22.56 53.83 -31.48
C GLU C 48 -22.27 53.16 -32.83
N GLY C 49 -22.06 51.85 -32.82
CA GLY C 49 -21.83 51.15 -34.08
C GLY C 49 -23.08 51.07 -34.93
N ALA C 50 -24.24 50.83 -34.31
CA ALA C 50 -25.48 50.76 -35.07
C ALA C 50 -25.83 52.10 -35.70
N GLU C 51 -25.48 53.21 -35.04
CA GLU C 51 -25.77 54.52 -35.59
C GLU C 51 -24.74 54.95 -36.64
N ALA C 52 -23.48 54.54 -36.48
CA ALA C 52 -22.45 54.85 -37.47
C ALA C 52 -22.56 54.00 -38.72
N ALA C 53 -23.23 52.85 -38.64
CA ALA C 53 -23.35 51.98 -39.80
C ALA C 53 -24.21 52.62 -40.88
N ASN C 54 -23.81 52.44 -42.13
CA ASN C 54 -24.55 52.96 -43.27
C ASN C 54 -25.69 52.00 -43.60
N GLY C 55 -26.92 52.41 -43.29
CA GLY C 55 -28.06 51.55 -43.53
C GLY C 55 -29.31 52.32 -43.94
N ILE C 56 -30.44 51.60 -44.01
CA ILE C 56 -31.72 52.17 -44.37
C ILE C 56 -32.60 52.21 -43.13
N VAL C 57 -33.34 53.31 -42.96
CA VAL C 57 -34.20 53.52 -41.81
C VAL C 57 -35.65 53.58 -42.28
N VAL C 58 -36.51 52.76 -41.67
CA VAL C 58 -37.93 52.71 -41.99
C VAL C 58 -38.72 52.63 -40.70
N ASP C 59 -40.01 52.95 -40.80
CA ASP C 59 -40.92 52.77 -39.66
C ASP C 59 -41.17 51.28 -39.43
N ALA C 60 -41.35 50.93 -38.16
CA ALA C 60 -41.58 49.55 -37.77
C ALA C 60 -42.78 49.46 -36.85
N VAL C 61 -43.38 48.28 -36.81
CA VAL C 61 -44.50 47.96 -35.93
C VAL C 61 -44.11 46.81 -35.02
N VAL C 62 -44.23 47.01 -33.72
CA VAL C 62 -43.94 45.99 -32.72
C VAL C 62 -45.26 45.62 -32.05
N PRO C 63 -45.62 44.32 -31.96
CA PRO C 63 -44.89 43.14 -32.46
C PRO C 63 -44.89 43.08 -33.99
N GLY C 64 -43.83 42.56 -34.59
CA GLY C 64 -43.77 42.49 -36.04
C GLY C 64 -42.50 41.80 -36.47
N ASN C 65 -42.50 41.39 -37.74
CA ASN C 65 -41.31 40.88 -38.40
C ASN C 65 -40.74 41.95 -39.32
N VAL C 66 -39.41 41.97 -39.42
CA VAL C 66 -38.74 43.01 -40.19
C VAL C 66 -39.13 42.98 -41.66
N GLU C 67 -39.60 41.84 -42.17
CA GLU C 67 -40.07 41.79 -43.55
C GLU C 67 -41.39 42.52 -43.72
N ILE C 68 -42.25 42.49 -42.70
CA ILE C 68 -43.50 43.24 -42.76
C ILE C 68 -43.21 44.74 -42.78
N ASP C 69 -42.24 45.19 -41.99
CA ASP C 69 -41.87 46.60 -42.00
C ASP C 69 -41.31 47.02 -43.36
N MET C 70 -40.53 46.14 -43.99
CA MET C 70 -39.94 46.47 -45.28
C MET C 70 -40.95 46.43 -46.41
N GLU C 71 -41.93 45.52 -46.35
CA GLU C 71 -42.95 45.49 -47.39
C GLU C 71 -43.87 46.71 -47.28
N ALA C 72 -44.08 47.21 -46.07
CA ALA C 72 -44.93 48.40 -45.89
C ALA C 72 -44.22 49.65 -46.38
N ALA C 73 -42.91 49.58 -46.59
CA ALA C 73 -42.13 50.77 -47.01
C ALA C 73 -41.79 50.65 -48.49
N GLY C 74 -42.28 49.59 -49.12
CA GLY C 74 -42.07 49.32 -50.54
C GLY C 74 -40.66 48.82 -50.86
N LEU C 75 -40.00 48.17 -49.89
CA LEU C 75 -38.59 47.77 -50.12
C LEU C 75 -38.52 46.30 -50.57
N VAL C 76 -39.57 45.51 -50.31
CA VAL C 76 -39.59 44.12 -50.75
C VAL C 76 -40.97 43.80 -51.30
N GLU C 77 -41.03 42.78 -52.15
CA GLU C 77 -42.26 42.33 -52.74
C GLU C 77 -42.91 41.24 -51.88
N ASP C 78 -44.19 40.97 -52.16
CA ASP C 78 -44.99 40.01 -51.40
C ASP C 78 -44.34 38.63 -51.44
N PRO C 79 -43.84 38.14 -50.31
CA PRO C 79 -43.16 36.83 -50.30
C PRO C 79 -44.10 35.67 -50.58
N MET C 80 -45.41 35.85 -50.41
CA MET C 80 -46.37 34.77 -50.61
C MET C 80 -46.66 34.48 -52.08
N VAL C 81 -46.18 35.32 -52.99
CA VAL C 81 -46.56 35.27 -54.41
C VAL C 81 -45.37 34.80 -55.22
N GLY C 82 -45.57 33.73 -56.00
CA GLY C 82 -44.59 33.32 -56.98
C GLY C 82 -43.27 32.91 -56.35
N ASN C 83 -42.19 33.46 -56.90
CA ASN C 83 -40.84 33.16 -56.44
C ASN C 83 -40.24 34.30 -55.60
N ASN C 84 -41.08 35.20 -55.10
CA ASN C 84 -40.57 36.34 -54.34
C ASN C 84 -40.00 35.93 -52.99
N ILE C 85 -40.30 34.71 -52.52
CA ILE C 85 -39.72 34.24 -51.27
C ILE C 85 -38.20 34.24 -51.34
N TYR C 86 -37.65 33.90 -52.52
CA TYR C 86 -36.20 33.84 -52.67
C TYR C 86 -35.57 35.21 -52.73
N LYS C 87 -36.35 36.27 -52.97
CA LYS C 87 -35.78 37.62 -53.01
C LYS C 87 -35.43 38.12 -51.61
N LEU C 88 -35.93 37.47 -50.56
CA LEU C 88 -35.58 37.83 -49.19
C LEU C 88 -34.24 37.25 -48.75
N ARG C 89 -33.61 36.44 -49.60
CA ARG C 89 -32.34 35.79 -49.26
C ARG C 89 -31.27 36.73 -48.72
N PRO C 90 -30.99 37.89 -49.32
CA PRO C 90 -29.89 38.73 -48.82
C PRO C 90 -30.06 39.19 -47.38
N TYR C 91 -31.29 39.27 -46.87
CA TYR C 91 -31.52 39.82 -45.54
C TYR C 91 -31.16 38.87 -44.42
N GLU C 92 -30.92 37.59 -44.72
CA GLU C 92 -30.47 36.67 -43.69
C GLU C 92 -29.12 37.07 -43.11
N GLY C 93 -28.33 37.83 -43.86
CA GLY C 93 -27.06 38.30 -43.36
C GLY C 93 -27.09 39.77 -42.95
N TYR C 94 -28.28 40.25 -42.60
CA TYR C 94 -28.48 41.64 -42.18
C TYR C 94 -28.61 41.72 -40.66
N GLN C 95 -28.34 42.92 -40.15
CA GLN C 95 -28.62 43.25 -38.76
C GLN C 95 -29.85 44.16 -38.70
N TRP C 96 -30.46 44.21 -37.51
CA TRP C 96 -31.72 44.91 -37.33
C TRP C 96 -31.67 45.70 -36.03
N TYR C 97 -31.91 47.00 -36.10
CA TYR C 97 -31.73 47.92 -34.99
C TYR C 97 -33.07 48.58 -34.68
N TYR C 98 -33.77 48.06 -33.67
CA TYR C 98 -34.98 48.68 -33.16
C TYR C 98 -34.63 49.82 -32.23
N SER C 99 -35.48 50.86 -32.24
CA SER C 99 -35.21 52.05 -31.46
C SER C 99 -36.51 52.79 -31.21
N ARG C 100 -36.73 53.21 -29.97
CA ARG C 100 -37.86 54.05 -29.61
C ARG C 100 -37.58 54.70 -28.27
N THR C 101 -38.45 55.64 -27.89
CA THR C 101 -38.41 56.27 -26.59
C THR C 101 -39.69 55.96 -25.82
N PHE C 102 -39.57 55.94 -24.50
CA PHE C 102 -40.73 55.70 -23.64
C PHE C 102 -40.63 56.57 -22.41
N ALA C 103 -41.74 56.65 -21.68
CA ALA C 103 -41.82 57.37 -20.43
C ALA C 103 -41.83 56.39 -19.27
N ALA C 104 -40.93 56.58 -18.32
CA ALA C 104 -40.86 55.68 -17.18
C ALA C 104 -41.87 56.08 -16.11
N PRO C 105 -42.66 55.14 -15.59
CA PRO C 105 -43.63 55.49 -14.54
C PRO C 105 -42.92 55.76 -13.23
N VAL C 106 -43.66 56.35 -12.30
CA VAL C 106 -43.12 56.58 -10.97
C VAL C 106 -43.00 55.25 -10.25
N VAL C 107 -41.90 55.08 -9.52
CA VAL C 107 -41.57 53.81 -8.86
C VAL C 107 -41.29 54.12 -7.41
N THR C 108 -42.18 53.69 -6.52
CA THR C 108 -42.02 53.94 -5.10
C THR C 108 -40.95 53.02 -4.52
N GLU C 109 -40.62 53.26 -3.25
CA GLU C 109 -39.51 52.57 -2.61
C GLU C 109 -39.79 51.08 -2.49
N GLY C 110 -38.88 50.26 -3.00
CA GLY C 110 -39.00 48.82 -2.97
C GLY C 110 -39.58 48.21 -4.23
N GLN C 111 -40.27 49.01 -5.04
CA GLN C 111 -40.82 48.49 -6.28
C GLN C 111 -39.72 48.22 -7.30
N ARG C 112 -40.05 47.42 -8.30
CA ARG C 112 -39.13 47.07 -9.37
C ARG C 112 -39.79 47.27 -10.72
N LEU C 113 -39.04 47.85 -11.65
CA LEU C 113 -39.49 48.07 -13.02
C LEU C 113 -38.88 47.00 -13.91
N VAL C 114 -39.72 46.25 -14.61
CA VAL C 114 -39.30 45.10 -15.41
C VAL C 114 -39.60 45.39 -16.87
N LEU C 115 -38.58 45.30 -17.72
CA LEU C 115 -38.74 45.39 -19.16
C LEU C 115 -39.00 43.98 -19.70
N HIS C 116 -40.22 43.73 -20.15
CA HIS C 116 -40.65 42.42 -20.59
C HIS C 116 -40.62 42.33 -22.10
N PHE C 117 -39.99 41.28 -22.62
CA PHE C 117 -40.01 40.93 -24.04
C PHE C 117 -40.69 39.58 -24.18
N GLY C 118 -41.75 39.53 -24.98
CA GLY C 118 -42.39 38.25 -25.27
C GLY C 118 -41.66 37.45 -26.33
N GLY C 119 -40.95 38.13 -27.23
CA GLY C 119 -40.25 37.46 -28.29
C GLY C 119 -39.17 38.29 -28.96
N ILE C 120 -37.91 37.94 -28.70
CA ILE C 120 -36.76 38.52 -29.38
C ILE C 120 -36.20 37.48 -30.34
N ASP C 121 -36.05 37.86 -31.61
CA ASP C 121 -35.64 36.95 -32.67
C ASP C 121 -34.43 37.57 -33.38
N THR C 122 -33.23 37.16 -32.99
CA THR C 122 -33.00 36.25 -31.88
C THR C 122 -31.85 36.76 -31.01
N PHE C 123 -30.66 36.81 -31.62
CA PHE C 123 -29.46 37.26 -30.93
C PHE C 123 -29.44 38.78 -30.92
N ALA C 124 -29.64 39.37 -29.73
CA ALA C 124 -29.79 40.82 -29.65
C ALA C 124 -29.18 41.35 -28.37
N GLU C 125 -28.70 42.58 -28.44
CA GLU C 125 -28.26 43.33 -27.27
C GLU C 125 -29.29 44.41 -26.97
N VAL C 126 -29.72 44.49 -25.71
CA VAL C 126 -30.79 45.38 -25.29
C VAL C 126 -30.18 46.49 -24.44
N TYR C 127 -30.48 47.74 -24.81
CA TYR C 127 -29.97 48.91 -24.11
C TYR C 127 -31.12 49.77 -23.61
N VAL C 128 -30.97 50.31 -22.41
CA VAL C 128 -31.87 51.32 -21.86
C VAL C 128 -31.03 52.52 -21.45
N ASN C 129 -31.27 53.66 -22.08
CA ASN C 129 -30.51 54.88 -21.81
C ASN C 129 -29.01 54.65 -21.96
N GLY C 130 -28.63 53.89 -22.99
CA GLY C 130 -27.25 53.62 -23.29
C GLY C 130 -26.59 52.57 -22.44
N ILE C 131 -27.31 51.96 -21.49
CA ILE C 131 -26.76 50.96 -20.59
C ILE C 131 -27.30 49.60 -21.00
N LYS C 132 -26.40 48.66 -21.28
CA LYS C 132 -26.82 47.31 -21.63
C LYS C 132 -27.52 46.65 -20.46
N VAL C 133 -28.70 46.10 -20.71
CA VAL C 133 -29.49 45.43 -19.67
C VAL C 133 -29.68 43.95 -19.93
N GLY C 134 -29.32 43.45 -21.11
CA GLY C 134 -29.47 42.04 -21.39
C GLY C 134 -28.94 41.69 -22.75
N SER C 135 -28.57 40.42 -22.89
CA SER C 135 -28.13 39.83 -24.15
C SER C 135 -29.04 38.63 -24.43
N ALA C 136 -29.96 38.80 -25.36
CA ALA C 136 -30.91 37.75 -25.69
C ALA C 136 -30.31 36.78 -26.69
N ASP C 137 -30.72 35.50 -26.58
CA ASP C 137 -30.20 34.49 -27.49
C ASP C 137 -31.14 33.30 -27.69
N ASN C 138 -32.43 33.45 -27.39
CA ASN C 138 -33.40 32.37 -27.57
C ASN C 138 -34.69 32.95 -28.13
N MET C 139 -35.05 32.52 -29.33
CA MET C 139 -36.24 33.03 -30.01
C MET C 139 -37.54 32.61 -29.33
N LEU C 140 -37.53 31.51 -28.59
CA LEU C 140 -38.75 30.82 -28.20
C LEU C 140 -39.25 31.14 -26.79
N ILE C 141 -38.49 31.89 -26.00
CA ILE C 141 -38.84 32.13 -24.60
C ILE C 141 -38.91 33.63 -24.35
N GLU C 142 -39.47 33.99 -23.20
CA GLU C 142 -39.57 35.37 -22.78
C GLU C 142 -38.27 35.84 -22.15
N HIS C 143 -38.09 37.16 -22.12
CA HIS C 143 -36.89 37.77 -21.56
C HIS C 143 -37.32 38.97 -20.70
N ASP C 144 -36.95 38.94 -19.42
CA ASP C 144 -37.30 40.00 -18.48
C ASP C 144 -36.02 40.61 -17.93
N TYR C 145 -35.96 41.94 -17.90
CA TYR C 145 -34.80 42.66 -17.41
C TYR C 145 -35.23 43.68 -16.37
N ASP C 146 -34.49 43.72 -15.26
CA ASP C 146 -34.75 44.69 -14.20
C ASP C 146 -34.06 46.00 -14.56
N ILE C 147 -34.84 47.01 -14.91
CA ILE C 147 -34.29 48.30 -15.36
C ILE C 147 -34.63 49.39 -14.34
N THR C 148 -34.88 49.00 -13.09
CA THR C 148 -35.29 49.96 -12.07
C THR C 148 -34.23 51.01 -11.87
N SER C 149 -32.95 50.64 -11.97
CA SER C 149 -31.87 51.59 -11.65
C SER C 149 -31.36 52.36 -12.87
N VAL C 150 -31.80 52.02 -14.08
CA VAL C 150 -31.22 52.67 -15.29
C VAL C 150 -32.19 53.69 -15.90
N VAL C 151 -33.47 53.62 -15.53
CA VAL C 151 -34.42 54.55 -16.13
C VAL C 151 -34.24 55.93 -15.53
N LYS C 152 -34.54 56.95 -16.31
CA LYS C 152 -34.43 58.34 -15.87
C LYS C 152 -35.75 59.05 -16.14
N GLU C 153 -35.87 60.24 -15.55
CA GLU C 153 -37.05 61.07 -15.77
C GLU C 153 -37.05 61.61 -17.19
N GLY C 154 -38.23 61.65 -17.79
CA GLY C 154 -38.40 62.21 -19.12
C GLY C 154 -38.33 61.15 -20.20
N GLU C 155 -37.50 61.39 -21.22
CA GLU C 155 -37.44 60.56 -22.41
C GLU C 155 -36.40 59.46 -22.23
N ASN C 156 -36.83 58.21 -22.21
CA ASN C 156 -35.94 57.06 -22.03
C ASN C 156 -35.73 56.35 -23.36
N ARG C 157 -34.47 56.20 -23.76
CA ARG C 157 -34.15 55.50 -24.99
C ARG C 157 -34.14 53.99 -24.78
N LEU C 158 -34.75 53.27 -25.71
CA LEU C 158 -34.76 51.81 -25.71
C LEU C 158 -34.26 51.33 -27.07
N ASP C 159 -33.14 50.61 -27.07
CA ASP C 159 -32.46 50.20 -28.29
C ASP C 159 -32.21 48.70 -28.26
N VAL C 160 -32.54 48.02 -29.36
CA VAL C 160 -32.30 46.59 -29.50
C VAL C 160 -31.54 46.37 -30.80
N ILE C 161 -30.41 45.69 -30.71
CA ILE C 161 -29.51 45.48 -31.85
C ILE C 161 -29.39 43.99 -32.10
N ILE C 162 -30.01 43.52 -33.18
CA ILE C 162 -30.09 42.10 -33.50
C ILE C 162 -29.04 41.75 -34.54
N ARG C 163 -28.36 40.61 -34.33
CA ARG C 163 -27.35 40.11 -35.25
C ARG C 163 -27.97 39.08 -36.19
N SER C 164 -27.14 38.58 -37.11
CA SER C 164 -27.56 37.57 -38.08
C SER C 164 -27.66 36.21 -37.40
N SER C 165 -28.85 35.61 -37.44
CA SER C 165 -29.00 34.27 -36.89
C SER C 165 -28.21 33.25 -37.69
N VAL C 166 -28.18 33.40 -39.02
CA VAL C 166 -27.45 32.45 -39.86
C VAL C 166 -25.96 32.47 -39.52
N MET C 167 -25.38 33.66 -39.42
CA MET C 167 -23.94 33.77 -39.16
C MET C 167 -23.57 33.31 -37.76
N GLU C 168 -24.52 33.29 -36.83
CA GLU C 168 -24.23 32.79 -35.48
C GLU C 168 -23.87 31.31 -35.49
N ALA C 169 -24.40 30.55 -36.47
CA ALA C 169 -24.17 29.12 -36.51
C ALA C 169 -22.69 28.79 -36.70
N GLN C 170 -21.93 29.69 -37.32
CA GLN C 170 -20.50 29.45 -37.56
C GLN C 170 -19.64 29.78 -36.35
N ASN C 171 -20.24 30.06 -35.19
CA ASN C 171 -19.51 30.13 -33.94
C ASN C 171 -19.38 28.77 -33.27
N HIS C 172 -19.81 27.70 -33.95
CA HIS C 172 -19.90 26.38 -33.35
C HIS C 172 -19.36 25.33 -34.30
N PHE C 173 -18.57 24.40 -33.75
CA PHE C 173 -18.12 23.23 -34.48
C PHE C 173 -19.17 22.14 -34.31
N LEU C 174 -19.69 21.63 -35.42
CA LEU C 174 -20.79 20.68 -35.40
C LEU C 174 -20.28 19.25 -35.31
N GLY C 175 -21.00 18.43 -34.57
CA GLY C 175 -20.77 17.00 -34.58
C GLY C 175 -21.33 16.37 -35.85
N THR C 176 -20.97 15.10 -36.05
CA THR C 176 -21.31 14.43 -37.31
C THR C 176 -22.82 14.23 -37.44
N LEU C 177 -23.49 13.89 -36.34
CA LEU C 177 -24.93 13.61 -36.40
C LEU C 177 -25.77 14.86 -36.58
N SER C 178 -25.17 16.05 -36.56
CA SER C 178 -25.89 17.28 -36.80
C SER C 178 -25.79 17.76 -38.25
N ILE C 179 -24.98 17.10 -39.07
CA ILE C 179 -24.78 17.46 -40.47
C ILE C 179 -25.53 16.43 -41.32
N GLY C 180 -26.29 16.92 -42.30
CA GLY C 180 -26.97 16.06 -43.24
C GLY C 180 -28.41 15.71 -42.89
N ASN C 181 -28.95 16.26 -41.82
CA ASN C 181 -30.34 15.99 -41.46
C ASN C 181 -31.27 16.88 -42.28
N PHE C 182 -32.58 16.58 -42.17
CA PHE C 182 -33.57 17.42 -42.84
C PHE C 182 -33.50 18.85 -42.32
N SER C 183 -33.46 19.02 -40.99
CA SER C 183 -33.29 20.35 -40.41
C SER C 183 -31.94 20.92 -40.81
N ASN C 184 -31.87 22.24 -40.88
CA ASN C 184 -30.69 22.92 -41.38
C ASN C 184 -29.54 22.86 -40.38
N GLU C 185 -28.31 22.78 -40.90
CA GLU C 185 -27.14 22.86 -40.04
C GLU C 185 -27.08 24.18 -39.31
N GLU C 186 -27.59 25.26 -39.92
CA GLU C 186 -27.70 26.54 -39.25
C GLU C 186 -28.63 26.48 -38.05
N SER C 187 -29.54 25.50 -38.02
CA SER C 187 -30.50 25.36 -36.93
C SER C 187 -29.94 24.60 -35.74
N ALA C 188 -28.93 23.76 -35.95
CA ALA C 188 -28.47 22.85 -34.89
C ALA C 188 -27.93 23.58 -33.66
N PRO C 189 -27.05 24.58 -33.76
CA PRO C 189 -26.48 25.17 -32.55
C PRO C 189 -27.24 26.37 -31.98
N VAL C 190 -28.35 26.78 -32.60
CA VAL C 190 -29.08 27.95 -32.16
C VAL C 190 -30.45 27.51 -31.63
N ARG C 191 -31.04 28.36 -30.80
CA ARG C 191 -32.33 28.07 -30.18
C ARG C 191 -33.40 28.88 -30.91
N ARG C 192 -33.79 28.38 -32.08
CA ARG C 192 -34.83 28.97 -32.90
C ARG C 192 -35.75 27.87 -33.40
N ALA C 193 -36.87 28.27 -33.97
CA ALA C 193 -37.78 27.31 -34.59
C ALA C 193 -37.11 26.74 -35.82
N PRO C 194 -36.88 25.42 -35.89
CA PRO C 194 -36.15 24.87 -37.05
C PRO C 194 -36.83 25.11 -38.39
N SER C 195 -38.15 25.27 -38.41
CA SER C 195 -38.86 25.45 -39.67
C SER C 195 -38.56 26.79 -40.34
N THR C 196 -38.03 27.76 -39.59
CA THR C 196 -37.73 29.06 -40.18
C THR C 196 -36.63 28.98 -41.24
N TYR C 197 -35.79 27.95 -41.18
CA TYR C 197 -34.77 27.74 -42.21
C TYR C 197 -35.30 26.97 -43.41
N GLY C 198 -36.58 26.61 -43.39
CA GLY C 198 -37.18 25.88 -44.49
C GLY C 198 -37.55 24.46 -44.10
N TRP C 199 -38.61 23.96 -44.72
CA TRP C 199 -39.04 22.58 -44.55
C TRP C 199 -39.84 22.20 -45.80
N ASP C 200 -40.33 20.96 -45.84
CA ASP C 200 -41.18 20.58 -46.96
C ASP C 200 -42.58 21.17 -46.86
N ILE C 201 -42.95 21.74 -45.70
CA ILE C 201 -44.27 22.32 -45.51
C ILE C 201 -44.20 23.78 -45.06
N MET C 202 -43.01 24.37 -44.96
CA MET C 202 -42.86 25.78 -44.64
C MET C 202 -41.72 26.34 -45.49
N PRO C 203 -41.83 27.58 -45.94
CA PRO C 203 -40.76 28.17 -46.75
C PRO C 203 -39.56 28.51 -45.88
N ARG C 204 -38.46 28.84 -46.55
CA ARG C 204 -37.30 29.38 -45.85
C ARG C 204 -37.50 30.87 -45.66
N LEU C 205 -37.66 31.29 -44.41
CA LEU C 205 -37.86 32.71 -44.07
C LEU C 205 -37.31 32.90 -42.66
N VAL C 206 -36.00 33.14 -42.57
CA VAL C 206 -35.34 33.25 -41.27
C VAL C 206 -35.94 34.40 -40.47
N SER C 207 -35.98 35.60 -41.06
CA SER C 207 -36.58 36.78 -40.45
C SER C 207 -35.86 37.18 -39.17
N ALA C 208 -36.38 38.19 -38.49
CA ALA C 208 -35.87 38.70 -37.22
C ALA C 208 -36.88 39.71 -36.70
N GLY C 209 -36.68 40.14 -35.47
CA GLY C 209 -37.44 41.25 -34.91
C GLY C 209 -38.10 40.90 -33.60
N LEU C 210 -38.85 41.87 -33.08
CA LEU C 210 -39.59 41.73 -31.84
C LEU C 210 -40.98 41.24 -32.19
N TRP C 211 -41.15 39.91 -32.15
CA TRP C 211 -42.35 39.28 -32.70
C TRP C 211 -43.44 39.03 -31.66
N ARG C 212 -43.24 39.44 -30.41
CA ARG C 212 -44.29 39.38 -29.39
C ARG C 212 -44.24 40.65 -28.56
N ASP C 213 -45.20 40.78 -27.65
CA ASP C 213 -45.42 42.03 -26.95
C ASP C 213 -44.20 42.47 -26.16
N VAL C 214 -44.03 43.78 -26.05
CA VAL C 214 -43.03 44.41 -25.19
C VAL C 214 -43.77 45.30 -24.22
N THR C 215 -43.51 45.13 -22.92
CA THR C 215 -44.24 45.86 -21.90
C THR C 215 -43.32 46.26 -20.76
N LEU C 216 -43.70 47.32 -20.05
CA LEU C 216 -43.09 47.71 -18.79
C LEU C 216 -44.01 47.29 -17.65
N ARG C 217 -43.46 46.57 -16.69
CA ARG C 217 -44.21 46.08 -15.55
C ARG C 217 -43.63 46.67 -14.26
N VAL C 218 -44.51 47.01 -13.33
CA VAL C 218 -44.12 47.48 -12.00
C VAL C 218 -44.57 46.44 -10.99
N GLU C 219 -43.63 45.96 -10.19
CA GLU C 219 -43.90 44.95 -9.17
C GLU C 219 -43.71 45.55 -7.78
N ASN C 220 -44.57 45.17 -6.86
CA ASN C 220 -44.40 45.55 -5.46
C ASN C 220 -43.32 44.69 -4.82
N PRO C 221 -42.75 45.14 -3.70
CA PRO C 221 -41.84 44.27 -2.95
C PRO C 221 -42.47 42.95 -2.57
N VAL C 222 -43.78 42.94 -2.33
CA VAL C 222 -44.54 41.73 -2.07
C VAL C 222 -45.25 41.36 -3.38
N THR C 223 -44.76 40.32 -4.04
CA THR C 223 -45.32 39.93 -5.32
C THR C 223 -45.27 38.42 -5.47
N ILE C 224 -46.09 37.91 -6.38
CA ILE C 224 -46.17 36.47 -6.64
C ILE C 224 -45.18 36.13 -7.75
N VAL C 225 -44.20 35.28 -7.42
CA VAL C 225 -43.23 34.85 -8.43
C VAL C 225 -43.84 33.77 -9.34
N ASP C 226 -44.55 32.82 -8.75
CA ASP C 226 -45.17 31.76 -9.54
C ASP C 226 -46.32 31.14 -8.76
N ALA C 227 -47.42 30.89 -9.45
CA ALA C 227 -48.59 30.19 -8.90
C ALA C 227 -48.75 28.91 -9.70
N ASN C 228 -48.45 27.77 -9.08
CA ASN C 228 -48.42 26.48 -9.75
C ASN C 228 -49.62 25.66 -9.28
N TRP C 229 -50.58 25.42 -10.17
CA TRP C 229 -51.78 24.67 -9.85
C TRP C 229 -51.63 23.23 -10.31
N VAL C 230 -51.91 22.29 -9.40
CA VAL C 230 -51.74 20.86 -9.66
C VAL C 230 -52.97 20.13 -9.16
N THR C 231 -53.52 19.25 -9.99
CA THR C 231 -54.66 18.42 -9.59
C THR C 231 -54.14 17.09 -9.06
N LEU C 232 -54.24 16.90 -7.75
CA LEU C 232 -53.82 15.65 -7.15
C LEU C 232 -54.79 14.53 -7.50
N SER C 233 -56.09 14.75 -7.29
CA SER C 233 -57.09 13.73 -7.53
C SER C 233 -58.37 14.41 -8.00
N VAL C 234 -59.22 13.62 -8.65
CA VAL C 234 -60.52 14.09 -9.10
C VAL C 234 -61.49 12.92 -9.05
N ASN C 235 -62.73 13.21 -8.62
CA ASN C 235 -63.81 12.24 -8.60
C ASN C 235 -64.98 12.89 -9.33
N PRO C 236 -65.05 12.71 -10.65
CA PRO C 236 -66.12 13.39 -11.41
C PRO C 236 -67.52 12.95 -11.01
N LYS C 237 -67.67 11.72 -10.51
CA LYS C 237 -68.99 11.22 -10.15
C LYS C 237 -69.52 11.93 -8.90
N ALA C 238 -68.65 12.17 -7.92
CA ALA C 238 -69.03 12.89 -6.71
C ALA C 238 -68.83 14.40 -6.84
N ARG C 239 -68.37 14.87 -7.99
CA ARG C 239 -68.12 16.30 -8.22
C ARG C 239 -67.17 16.87 -7.18
N GLU C 240 -66.08 16.15 -6.94
CA GLU C 240 -65.06 16.54 -5.97
C GLU C 240 -63.70 16.51 -6.62
N ALA C 241 -62.76 17.22 -6.01
CA ALA C 241 -61.39 17.30 -6.53
C ALA C 241 -60.46 17.76 -5.42
N SER C 242 -59.19 17.41 -5.55
CA SER C 242 -58.14 17.84 -4.63
C SER C 242 -57.10 18.61 -5.44
N GLU C 243 -57.02 19.92 -5.20
CA GLU C 243 -56.15 20.81 -5.96
C GLU C 243 -55.06 21.36 -5.04
N SER C 244 -53.82 21.30 -5.50
CA SER C 244 -52.69 21.87 -4.78
C SER C 244 -52.25 23.16 -5.45
N LEU C 245 -51.76 24.09 -4.62
CA LEU C 245 -51.22 25.37 -5.08
C LEU C 245 -49.80 25.51 -4.54
N TYR C 246 -48.81 25.37 -5.42
CA TYR C 246 -47.42 25.60 -5.07
C TYR C 246 -47.14 27.08 -5.33
N LEU C 247 -47.13 27.87 -4.25
CA LEU C 247 -47.00 29.32 -4.35
C LEU C 247 -45.59 29.75 -3.97
N GLN C 248 -44.94 30.50 -4.84
CA GLN C 248 -43.65 31.12 -4.56
C GLN C 248 -43.80 32.63 -4.70
N THR C 249 -43.34 33.36 -3.69
CA THR C 249 -43.52 34.81 -3.64
C THR C 249 -42.19 35.49 -3.29
N ARG C 250 -42.11 36.77 -3.65
CA ARG C 250 -41.10 37.67 -3.12
C ARG C 250 -41.69 38.36 -1.89
N LEU C 251 -41.00 38.27 -0.76
CA LEU C 251 -41.56 38.69 0.52
C LEU C 251 -40.43 39.26 1.38
N PRO C 252 -40.32 40.58 1.50
CA PRO C 252 -39.35 41.15 2.43
C PRO C 252 -39.61 40.63 3.84
N PHE C 253 -38.54 40.54 4.63
CA PHE C 253 -38.71 39.94 5.95
C PHE C 253 -39.59 40.79 6.86
N GLU C 254 -39.60 42.11 6.67
CA GLU C 254 -40.52 42.95 7.43
C GLU C 254 -41.96 42.57 7.18
N MET C 255 -42.26 42.09 5.97
CA MET C 255 -43.63 41.72 5.60
C MET C 255 -43.97 40.28 5.98
N HIS C 256 -43.01 39.51 6.48
CA HIS C 256 -43.33 38.21 7.05
C HIS C 256 -44.28 38.38 8.23
N ASP C 257 -45.27 37.50 8.31
CA ASP C 257 -46.33 37.48 9.32
C ASP C 257 -47.26 38.68 9.20
N LYS C 258 -47.08 39.55 8.21
CA LYS C 258 -47.95 40.69 8.00
C LYS C 258 -48.71 40.63 6.68
N VAL C 259 -48.47 39.60 5.87
CA VAL C 259 -49.18 39.39 4.62
C VAL C 259 -49.94 38.07 4.73
N LYS C 260 -51.10 38.01 4.10
CA LYS C 260 -51.88 36.79 4.00
C LYS C 260 -52.14 36.46 2.54
N ALA C 261 -52.21 35.17 2.23
CA ALA C 261 -52.56 34.70 0.90
C ALA C 261 -54.06 34.40 0.88
N VAL C 262 -54.75 34.93 -0.12
CA VAL C 262 -56.19 34.75 -0.27
C VAL C 262 -56.44 33.98 -1.56
N ILE C 263 -57.00 32.78 -1.44
CA ILE C 263 -57.19 31.87 -2.55
C ILE C 263 -58.67 31.73 -2.81
N THR C 264 -59.09 32.00 -4.05
CA THR C 264 -60.50 31.96 -4.42
C THR C 264 -60.66 31.12 -5.67
N ILE C 265 -61.49 30.09 -5.59
CA ILE C 265 -61.96 29.33 -6.75
C ILE C 265 -63.40 29.75 -7.02
N SER C 266 -63.69 30.11 -8.27
CA SER C 266 -65.01 30.64 -8.60
C SER C 266 -65.41 30.22 -10.01
N ARG C 267 -66.62 30.60 -10.40
CA ARG C 267 -67.13 30.32 -11.73
C ARG C 267 -68.27 31.29 -12.02
N ASP C 268 -68.07 32.16 -13.03
CA ASP C 268 -69.11 33.09 -13.48
C ASP C 268 -69.63 33.96 -12.33
N GLY C 269 -68.73 34.31 -11.40
CA GLY C 269 -69.04 35.19 -10.30
C GLY C 269 -69.39 34.47 -9.01
N ARG C 270 -69.92 33.25 -9.09
CA ARG C 270 -70.24 32.50 -7.88
C ARG C 270 -68.97 31.92 -7.27
N GLN C 271 -68.78 32.16 -5.98
CA GLN C 271 -67.62 31.65 -5.26
C GLN C 271 -67.82 30.18 -4.92
N ILE C 272 -66.78 29.39 -5.14
CA ILE C 272 -66.81 27.96 -4.86
C ILE C 272 -66.03 27.62 -3.60
N LEU C 273 -64.84 28.19 -3.44
CA LEU C 273 -63.99 27.91 -2.28
C LEU C 273 -63.13 29.13 -2.00
N ARG C 274 -62.90 29.39 -0.71
CA ARG C 274 -62.04 30.49 -0.28
C ARG C 274 -61.20 30.03 0.89
N LYS C 275 -59.90 30.30 0.84
CA LYS C 275 -58.98 29.92 1.90
C LYS C 275 -58.00 31.05 2.15
N GLU C 276 -57.81 31.39 3.43
CA GLU C 276 -56.86 32.39 3.87
C GLU C 276 -55.76 31.72 4.68
N ALA C 277 -54.53 32.20 4.52
CA ALA C 277 -53.41 31.71 5.32
C ALA C 277 -52.38 32.82 5.49
N LEU C 278 -51.91 32.99 6.72
CA LEU C 278 -50.86 33.96 6.99
C LEU C 278 -49.56 33.52 6.32
N MET C 279 -48.96 34.40 5.54
CA MET C 279 -47.68 34.14 4.89
C MET C 279 -46.57 34.19 5.93
N ARG C 280 -46.10 33.02 6.34
CA ARG C 280 -44.99 32.92 7.27
C ARG C 280 -43.67 32.59 6.58
N LYS C 281 -43.70 32.22 5.30
CA LYS C 281 -42.50 31.96 4.53
C LYS C 281 -42.79 32.29 3.07
N PHE C 282 -41.73 32.38 2.27
CA PHE C 282 -41.87 32.86 0.91
C PHE C 282 -42.52 31.84 -0.01
N ALA C 283 -42.36 30.55 0.27
CA ALA C 283 -42.91 29.48 -0.55
C ALA C 283 -43.78 28.57 0.31
N ASN C 284 -44.92 28.17 -0.25
CA ASN C 284 -45.89 27.40 0.51
C ASN C 284 -46.63 26.44 -0.42
N LEU C 285 -47.12 25.35 0.15
CA LEU C 285 -48.01 24.42 -0.54
C LEU C 285 -49.37 24.47 0.15
N PHE C 286 -50.41 24.82 -0.60
CA PHE C 286 -51.76 24.87 -0.11
C PHE C 286 -52.56 23.74 -0.74
N THR C 287 -53.28 22.99 0.09
CA THR C 287 -54.14 21.91 -0.38
C THR C 287 -55.59 22.34 -0.27
N LEU C 288 -56.34 22.14 -1.34
CA LEU C 288 -57.73 22.57 -1.45
C LEU C 288 -58.60 21.35 -1.75
N ASN C 289 -59.44 20.96 -0.80
CA ASN C 289 -60.40 19.88 -1.02
C ASN C 289 -61.72 20.49 -1.45
N LEU C 290 -62.05 20.37 -2.73
CA LEU C 290 -63.15 21.08 -3.34
C LEU C 290 -64.36 20.17 -3.52
N SER C 291 -65.54 20.71 -3.23
CA SER C 291 -66.80 20.05 -3.49
C SER C 291 -67.61 20.86 -4.50
N GLY C 292 -68.51 20.18 -5.19
CA GLY C 292 -69.36 20.83 -6.18
C GLY C 292 -68.61 21.37 -7.38
N VAL C 293 -67.61 20.64 -7.86
CA VAL C 293 -66.84 21.05 -9.04
C VAL C 293 -66.87 19.92 -10.05
N ASP C 294 -66.87 20.29 -11.33
CA ASP C 294 -66.90 19.34 -12.42
C ASP C 294 -65.50 19.11 -12.96
N ALA C 295 -65.27 17.89 -13.45
CA ALA C 295 -63.96 17.53 -13.99
C ALA C 295 -63.81 18.05 -15.42
N TRP C 296 -62.56 18.30 -15.80
CA TRP C 296 -62.23 18.72 -17.15
C TRP C 296 -62.04 17.50 -18.03
N TRP C 297 -62.74 17.47 -19.15
CA TRP C 297 -62.69 16.35 -20.09
C TRP C 297 -62.37 16.85 -21.48
N PRO C 298 -61.69 16.04 -22.29
CA PRO C 298 -61.55 16.37 -23.71
C PRO C 298 -62.88 16.15 -24.44
N ARG C 299 -62.93 16.65 -25.68
CA ARG C 299 -64.17 16.64 -26.44
C ARG C 299 -64.73 15.23 -26.54
N GLY C 300 -66.05 15.12 -26.48
CA GLY C 300 -66.72 13.82 -26.51
C GLY C 300 -66.84 13.13 -25.17
N TYR C 301 -65.76 13.10 -24.39
CA TYR C 301 -65.74 12.41 -23.11
C TYR C 301 -66.37 13.21 -21.99
N GLY C 302 -66.79 14.44 -22.24
CA GLY C 302 -67.43 15.25 -21.21
C GLY C 302 -67.29 16.73 -21.55
N GLU C 303 -67.49 17.54 -20.53
CA GLU C 303 -67.41 18.97 -20.73
C GLU C 303 -66.05 19.50 -20.28
N PRO C 304 -65.51 20.51 -20.97
CA PRO C 304 -64.23 21.11 -20.57
C PRO C 304 -64.40 22.13 -19.45
N ALA C 305 -64.90 21.64 -18.31
CA ALA C 305 -65.22 22.52 -17.19
C ALA C 305 -63.97 23.20 -16.65
N LEU C 306 -63.96 24.52 -16.65
CA LEU C 306 -62.89 25.32 -16.10
C LEU C 306 -63.40 26.09 -14.90
N TYR C 307 -62.46 26.55 -14.07
CA TYR C 307 -62.78 27.37 -12.91
C TYR C 307 -61.72 28.45 -12.77
N THR C 308 -62.16 29.66 -12.45
CA THR C 308 -61.22 30.74 -12.22
C THR C 308 -60.55 30.55 -10.86
N ALA C 309 -59.22 30.44 -10.88
CA ALA C 309 -58.42 30.30 -9.67
C ALA C 309 -57.63 31.59 -9.48
N GLU C 310 -57.81 32.24 -8.34
CA GLU C 310 -57.13 33.48 -8.03
C GLU C 310 -56.40 33.36 -6.71
N VAL C 311 -55.18 33.89 -6.66
CA VAL C 311 -54.44 34.04 -5.43
C VAL C 311 -53.97 35.48 -5.34
N SER C 312 -54.12 36.08 -4.15
CA SER C 312 -53.72 37.46 -3.91
C SER C 312 -52.90 37.52 -2.63
N LEU C 313 -51.97 38.46 -2.59
CA LEU C 313 -51.20 38.75 -1.39
C LEU C 313 -51.76 40.03 -0.79
N VAL C 314 -52.27 39.93 0.44
CA VAL C 314 -53.03 41.01 1.08
C VAL C 314 -52.35 41.40 2.38
N ASP C 315 -52.24 42.71 2.61
CA ASP C 315 -51.75 43.21 3.88
C ASP C 315 -52.79 42.96 4.96
N VAL C 316 -52.39 42.30 6.04
CA VAL C 316 -53.34 41.89 7.07
C VAL C 316 -53.90 43.07 7.85
N THR C 317 -53.22 44.22 7.81
CA THR C 317 -53.64 45.39 8.59
C THR C 317 -54.42 46.40 7.74
N SER C 318 -53.87 46.81 6.61
CA SER C 318 -54.50 47.82 5.77
C SER C 318 -55.40 47.24 4.68
N GLY C 319 -55.25 45.96 4.36
CA GLY C 319 -56.04 45.35 3.30
C GLY C 319 -55.55 45.64 1.90
N LYS C 320 -54.39 46.27 1.75
CA LYS C 320 -53.86 46.57 0.43
C LYS C 320 -53.51 45.29 -0.32
N ILE C 321 -53.86 45.24 -1.61
CA ILE C 321 -53.54 44.12 -2.47
C ILE C 321 -52.16 44.38 -3.08
N TYR C 322 -51.18 43.54 -2.71
CA TYR C 322 -49.85 43.70 -3.27
C TYR C 322 -49.71 43.03 -4.64
N ASP C 323 -50.43 41.94 -4.88
CA ASP C 323 -50.35 41.27 -6.17
C ASP C 323 -51.53 40.32 -6.30
N THR C 324 -51.87 39.99 -7.54
CA THR C 324 -52.96 39.08 -7.84
C THR C 324 -52.61 38.29 -9.10
N LYS C 325 -52.71 36.97 -9.01
CA LYS C 325 -52.54 36.09 -10.15
C LYS C 325 -53.86 35.38 -10.42
N THR C 326 -54.31 35.41 -11.66
CA THR C 326 -55.61 34.86 -12.03
C THR C 326 -55.48 34.04 -13.30
N SER C 327 -56.07 32.85 -13.29
CA SER C 327 -56.11 32.00 -14.47
C SER C 327 -57.28 31.04 -14.33
N LYS C 328 -57.57 30.32 -15.40
CA LYS C 328 -58.59 29.28 -15.40
C LYS C 328 -57.90 27.92 -15.40
N ILE C 329 -58.24 27.08 -14.42
CA ILE C 329 -57.64 25.77 -14.27
C ILE C 329 -58.70 24.71 -14.51
N GLY C 330 -58.24 23.50 -14.76
CA GLY C 330 -59.12 22.36 -14.91
C GLY C 330 -58.73 21.23 -13.99
N PHE C 331 -59.74 20.54 -13.46
CA PHE C 331 -59.53 19.43 -12.53
C PHE C 331 -59.51 18.14 -13.34
N ARG C 332 -58.31 17.66 -13.67
CA ARG C 332 -58.17 16.46 -14.47
C ARG C 332 -56.83 15.82 -14.15
N THR C 333 -56.77 14.50 -14.34
CA THR C 333 -55.55 13.73 -14.20
C THR C 333 -55.23 13.04 -15.51
N VAL C 334 -53.94 13.03 -15.86
CA VAL C 334 -53.48 12.38 -17.09
C VAL C 334 -52.40 11.37 -16.73
N LYS C 335 -52.49 10.18 -17.33
CA LYS C 335 -51.50 9.14 -17.16
C LYS C 335 -51.26 8.48 -18.51
N LEU C 336 -50.00 8.16 -18.79
CA LEU C 336 -49.63 7.46 -20.03
C LEU C 336 -49.34 6.00 -19.67
N GLU C 337 -50.25 5.12 -20.08
CA GLU C 337 -50.12 3.69 -19.83
C GLU C 337 -49.43 3.05 -21.03
N LEU C 338 -48.24 2.52 -20.82
CA LEU C 338 -47.47 1.87 -21.87
C LEU C 338 -47.67 0.36 -21.83
N ASP C 339 -47.56 -0.26 -23.00
CA ASP C 339 -47.74 -1.70 -23.12
C ASP C 339 -46.38 -2.40 -23.16
N GLN C 346 -41.43 -1.11 -30.10
CA GLN C 346 -42.37 -0.55 -31.07
C GLN C 346 -42.90 0.81 -30.61
N PRO C 347 -42.82 1.81 -31.48
CA PRO C 347 -43.34 3.14 -31.13
C PRO C 347 -44.86 3.17 -31.19
N GLY C 348 -45.45 3.90 -30.25
CA GLY C 348 -46.89 4.04 -30.19
C GLY C 348 -47.60 3.06 -29.29
N GLN C 349 -46.87 2.27 -28.51
CA GLN C 349 -47.49 1.29 -27.62
C GLN C 349 -47.86 1.92 -26.28
N PHE C 350 -48.78 2.88 -26.34
CA PHE C 350 -49.23 3.58 -25.15
C PHE C 350 -50.65 4.10 -25.37
N GLN C 351 -51.28 4.52 -24.28
CA GLN C 351 -52.65 5.03 -24.31
C GLN C 351 -52.82 6.06 -23.21
N PHE C 352 -53.52 7.15 -23.54
CA PHE C 352 -53.78 8.20 -22.56
C PHE C 352 -54.93 7.81 -21.64
N ILE C 353 -54.79 8.13 -20.36
CA ILE C 353 -55.78 7.80 -19.33
C ILE C 353 -56.17 9.11 -18.67
N ILE C 354 -57.31 9.67 -19.05
CA ILE C 354 -57.80 10.94 -18.53
C ILE C 354 -58.86 10.65 -17.47
N ASN C 355 -58.60 11.09 -16.23
CA ASN C 355 -59.49 10.88 -15.10
C ASN C 355 -59.77 9.40 -14.86
N GLY C 356 -58.78 8.55 -15.14
CA GLY C 356 -58.94 7.12 -14.96
C GLY C 356 -59.67 6.42 -16.08
N GLU C 357 -59.97 7.10 -17.19
CA GLU C 357 -60.68 6.50 -18.30
C GLU C 357 -59.78 6.44 -19.52
N PRO C 358 -59.73 5.30 -20.22
CA PRO C 358 -58.92 5.21 -21.44
C PRO C 358 -59.60 5.96 -22.58
N VAL C 359 -58.94 6.99 -23.09
CA VAL C 359 -59.51 7.81 -24.14
C VAL C 359 -58.86 7.43 -25.47
N PHE C 360 -59.62 7.62 -26.55
CA PHE C 360 -59.13 7.42 -27.90
C PHE C 360 -58.78 8.78 -28.50
N ALA C 361 -57.54 8.91 -28.99
CA ALA C 361 -57.06 10.18 -29.50
C ALA C 361 -57.38 10.31 -30.99
N LYS C 362 -57.86 11.48 -31.37
CA LYS C 362 -58.14 11.80 -32.77
C LYS C 362 -57.92 13.29 -32.94
N GLY C 363 -56.89 13.65 -33.69
CA GLY C 363 -56.57 15.06 -33.84
C GLY C 363 -55.49 15.29 -34.87
N THR C 364 -54.97 16.51 -34.87
CA THR C 364 -54.06 16.98 -35.89
C THR C 364 -52.71 17.38 -35.28
N ASN C 365 -51.69 17.36 -36.14
CA ASN C 365 -50.43 17.98 -35.80
C ASN C 365 -50.49 19.47 -36.10
N TRP C 366 -49.86 20.26 -35.24
CA TRP C 366 -49.92 21.71 -35.27
C TRP C 366 -48.61 22.24 -35.83
N VAL C 367 -48.68 22.92 -36.97
CA VAL C 367 -47.49 23.42 -37.67
C VAL C 367 -47.44 24.92 -37.46
N PRO C 368 -46.41 25.63 -37.93
CA PRO C 368 -46.42 27.10 -37.81
C PRO C 368 -47.68 27.70 -38.40
N LEU C 369 -48.24 28.69 -37.71
CA LEU C 369 -49.38 29.43 -38.25
C LEU C 369 -48.95 30.43 -39.31
N ASP C 370 -47.68 30.82 -39.34
CA ASP C 370 -47.19 31.81 -40.28
C ASP C 370 -45.67 31.74 -40.29
N ALA C 371 -45.08 31.89 -41.47
CA ALA C 371 -43.63 32.03 -41.57
C ALA C 371 -43.16 33.31 -40.90
N LEU C 372 -44.02 34.33 -40.85
CA LEU C 372 -43.77 35.55 -40.08
C LEU C 372 -44.56 35.40 -38.78
N HIS C 373 -43.86 34.96 -37.72
CA HIS C 373 -44.52 34.47 -36.53
C HIS C 373 -45.13 35.56 -35.67
N SER C 374 -44.85 36.83 -35.94
CA SER C 374 -45.57 37.89 -35.23
C SER C 374 -47.02 37.97 -35.64
N ARG C 375 -47.41 37.33 -36.74
CA ARG C 375 -48.80 37.23 -37.15
C ARG C 375 -49.48 35.97 -36.64
N ASP C 376 -48.74 35.11 -35.92
CA ASP C 376 -49.33 33.90 -35.36
C ASP C 376 -50.54 34.22 -34.50
N ALA C 377 -50.41 35.21 -33.60
CA ALA C 377 -51.48 35.51 -32.66
C ALA C 377 -52.78 35.89 -33.37
N SER C 378 -52.69 36.53 -34.53
CA SER C 378 -53.91 36.91 -35.25
C SER C 378 -54.56 35.74 -35.96
N HIS C 379 -53.93 34.55 -35.98
CA HIS C 379 -54.49 33.37 -36.60
C HIS C 379 -55.02 32.35 -35.59
N VAL C 380 -54.69 32.50 -34.30
CA VAL C 380 -54.92 31.42 -33.34
C VAL C 380 -56.42 31.13 -33.19
N GLU C 381 -57.23 32.18 -33.06
CA GLU C 381 -58.66 31.97 -32.85
C GLU C 381 -59.28 31.18 -33.99
N GLU C 382 -59.06 31.60 -35.23
CA GLU C 382 -59.66 30.92 -36.37
C GLU C 382 -59.03 29.55 -36.58
N ALA C 383 -57.74 29.39 -36.29
CA ALA C 383 -57.08 28.10 -36.50
C ALA C 383 -57.56 27.06 -35.49
N VAL C 384 -57.77 27.48 -34.24
CA VAL C 384 -58.36 26.58 -33.25
C VAL C 384 -59.80 26.26 -33.64
N GLN C 385 -60.49 27.20 -34.29
CA GLN C 385 -61.87 26.94 -34.72
C GLN C 385 -61.93 25.84 -35.77
N LEU C 386 -60.86 25.66 -36.55
CA LEU C 386 -60.81 24.51 -37.44
C LEU C 386 -60.84 23.20 -36.68
N MET C 387 -60.23 23.17 -35.48
CA MET C 387 -60.14 21.93 -34.72
C MET C 387 -61.42 21.60 -33.97
N VAL C 388 -62.18 22.61 -33.54
CA VAL C 388 -63.46 22.31 -32.89
C VAL C 388 -64.50 21.89 -33.92
N GLU C 389 -64.48 22.52 -35.10
CA GLU C 389 -65.33 22.07 -36.19
C GLU C 389 -64.95 20.65 -36.62
N MET C 390 -63.65 20.35 -36.64
CA MET C 390 -63.20 19.00 -36.94
C MET C 390 -63.53 18.02 -35.82
N ASN C 391 -63.77 18.52 -34.61
CA ASN C 391 -64.00 17.70 -33.42
C ASN C 391 -62.74 16.90 -33.06
N CYS C 392 -61.60 17.56 -33.11
CA CYS C 392 -60.38 16.99 -32.55
C CYS C 392 -60.44 17.01 -31.03
N ASN C 393 -59.98 15.93 -30.40
CA ASN C 393 -59.82 15.91 -28.96
C ASN C 393 -58.37 15.99 -28.54
N ILE C 394 -57.43 16.06 -29.48
CA ILE C 394 -56.01 16.16 -29.18
C ILE C 394 -55.33 16.90 -30.32
N VAL C 395 -54.20 17.53 -30.01
CA VAL C 395 -53.39 18.23 -31.00
C VAL C 395 -51.94 18.16 -30.56
N ARG C 396 -51.04 17.87 -31.48
CA ARG C 396 -49.62 17.73 -31.21
C ARG C 396 -48.89 18.91 -31.85
N CYS C 397 -48.32 19.78 -31.02
CA CYS C 397 -47.54 20.91 -31.52
C CYS C 397 -46.17 20.41 -31.99
N TRP C 398 -45.90 20.59 -33.28
CA TRP C 398 -44.71 20.00 -33.90
C TRP C 398 -43.45 20.71 -33.44
N GLY C 399 -42.39 19.92 -33.23
CA GLY C 399 -41.14 20.45 -32.72
C GLY C 399 -40.44 21.43 -33.64
N GLY C 400 -40.84 21.45 -34.92
CA GLY C 400 -40.26 22.42 -35.83
C GLY C 400 -40.80 23.83 -35.67
N ASN C 401 -41.80 24.01 -34.82
CA ASN C 401 -42.46 25.30 -34.64
C ASN C 401 -42.01 25.96 -33.34
N VAL C 402 -42.37 27.23 -33.20
CA VAL C 402 -42.23 27.95 -31.95
C VAL C 402 -43.17 27.33 -30.93
N TYR C 403 -42.99 27.69 -29.66
CA TYR C 403 -44.00 27.40 -28.65
C TYR C 403 -45.12 28.41 -28.76
N GLU C 404 -46.36 27.93 -28.87
CA GLU C 404 -47.49 28.84 -28.93
C GLU C 404 -47.64 29.59 -27.61
N ASP C 405 -48.25 30.77 -27.68
CA ASP C 405 -48.40 31.63 -26.51
C ASP C 405 -49.52 31.12 -25.61
N THR C 406 -49.74 31.82 -24.50
CA THR C 406 -50.73 31.40 -23.51
C THR C 406 -52.12 31.32 -24.10
N HIS C 407 -52.51 32.31 -24.92
CA HIS C 407 -53.86 32.36 -25.45
C HIS C 407 -54.21 31.11 -26.25
N PHE C 408 -53.21 30.49 -26.89
CA PHE C 408 -53.46 29.24 -27.61
C PHE C 408 -53.91 28.14 -26.66
N PHE C 409 -53.16 27.93 -25.57
CA PHE C 409 -53.54 26.91 -24.60
C PHE C 409 -54.83 27.28 -23.89
N GLU C 410 -55.14 28.58 -23.78
CA GLU C 410 -56.40 29.00 -23.18
C GLU C 410 -57.58 28.54 -24.02
N LEU C 411 -57.48 28.65 -25.34
CA LEU C 411 -58.54 28.14 -26.21
C LEU C 411 -58.62 26.62 -26.13
N CYS C 412 -57.47 25.96 -25.99
CA CYS C 412 -57.46 24.50 -25.85
C CYS C 412 -58.05 24.06 -24.51
N ASP C 413 -57.85 24.86 -23.45
CA ASP C 413 -58.58 24.61 -22.21
C ASP C 413 -60.07 24.82 -22.40
N LYS C 414 -60.44 25.82 -23.19
CA LYS C 414 -61.84 26.23 -23.31
C LYS C 414 -62.65 25.19 -24.09
N TYR C 415 -62.11 24.69 -25.19
CA TYR C 415 -62.83 23.75 -26.06
C TYR C 415 -62.46 22.30 -25.80
N GLY C 416 -61.60 22.03 -24.82
CA GLY C 416 -61.30 20.66 -24.45
C GLY C 416 -60.47 19.89 -25.46
N ILE C 417 -59.39 20.51 -25.95
CA ILE C 417 -58.48 19.86 -26.89
C ILE C 417 -57.17 19.60 -26.14
N MET C 418 -56.89 18.33 -25.87
CA MET C 418 -55.63 17.95 -25.24
C MET C 418 -54.47 18.34 -26.13
N VAL C 419 -53.37 18.78 -25.51
CA VAL C 419 -52.20 19.25 -26.24
C VAL C 419 -51.02 18.36 -25.93
N TRP C 420 -50.45 17.75 -26.96
CA TRP C 420 -49.16 17.07 -26.91
C TRP C 420 -48.11 18.08 -27.35
N GLN C 421 -47.16 18.40 -26.47
CA GLN C 421 -46.19 19.46 -26.73
C GLN C 421 -44.80 18.87 -26.94
N ASP C 422 -44.30 19.00 -28.16
CA ASP C 422 -42.90 18.73 -28.44
C ASP C 422 -42.04 19.88 -27.93
N PHE C 423 -40.83 19.55 -27.47
CA PHE C 423 -39.81 20.57 -27.32
C PHE C 423 -39.23 20.89 -28.69
N ALA C 424 -38.86 22.16 -28.89
CA ALA C 424 -38.41 22.62 -30.19
C ALA C 424 -37.12 21.93 -30.63
N MET C 425 -37.26 20.86 -31.41
CA MET C 425 -36.12 20.08 -31.88
C MET C 425 -36.38 19.70 -33.33
N GLY C 426 -35.30 19.55 -34.09
CA GLY C 426 -35.38 19.15 -35.47
C GLY C 426 -35.00 17.69 -35.67
N CYS C 427 -34.99 17.29 -36.94
CA CYS C 427 -34.58 15.93 -37.29
C CYS C 427 -33.11 15.72 -36.95
N GLY C 428 -32.78 14.49 -36.58
CA GLY C 428 -31.43 14.15 -36.18
C GLY C 428 -31.11 14.61 -34.77
N ASN C 429 -29.99 14.10 -34.25
CA ASN C 429 -29.58 14.42 -32.91
C ASN C 429 -28.89 15.79 -32.86
N TYR C 430 -28.64 16.25 -31.64
CA TYR C 430 -28.01 17.54 -31.39
C TYR C 430 -26.73 17.33 -30.56
N SER C 431 -26.12 18.44 -30.17
CA SER C 431 -24.88 18.39 -29.43
C SER C 431 -25.08 17.74 -28.06
N GLN C 432 -24.08 16.97 -27.63
CA GLN C 432 -24.07 16.34 -26.32
C GLN C 432 -23.22 17.11 -25.32
N ARG C 433 -22.72 18.28 -25.70
CA ARG C 433 -21.79 19.04 -24.89
C ARG C 433 -22.53 19.95 -23.91
N ASP C 434 -21.75 20.58 -23.02
CA ASP C 434 -22.33 21.32 -21.90
C ASP C 434 -23.03 22.59 -22.35
N ASN C 435 -22.44 23.33 -23.29
CA ASN C 435 -22.98 24.63 -23.66
C ASN C 435 -24.39 24.52 -24.23
N PHE C 436 -24.61 23.54 -25.11
CA PHE C 436 -25.96 23.36 -25.67
C PHE C 436 -26.92 22.86 -24.60
N ALA C 437 -26.48 21.96 -23.73
CA ALA C 437 -27.34 21.45 -22.68
C ALA C 437 -27.78 22.57 -21.72
N ALA C 438 -26.91 23.55 -21.49
CA ALA C 438 -27.28 24.66 -20.61
C ALA C 438 -28.34 25.55 -21.27
N ALA C 439 -28.17 25.86 -22.55
CA ALA C 439 -29.15 26.69 -23.25
C ALA C 439 -30.49 25.99 -23.34
N LEU C 440 -30.48 24.67 -23.55
CA LEU C 440 -31.73 23.94 -23.68
C LEU C 440 -32.43 23.78 -22.34
N GLU C 441 -31.66 23.60 -21.25
CA GLU C 441 -32.27 23.52 -19.94
C GLU C 441 -32.92 24.83 -19.55
N LYS C 442 -32.28 25.95 -19.89
CA LYS C 442 -32.88 27.26 -19.61
C LYS C 442 -34.20 27.44 -20.36
N GLU C 443 -34.23 27.03 -21.64
CA GLU C 443 -35.47 27.11 -22.41
C GLU C 443 -36.54 26.19 -21.84
N ALA C 444 -36.17 24.94 -21.53
CA ALA C 444 -37.15 23.97 -21.05
C ALA C 444 -37.77 24.40 -19.73
N ILE C 445 -36.95 24.92 -18.81
CA ILE C 445 -37.48 25.40 -17.54
C ILE C 445 -38.46 26.54 -17.77
N SER C 446 -38.10 27.48 -18.65
CA SER C 446 -38.97 28.62 -18.92
C SER C 446 -40.31 28.18 -19.49
N VAL C 447 -40.28 27.28 -20.48
CA VAL C 447 -41.52 26.90 -21.15
C VAL C 447 -42.38 26.00 -20.26
N VAL C 448 -41.76 25.15 -19.43
CA VAL C 448 -42.53 24.26 -18.58
C VAL C 448 -43.25 25.04 -17.49
N VAL C 449 -42.53 25.96 -16.84
CA VAL C 449 -43.15 26.81 -15.81
C VAL C 449 -44.31 27.61 -16.40
N LYS C 450 -44.17 28.02 -17.66
CA LYS C 450 -45.18 28.86 -18.29
C LYS C 450 -46.46 28.08 -18.59
N LEU C 451 -46.33 26.82 -19.00
CA LEU C 451 -47.46 26.07 -19.54
C LEU C 451 -48.00 24.99 -18.64
N ARG C 452 -47.36 24.72 -17.49
CA ARG C 452 -47.72 23.55 -16.69
C ARG C 452 -49.07 23.67 -15.99
N ASN C 453 -49.72 24.84 -16.05
CA ASN C 453 -50.98 25.03 -15.36
C ASN C 453 -52.19 24.86 -16.26
N HIS C 454 -52.00 24.70 -17.56
CA HIS C 454 -53.11 24.53 -18.48
C HIS C 454 -53.60 23.09 -18.44
N PRO C 455 -54.88 22.84 -18.13
CA PRO C 455 -55.37 21.45 -18.11
C PRO C 455 -55.37 20.78 -19.47
N SER C 456 -55.28 21.53 -20.57
CA SER C 456 -55.27 20.91 -21.89
C SER C 456 -53.95 20.20 -22.16
N LEU C 457 -52.84 20.79 -21.70
CA LEU C 457 -51.54 20.16 -21.86
C LEU C 457 -51.50 18.82 -21.14
N ILE C 458 -51.09 17.78 -21.84
CA ILE C 458 -51.06 16.43 -21.26
C ILE C 458 -49.72 15.73 -21.43
N LEU C 459 -48.84 16.15 -22.33
CA LEU C 459 -47.67 15.33 -22.66
C LEU C 459 -46.52 16.22 -23.11
N TRP C 460 -45.34 15.98 -22.54
CA TRP C 460 -44.09 16.55 -23.03
C TRP C 460 -43.34 15.49 -23.83
N SER C 461 -42.74 15.90 -24.94
CA SER C 461 -42.03 14.98 -25.81
C SER C 461 -40.68 15.55 -26.19
N GLY C 462 -39.66 14.68 -26.21
CA GLY C 462 -38.32 15.07 -26.62
C GLY C 462 -38.11 15.20 -28.10
N ASN C 463 -39.08 14.73 -28.91
CA ASN C 463 -39.08 14.90 -30.36
C ASN C 463 -37.75 14.46 -30.97
N ASN C 464 -37.38 13.21 -30.68
CA ASN C 464 -36.13 12.66 -31.20
C ASN C 464 -36.36 11.35 -31.93
N ASN C 484 -27.04 6.72 -26.18
CA ASN C 484 -28.25 7.46 -25.86
C ASN C 484 -28.03 8.96 -25.92
N ASP C 485 -29.07 9.69 -26.31
CA ASP C 485 -28.98 11.14 -26.46
C ASP C 485 -29.05 11.80 -25.08
N ARG C 486 -28.04 12.62 -24.76
CA ARG C 486 -28.08 13.38 -23.52
C ARG C 486 -29.24 14.35 -23.51
N VAL C 487 -29.56 14.94 -24.67
CA VAL C 487 -30.61 15.94 -24.75
C VAL C 487 -31.95 15.35 -24.29
N SER C 488 -32.39 14.28 -24.95
CA SER C 488 -33.73 13.76 -24.72
C SER C 488 -33.81 12.85 -23.51
N ARG C 489 -32.71 12.19 -23.14
CA ARG C 489 -32.74 11.21 -22.07
C ARG C 489 -32.14 11.72 -20.76
N GLN C 490 -31.67 12.98 -20.72
CA GLN C 490 -31.15 13.51 -19.47
C GLN C 490 -31.56 14.97 -19.24
N VAL C 491 -31.24 15.85 -20.20
CA VAL C 491 -31.49 17.28 -20.00
C VAL C 491 -32.98 17.55 -19.87
N LEU C 492 -33.76 17.12 -20.87
CA LEU C 492 -35.19 17.41 -20.87
C LEU C 492 -35.92 16.65 -19.76
N SER C 493 -35.57 15.38 -19.56
CA SER C 493 -36.24 14.59 -18.53
C SER C 493 -35.93 15.10 -17.13
N ARG C 494 -34.77 15.73 -16.94
CA ARG C 494 -34.44 16.31 -15.64
C ARG C 494 -35.33 17.51 -15.34
N VAL C 495 -35.61 18.32 -16.36
CA VAL C 495 -36.47 19.49 -16.17
C VAL C 495 -37.88 19.06 -15.82
N ILE C 496 -38.41 18.06 -16.53
CA ILE C 496 -39.75 17.55 -16.24
C ILE C 496 -39.80 16.93 -14.86
N TYR C 497 -38.72 16.25 -14.45
CA TYR C 497 -38.68 15.59 -13.15
C TYR C 497 -38.80 16.59 -12.00
N GLU C 498 -38.18 17.77 -12.15
CA GLU C 498 -38.16 18.75 -11.08
C GLU C 498 -39.33 19.74 -11.16
N PHE C 499 -39.79 20.08 -12.37
CA PHE C 499 -40.72 21.19 -12.54
C PHE C 499 -42.09 20.77 -13.06
N ASP C 500 -42.32 19.50 -13.36
CA ASP C 500 -43.66 19.07 -13.76
C ASP C 500 -43.84 17.57 -13.57
N PRO C 501 -43.86 17.07 -12.33
CA PRO C 501 -44.05 15.62 -12.11
C PRO C 501 -45.47 15.15 -12.38
N THR C 502 -46.36 16.01 -12.86
CA THR C 502 -47.76 15.67 -13.04
C THR C 502 -48.10 15.24 -14.46
N ARG C 503 -47.15 15.33 -15.39
CA ARG C 503 -47.38 14.94 -16.77
C ARG C 503 -46.33 13.94 -17.22
N PRO C 504 -46.70 12.99 -18.07
CA PRO C 504 -45.71 12.06 -18.62
C PRO C 504 -44.81 12.77 -19.61
N TYR C 505 -43.59 12.25 -19.73
CA TYR C 505 -42.61 12.73 -20.70
C TYR C 505 -42.15 11.55 -21.55
N LEU C 506 -42.21 11.71 -22.86
CA LEU C 506 -41.72 10.70 -23.78
C LEU C 506 -40.39 11.14 -24.35
N PRO C 507 -39.30 10.37 -24.14
CA PRO C 507 -38.02 10.77 -24.74
C PRO C 507 -38.07 10.86 -26.27
N SER C 508 -38.82 9.97 -26.91
CA SER C 508 -38.95 9.94 -28.36
C SER C 508 -40.03 8.93 -28.74
N SER C 509 -40.62 9.14 -29.91
CA SER C 509 -41.59 8.20 -30.46
C SER C 509 -41.12 7.66 -31.81
N ARG C 535 -46.73 8.82 -53.24
CA ARG C 535 -46.36 7.41 -53.32
C ARG C 535 -47.20 6.57 -52.36
N GLY C 536 -47.41 5.32 -52.71
CA GLY C 536 -48.09 4.38 -51.84
C GLY C 536 -49.60 4.40 -51.93
N TYR C 537 -50.20 3.23 -52.02
CA TYR C 537 -51.65 3.08 -51.94
C TYR C 537 -52.06 3.14 -50.47
N TYR C 538 -53.13 3.89 -50.17
CA TYR C 538 -53.51 4.03 -48.78
C TYR C 538 -54.08 2.76 -48.17
N LYS C 539 -54.27 1.70 -48.95
CA LYS C 539 -54.62 0.39 -48.44
C LYS C 539 -53.48 -0.61 -48.55
N ASP C 540 -52.27 -0.12 -48.82
CA ASP C 540 -51.09 -0.98 -48.89
C ASP C 540 -50.82 -1.59 -47.52
N PRO C 541 -50.24 -2.80 -47.47
CA PRO C 541 -49.90 -3.41 -46.18
C PRO C 541 -49.02 -2.54 -45.27
N PHE C 542 -48.29 -1.59 -45.84
CA PHE C 542 -47.51 -0.67 -45.01
C PHE C 542 -48.42 0.11 -44.06
N TYR C 543 -49.59 0.52 -44.54
CA TYR C 543 -50.52 1.26 -43.69
C TYR C 543 -51.41 0.33 -42.89
N THR C 544 -52.02 -0.66 -43.56
CA THR C 544 -53.04 -1.48 -42.91
C THR C 544 -52.46 -2.49 -41.93
N GLU C 545 -51.20 -2.88 -42.09
CA GLU C 545 -50.56 -3.83 -41.19
C GLU C 545 -49.59 -3.16 -40.23
N ASN C 546 -49.63 -1.84 -40.13
CA ASN C 546 -48.80 -1.11 -39.16
C ASN C 546 -49.24 -1.49 -37.75
N PRO C 547 -48.35 -2.04 -36.92
CA PRO C 547 -48.76 -2.51 -35.59
C PRO C 547 -48.79 -1.43 -34.52
N SER C 548 -48.47 -0.19 -34.85
CA SER C 548 -48.43 0.87 -33.85
C SER C 548 -49.84 1.19 -33.37
N GLN C 549 -50.07 1.06 -32.06
CA GLN C 549 -51.39 1.38 -31.50
C GLN C 549 -51.69 2.87 -31.64
N PHE C 550 -50.73 3.72 -31.26
CA PHE C 550 -50.86 5.16 -31.40
C PHE C 550 -50.02 5.58 -32.59
N VAL C 551 -50.67 6.08 -33.63
CA VAL C 551 -50.03 6.35 -34.92
C VAL C 551 -50.01 7.85 -35.19
N SER C 552 -48.92 8.31 -35.79
CA SER C 552 -48.84 9.64 -36.38
C SER C 552 -48.95 9.44 -37.89
N GLN C 553 -50.17 9.50 -38.40
CA GLN C 553 -50.42 9.16 -39.79
C GLN C 553 -49.71 10.12 -40.73
N ILE C 554 -49.00 9.55 -41.71
CA ILE C 554 -48.30 10.36 -42.69
C ILE C 554 -49.30 11.11 -43.57
N GLY C 555 -48.82 12.19 -44.18
CA GLY C 555 -49.69 13.06 -44.94
C GLY C 555 -49.84 12.65 -46.40
N TYR C 556 -51.03 12.90 -46.94
CA TYR C 556 -51.34 12.66 -48.34
C TYR C 556 -51.56 14.00 -49.04
N HIS C 557 -50.92 14.18 -50.19
CA HIS C 557 -50.98 15.46 -50.88
C HIS C 557 -52.39 15.75 -51.39
N GLY C 558 -52.71 17.04 -51.48
CA GLY C 558 -53.98 17.49 -52.01
C GLY C 558 -53.87 18.89 -52.55
N CYS C 559 -54.09 19.06 -53.85
CA CYS C 559 -53.95 20.36 -54.47
C CYS C 559 -54.96 21.35 -53.88
N PRO C 560 -54.55 22.55 -53.50
CA PRO C 560 -55.49 23.48 -52.85
C PRO C 560 -56.59 23.97 -53.76
N ASN C 561 -57.46 24.84 -53.24
CA ASN C 561 -58.59 25.33 -54.00
C ASN C 561 -58.13 26.30 -55.09
N ARG C 562 -58.94 26.37 -56.16
CA ARG C 562 -58.59 27.19 -57.31
C ARG C 562 -58.30 28.64 -56.92
N GLU C 563 -59.10 29.20 -56.01
CA GLU C 563 -58.88 30.58 -55.58
C GLU C 563 -57.52 30.75 -54.93
N THR C 564 -57.05 29.73 -54.19
CA THR C 564 -55.71 29.79 -53.63
C THR C 564 -54.65 29.74 -54.73
N LEU C 565 -54.84 28.88 -55.73
CA LEU C 565 -53.88 28.81 -56.84
C LEU C 565 -53.77 30.15 -57.55
N GLU C 566 -54.91 30.79 -57.82
CA GLU C 566 -54.91 32.06 -58.53
C GLU C 566 -54.41 33.22 -57.69
N ARG C 567 -54.20 33.02 -56.40
CA ARG C 567 -53.75 34.09 -55.51
C ARG C 567 -52.25 34.06 -55.24
N MET C 568 -51.66 32.88 -55.12
CA MET C 568 -50.24 32.76 -54.82
C MET C 568 -49.37 32.56 -56.06
N PHE C 569 -49.98 32.35 -57.23
CA PHE C 569 -49.24 32.17 -58.47
C PHE C 569 -49.46 33.36 -59.39
N SER C 570 -48.43 33.68 -60.17
CA SER C 570 -48.56 34.66 -61.23
C SER C 570 -49.54 34.14 -62.27
N PRO C 571 -50.17 35.04 -63.05
CA PRO C 571 -51.13 34.59 -64.06
C PRO C 571 -50.58 33.55 -65.03
N ASP C 572 -49.32 33.68 -65.42
CA ASP C 572 -48.73 32.73 -66.36
C ASP C 572 -48.40 31.39 -65.73
N SER C 573 -48.49 31.27 -64.41
CA SER C 573 -48.11 30.05 -63.71
C SER C 573 -49.26 29.40 -62.94
N VAL C 574 -50.48 29.93 -63.05
CA VAL C 574 -51.60 29.35 -62.33
C VAL C 574 -51.83 27.90 -62.78
N ASN C 575 -51.65 27.62 -64.07
CA ASN C 575 -51.80 26.26 -64.56
C ASN C 575 -50.54 25.47 -64.22
N PRO C 576 -50.68 24.25 -63.67
CA PRO C 576 -49.48 23.52 -63.23
C PRO C 576 -48.62 23.01 -64.37
N TRP C 577 -49.23 22.50 -65.44
CA TRP C 577 -48.45 21.82 -66.47
C TRP C 577 -47.71 22.83 -67.34
N GLN C 578 -46.43 22.55 -67.57
CA GLN C 578 -45.57 23.45 -68.35
C GLN C 578 -45.69 23.08 -69.83
N ASN C 579 -46.07 24.06 -70.64
CA ASN C 579 -46.29 23.86 -72.08
C ASN C 579 -47.31 22.76 -72.34
N GLY C 580 -48.26 22.59 -71.41
CA GLY C 580 -49.30 21.59 -71.53
C GLY C 580 -48.88 20.17 -71.21
N VAL C 581 -47.59 19.91 -71.02
CA VAL C 581 -47.10 18.57 -70.72
C VAL C 581 -47.50 18.20 -69.30
N VAL C 582 -48.53 17.37 -69.17
CA VAL C 582 -49.05 17.01 -67.86
C VAL C 582 -48.01 16.19 -67.11
N GLY C 583 -47.88 16.47 -65.81
CA GLY C 583 -46.88 15.85 -64.97
C GLY C 583 -45.65 16.70 -64.74
N MET C 584 -45.34 17.60 -65.67
CA MET C 584 -44.19 18.48 -65.55
C MET C 584 -44.64 19.80 -64.92
N TRP C 585 -44.11 20.09 -63.74
CA TRP C 585 -44.51 21.26 -62.98
C TRP C 585 -43.68 22.47 -63.39
N ASN C 586 -44.34 23.63 -63.43
CA ASN C 586 -43.61 24.87 -63.70
C ASN C 586 -42.82 25.29 -62.47
N ASP C 587 -41.96 26.30 -62.66
CA ASP C 587 -41.01 26.67 -61.61
C ASP C 587 -41.71 27.26 -60.39
N GLU C 588 -42.82 27.98 -60.58
CA GLU C 588 -43.53 28.53 -59.44
C GLU C 588 -44.19 27.42 -58.61
N TRP C 589 -44.78 26.43 -59.29
CA TRP C 589 -45.31 25.28 -58.56
C TRP C 589 -44.20 24.53 -57.83
N GLN C 590 -42.99 24.49 -58.42
CA GLN C 590 -41.86 23.90 -57.73
C GLN C 590 -41.42 24.75 -56.53
N THR C 591 -41.56 26.07 -56.62
CA THR C 591 -41.24 26.93 -55.49
C THR C 591 -42.18 26.66 -54.32
N LYS C 592 -43.48 26.53 -54.60
CA LYS C 592 -44.49 26.21 -53.60
C LYS C 592 -44.52 24.72 -53.24
N ALA C 593 -43.38 24.03 -53.37
CA ALA C 593 -43.36 22.59 -53.11
C ALA C 593 -43.57 22.24 -51.64
N ASN C 594 -42.85 22.86 -50.69
CA ASN C 594 -41.93 24.00 -50.84
C ASN C 594 -40.50 23.59 -51.14
N ARG C 595 -39.82 24.40 -51.93
CA ARG C 595 -38.41 24.24 -52.25
C ARG C 595 -37.61 25.26 -51.46
N ILE C 596 -36.65 24.78 -50.67
CA ILE C 596 -35.92 25.62 -49.72
C ILE C 596 -35.13 26.69 -50.46
N TYR C 597 -34.09 26.27 -51.17
CA TYR C 597 -33.26 27.17 -51.95
C TYR C 597 -33.67 27.13 -53.41
N ASP C 598 -33.37 28.22 -54.12
CA ASP C 598 -33.76 28.35 -55.52
C ASP C 598 -32.94 27.42 -56.41
N GLY C 604 -39.72 15.54 -58.14
CA GLY C 604 -39.43 15.80 -56.73
C GLY C 604 -40.62 15.58 -55.81
N ARG C 605 -40.87 16.56 -54.94
CA ARG C 605 -41.95 16.43 -53.97
C ARG C 605 -43.31 16.58 -54.64
N ASN C 606 -43.42 17.46 -55.64
CA ASN C 606 -44.71 17.66 -56.30
C ASN C 606 -45.17 16.42 -57.05
N ASP C 607 -44.26 15.54 -57.45
CA ASP C 607 -44.66 14.30 -58.11
C ASP C 607 -45.53 13.43 -57.21
N LEU C 608 -45.49 13.63 -55.89
CA LEU C 608 -46.39 12.90 -55.01
C LEU C 608 -47.85 13.23 -55.31
N MET C 609 -48.12 14.44 -55.80
CA MET C 609 -49.50 14.77 -56.20
C MET C 609 -49.92 13.95 -57.42
N THR C 610 -49.07 13.91 -58.45
CA THR C 610 -49.44 13.17 -59.66
C THR C 610 -49.42 11.67 -59.44
N ASN C 611 -48.49 11.17 -58.61
CA ASN C 611 -48.41 9.73 -58.38
C ASN C 611 -49.62 9.21 -57.63
N GLN C 612 -50.13 9.99 -56.68
CA GLN C 612 -51.30 9.55 -55.92
C GLN C 612 -52.58 9.62 -56.73
N VAL C 613 -52.69 10.60 -57.63
CA VAL C 613 -53.81 10.63 -58.56
C VAL C 613 -53.66 9.53 -59.60
N ARG C 614 -52.43 9.10 -59.87
CA ARG C 614 -52.19 8.12 -60.92
C ARG C 614 -52.63 6.73 -60.49
N ILE C 615 -52.35 6.34 -59.25
CA ILE C 615 -52.72 5.00 -58.80
C ILE C 615 -54.20 4.89 -58.46
N ILE C 616 -54.89 6.01 -58.26
CA ILE C 616 -56.28 5.98 -57.83
C ILE C 616 -57.19 6.22 -59.03
N PHE C 617 -56.75 7.05 -59.98
CA PHE C 617 -57.59 7.43 -61.11
C PHE C 617 -56.93 7.14 -62.45
N GLY C 618 -55.92 6.29 -62.49
CA GLY C 618 -55.31 5.89 -63.75
C GLY C 618 -54.40 6.94 -64.37
N GLU C 619 -54.97 8.03 -64.84
CA GLU C 619 -54.23 9.12 -65.45
C GLU C 619 -54.51 10.42 -64.70
N VAL C 620 -53.58 11.37 -64.83
CA VAL C 620 -53.72 12.68 -64.21
C VAL C 620 -54.42 13.61 -65.20
N PRO C 621 -55.48 14.29 -64.80
CA PRO C 621 -56.23 15.13 -65.74
C PRO C 621 -55.39 16.31 -66.22
N ALA C 622 -55.65 16.73 -67.46
CA ALA C 622 -55.03 17.92 -68.02
C ALA C 622 -55.80 19.19 -67.70
N ASP C 623 -57.10 19.08 -67.47
CA ASP C 623 -57.89 20.22 -67.04
C ASP C 623 -57.57 20.54 -65.58
N LEU C 624 -57.45 21.83 -65.28
CA LEU C 624 -57.00 22.24 -63.95
C LEU C 624 -58.01 21.84 -62.88
N ASP C 625 -59.28 22.19 -63.07
CA ASP C 625 -60.29 21.87 -62.06
C ASP C 625 -60.49 20.35 -61.92
N ASP C 626 -60.29 19.60 -63.01
CA ASP C 626 -60.34 18.15 -62.92
C ASP C 626 -59.17 17.62 -62.09
N PHE C 627 -57.99 18.23 -62.24
CA PHE C 627 -56.85 17.83 -61.44
C PHE C 627 -57.05 18.18 -59.97
N ILE C 628 -57.70 19.31 -59.70
CA ILE C 628 -57.98 19.69 -58.31
C ILE C 628 -58.92 18.68 -57.67
N PHE C 629 -60.04 18.39 -58.34
CA PHE C 629 -61.00 17.44 -57.78
C PHE C 629 -60.40 16.05 -57.65
N ALA C 630 -59.50 15.68 -58.57
CA ALA C 630 -58.86 14.36 -58.48
C ALA C 630 -57.87 14.32 -57.31
N SER C 631 -57.05 15.37 -57.17
CA SER C 631 -56.04 15.38 -56.11
C SER C 631 -56.68 15.48 -54.74
N GLN C 632 -57.68 16.35 -54.59
CA GLN C 632 -58.34 16.49 -53.29
C GLN C 632 -59.12 15.24 -52.91
N SER C 633 -59.67 14.53 -53.90
CA SER C 633 -60.43 13.33 -53.60
C SER C 633 -59.52 12.17 -53.19
N VAL C 634 -58.29 12.13 -53.73
CA VAL C 634 -57.32 11.12 -53.29
C VAL C 634 -56.96 11.35 -51.83
N GLN C 635 -56.63 12.59 -51.48
CA GLN C 635 -56.32 12.92 -50.10
C GLN C 635 -57.54 12.68 -49.19
N ALA C 636 -58.74 12.95 -49.71
CA ALA C 636 -59.95 12.78 -48.92
C ALA C 636 -60.20 11.32 -48.60
N GLU C 637 -60.11 10.44 -49.61
CA GLU C 637 -60.34 9.02 -49.37
C GLU C 637 -59.24 8.41 -48.52
N ALA C 638 -57.98 8.80 -48.77
CA ALA C 638 -56.87 8.24 -48.01
C ALA C 638 -56.97 8.59 -46.53
N MET C 639 -57.13 9.88 -46.23
CA MET C 639 -57.20 10.31 -44.83
C MET C 639 -58.43 9.77 -44.13
N LYS C 640 -59.56 9.73 -44.83
CA LYS C 640 -60.76 9.13 -44.26
C LYS C 640 -60.56 7.66 -43.96
N PHE C 641 -59.84 6.96 -44.83
CA PHE C 641 -59.60 5.53 -44.62
C PHE C 641 -58.66 5.30 -43.44
N PHE C 642 -57.67 6.18 -43.26
CA PHE C 642 -56.73 6.01 -42.15
C PHE C 642 -57.45 6.17 -40.81
N VAL C 643 -58.33 7.16 -40.70
CA VAL C 643 -59.04 7.37 -39.45
C VAL C 643 -60.03 6.23 -39.19
N GLU C 644 -60.79 5.85 -40.22
CA GLU C 644 -61.74 4.75 -40.05
C GLU C 644 -61.04 3.44 -39.73
N LEU C 645 -59.81 3.25 -40.24
CA LEU C 645 -59.06 2.04 -39.94
C LEU C 645 -58.73 1.97 -38.46
N TRP C 646 -58.12 3.03 -37.91
CA TRP C 646 -57.72 3.01 -36.51
C TRP C 646 -58.92 3.08 -35.57
N ARG C 647 -60.04 3.65 -36.03
CA ARG C 647 -61.24 3.69 -35.20
C ARG C 647 -62.00 2.38 -35.21
N GLY C 648 -61.83 1.56 -36.24
CA GLY C 648 -62.55 0.30 -36.33
C GLY C 648 -61.85 -0.86 -35.67
N ARG C 649 -60.55 -0.71 -35.39
CA ARG C 649 -59.75 -1.77 -34.79
C ARG C 649 -59.49 -1.53 -33.31
N ARG C 650 -60.50 -1.04 -32.59
CA ARG C 650 -60.45 -0.86 -31.15
C ARG C 650 -60.89 -2.14 -30.45
N PRO C 651 -60.50 -2.34 -29.17
CA PRO C 651 -59.72 -1.43 -28.30
C PRO C 651 -58.20 -1.58 -28.46
N TYR C 652 -57.71 -2.25 -29.50
CA TYR C 652 -56.26 -2.34 -29.67
C TYR C 652 -55.67 -1.01 -30.10
N ARG C 653 -56.26 -0.38 -31.11
CA ARG C 653 -55.84 0.96 -31.49
C ARG C 653 -56.26 1.95 -30.41
N THR C 654 -55.43 2.96 -30.20
CA THR C 654 -55.64 3.91 -29.10
C THR C 654 -55.72 5.36 -29.55
N GLY C 655 -55.12 5.71 -30.68
CA GLY C 655 -55.14 7.09 -31.13
C GLY C 655 -54.54 7.23 -32.50
N ILE C 656 -54.88 8.36 -33.14
CA ILE C 656 -54.33 8.69 -34.45
C ILE C 656 -54.25 10.21 -34.58
N ILE C 657 -53.05 10.71 -34.79
CA ILE C 657 -52.81 12.14 -34.97
C ILE C 657 -52.31 12.33 -36.40
N TRP C 658 -53.16 12.89 -37.25
CA TRP C 658 -52.89 12.98 -38.68
C TRP C 658 -52.24 14.31 -39.04
N TRP C 659 -51.44 14.27 -40.10
CA TRP C 659 -50.68 15.43 -40.58
C TRP C 659 -51.25 15.88 -41.92
N ASN C 660 -51.76 17.10 -41.98
CA ASN C 660 -52.03 17.98 -40.85
C ASN C 660 -53.31 18.73 -41.19
N ILE C 661 -53.67 19.77 -40.43
CA ILE C 661 -54.95 20.41 -40.62
C ILE C 661 -54.84 21.77 -41.32
N ARG C 662 -53.77 22.53 -41.09
CA ARG C 662 -53.70 23.88 -41.64
C ARG C 662 -52.26 24.24 -42.01
N ASP C 663 -52.10 24.89 -43.16
CA ASP C 663 -50.79 25.37 -43.58
C ASP C 663 -50.45 26.69 -42.90
N GLY C 664 -49.15 26.95 -42.77
CA GLY C 664 -48.66 28.21 -42.27
C GLY C 664 -48.10 29.14 -43.33
N TRP C 665 -48.38 28.88 -44.59
CA TRP C 665 -47.90 29.66 -45.72
C TRP C 665 -48.55 29.12 -46.98
N PRO C 666 -49.01 29.98 -47.89
CA PRO C 666 -49.62 29.48 -49.14
C PRO C 666 -48.67 28.59 -49.92
N LEU C 667 -48.91 27.28 -49.89
CA LEU C 667 -48.03 26.30 -50.51
C LEU C 667 -48.87 25.14 -51.03
N LEU C 668 -48.18 24.23 -51.73
CA LEU C 668 -48.75 22.96 -52.14
C LEU C 668 -48.32 21.92 -51.11
N SER C 669 -49.27 21.44 -50.30
CA SER C 669 -48.93 20.63 -49.15
C SER C 669 -49.86 19.43 -49.07
N ASP C 670 -49.65 18.62 -48.03
CA ASP C 670 -50.47 17.46 -47.73
C ASP C 670 -51.46 17.74 -46.59
N ALA C 671 -51.76 19.00 -46.33
CA ALA C 671 -52.75 19.37 -45.33
C ALA C 671 -54.12 19.52 -45.97
N ILE C 672 -55.15 19.60 -45.13
CA ILE C 672 -56.53 19.60 -45.60
C ILE C 672 -57.14 20.98 -45.68
N SER C 673 -56.40 22.03 -45.30
CA SER C 673 -56.85 23.40 -45.52
C SER C 673 -55.63 24.29 -45.60
N ASP C 674 -55.69 25.30 -46.46
CA ASP C 674 -54.52 26.10 -46.79
C ASP C 674 -54.38 27.30 -45.86
N TYR C 675 -53.47 28.20 -46.21
CA TYR C 675 -53.14 29.33 -45.34
C TYR C 675 -54.27 30.35 -45.27
N TRP C 676 -55.04 30.51 -46.35
CA TRP C 676 -56.11 31.50 -46.42
C TRP C 676 -57.47 30.94 -46.04
N GLY C 677 -57.52 29.85 -45.28
CA GLY C 677 -58.77 29.26 -44.87
C GLY C 677 -59.48 28.46 -45.94
N GLY C 678 -58.86 28.23 -47.09
CA GLY C 678 -59.47 27.43 -48.14
C GLY C 678 -59.52 25.96 -47.78
N LYS C 679 -60.67 25.50 -47.29
CA LYS C 679 -60.82 24.13 -46.86
C LYS C 679 -60.91 23.20 -48.07
N LYS C 680 -60.05 22.19 -48.10
CA LYS C 680 -60.07 21.20 -49.15
C LYS C 680 -61.15 20.15 -48.87
N GLN C 681 -61.36 19.25 -49.83
CA GLN C 681 -62.41 18.25 -49.68
C GLN C 681 -62.11 17.31 -48.51
N ALA C 682 -60.84 17.02 -48.27
CA ALA C 682 -60.46 16.11 -47.20
C ALA C 682 -60.90 16.64 -45.83
N PHE C 683 -61.06 17.95 -45.71
CA PHE C 683 -61.54 18.52 -44.45
C PHE C 683 -62.92 17.97 -44.11
N TYR C 684 -63.82 17.93 -45.10
CA TYR C 684 -65.19 17.49 -44.84
C TYR C 684 -65.31 15.98 -44.76
N TYR C 685 -64.44 15.24 -45.46
CA TYR C 685 -64.40 13.79 -45.29
C TYR C 685 -64.01 13.43 -43.86
N MET C 686 -62.90 14.00 -43.38
CA MET C 686 -62.47 13.76 -42.01
C MET C 686 -63.53 14.19 -41.01
N GLN C 687 -64.23 15.29 -41.30
CA GLN C 687 -65.23 15.80 -40.36
C GLN C 687 -66.36 14.80 -40.15
N ASN C 688 -66.67 14.00 -41.16
CA ASN C 688 -67.73 13.00 -41.03
C ASN C 688 -67.28 11.73 -40.33
N VAL C 689 -65.98 11.50 -40.23
CA VAL C 689 -65.45 10.33 -39.54
C VAL C 689 -64.74 10.72 -38.25
N HIS C 690 -64.98 11.94 -37.76
CA HIS C 690 -64.47 12.39 -36.47
C HIS C 690 -65.57 12.62 -35.45
N HIS C 691 -66.82 12.33 -35.80
CA HIS C 691 -67.92 12.49 -34.85
C HIS C 691 -67.71 11.61 -33.62
N ASP C 692 -68.38 11.99 -32.53
CA ASP C 692 -68.30 11.20 -31.30
C ASP C 692 -68.88 9.81 -31.51
N VAL C 693 -69.97 9.71 -32.28
CA VAL C 693 -70.56 8.43 -32.65
C VAL C 693 -70.59 8.38 -34.17
N CYS C 694 -69.78 7.49 -34.75
CA CYS C 694 -69.60 7.42 -36.19
C CYS C 694 -69.78 5.99 -36.67
N CYS C 695 -70.57 5.81 -37.73
CA CYS C 695 -70.74 4.52 -38.39
C CYS C 695 -69.86 4.50 -39.63
N LEU C 696 -69.00 3.48 -39.71
CA LEU C 696 -68.02 3.36 -40.79
C LEU C 696 -67.96 1.92 -41.24
N ILE C 697 -67.27 1.70 -42.37
CA ILE C 697 -67.06 0.37 -42.92
C ILE C 697 -65.57 0.18 -43.15
N ASN C 698 -65.01 -0.90 -42.62
CA ASN C 698 -63.62 -1.28 -42.85
C ASN C 698 -63.56 -2.45 -43.81
N PRO C 699 -62.52 -2.53 -44.63
CA PRO C 699 -62.38 -3.66 -45.55
C PRO C 699 -62.28 -4.98 -44.79
N ALA C 700 -62.77 -6.04 -45.41
CA ALA C 700 -62.77 -7.36 -44.80
C ALA C 700 -62.60 -8.46 -45.85
N TYR C 704 -66.90 -6.64 -46.45
CA TYR C 704 -67.08 -5.37 -45.74
C TYR C 704 -67.68 -5.61 -44.36
N MET C 705 -67.21 -4.84 -43.38
CA MET C 705 -67.68 -4.95 -42.01
C MET C 705 -68.18 -3.59 -41.54
N LEU C 706 -69.47 -3.54 -41.18
CA LEU C 706 -70.08 -2.31 -40.67
C LEU C 706 -69.81 -2.22 -39.18
N LYS C 707 -69.21 -1.11 -38.75
CA LYS C 707 -68.88 -0.88 -37.35
C LYS C 707 -69.36 0.50 -36.93
N VAL C 708 -69.49 0.68 -35.62
CA VAL C 708 -69.78 1.97 -35.02
C VAL C 708 -68.84 2.17 -33.84
N ASP C 709 -68.15 3.30 -33.81
CA ASP C 709 -67.21 3.61 -32.75
C ASP C 709 -67.75 4.77 -31.90
N ASN C 710 -67.58 4.64 -30.58
CA ASN C 710 -68.08 5.60 -29.63
C ASN C 710 -66.90 6.16 -28.83
N ASN C 711 -66.71 7.47 -28.91
CA ASN C 711 -65.63 8.17 -28.21
C ASN C 711 -66.17 9.01 -27.06
N THR C 712 -67.20 8.51 -26.38
CA THR C 712 -67.81 9.19 -25.25
C THR C 712 -67.88 8.24 -24.06
N LEU C 713 -68.48 8.71 -22.98
CA LEU C 713 -68.75 7.89 -21.79
C LEU C 713 -70.23 7.55 -21.64
N LYS C 714 -71.04 7.83 -22.65
CA LYS C 714 -72.46 7.54 -22.63
C LYS C 714 -72.82 6.52 -23.70
N ASP C 715 -73.89 5.77 -23.47
CA ASP C 715 -74.37 4.79 -24.41
C ASP C 715 -75.36 5.44 -25.37
N PHE C 716 -75.39 4.93 -26.60
CA PHE C 716 -76.25 5.48 -27.64
C PHE C 716 -76.91 4.36 -28.43
N GLU C 717 -77.99 4.70 -29.13
CA GLU C 717 -78.69 3.71 -30.00
C GLU C 717 -79.22 4.46 -31.23
N GLY C 718 -79.42 3.74 -32.33
CA GLY C 718 -79.99 4.37 -33.54
C GLY C 718 -80.06 3.43 -34.73
N VAL C 719 -80.03 3.97 -35.95
CA VAL C 719 -80.23 3.13 -37.17
C VAL C 719 -79.42 3.70 -38.34
N ASP C 724 -76.44 1.37 -52.07
CA ASP C 724 -75.50 1.69 -53.18
C ASP C 724 -75.94 2.99 -53.85
N VAL C 725 -75.00 3.77 -54.37
CA VAL C 725 -75.36 5.10 -54.95
C VAL C 725 -76.02 4.92 -56.31
N ALA C 726 -75.52 3.99 -57.14
CA ALA C 726 -76.05 3.82 -58.48
C ALA C 726 -77.16 2.77 -58.53
N SER C 727 -76.94 1.62 -57.88
CA SER C 727 -77.95 0.56 -57.90
C SER C 727 -79.16 0.94 -57.06
N GLY C 728 -78.97 1.74 -56.01
CA GLY C 728 -80.06 2.18 -55.16
C GLY C 728 -80.59 1.14 -54.20
N LYS C 729 -80.10 -0.09 -54.26
CA LYS C 729 -80.60 -1.15 -53.40
C LYS C 729 -80.02 -1.01 -52.00
N GLN C 730 -80.60 -1.75 -51.06
CA GLN C 730 -80.19 -1.73 -49.66
C GLN C 730 -79.27 -2.92 -49.39
N VAL C 731 -78.07 -2.63 -48.87
CA VAL C 731 -77.19 -3.68 -48.41
C VAL C 731 -77.48 -4.05 -46.95
N PHE C 732 -77.92 -3.09 -46.15
CA PHE C 732 -78.31 -3.35 -44.77
C PHE C 732 -79.35 -2.33 -44.30
N SER C 738 -74.73 0.80 -29.47
CA SER C 738 -73.45 1.50 -29.43
C SER C 738 -72.98 1.71 -28.00
N LYS C 739 -72.23 0.73 -27.48
CA LYS C 739 -71.73 0.81 -26.11
C LYS C 739 -70.75 1.97 -25.97
N ALA C 740 -70.56 2.41 -24.73
CA ALA C 740 -69.78 3.61 -24.46
C ALA C 740 -68.28 3.31 -24.49
N ASN C 741 -67.53 4.18 -25.19
CA ASN C 741 -66.07 4.15 -25.18
C ASN C 741 -65.53 2.82 -25.70
N GLN C 742 -66.11 2.32 -26.80
CA GLN C 742 -65.63 1.10 -27.42
C GLN C 742 -66.19 1.00 -28.82
N MET C 743 -65.58 0.12 -29.61
CA MET C 743 -66.05 -0.18 -30.96
C MET C 743 -67.01 -1.36 -30.91
N SER C 744 -68.11 -1.25 -31.64
CA SER C 744 -69.11 -2.31 -31.73
C SER C 744 -69.38 -2.64 -33.18
N GLU C 745 -69.23 -3.92 -33.53
CA GLU C 745 -69.50 -4.37 -34.89
C GLU C 745 -70.99 -4.60 -35.07
N ILE C 746 -71.57 -3.94 -36.08
CA ILE C 746 -73.00 -4.02 -36.32
C ILE C 746 -73.32 -5.30 -37.08
N ALA C 747 -73.04 -5.32 -38.37
CA ALA C 747 -73.34 -6.48 -39.20
C ALA C 747 -72.33 -6.57 -40.33
N THR C 748 -71.99 -7.80 -40.71
CA THR C 748 -71.12 -8.02 -41.85
C THR C 748 -71.91 -7.92 -43.14
N LEU C 749 -71.25 -7.40 -44.18
CA LEU C 749 -71.90 -7.13 -45.44
C LEU C 749 -71.24 -7.89 -46.57
N PRO C 750 -72.01 -8.45 -47.50
CA PRO C 750 -71.42 -9.22 -48.60
C PRO C 750 -70.75 -8.31 -49.63
N MET C 751 -69.88 -8.92 -50.43
CA MET C 751 -69.12 -8.17 -51.42
C MET C 751 -70.03 -7.71 -52.56
N GLN C 752 -69.95 -6.43 -52.90
CA GLN C 752 -70.67 -5.89 -54.03
C GLN C 752 -69.88 -6.10 -55.31
N LYS C 753 -70.59 -6.06 -56.44
CA LYS C 753 -69.97 -6.34 -57.73
C LYS C 753 -69.30 -5.08 -58.30
N GLY C 754 -68.08 -5.25 -58.79
CA GLY C 754 -67.42 -4.16 -59.50
C GLY C 754 -67.04 -3.01 -58.59
N GLN C 755 -67.30 -1.80 -59.08
CA GLN C 755 -66.96 -0.58 -58.36
C GLN C 755 -68.23 0.18 -58.00
N GLY C 756 -68.17 0.92 -56.90
CA GLY C 756 -69.31 1.69 -56.46
C GLY C 756 -69.06 2.27 -55.08
N MET C 757 -69.91 3.20 -54.68
CA MET C 757 -69.79 3.82 -53.35
C MET C 757 -71.08 3.55 -52.57
N LEU C 758 -70.96 3.25 -51.30
CA LEU C 758 -72.15 2.98 -50.46
C LEU C 758 -72.42 4.19 -49.58
N VAL C 759 -73.69 4.49 -49.32
CA VAL C 759 -74.05 5.60 -48.42
C VAL C 759 -74.47 5.01 -47.07
N ILE C 760 -73.98 5.58 -45.98
CA ILE C 760 -74.31 5.15 -44.63
C ILE C 760 -75.05 6.30 -43.96
N SER C 761 -76.34 6.11 -43.71
CA SER C 761 -77.20 7.14 -43.12
C SER C 761 -77.71 6.63 -41.77
N TYR C 762 -77.13 7.15 -40.69
CA TYR C 762 -77.51 6.74 -39.35
C TYR C 762 -78.08 7.93 -38.57
N ARG C 763 -79.11 7.66 -37.79
CA ARG C 763 -79.77 8.66 -36.96
C ARG C 763 -79.52 8.36 -35.49
N ILE C 764 -79.09 9.38 -34.75
CA ILE C 764 -78.79 9.25 -33.33
C ILE C 764 -79.50 10.38 -32.58
N GLU C 765 -80.46 10.02 -31.72
CA GLU C 765 -81.18 10.97 -30.89
C GLU C 765 -81.85 12.06 -31.73
N GLY C 766 -82.47 11.66 -32.84
CA GLY C 766 -83.20 12.60 -33.67
C GLY C 766 -82.36 13.46 -34.57
N ASN C 767 -81.08 13.11 -34.77
CA ASN C 767 -80.19 13.86 -35.66
C ASN C 767 -79.67 12.93 -36.75
N GLU C 768 -79.61 13.43 -37.97
CA GLU C 768 -79.17 12.66 -39.12
C GLU C 768 -77.70 12.92 -39.40
N TYR C 769 -76.92 11.85 -39.48
CA TYR C 769 -75.50 11.92 -39.82
C TYR C 769 -75.25 11.13 -41.09
N PHE C 770 -74.22 11.53 -41.83
CA PHE C 770 -73.96 10.98 -43.16
C PHE C 770 -72.51 10.54 -43.28
N ASN C 771 -72.29 9.44 -43.99
CA ASN C 771 -70.96 8.92 -44.27
C ASN C 771 -71.06 8.04 -45.51
N HIS C 772 -69.91 7.64 -46.05
CA HIS C 772 -69.88 6.83 -47.25
C HIS C 772 -68.72 5.84 -47.16
N TYR C 773 -68.60 5.00 -48.19
CA TYR C 773 -67.48 4.08 -48.32
C TYR C 773 -67.30 3.72 -49.79
N LEU C 774 -66.09 3.88 -50.28
CA LEU C 774 -65.74 3.57 -51.67
C LEU C 774 -65.04 2.23 -51.71
N TYR C 775 -65.57 1.28 -52.47
CA TYR C 775 -65.01 -0.05 -52.58
C TYR C 775 -64.51 -0.29 -54.01
N GLY C 776 -64.08 -1.51 -54.27
CA GLY C 776 -63.52 -1.87 -55.55
C GLY C 776 -62.01 -1.97 -55.50
N GLU C 777 -61.40 -1.80 -56.67
CA GLU C 777 -59.95 -1.79 -56.79
C GLU C 777 -59.55 -0.70 -57.77
N PRO C 778 -58.57 0.13 -57.43
CA PRO C 778 -58.11 1.17 -58.35
C PRO C 778 -57.48 0.56 -59.58
N PRO C 779 -57.39 1.30 -60.69
CA PRO C 779 -57.80 2.70 -60.87
C PRO C 779 -59.31 2.88 -60.91
N TYR C 780 -59.75 4.13 -60.80
CA TYR C 780 -61.15 4.49 -60.85
C TYR C 780 -61.34 5.56 -61.92
N LYS C 781 -62.58 5.72 -62.35
CA LYS C 781 -62.92 6.77 -63.30
C LYS C 781 -63.29 8.02 -62.52
N LEU C 782 -62.51 9.09 -62.69
CA LEU C 782 -62.81 10.35 -62.02
C LEU C 782 -64.22 10.82 -62.35
N ASP C 783 -64.65 10.58 -63.59
CA ASP C 783 -66.01 10.96 -63.98
C ASP C 783 -67.05 10.20 -63.16
N GLN C 784 -66.81 8.92 -62.92
CA GLN C 784 -67.77 8.10 -62.19
C GLN C 784 -67.75 8.38 -60.69
N TYR C 785 -66.55 8.54 -60.12
CA TYR C 785 -66.45 9.01 -58.74
C TYR C 785 -67.17 10.33 -58.56
N ARG C 786 -67.02 11.24 -59.53
CA ARG C 786 -67.74 12.51 -59.53
C ARG C 786 -69.24 12.28 -59.48
N LYS C 787 -69.73 11.18 -60.04
CA LYS C 787 -71.16 10.89 -60.04
C LYS C 787 -71.62 10.15 -58.79
N TRP C 788 -70.77 9.31 -58.21
CA TRP C 788 -71.12 8.63 -56.97
C TRP C 788 -71.17 9.61 -55.81
N VAL C 789 -70.24 10.55 -55.75
CA VAL C 789 -70.27 11.57 -54.70
C VAL C 789 -71.43 12.52 -54.92
N LYS C 790 -71.80 12.77 -56.19
CA LYS C 790 -72.99 13.58 -56.47
C LYS C 790 -74.26 12.83 -56.07
N LYS C 791 -74.29 11.51 -56.31
CA LYS C 791 -75.46 10.72 -55.96
C LYS C 791 -75.57 10.51 -54.46
N CYS C 792 -74.43 10.43 -53.75
CA CYS C 792 -74.50 10.26 -52.31
C CYS C 792 -75.09 11.49 -51.63
N GLY C 793 -74.98 12.66 -52.27
CA GLY C 793 -75.53 13.89 -51.74
C GLY C 793 -74.91 14.38 -50.46
N ILE C 794 -73.85 13.74 -49.97
CA ILE C 794 -73.23 14.16 -48.72
C ILE C 794 -72.26 15.30 -48.97
N TYR C 795 -71.22 15.04 -49.74
CA TYR C 795 -70.19 16.04 -50.02
C TYR C 795 -70.55 16.81 -51.29
N GLU C 796 -69.68 17.73 -51.67
CA GLU C 796 -69.91 18.68 -52.73
C GLU C 796 -69.04 18.33 -53.94
N LEU C 797 -68.78 19.32 -54.80
CA LEU C 797 -67.98 19.12 -56.00
C LEU C 797 -67.20 20.38 -56.34
N GLU C 798 -67.82 21.54 -56.11
CA GLU C 798 -67.30 22.83 -56.55
C GLU C 798 -67.04 22.81 -58.05
N VAL D 15 20.91 -6.33 7.96
CA VAL D 15 20.94 -5.84 6.60
C VAL D 15 19.71 -6.32 5.84
N PRO D 16 18.99 -5.39 5.21
CA PRO D 16 17.76 -5.75 4.51
C PRO D 16 18.04 -6.70 3.35
N ARG D 17 17.09 -7.60 3.11
CA ARG D 17 17.20 -8.53 1.99
C ARG D 17 17.15 -7.76 0.67
N GLY D 18 17.82 -8.31 -0.33
CA GLY D 18 17.91 -7.63 -1.61
C GLY D 18 18.77 -6.38 -1.57
N SER D 19 19.72 -6.31 -0.64
CA SER D 19 20.66 -5.19 -0.60
C SER D 19 21.74 -5.39 -1.65
N HIS D 20 22.02 -4.34 -2.41
CA HIS D 20 23.04 -4.42 -3.44
C HIS D 20 24.43 -4.40 -2.79
N MET D 21 25.26 -5.37 -3.17
CA MET D 21 26.60 -5.51 -2.60
C MET D 21 27.59 -4.74 -3.47
N PHE D 22 28.18 -3.68 -2.91
CA PHE D 22 29.16 -2.88 -3.62
C PHE D 22 30.58 -3.12 -3.11
N VAL D 23 30.78 -4.10 -2.25
CA VAL D 23 32.11 -4.54 -1.83
C VAL D 23 32.18 -6.05 -2.04
N SER D 24 33.41 -6.57 -2.08
CA SER D 24 33.61 -7.98 -2.33
C SER D 24 35.00 -8.38 -1.85
N GLU D 25 35.22 -9.70 -1.76
CA GLU D 25 36.50 -10.27 -1.36
C GLU D 25 36.72 -11.54 -2.15
N GLN D 26 37.79 -11.58 -2.94
CA GLN D 26 38.12 -12.71 -3.79
C GLN D 26 39.31 -13.45 -3.21
N SER D 27 39.17 -14.74 -2.99
CA SER D 27 40.24 -15.54 -2.41
C SER D 27 41.35 -15.77 -3.43
N LEU D 28 42.59 -15.64 -2.96
CA LEU D 28 43.77 -16.03 -3.72
C LEU D 28 44.39 -17.33 -3.19
N ASN D 29 43.68 -18.04 -2.32
CA ASN D 29 44.13 -19.35 -1.89
C ASN D 29 44.10 -20.33 -3.06
N GLY D 30 44.67 -21.51 -2.83
CA GLY D 30 44.67 -22.58 -3.81
C GLY D 30 46.09 -22.97 -4.21
N ARG D 31 46.25 -23.32 -5.49
CA ARG D 31 47.52 -23.79 -6.02
C ARG D 31 48.41 -22.62 -6.40
N TRP D 32 49.64 -22.65 -5.92
CA TRP D 32 50.69 -21.71 -6.29
C TRP D 32 51.89 -22.49 -6.83
N THR D 33 52.87 -21.76 -7.34
CA THR D 33 54.15 -22.32 -7.73
C THR D 33 55.19 -21.93 -6.69
N LEU D 34 55.95 -22.92 -6.22
CA LEU D 34 56.96 -22.71 -5.19
C LEU D 34 58.32 -23.14 -5.70
N LYS D 35 59.25 -22.19 -5.77
CA LYS D 35 60.64 -22.46 -6.13
C LYS D 35 61.51 -22.19 -4.92
N PHE D 36 62.35 -23.15 -4.56
CA PHE D 36 63.20 -23.03 -3.38
C PHE D 36 64.64 -23.39 -3.73
N PHE D 37 65.57 -22.76 -3.01
CA PHE D 37 66.99 -22.87 -3.28
C PHE D 37 67.75 -22.38 -2.06
N PRO D 38 68.99 -22.84 -1.87
CA PRO D 38 69.79 -22.32 -0.76
C PRO D 38 70.06 -20.84 -0.92
N GLN D 39 69.99 -20.11 0.20
CA GLN D 39 70.14 -18.67 0.17
C GLN D 39 71.59 -18.29 -0.04
N PRO D 40 71.92 -17.52 -1.09
CA PRO D 40 73.31 -17.08 -1.27
C PRO D 40 73.73 -16.15 -0.14
N ALA D 41 75.01 -15.77 -0.18
CA ALA D 41 75.53 -14.81 0.79
C ALA D 41 74.75 -13.52 0.77
N VAL D 42 74.50 -13.00 -0.44
CA VAL D 42 73.58 -11.86 -0.63
C VAL D 42 72.19 -12.44 -0.87
N PRO D 43 71.24 -12.22 0.02
CA PRO D 43 69.91 -12.83 -0.16
C PRO D 43 69.22 -12.33 -1.41
N VAL D 44 68.44 -13.20 -2.03
CA VAL D 44 67.69 -12.86 -3.22
C VAL D 44 66.49 -12.00 -2.83
N MET D 45 66.40 -10.82 -3.45
CA MET D 45 65.33 -9.87 -3.16
C MET D 45 64.40 -9.61 -4.34
N THR D 46 64.90 -9.72 -5.57
CA THR D 46 64.16 -9.33 -6.76
C THR D 46 63.62 -10.56 -7.49
N ILE D 47 62.66 -10.31 -8.38
CA ILE D 47 62.09 -11.39 -9.18
C ILE D 47 63.12 -11.94 -10.14
N GLU D 48 63.92 -11.05 -10.75
CA GLU D 48 64.95 -11.50 -11.67
C GLU D 48 65.95 -12.43 -10.99
N GLY D 49 66.32 -12.11 -9.75
CA GLY D 49 67.24 -12.97 -9.02
C GLY D 49 66.62 -14.30 -8.63
N ALA D 50 65.32 -14.29 -8.30
CA ALA D 50 64.64 -15.52 -7.94
C ALA D 50 64.52 -16.46 -9.14
N GLU D 51 64.27 -15.91 -10.33
CA GLU D 51 64.18 -16.73 -11.52
C GLU D 51 65.56 -17.17 -12.01
N ALA D 52 66.60 -16.36 -11.77
CA ALA D 52 67.94 -16.73 -12.21
C ALA D 52 68.54 -17.79 -11.30
N ALA D 53 68.17 -17.81 -10.03
CA ALA D 53 68.73 -18.77 -9.09
C ALA D 53 68.38 -20.20 -9.50
N ASN D 54 69.29 -21.13 -9.21
CA ASN D 54 69.09 -22.54 -9.52
C ASN D 54 68.39 -23.20 -8.34
N GLY D 55 67.19 -23.72 -8.59
CA GLY D 55 66.40 -24.34 -7.54
C GLY D 55 65.43 -25.38 -8.03
N ILE D 56 64.53 -25.82 -7.15
CA ILE D 56 63.55 -26.86 -7.44
C ILE D 56 62.16 -26.23 -7.42
N VAL D 57 61.36 -26.54 -8.42
CA VAL D 57 60.00 -26.00 -8.57
C VAL D 57 59.00 -27.11 -8.28
N VAL D 58 58.09 -26.85 -7.34
CA VAL D 58 57.05 -27.80 -6.96
C VAL D 58 55.72 -27.09 -6.86
N ASP D 59 54.64 -27.87 -6.88
CA ASP D 59 53.31 -27.34 -6.61
C ASP D 59 53.18 -26.99 -5.13
N ALA D 60 52.46 -25.92 -4.84
CA ALA D 60 52.26 -25.46 -3.48
C ALA D 60 50.79 -25.15 -3.24
N VAL D 61 50.38 -25.24 -1.97
CA VAL D 61 49.02 -24.94 -1.55
C VAL D 61 49.08 -23.79 -0.55
N VAL D 62 48.26 -22.77 -0.77
CA VAL D 62 48.15 -21.62 0.10
C VAL D 62 46.74 -21.59 0.67
N PRO D 63 46.56 -21.52 1.99
CA PRO D 63 47.59 -21.47 3.05
C PRO D 63 48.37 -22.77 3.17
N GLY D 64 49.64 -22.69 3.55
CA GLY D 64 50.42 -23.90 3.71
C GLY D 64 51.78 -23.58 4.32
N ASN D 65 52.53 -24.65 4.57
CA ASN D 65 53.94 -24.56 4.93
C ASN D 65 54.74 -25.27 3.85
N VAL D 66 55.98 -24.81 3.64
CA VAL D 66 56.79 -25.32 2.53
C VAL D 66 57.09 -26.80 2.70
N GLU D 67 57.24 -27.26 3.95
CA GLU D 67 57.50 -28.68 4.18
C GLU D 67 56.31 -29.56 3.82
N ILE D 68 55.10 -29.00 3.84
CA ILE D 68 53.94 -29.75 3.38
C ILE D 68 53.96 -29.89 1.87
N ASP D 69 54.33 -28.82 1.16
CA ASP D 69 54.46 -28.90 -0.29
C ASP D 69 55.56 -29.87 -0.69
N MET D 70 56.71 -29.82 0.00
CA MET D 70 57.81 -30.70 -0.34
C MET D 70 57.47 -32.16 -0.06
N GLU D 71 56.77 -32.43 1.05
CA GLU D 71 56.38 -33.81 1.34
C GLU D 71 55.36 -34.34 0.33
N ALA D 72 54.48 -33.46 -0.17
CA ALA D 72 53.53 -33.88 -1.20
C ALA D 72 54.21 -34.23 -2.51
N ALA D 73 55.39 -33.68 -2.78
CA ALA D 73 56.16 -34.00 -3.96
C ALA D 73 57.22 -35.06 -3.70
N GLY D 74 57.16 -35.73 -2.55
CA GLY D 74 58.09 -36.80 -2.25
C GLY D 74 59.51 -36.36 -1.97
N LEU D 75 59.72 -35.09 -1.61
CA LEU D 75 61.06 -34.57 -1.43
C LEU D 75 61.55 -34.63 0.02
N VAL D 76 60.65 -34.82 0.99
CA VAL D 76 61.04 -34.94 2.39
C VAL D 76 60.24 -36.06 3.04
N GLU D 77 60.84 -36.67 4.06
CA GLU D 77 60.19 -37.70 4.85
C GLU D 77 59.21 -37.07 5.84
N ASP D 78 58.22 -37.86 6.25
CA ASP D 78 57.24 -37.45 7.26
C ASP D 78 57.95 -36.96 8.51
N PRO D 79 57.87 -35.67 8.83
CA PRO D 79 58.61 -35.14 9.99
C PRO D 79 58.10 -35.65 11.33
N MET D 80 56.93 -36.28 11.38
CA MET D 80 56.34 -36.68 12.66
C MET D 80 56.83 -38.04 13.14
N VAL D 81 57.53 -38.81 12.30
CA VAL D 81 57.94 -40.16 12.62
C VAL D 81 59.43 -40.18 12.92
N GLY D 82 59.81 -40.87 14.00
CA GLY D 82 61.20 -41.15 14.30
C GLY D 82 62.04 -39.90 14.43
N ASN D 83 63.21 -39.93 13.80
CA ASN D 83 64.16 -38.82 13.79
C ASN D 83 64.06 -37.99 12.52
N ASN D 84 62.97 -38.12 11.75
CA ASN D 84 62.87 -37.42 10.49
C ASN D 84 62.83 -35.90 10.66
N ILE D 85 62.54 -35.41 11.87
CA ILE D 85 62.49 -33.96 12.08
C ILE D 85 63.86 -33.33 11.81
N TYR D 86 64.93 -34.03 12.16
CA TYR D 86 66.27 -33.47 11.96
C TYR D 86 66.65 -33.39 10.49
N LYS D 87 65.96 -34.13 9.62
CA LYS D 87 66.28 -34.09 8.20
C LYS D 87 65.87 -32.77 7.55
N LEU D 88 64.95 -32.02 8.16
CA LEU D 88 64.55 -30.73 7.62
C LEU D 88 65.57 -29.63 7.88
N ARG D 89 66.57 -29.89 8.71
CA ARG D 89 67.59 -28.90 9.09
C ARG D 89 68.14 -28.06 7.93
N PRO D 90 68.57 -28.65 6.79
CA PRO D 90 69.15 -27.79 5.73
C PRO D 90 68.22 -26.70 5.23
N TYR D 91 66.90 -26.91 5.27
CA TYR D 91 65.98 -25.95 4.67
C TYR D 91 65.85 -24.68 5.48
N GLU D 92 66.41 -24.61 6.69
CA GLU D 92 66.44 -23.36 7.42
C GLU D 92 67.29 -22.30 6.72
N GLY D 93 68.19 -22.72 5.83
CA GLY D 93 69.01 -21.78 5.09
C GLY D 93 68.55 -21.59 3.66
N TYR D 94 67.33 -22.01 3.36
CA TYR D 94 66.75 -21.89 2.03
C TYR D 94 65.89 -20.65 1.89
N GLN D 95 65.68 -20.24 0.65
CA GLN D 95 64.71 -19.22 0.31
C GLN D 95 63.52 -19.87 -0.38
N TRP D 96 62.40 -19.15 -0.41
CA TRP D 96 61.15 -19.68 -0.92
C TRP D 96 60.46 -18.63 -1.76
N TYR D 97 60.08 -19.00 -2.98
CA TYR D 97 59.56 -18.08 -3.99
C TYR D 97 58.16 -18.55 -4.39
N TYR D 98 57.15 -17.90 -3.83
CA TYR D 98 55.76 -18.15 -4.19
C TYR D 98 55.38 -17.33 -5.42
N SER D 99 54.66 -17.95 -6.34
CA SER D 99 54.24 -17.28 -7.56
C SER D 99 52.87 -17.80 -7.99
N ARG D 100 52.01 -16.89 -8.42
CA ARG D 100 50.73 -17.26 -9.02
C ARG D 100 50.23 -16.06 -9.81
N THR D 101 49.27 -16.34 -10.69
CA THR D 101 48.58 -15.30 -11.43
C THR D 101 47.13 -15.20 -10.95
N PHE D 102 46.53 -14.03 -11.20
CA PHE D 102 45.15 -13.83 -10.79
C PHE D 102 44.50 -12.82 -11.71
N ALA D 103 43.17 -12.92 -11.83
CA ALA D 103 42.37 -11.95 -12.54
C ALA D 103 41.92 -10.88 -11.55
N ALA D 104 42.28 -9.63 -11.83
CA ALA D 104 41.91 -8.54 -10.93
C ALA D 104 40.42 -8.23 -11.10
N PRO D 105 39.68 -8.06 -10.00
CA PRO D 105 38.26 -7.72 -10.13
C PRO D 105 38.09 -6.31 -10.68
N VAL D 106 36.89 -6.07 -11.23
CA VAL D 106 36.59 -4.76 -11.78
C VAL D 106 36.48 -3.75 -10.64
N VAL D 107 37.09 -2.59 -10.82
CA VAL D 107 37.16 -1.55 -9.80
C VAL D 107 36.61 -0.27 -10.40
N THR D 108 35.49 0.21 -9.87
CA THR D 108 34.88 1.43 -10.37
C THR D 108 35.62 2.65 -9.85
N GLU D 109 35.17 3.83 -10.29
CA GLU D 109 35.81 5.08 -9.92
C GLU D 109 35.86 5.26 -8.41
N GLY D 110 37.06 5.50 -7.88
CA GLY D 110 37.26 5.78 -6.48
C GLY D 110 37.48 4.57 -5.60
N GLN D 111 37.08 3.37 -6.04
CA GLN D 111 37.29 2.18 -5.24
C GLN D 111 38.78 1.87 -5.10
N ARG D 112 39.10 1.08 -4.07
CA ARG D 112 40.47 0.67 -3.80
C ARG D 112 40.55 -0.84 -3.76
N LEU D 113 41.66 -1.38 -4.26
CA LEU D 113 41.93 -2.82 -4.24
C LEU D 113 43.05 -3.09 -3.24
N VAL D 114 42.76 -3.94 -2.25
CA VAL D 114 43.69 -4.22 -1.16
C VAL D 114 44.08 -5.70 -1.24
N LEU D 115 45.37 -5.96 -1.36
CA LEU D 115 45.90 -7.31 -1.25
C LEU D 115 46.14 -7.63 0.22
N HIS D 116 45.41 -8.62 0.74
CA HIS D 116 45.42 -8.95 2.14
C HIS D 116 46.19 -10.25 2.37
N PHE D 117 47.16 -10.21 3.27
CA PHE D 117 47.91 -11.38 3.71
C PHE D 117 47.58 -11.64 5.18
N GLY D 118 46.99 -12.80 5.47
CA GLY D 118 46.78 -13.18 6.85
C GLY D 118 48.04 -13.66 7.54
N GLY D 119 48.99 -14.20 6.78
CA GLY D 119 50.21 -14.72 7.37
C GLY D 119 51.35 -14.93 6.40
N ILE D 120 52.40 -14.11 6.53
CA ILE D 120 53.65 -14.25 5.79
C ILE D 120 54.74 -14.64 6.77
N ASP D 121 55.46 -15.72 6.47
CA ASP D 121 56.48 -16.28 7.36
C ASP D 121 57.77 -16.43 6.57
N THR D 122 58.67 -15.44 6.65
CA THR D 122 58.46 -14.20 7.40
C THR D 122 59.00 -13.01 6.60
N PHE D 123 60.31 -12.98 6.39
CA PHE D 123 60.97 -11.87 5.72
C PHE D 123 60.79 -12.04 4.21
N ALA D 124 59.98 -11.19 3.61
CA ALA D 124 59.59 -11.40 2.22
C ALA D 124 59.44 -10.06 1.52
N GLU D 125 59.65 -10.09 0.20
CA GLU D 125 59.35 -8.98 -0.69
C GLU D 125 58.15 -9.36 -1.54
N VAL D 126 57.14 -8.49 -1.56
CA VAL D 126 55.88 -8.76 -2.25
C VAL D 126 55.86 -7.94 -3.54
N TYR D 127 55.54 -8.60 -4.65
CA TYR D 127 55.54 -7.97 -5.96
C TYR D 127 54.20 -8.22 -6.65
N VAL D 128 53.66 -7.17 -7.25
CA VAL D 128 52.47 -7.25 -8.09
C VAL D 128 52.83 -6.67 -9.45
N ASN D 129 52.73 -7.50 -10.49
CA ASN D 129 53.11 -7.11 -11.85
C ASN D 129 54.53 -6.57 -11.90
N GLY D 130 55.44 -7.24 -11.19
CA GLY D 130 56.82 -6.85 -11.16
C GLY D 130 57.15 -5.62 -10.34
N ILE D 131 56.15 -4.99 -9.73
CA ILE D 131 56.36 -3.80 -8.92
C ILE D 131 56.26 -4.20 -7.45
N LYS D 132 57.24 -3.79 -6.65
CA LYS D 132 57.22 -4.10 -5.23
C LYS D 132 56.11 -3.30 -4.54
N VAL D 133 55.31 -3.99 -3.74
CA VAL D 133 54.24 -3.36 -2.98
C VAL D 133 54.42 -3.47 -1.48
N GLY D 134 55.41 -4.22 -1.00
CA GLY D 134 55.61 -4.33 0.44
C GLY D 134 56.81 -5.18 0.77
N SER D 135 57.33 -4.95 1.99
CA SER D 135 58.40 -5.74 2.59
C SER D 135 57.90 -6.24 3.94
N ALA D 136 57.55 -7.51 4.02
CA ALA D 136 57.01 -8.09 5.25
C ALA D 136 58.14 -8.60 6.13
N ASP D 137 57.97 -8.43 7.45
CA ASP D 137 58.97 -8.90 8.40
C ASP D 137 58.37 -9.26 9.75
N ASN D 138 57.15 -9.79 9.76
CA ASN D 138 56.51 -10.17 11.02
C ASN D 138 55.58 -11.34 10.74
N MET D 139 55.90 -12.50 11.33
CA MET D 139 55.14 -13.72 11.09
C MET D 139 53.75 -13.65 11.69
N LEU D 140 53.55 -12.84 12.73
CA LEU D 140 52.41 -12.98 13.62
C LEU D 140 51.22 -12.09 13.26
N ILE D 141 51.37 -11.14 12.36
CA ILE D 141 50.32 -10.15 12.09
C ILE D 141 49.98 -10.17 10.59
N GLU D 142 48.86 -9.54 10.28
CA GLU D 142 48.40 -9.40 8.90
C GLU D 142 49.22 -8.32 8.18
N HIS D 143 49.19 -8.39 6.85
CA HIS D 143 49.87 -7.42 6.01
C HIS D 143 48.94 -7.05 4.86
N ASP D 144 48.56 -5.79 4.77
CA ASP D 144 47.64 -5.30 3.76
C ASP D 144 48.35 -4.26 2.90
N TYR D 145 48.22 -4.38 1.58
CA TYR D 145 48.82 -3.44 0.65
C TYR D 145 47.77 -2.95 -0.33
N ASP D 146 47.78 -1.65 -0.57
CA ASP D 146 46.89 -1.03 -1.56
C ASP D 146 47.55 -1.14 -2.93
N ILE D 147 47.02 -2.03 -3.76
CA ILE D 147 47.59 -2.31 -5.07
C ILE D 147 46.71 -1.74 -6.19
N THR D 148 45.91 -0.73 -5.89
CA THR D 148 44.97 -0.17 -6.86
C THR D 148 45.70 0.29 -8.12
N SER D 149 46.80 1.03 -7.97
CA SER D 149 47.45 1.69 -9.08
C SER D 149 48.45 0.80 -9.82
N VAL D 150 48.81 -0.37 -9.28
CA VAL D 150 49.78 -1.23 -9.94
C VAL D 150 49.14 -2.39 -10.70
N VAL D 151 47.88 -2.73 -10.40
CA VAL D 151 47.23 -3.80 -11.15
C VAL D 151 46.87 -3.30 -12.55
N LYS D 152 46.68 -4.26 -13.45
CA LYS D 152 46.30 -4.00 -14.83
C LYS D 152 45.07 -4.82 -15.17
N GLU D 153 44.43 -4.49 -16.28
CA GLU D 153 43.32 -5.30 -16.75
C GLU D 153 43.81 -6.68 -17.16
N GLY D 154 43.00 -7.70 -16.89
CA GLY D 154 43.35 -9.06 -17.27
C GLY D 154 44.26 -9.77 -16.29
N GLU D 155 45.24 -10.51 -16.81
CA GLU D 155 46.08 -11.35 -15.98
C GLU D 155 47.11 -10.50 -15.22
N ASN D 156 47.18 -10.71 -13.91
CA ASN D 156 48.16 -10.07 -13.06
C ASN D 156 49.05 -11.13 -12.41
N ARG D 157 50.24 -10.72 -12.00
CA ARG D 157 51.20 -11.62 -11.39
C ARG D 157 51.45 -11.20 -9.94
N LEU D 158 51.55 -12.20 -9.07
CA LEU D 158 51.85 -12.00 -7.65
C LEU D 158 53.04 -12.88 -7.29
N ASP D 159 54.12 -12.26 -6.83
CA ASP D 159 55.35 -12.96 -6.49
C ASP D 159 55.77 -12.57 -5.07
N VAL D 160 56.15 -13.57 -4.28
CA VAL D 160 56.62 -13.37 -2.91
C VAL D 160 57.92 -14.13 -2.75
N ILE D 161 59.00 -13.41 -2.46
CA ILE D 161 60.32 -14.01 -2.28
C ILE D 161 60.69 -13.90 -0.81
N ILE D 162 60.79 -15.06 -0.15
CA ILE D 162 61.05 -15.15 1.28
C ILE D 162 62.51 -15.49 1.52
N ARG D 163 63.11 -14.86 2.53
CA ARG D 163 64.49 -15.11 2.92
C ARG D 163 64.54 -16.07 4.12
N SER D 164 65.76 -16.48 4.47
CA SER D 164 65.98 -17.35 5.61
C SER D 164 65.79 -16.59 6.90
N SER D 165 64.86 -17.04 7.74
CA SER D 165 64.66 -16.41 9.04
C SER D 165 65.87 -16.59 9.93
N VAL D 166 66.50 -17.76 9.87
CA VAL D 166 67.66 -18.04 10.73
C VAL D 166 68.79 -17.06 10.43
N MET D 167 69.07 -16.83 9.15
CA MET D 167 70.18 -15.95 8.78
C MET D 167 69.88 -14.49 9.11
N GLU D 168 68.61 -14.10 9.21
CA GLU D 168 68.29 -12.71 9.55
C GLU D 168 68.80 -12.34 10.94
N ALA D 169 68.93 -13.31 11.84
CA ALA D 169 69.36 -13.02 13.20
C ALA D 169 70.74 -12.39 13.24
N GLN D 170 71.61 -12.74 12.30
CA GLN D 170 72.99 -12.27 12.30
C GLN D 170 73.15 -10.85 11.79
N ASN D 171 72.07 -10.21 11.36
CA ASN D 171 72.10 -8.78 11.05
C ASN D 171 72.00 -7.92 12.31
N HIS D 172 71.99 -8.54 13.49
CA HIS D 172 71.80 -7.83 14.75
C HIS D 172 72.87 -8.24 15.75
N PHE D 173 73.32 -7.28 16.55
CA PHE D 173 74.24 -7.52 17.65
C PHE D 173 73.43 -7.65 18.94
N LEU D 174 73.53 -8.79 19.59
CA LEU D 174 72.66 -9.13 20.71
C LEU D 174 73.22 -8.57 22.02
N GLY D 175 72.31 -8.11 22.89
CA GLY D 175 72.69 -7.77 24.23
C GLY D 175 72.91 -9.00 25.09
N THR D 176 73.60 -8.78 26.22
CA THR D 176 73.97 -9.89 27.10
C THR D 176 72.75 -10.71 27.52
N LEU D 177 71.64 -10.05 27.79
CA LEU D 177 70.46 -10.72 28.32
C LEU D 177 69.69 -11.52 27.27
N SER D 178 70.01 -11.35 25.99
CA SER D 178 69.36 -12.10 24.92
C SER D 178 70.10 -13.39 24.58
N ILE D 179 71.13 -13.73 25.34
CA ILE D 179 71.99 -14.89 25.06
C ILE D 179 71.94 -15.83 26.25
N GLY D 180 71.75 -17.11 25.99
CA GLY D 180 71.75 -18.12 27.03
C GLY D 180 70.40 -18.44 27.62
N ASN D 181 69.32 -17.87 27.10
CA ASN D 181 67.99 -18.21 27.56
C ASN D 181 67.52 -19.50 26.91
N PHE D 182 66.42 -20.06 27.44
CA PHE D 182 65.89 -21.28 26.82
C PHE D 182 65.35 -21.00 25.43
N SER D 183 64.82 -19.80 25.19
CA SER D 183 64.46 -19.41 23.84
C SER D 183 65.72 -19.13 23.02
N ASN D 184 65.64 -19.43 21.73
CA ASN D 184 66.81 -19.42 20.88
C ASN D 184 67.30 -18.00 20.62
N GLU D 185 68.62 -17.83 20.55
CA GLU D 185 69.18 -16.52 20.21
C GLU D 185 68.73 -16.06 18.83
N GLU D 186 68.47 -17.01 17.92
CA GLU D 186 67.92 -16.66 16.61
C GLU D 186 66.56 -15.99 16.75
N SER D 187 65.83 -16.28 17.83
CA SER D 187 64.49 -15.74 18.02
C SER D 187 64.49 -14.33 18.59
N ALA D 188 65.59 -13.90 19.21
CA ALA D 188 65.59 -12.63 19.93
C ALA D 188 65.28 -11.42 19.04
N PRO D 189 65.96 -11.19 17.91
CA PRO D 189 65.73 -9.96 17.15
C PRO D 189 64.66 -10.04 16.07
N VAL D 190 63.88 -11.11 16.01
CA VAL D 190 62.90 -11.29 14.94
C VAL D 190 61.52 -11.47 15.56
N ARG D 191 60.49 -11.10 14.79
CA ARG D 191 59.10 -11.20 15.24
C ARG D 191 58.51 -12.48 14.65
N ARG D 192 58.80 -13.60 15.33
CA ARG D 192 58.25 -14.90 14.99
C ARG D 192 57.92 -15.63 16.28
N ALA D 193 57.09 -16.66 16.17
CA ALA D 193 56.78 -17.47 17.34
C ALA D 193 58.05 -18.14 17.86
N PRO D 194 58.44 -17.90 19.11
CA PRO D 194 59.71 -18.45 19.60
C PRO D 194 59.79 -19.98 19.56
N SER D 195 58.65 -20.66 19.75
CA SER D 195 58.69 -22.12 19.83
C SER D 195 58.99 -22.78 18.49
N THR D 196 58.98 -22.04 17.38
CA THR D 196 59.32 -22.66 16.10
C THR D 196 60.80 -22.99 15.98
N TYR D 197 61.64 -22.36 16.80
CA TYR D 197 63.07 -22.66 16.81
C TYR D 197 63.40 -23.88 17.66
N GLY D 198 62.40 -24.51 18.26
CA GLY D 198 62.63 -25.63 19.14
C GLY D 198 62.33 -25.30 20.59
N TRP D 199 61.59 -26.18 21.25
CA TRP D 199 61.27 -26.05 22.66
C TRP D 199 61.27 -27.44 23.27
N ASP D 200 61.08 -27.52 24.58
CA ASP D 200 60.99 -28.84 25.19
C ASP D 200 59.66 -29.52 24.88
N ILE D 201 58.66 -28.76 24.43
CA ILE D 201 57.35 -29.29 24.09
C ILE D 201 57.01 -29.11 22.61
N MET D 202 57.96 -28.64 21.80
CA MET D 202 57.74 -28.46 20.37
C MET D 202 59.03 -28.76 19.62
N PRO D 203 58.95 -29.44 18.48
CA PRO D 203 60.17 -29.72 17.71
C PRO D 203 60.71 -28.44 17.10
N ARG D 204 62.01 -28.47 16.77
CA ARG D 204 62.57 -27.40 15.97
C ARG D 204 62.09 -27.55 14.54
N LEU D 205 61.33 -26.57 14.05
CA LEU D 205 60.84 -26.56 12.69
C LEU D 205 60.57 -25.13 12.27
N VAL D 206 61.62 -24.43 11.82
CA VAL D 206 61.49 -23.01 11.52
C VAL D 206 60.43 -22.78 10.45
N SER D 207 60.48 -23.58 9.37
CA SER D 207 59.50 -23.52 8.29
C SER D 207 59.48 -22.15 7.62
N ALA D 208 58.53 -21.95 6.73
CA ALA D 208 58.31 -20.68 6.02
C ALA D 208 57.06 -20.87 5.15
N GLY D 209 56.55 -19.75 4.64
CA GLY D 209 55.50 -19.80 3.65
C GLY D 209 54.37 -18.87 3.97
N LEU D 210 53.27 -19.02 3.21
CA LEU D 210 52.06 -18.23 3.37
C LEU D 210 51.07 -19.06 4.17
N TRP D 211 51.12 -18.92 5.49
CA TRP D 211 50.44 -19.85 6.39
C TRP D 211 49.01 -19.44 6.74
N ARG D 212 48.53 -18.31 6.23
CA ARG D 212 47.13 -17.92 6.39
C ARG D 212 46.62 -17.39 5.06
N ASP D 213 45.33 -17.02 5.03
CA ASP D 213 44.65 -16.68 3.79
C ASP D 213 45.32 -15.51 3.08
N VAL D 214 45.22 -15.52 1.76
CA VAL D 214 45.59 -14.39 0.90
C VAL D 214 44.36 -14.03 0.09
N THR D 215 43.89 -12.79 0.21
CA THR D 215 42.66 -12.38 -0.44
C THR D 215 42.84 -11.03 -1.12
N LEU D 216 41.88 -10.70 -1.99
CA LEU D 216 41.79 -9.40 -2.63
C LEU D 216 40.48 -8.75 -2.20
N ARG D 217 40.57 -7.57 -1.60
CA ARG D 217 39.41 -6.87 -1.06
C ARG D 217 39.15 -5.61 -1.87
N VAL D 218 37.89 -5.40 -2.23
CA VAL D 218 37.45 -4.20 -2.93
C VAL D 218 36.74 -3.30 -1.93
N GLU D 219 37.23 -2.08 -1.77
CA GLU D 219 36.66 -1.10 -0.86
C GLU D 219 36.15 0.11 -1.62
N ASN D 220 35.12 0.75 -1.08
CA ASN D 220 34.61 2.01 -1.61
C ASN D 220 35.35 3.18 -0.98
N PRO D 221 35.25 4.37 -1.58
CA PRO D 221 35.79 5.57 -0.90
C PRO D 221 35.19 5.77 0.47
N VAL D 222 33.93 5.40 0.67
CA VAL D 222 33.31 5.37 1.98
C VAL D 222 33.45 3.96 2.52
N THR D 223 34.18 3.80 3.63
CA THR D 223 34.40 2.48 4.18
C THR D 223 34.69 2.58 5.67
N ILE D 224 34.40 1.49 6.38
CA ILE D 224 34.61 1.41 7.82
C ILE D 224 36.05 0.97 8.06
N VAL D 225 36.84 1.85 8.66
CA VAL D 225 38.21 1.50 9.00
C VAL D 225 38.26 0.62 10.24
N ASP D 226 37.44 0.92 11.24
CA ASP D 226 37.43 0.14 12.46
C ASP D 226 36.10 0.31 13.19
N ALA D 227 35.57 -0.81 13.67
CA ALA D 227 34.36 -0.84 14.50
C ALA D 227 34.75 -1.45 15.85
N ASN D 228 34.91 -0.59 16.85
CA ASN D 228 35.43 -0.98 18.16
C ASN D 228 34.28 -0.90 19.17
N TRP D 229 33.82 -2.06 19.63
CA TRP D 229 32.73 -2.15 20.58
C TRP D 229 33.28 -2.28 21.99
N VAL D 230 32.75 -1.47 22.91
CA VAL D 230 33.22 -1.43 24.29
C VAL D 230 32.01 -1.45 25.22
N THR D 231 31.99 -2.39 26.16
CA THR D 231 30.96 -2.42 27.19
C THR D 231 31.34 -1.46 28.31
N LEU D 232 30.60 -0.36 28.43
CA LEU D 232 30.86 0.59 29.51
C LEU D 232 30.37 0.04 30.85
N SER D 233 29.18 -0.56 30.86
CA SER D 233 28.61 -1.10 32.08
C SER D 233 27.65 -2.22 31.70
N VAL D 234 27.26 -3.01 32.70
CA VAL D 234 26.30 -4.08 32.51
C VAL D 234 25.56 -4.30 33.81
N ASN D 235 24.25 -4.52 33.70
CA ASN D 235 23.37 -4.79 34.84
C ASN D 235 22.63 -6.08 34.54
N PRO D 236 23.21 -7.22 34.94
CA PRO D 236 22.56 -8.51 34.63
C PRO D 236 21.22 -8.69 35.33
N LYS D 237 21.03 -8.05 36.48
CA LYS D 237 19.75 -8.13 37.17
C LYS D 237 18.63 -7.50 36.34
N ALA D 238 18.81 -6.25 35.93
CA ALA D 238 17.81 -5.54 35.14
C ALA D 238 17.87 -5.87 33.65
N ARG D 239 18.80 -6.75 33.24
CA ARG D 239 18.97 -7.13 31.84
C ARG D 239 19.26 -5.90 30.98
N GLU D 240 20.19 -5.07 31.45
CA GLU D 240 20.57 -3.85 30.76
C GLU D 240 22.08 -3.81 30.58
N ALA D 241 22.53 -2.95 29.67
CA ALA D 241 23.94 -2.72 29.43
C ALA D 241 24.09 -1.42 28.66
N SER D 242 25.24 -0.78 28.82
CA SER D 242 25.61 0.40 28.04
C SER D 242 26.81 0.03 27.17
N GLU D 243 26.62 0.13 25.86
CA GLU D 243 27.63 -0.30 24.88
C GLU D 243 28.05 0.90 24.04
N SER D 244 29.33 1.21 24.07
CA SER D 244 29.88 2.25 23.21
C SER D 244 30.40 1.66 21.91
N LEU D 245 30.30 2.44 20.83
CA LEU D 245 30.85 2.08 19.53
C LEU D 245 31.78 3.19 19.09
N TYR D 246 33.07 2.87 19.05
CA TYR D 246 34.09 3.80 18.55
C TYR D 246 34.30 3.49 17.08
N LEU D 247 33.72 4.31 16.22
CA LEU D 247 33.70 4.09 14.78
C LEU D 247 34.69 5.02 14.09
N GLN D 248 35.57 4.44 13.28
CA GLN D 248 36.48 5.18 12.44
C GLN D 248 36.22 4.78 10.99
N THR D 249 36.08 5.76 10.11
CA THR D 249 35.74 5.52 8.72
C THR D 249 36.63 6.35 7.81
N ARG D 250 36.65 5.95 6.54
CA ARG D 250 37.13 6.79 5.46
C ARG D 250 35.92 7.45 4.81
N LEU D 251 35.95 8.77 4.70
CA LEU D 251 34.77 9.53 4.30
C LEU D 251 35.23 10.74 3.49
N PRO D 252 35.14 10.67 2.16
CA PRO D 252 35.44 11.86 1.34
C PRO D 252 34.58 13.02 1.80
N PHE D 253 35.08 14.25 1.62
CA PHE D 253 34.36 15.39 2.16
C PHE D 253 33.03 15.58 1.48
N GLU D 254 32.95 15.31 0.17
CA GLU D 254 31.67 15.40 -0.52
C GLU D 254 30.62 14.48 0.10
N MET D 255 31.06 13.42 0.77
CA MET D 255 30.13 12.48 1.41
C MET D 255 29.84 12.83 2.86
N HIS D 256 30.51 13.84 3.42
CA HIS D 256 30.11 14.36 4.72
C HIS D 256 28.68 14.87 4.65
N ASP D 257 27.87 14.54 5.66
CA ASP D 257 26.47 14.91 5.80
C ASP D 257 25.56 14.22 4.78
N LYS D 258 26.09 13.32 3.95
CA LYS D 258 25.30 12.57 2.99
C LYS D 258 25.29 11.08 3.28
N VAL D 259 26.00 10.62 4.30
CA VAL D 259 26.05 9.23 4.70
C VAL D 259 25.56 9.14 6.14
N LYS D 260 24.91 8.02 6.47
CA LYS D 260 24.48 7.74 7.83
C LYS D 260 25.04 6.41 8.30
N ALA D 261 25.35 6.35 9.60
CA ALA D 261 25.71 5.09 10.24
C ALA D 261 24.43 4.41 10.71
N VAL D 262 24.29 3.13 10.40
CA VAL D 262 23.13 2.33 10.78
C VAL D 262 23.63 1.23 11.70
N ILE D 263 23.23 1.30 12.96
CA ILE D 263 23.72 0.43 14.02
C ILE D 263 22.59 -0.47 14.49
N THR D 264 22.84 -1.77 14.50
CA THR D 264 21.83 -2.74 14.92
C THR D 264 22.43 -3.74 15.89
N ILE D 265 21.74 -3.95 17.01
CA ILE D 265 22.01 -5.06 17.92
C ILE D 265 20.85 -6.03 17.75
N SER D 266 21.17 -7.31 17.50
CA SER D 266 20.14 -8.30 17.26
C SER D 266 20.56 -9.64 17.85
N ARG D 267 19.57 -10.49 18.06
CA ARG D 267 19.77 -11.83 18.63
C ARG D 267 18.88 -12.79 17.87
N ASP D 268 19.49 -13.66 17.06
CA ASP D 268 18.76 -14.64 16.25
C ASP D 268 17.73 -13.95 15.36
N GLY D 269 18.18 -12.92 14.64
CA GLY D 269 17.33 -12.20 13.72
C GLY D 269 16.41 -11.17 14.36
N ARG D 270 16.11 -11.30 15.65
CA ARG D 270 15.24 -10.36 16.34
C ARG D 270 16.03 -9.10 16.69
N GLN D 271 15.56 -7.95 16.22
CA GLN D 271 16.24 -6.69 16.46
C GLN D 271 16.01 -6.22 17.89
N ILE D 272 17.08 -5.98 18.62
CA ILE D 272 16.99 -5.42 19.97
C ILE D 272 17.05 -3.91 19.95
N LEU D 273 17.96 -3.33 19.18
CA LEU D 273 18.12 -1.89 19.11
C LEU D 273 18.59 -1.49 17.72
N ARG D 274 18.05 -0.39 17.22
CA ARG D 274 18.48 0.18 15.95
C ARG D 274 18.65 1.69 16.12
N LYS D 275 19.80 2.20 15.72
CA LYS D 275 20.13 3.61 15.84
C LYS D 275 20.73 4.08 14.53
N GLU D 276 20.26 5.22 14.04
CA GLU D 276 20.80 5.86 12.85
C GLU D 276 21.34 7.23 13.23
N ALA D 277 22.45 7.62 12.59
CA ALA D 277 23.03 8.92 12.84
C ALA D 277 23.74 9.40 11.59
N LEU D 278 23.53 10.67 11.25
CA LEU D 278 24.23 11.26 10.10
C LEU D 278 25.72 11.34 10.37
N MET D 279 26.51 11.05 9.34
CA MET D 279 27.97 11.09 9.43
C MET D 279 28.43 12.50 9.11
N ARG D 280 28.69 13.29 10.15
CA ARG D 280 29.23 14.63 9.98
C ARG D 280 30.73 14.69 10.16
N LYS D 281 31.37 13.59 10.56
CA LYS D 281 32.82 13.51 10.67
C LYS D 281 33.25 12.05 10.57
N PHE D 282 34.54 11.85 10.31
CA PHE D 282 35.04 10.52 9.97
C PHE D 282 35.06 9.58 11.17
N ALA D 283 35.24 10.11 12.39
CA ALA D 283 35.34 9.31 13.59
C ALA D 283 34.29 9.77 14.60
N ASN D 284 33.62 8.81 15.24
CA ASN D 284 32.50 9.13 16.12
C ASN D 284 32.40 8.11 17.23
N LEU D 285 31.84 8.54 18.35
CA LEU D 285 31.47 7.66 19.47
C LEU D 285 29.95 7.64 19.56
N PHE D 286 29.37 6.45 19.43
CA PHE D 286 27.94 6.25 19.60
C PHE D 286 27.69 5.43 20.85
N THR D 287 26.86 5.95 21.75
CA THR D 287 26.55 5.26 23.00
C THR D 287 25.17 4.64 22.91
N LEU D 288 25.09 3.34 23.20
CA LEU D 288 23.85 2.58 23.12
C LEU D 288 23.44 2.14 24.52
N ASN D 289 22.25 2.55 24.94
CA ASN D 289 21.67 2.10 26.21
C ASN D 289 20.64 1.02 25.91
N LEU D 290 21.01 -0.22 26.19
CA LEU D 290 20.23 -1.38 25.78
C LEU D 290 19.38 -1.91 26.94
N SER D 291 18.21 -2.42 26.58
CA SER D 291 17.30 -3.07 27.51
C SER D 291 16.99 -4.47 27.00
N GLY D 292 16.64 -5.36 27.92
CA GLY D 292 16.35 -6.74 27.55
C GLY D 292 17.52 -7.48 26.96
N VAL D 293 18.70 -7.33 27.57
CA VAL D 293 19.92 -7.98 27.09
C VAL D 293 20.57 -8.71 28.26
N ASP D 294 21.07 -9.91 28.00
CA ASP D 294 21.70 -10.73 29.02
C ASP D 294 23.22 -10.55 28.96
N ALA D 295 23.85 -10.51 30.13
CA ALA D 295 25.29 -10.36 30.20
C ALA D 295 25.98 -11.63 29.72
N TRP D 296 27.25 -11.46 29.36
CA TRP D 296 28.08 -12.62 28.94
C TRP D 296 28.81 -13.12 30.17
N TRP D 297 28.79 -14.42 30.37
CA TRP D 297 29.41 -14.99 31.58
C TRP D 297 30.38 -16.10 31.20
N PRO D 298 31.44 -16.30 31.97
CA PRO D 298 32.36 -17.44 31.76
C PRO D 298 31.66 -18.73 32.18
N ARG D 299 32.20 -19.87 31.77
CA ARG D 299 31.57 -21.18 32.05
C ARG D 299 31.34 -21.37 33.55
N GLY D 300 30.13 -21.80 33.91
CA GLY D 300 29.78 -22.04 35.32
C GLY D 300 29.12 -20.84 35.93
N TYR D 301 29.60 -19.64 35.58
CA TYR D 301 29.08 -18.40 36.22
C TYR D 301 27.87 -17.91 35.45
N GLY D 302 27.52 -18.59 34.36
CA GLY D 302 26.30 -18.23 33.64
C GLY D 302 26.34 -18.56 32.17
N GLU D 303 25.46 -17.92 31.40
CA GLU D 303 25.37 -18.17 29.97
C GLU D 303 26.31 -17.24 29.20
N PRO D 304 26.99 -17.75 28.17
CA PRO D 304 27.84 -16.90 27.32
C PRO D 304 27.02 -16.15 26.28
N ALA D 305 26.16 -15.25 26.75
CA ALA D 305 25.24 -14.55 25.88
C ALA D 305 25.98 -13.70 24.86
N LEU D 306 25.65 -13.88 23.58
CA LEU D 306 26.24 -13.13 22.50
C LEU D 306 25.16 -12.42 21.71
N TYR D 307 25.52 -11.30 21.10
CA TYR D 307 24.59 -10.51 20.30
C TYR D 307 25.29 -10.03 19.04
N THR D 308 24.57 -10.09 17.92
CA THR D 308 25.10 -9.59 16.66
C THR D 308 25.09 -8.07 16.67
N ALA D 309 26.28 -7.46 16.59
CA ALA D 309 26.43 -6.02 16.48
C ALA D 309 26.86 -5.70 15.06
N GLU D 310 26.07 -4.88 14.37
CA GLU D 310 26.30 -4.56 12.97
C GLU D 310 26.27 -3.05 12.78
N VAL D 311 27.19 -2.54 11.96
CA VAL D 311 27.24 -1.13 11.60
C VAL D 311 27.47 -1.03 10.11
N SER D 312 26.65 -0.22 9.43
CA SER D 312 26.77 0.00 7.99
C SER D 312 26.83 1.50 7.73
N LEU D 313 27.51 1.86 6.64
CA LEU D 313 27.51 3.22 6.13
C LEU D 313 26.56 3.26 4.93
N VAL D 314 25.49 4.05 5.03
CA VAL D 314 24.41 4.04 4.05
C VAL D 314 24.20 5.45 3.52
N ASP D 315 24.15 5.58 2.20
CA ASP D 315 23.80 6.85 1.57
C ASP D 315 22.38 7.26 1.97
N VAL D 316 22.23 8.49 2.48
CA VAL D 316 20.93 8.90 2.99
C VAL D 316 19.90 9.08 1.89
N THR D 317 20.34 9.28 0.65
CA THR D 317 19.42 9.50 -0.47
C THR D 317 19.16 8.23 -1.27
N SER D 318 20.20 7.54 -1.70
CA SER D 318 20.05 6.38 -2.58
C SER D 318 19.93 5.07 -1.83
N GLY D 319 20.29 5.03 -0.55
CA GLY D 319 20.32 3.79 0.19
C GLY D 319 21.49 2.90 -0.11
N LYS D 320 22.45 3.36 -0.91
CA LYS D 320 23.64 2.57 -1.21
C LYS D 320 24.39 2.23 0.07
N ILE D 321 24.68 0.95 0.23
CA ILE D 321 25.43 0.47 1.39
C ILE D 321 26.90 0.43 1.01
N TYR D 322 27.67 1.37 1.57
CA TYR D 322 29.09 1.48 1.22
C TYR D 322 29.95 0.44 1.92
N ASP D 323 29.54 0.00 3.10
CA ASP D 323 30.31 -0.98 3.87
C ASP D 323 29.44 -1.49 5.00
N THR D 324 29.79 -2.67 5.50
CA THR D 324 29.07 -3.28 6.62
C THR D 324 30.06 -4.09 7.44
N LYS D 325 30.05 -3.87 8.76
CA LYS D 325 30.88 -4.60 9.70
C LYS D 325 29.97 -5.37 10.64
N THR D 326 30.16 -6.69 10.71
CA THR D 326 29.30 -7.55 11.50
C THR D 326 30.16 -8.48 12.36
N SER D 327 29.74 -8.65 13.62
CA SER D 327 30.38 -9.57 14.53
C SER D 327 29.44 -9.83 15.69
N LYS D 328 29.81 -10.77 16.55
CA LYS D 328 29.07 -11.07 17.75
C LYS D 328 29.85 -10.56 18.96
N ILE D 329 29.23 -9.70 19.75
CA ILE D 329 29.85 -9.14 20.94
C ILE D 329 29.15 -9.68 22.18
N GLY D 330 29.79 -9.48 23.32
CA GLY D 330 29.19 -9.85 24.60
C GLY D 330 29.24 -8.69 25.57
N PHE D 331 28.14 -8.44 26.27
CA PHE D 331 28.09 -7.36 27.25
C PHE D 331 28.70 -7.86 28.54
N ARG D 332 29.86 -7.29 28.89
CA ARG D 332 30.73 -7.90 29.90
C ARG D 332 31.73 -6.84 30.36
N THR D 333 31.97 -6.81 31.67
CA THR D 333 33.04 -6.01 32.24
C THR D 333 34.04 -6.94 32.92
N VAL D 334 35.31 -6.58 32.86
CA VAL D 334 36.39 -7.38 33.44
C VAL D 334 37.32 -6.46 34.21
N LYS D 335 37.61 -6.83 35.45
CA LYS D 335 38.60 -6.15 36.27
C LYS D 335 39.59 -7.18 36.80
N LEU D 336 40.83 -6.76 36.96
CA LEU D 336 41.86 -7.57 37.63
C LEU D 336 42.10 -6.94 38.99
N GLU D 337 41.52 -7.55 40.03
CA GLU D 337 41.62 -7.04 41.39
C GLU D 337 42.91 -7.52 42.02
N LEU D 338 43.88 -6.62 42.15
CA LEU D 338 45.16 -6.97 42.75
C LEU D 338 45.04 -7.02 44.27
N ASP D 339 45.62 -8.07 44.86
CA ASP D 339 45.79 -8.15 46.30
C ASP D 339 47.13 -7.51 46.63
N GLU D 340 47.09 -6.27 47.12
CA GLU D 340 48.29 -5.51 47.43
C GLU D 340 48.64 -5.52 48.92
N VAL D 341 47.90 -6.26 49.74
CA VAL D 341 48.23 -6.40 51.15
C VAL D 341 48.92 -7.71 51.44
N ASN D 342 48.48 -8.80 50.81
CA ASN D 342 49.01 -10.13 51.08
C ASN D 342 50.12 -10.47 50.10
N LEU D 343 51.35 -10.62 50.63
CA LEU D 343 52.55 -10.97 49.88
C LEU D 343 52.78 -10.02 48.70
N PRO D 344 53.15 -8.76 48.96
CA PRO D 344 53.54 -7.88 47.85
C PRO D 344 54.79 -8.40 47.17
N GLY D 345 54.74 -8.48 45.84
CA GLY D 345 55.82 -9.01 45.05
C GLY D 345 55.67 -10.46 44.64
N GLN D 346 54.90 -11.24 45.41
CA GLN D 346 54.63 -12.61 45.03
C GLN D 346 53.76 -12.64 43.78
N PRO D 347 54.09 -13.48 42.79
CA PRO D 347 53.28 -13.53 41.58
C PRO D 347 51.94 -14.20 41.83
N GLY D 348 50.93 -13.78 41.07
CA GLY D 348 49.62 -14.37 41.19
C GLY D 348 48.79 -13.90 42.35
N GLN D 349 49.05 -12.69 42.86
CA GLN D 349 48.25 -12.12 43.94
C GLN D 349 47.15 -11.23 43.35
N PHE D 350 46.20 -11.87 42.69
CA PHE D 350 45.12 -11.16 42.02
C PHE D 350 43.95 -12.10 41.80
N GLN D 351 42.83 -11.53 41.37
CA GLN D 351 41.62 -12.29 41.10
C GLN D 351 40.81 -11.56 40.03
N PHE D 352 40.28 -12.32 39.08
CA PHE D 352 39.47 -11.75 38.01
C PHE D 352 38.06 -11.46 38.53
N ILE D 353 37.56 -10.27 38.20
CA ILE D 353 36.22 -9.83 38.57
C ILE D 353 35.43 -9.68 37.26
N ILE D 354 34.49 -10.59 37.02
CA ILE D 354 33.68 -10.57 35.81
C ILE D 354 32.27 -10.12 36.19
N ASN D 355 31.83 -9.01 35.60
CA ASN D 355 30.52 -8.43 35.87
C ASN D 355 30.31 -8.24 37.37
N GLY D 356 31.33 -7.72 38.04
CA GLY D 356 31.27 -7.45 39.47
C GLY D 356 31.41 -8.66 40.37
N GLU D 357 31.44 -9.87 39.82
CA GLU D 357 31.57 -11.06 40.64
C GLU D 357 33.01 -11.57 40.62
N PRO D 358 33.59 -11.89 41.77
CA PRO D 358 34.92 -12.52 41.77
C PRO D 358 34.81 -13.98 41.35
N VAL D 359 35.52 -14.33 40.28
CA VAL D 359 35.40 -15.67 39.69
C VAL D 359 36.67 -16.46 40.02
N PHE D 360 36.48 -17.77 40.17
CA PHE D 360 37.59 -18.70 40.31
C PHE D 360 37.92 -19.26 38.94
N ALA D 361 39.16 -19.03 38.48
CA ALA D 361 39.57 -19.43 37.15
C ALA D 361 40.18 -20.83 37.19
N LYS D 362 39.75 -21.68 36.27
CA LYS D 362 40.34 -23.01 36.09
C LYS D 362 40.43 -23.29 34.60
N GLY D 363 41.64 -23.57 34.13
CA GLY D 363 41.82 -23.82 32.72
C GLY D 363 43.23 -24.24 32.40
N THR D 364 43.54 -24.23 31.11
CA THR D 364 44.79 -24.76 30.60
C THR D 364 45.60 -23.67 29.92
N ASN D 365 46.90 -23.92 29.82
CA ASN D 365 47.75 -23.14 28.93
C ASN D 365 47.59 -23.66 27.51
N TRP D 366 47.70 -22.75 26.54
CA TRP D 366 47.45 -23.02 25.14
C TRP D 366 48.77 -22.92 24.39
N VAL D 367 49.18 -24.02 23.77
CA VAL D 367 50.47 -24.10 23.10
C VAL D 367 50.20 -24.17 21.59
N PRO D 368 51.21 -24.21 20.73
CA PRO D 368 50.93 -24.36 19.29
C PRO D 368 50.06 -25.58 19.02
N LEU D 369 49.10 -25.42 18.10
CA LEU D 369 48.30 -26.55 17.65
C LEU D 369 49.08 -27.43 16.68
N ASP D 370 50.11 -26.88 16.03
CA ASP D 370 50.88 -27.61 15.05
C ASP D 370 52.21 -26.90 14.86
N ALA D 371 53.28 -27.67 14.64
CA ALA D 371 54.55 -27.06 14.27
C ALA D 371 54.48 -26.43 12.89
N LEU D 372 53.60 -26.92 12.03
CA LEU D 372 53.32 -26.30 10.73
C LEU D 372 52.00 -25.54 10.91
N HIS D 373 52.12 -24.26 11.26
CA HIS D 373 50.99 -23.51 11.78
C HIS D 373 49.91 -23.24 10.74
N SER D 374 50.17 -23.48 9.46
CA SER D 374 49.09 -23.39 8.47
C SER D 374 48.03 -24.45 8.68
N ARG D 375 48.30 -25.46 9.50
CA ARG D 375 47.31 -26.47 9.87
C ARG D 375 46.59 -26.13 11.16
N ASP D 376 46.95 -25.03 11.82
CA ASP D 376 46.32 -24.65 13.08
C ASP D 376 44.80 -24.55 12.95
N ALA D 377 44.33 -23.87 11.91
CA ALA D 377 42.90 -23.61 11.77
C ALA D 377 42.09 -24.90 11.65
N SER D 378 42.68 -25.96 11.10
CA SER D 378 41.98 -27.23 10.99
C SER D 378 41.92 -27.98 12.32
N HIS D 379 42.63 -27.52 13.34
CA HIS D 379 42.62 -28.14 14.66
C HIS D 379 41.78 -27.38 15.68
N VAL D 380 41.50 -26.10 15.43
CA VAL D 380 40.95 -25.22 16.48
C VAL D 380 39.66 -25.79 17.04
N GLU D 381 38.74 -26.21 16.16
CA GLU D 381 37.43 -26.68 16.61
C GLU D 381 37.57 -27.85 17.58
N GLU D 382 38.32 -28.88 17.19
CA GLU D 382 38.45 -30.07 18.03
C GLU D 382 39.24 -29.77 19.29
N ALA D 383 40.21 -28.85 19.23
CA ALA D 383 41.01 -28.53 20.40
C ALA D 383 40.23 -27.71 21.41
N VAL D 384 39.42 -26.76 20.94
CA VAL D 384 38.55 -26.02 21.85
C VAL D 384 37.51 -26.95 22.46
N GLN D 385 37.07 -27.96 21.70
CA GLN D 385 36.15 -28.95 22.26
C GLN D 385 36.76 -29.70 23.43
N LEU D 386 38.09 -29.86 23.42
CA LEU D 386 38.76 -30.44 24.59
C LEU D 386 38.54 -29.59 25.82
N MET D 387 38.67 -28.27 25.69
CA MET D 387 38.43 -27.38 26.83
C MET D 387 36.97 -27.37 27.23
N VAL D 388 36.05 -27.56 26.29
CA VAL D 388 34.64 -27.58 26.62
C VAL D 388 34.31 -28.82 27.44
N GLU D 389 34.73 -30.00 26.98
CA GLU D 389 34.46 -31.23 27.71
C GLU D 389 35.17 -31.23 29.06
N MET D 390 36.37 -30.64 29.12
CA MET D 390 37.07 -30.48 30.39
C MET D 390 36.36 -29.49 31.31
N ASN D 391 35.58 -28.56 30.74
CA ASN D 391 34.91 -27.48 31.48
C ASN D 391 35.92 -26.48 32.03
N CYS D 392 36.89 -26.09 31.20
CA CYS D 392 37.72 -24.93 31.51
C CYS D 392 36.87 -23.67 31.38
N ASN D 393 37.06 -22.73 32.29
CA ASN D 393 36.47 -21.40 32.13
C ASN D 393 37.50 -20.37 31.74
N ILE D 394 38.77 -20.76 31.56
CA ILE D 394 39.82 -19.85 31.17
C ILE D 394 40.86 -20.63 30.36
N VAL D 395 41.62 -19.90 29.55
CA VAL D 395 42.73 -20.45 28.80
C VAL D 395 43.76 -19.34 28.62
N ARG D 396 45.03 -19.68 28.82
CA ARG D 396 46.12 -18.73 28.65
C ARG D 396 46.89 -19.09 27.39
N CYS D 397 46.86 -18.20 26.40
CA CYS D 397 47.58 -18.41 25.14
C CYS D 397 49.05 -18.08 25.36
N TRP D 398 49.90 -19.10 25.27
CA TRP D 398 51.31 -18.97 25.63
C TRP D 398 52.07 -18.12 24.63
N GLY D 399 52.95 -17.26 25.15
CA GLY D 399 53.74 -16.35 24.34
C GLY D 399 54.78 -17.03 23.46
N GLY D 400 54.99 -18.33 23.62
CA GLY D 400 55.83 -19.06 22.69
C GLY D 400 55.17 -19.40 21.38
N ASN D 401 53.85 -19.23 21.30
CA ASN D 401 53.05 -19.57 20.14
C ASN D 401 52.74 -18.32 19.32
N VAL D 402 52.18 -18.53 18.14
CA VAL D 402 51.62 -17.43 17.34
C VAL D 402 50.38 -16.92 18.08
N TYR D 403 49.84 -15.79 17.62
CA TYR D 403 48.52 -15.38 18.04
C TYR D 403 47.49 -16.15 17.24
N GLU D 404 46.52 -16.74 17.93
CA GLU D 404 45.47 -17.45 17.21
C GLU D 404 44.61 -16.47 16.42
N ASP D 405 43.90 -17.00 15.43
CA ASP D 405 43.12 -16.17 14.53
C ASP D 405 41.76 -15.84 15.15
N THR D 406 40.93 -15.15 14.37
CA THR D 406 39.65 -14.66 14.87
C THR D 406 38.73 -15.81 15.27
N HIS D 407 38.76 -16.92 14.53
CA HIS D 407 37.81 -18.00 14.79
C HIS D 407 38.04 -18.64 16.15
N PHE D 408 39.28 -18.70 16.62
CA PHE D 408 39.55 -19.22 17.95
C PHE D 408 38.84 -18.38 19.01
N PHE D 409 38.93 -17.06 18.90
CA PHE D 409 38.25 -16.20 19.86
C PHE D 409 36.74 -16.24 19.67
N GLU D 410 36.27 -16.48 18.45
CA GLU D 410 34.84 -16.68 18.24
C GLU D 410 34.35 -17.91 19.00
N LEU D 411 35.12 -19.00 18.96
CA LEU D 411 34.74 -20.21 19.69
C LEU D 411 34.78 -19.97 21.19
N CYS D 412 35.85 -19.33 21.68
CA CYS D 412 35.92 -19.01 23.11
C CYS D 412 34.79 -18.08 23.53
N ASP D 413 34.39 -17.15 22.65
CA ASP D 413 33.22 -16.33 22.92
C ASP D 413 31.97 -17.19 23.09
N LYS D 414 31.80 -18.18 22.21
CA LYS D 414 30.55 -18.94 22.18
C LYS D 414 30.43 -19.88 23.37
N TYR D 415 31.54 -20.47 23.80
CA TYR D 415 31.53 -21.46 24.87
C TYR D 415 31.89 -20.88 26.23
N GLY D 416 32.04 -19.56 26.33
CA GLY D 416 32.27 -18.93 27.61
C GLY D 416 33.62 -19.20 28.22
N ILE D 417 34.67 -19.31 27.41
CA ILE D 417 36.01 -19.57 27.90
C ILE D 417 36.79 -18.26 27.84
N MET D 418 37.09 -17.70 29.02
CA MET D 418 37.91 -16.50 29.09
C MET D 418 39.30 -16.77 28.52
N VAL D 419 39.87 -15.76 27.87
CA VAL D 419 41.17 -15.89 27.22
C VAL D 419 42.14 -14.90 27.84
N TRP D 420 43.22 -15.43 28.41
CA TRP D 420 44.38 -14.66 28.83
C TRP D 420 45.41 -14.74 27.69
N GLN D 421 45.77 -13.58 27.14
CA GLN D 421 46.61 -13.53 25.93
C GLN D 421 47.98 -12.96 26.27
N ASP D 422 49.02 -13.79 26.15
CA ASP D 422 50.38 -13.32 26.20
C ASP D 422 50.76 -12.65 24.89
N PHE D 423 51.51 -11.55 24.97
CA PHE D 423 52.24 -11.10 23.81
C PHE D 423 53.38 -12.08 23.54
N ALA D 424 53.69 -12.28 22.26
CA ALA D 424 54.64 -13.32 21.85
C ALA D 424 56.05 -12.90 22.23
N MET D 425 56.58 -13.47 23.31
CA MET D 425 57.94 -13.16 23.74
C MET D 425 58.76 -14.42 23.97
N SER D 431 65.71 -6.76 23.79
CA SER D 431 66.44 -5.55 23.43
C SER D 431 65.72 -4.30 23.92
N GLN D 432 66.49 -3.30 24.33
CA GLN D 432 65.97 -2.04 24.81
C GLN D 432 66.07 -0.92 23.79
N ARG D 433 66.54 -1.22 22.58
CA ARG D 433 66.83 -0.19 21.59
C ARG D 433 65.57 0.19 20.79
N ASP D 434 65.72 1.23 19.98
CA ASP D 434 64.57 1.82 19.31
C ASP D 434 64.01 0.90 18.23
N ASN D 435 64.87 0.25 17.46
CA ASN D 435 64.40 -0.54 16.32
C ASN D 435 63.53 -1.70 16.76
N PHE D 436 63.86 -2.33 17.88
CA PHE D 436 63.00 -3.41 18.38
C PHE D 436 61.73 -2.86 19.00
N ALA D 437 61.81 -1.73 19.71
CA ALA D 437 60.62 -1.13 20.28
C ALA D 437 59.60 -0.78 19.21
N ALA D 438 60.08 -0.29 18.06
CA ALA D 438 59.17 0.06 16.97
C ALA D 438 58.52 -1.19 16.37
N ALA D 439 59.29 -2.27 16.22
CA ALA D 439 58.74 -3.49 15.66
C ALA D 439 57.68 -4.09 16.57
N LEU D 440 57.91 -4.06 17.89
CA LEU D 440 56.95 -4.63 18.82
C LEU D 440 55.71 -3.74 18.97
N GLU D 441 55.89 -2.42 18.90
CA GLU D 441 54.74 -1.53 18.99
C GLU D 441 53.80 -1.70 17.81
N LYS D 442 54.37 -1.85 16.61
CA LYS D 442 53.56 -2.09 15.42
C LYS D 442 52.78 -3.40 15.55
N GLU D 443 53.46 -4.45 16.02
CA GLU D 443 52.78 -5.74 16.22
C GLU D 443 51.69 -5.63 17.28
N ALA D 444 51.99 -4.93 18.39
CA ALA D 444 51.04 -4.86 19.49
C ALA D 444 49.76 -4.12 19.09
N ILE D 445 49.91 -2.98 18.42
CA ILE D 445 48.73 -2.23 17.96
C ILE D 445 47.91 -3.07 17.00
N SER D 446 48.56 -3.82 16.12
CA SER D 446 47.85 -4.64 15.15
C SER D 446 47.00 -5.70 15.84
N VAL D 447 47.60 -6.44 16.79
CA VAL D 447 46.89 -7.54 17.43
C VAL D 447 45.81 -7.01 18.38
N VAL D 448 46.09 -5.89 19.05
CA VAL D 448 45.12 -5.33 19.98
C VAL D 448 43.86 -4.88 19.23
N VAL D 449 44.04 -4.11 18.17
CA VAL D 449 42.90 -3.65 17.38
C VAL D 449 42.11 -4.83 16.83
N LYS D 450 42.81 -5.92 16.48
CA LYS D 450 42.15 -7.06 15.86
C LYS D 450 41.30 -7.83 16.87
N LEU D 451 41.76 -7.95 18.11
CA LEU D 451 41.14 -8.86 19.07
C LEU D 451 40.35 -8.15 20.18
N ARG D 452 40.39 -6.83 20.26
CA ARG D 452 39.85 -6.15 21.44
C ARG D 452 38.33 -6.22 21.55
N ASN D 453 37.62 -6.68 20.52
CA ASN D 453 36.17 -6.69 20.58
C ASN D 453 35.59 -8.01 21.08
N HIS D 454 36.42 -9.03 21.28
CA HIS D 454 35.91 -10.34 21.72
C HIS D 454 35.64 -10.31 23.22
N PRO D 455 34.44 -10.70 23.65
CA PRO D 455 34.17 -10.73 25.10
C PRO D 455 35.03 -11.74 25.86
N SER D 456 35.50 -12.80 25.20
CA SER D 456 36.27 -13.82 25.91
C SER D 456 37.63 -13.29 26.35
N LEU D 457 38.26 -12.46 25.52
CA LEU D 457 39.54 -11.87 25.86
C LEU D 457 39.40 -11.01 27.12
N ILE D 458 40.25 -11.26 28.11
CA ILE D 458 40.11 -10.59 29.39
C ILE D 458 41.41 -9.97 29.87
N LEU D 459 42.54 -10.35 29.29
CA LEU D 459 43.82 -9.97 29.86
C LEU D 459 44.91 -9.98 28.80
N TRP D 460 45.70 -8.91 28.76
CA TRP D 460 46.96 -8.86 28.02
C TRP D 460 48.11 -9.02 29.01
N SER D 461 49.14 -9.76 28.60
CA SER D 461 50.29 -10.02 29.46
C SER D 461 51.58 -9.82 28.67
N GLY D 462 52.53 -9.12 29.26
CA GLY D 462 53.83 -8.94 28.66
C GLY D 462 54.80 -10.05 29.05
N ASN D 463 55.96 -9.68 29.54
CA ASN D 463 56.98 -10.66 29.93
C ASN D 463 56.53 -11.46 31.15
N ASN D 484 64.20 -1.27 34.55
CA ASN D 484 62.98 -1.92 34.11
C ASN D 484 62.99 -2.20 32.61
N ASP D 485 62.31 -3.27 32.21
CA ASP D 485 62.26 -3.66 30.81
C ASP D 485 61.42 -2.65 30.03
N ARG D 486 62.03 -2.05 29.00
CA ARG D 486 61.29 -1.14 28.13
C ARG D 486 60.17 -1.87 27.39
N VAL D 487 60.36 -3.16 27.12
CA VAL D 487 59.36 -3.93 26.37
C VAL D 487 58.08 -4.07 27.16
N SER D 488 58.15 -4.71 28.33
CA SER D 488 56.97 -5.08 29.09
C SER D 488 56.48 -4.00 30.05
N ARG D 489 57.18 -2.87 30.15
CA ARG D 489 56.77 -1.82 31.07
C ARG D 489 56.78 -0.43 30.43
N GLN D 490 56.84 -0.34 29.10
CA GLN D 490 56.69 0.94 28.42
C GLN D 490 56.00 0.76 27.08
N VAL D 491 56.56 -0.10 26.22
CA VAL D 491 56.04 -0.25 24.86
C VAL D 491 54.65 -0.89 24.89
N LEU D 492 54.53 -2.06 25.51
CA LEU D 492 53.26 -2.76 25.51
C LEU D 492 52.23 -2.06 26.38
N SER D 493 52.65 -1.53 27.53
CA SER D 493 51.72 -0.85 28.41
C SER D 493 51.15 0.41 27.76
N ARG D 494 51.97 1.10 26.97
CA ARG D 494 51.49 2.28 26.26
C ARG D 494 50.49 1.91 25.15
N VAL D 495 50.68 0.74 24.52
CA VAL D 495 49.74 0.30 23.51
C VAL D 495 48.38 0.00 24.14
N ILE D 496 48.38 -0.75 25.25
CA ILE D 496 47.13 -1.07 25.94
C ILE D 496 46.46 0.20 26.44
N TYR D 497 47.26 1.16 26.92
CA TYR D 497 46.72 2.39 27.48
C TYR D 497 45.94 3.19 26.43
N GLU D 498 46.46 3.24 25.20
CA GLU D 498 45.83 4.03 24.16
C GLU D 498 44.75 3.27 23.38
N PHE D 499 44.90 1.95 23.22
CA PHE D 499 44.04 1.20 22.31
C PHE D 499 43.18 0.15 23.00
N ASP D 500 43.26 -0.01 24.31
CA ASP D 500 42.38 -0.93 25.03
C ASP D 500 42.34 -0.54 26.50
N PRO D 501 41.72 0.61 26.82
CA PRO D 501 41.56 1.00 28.23
C PRO D 501 40.66 0.07 29.03
N THR D 502 39.97 -0.85 28.38
CA THR D 502 38.95 -1.68 29.01
C THR D 502 39.48 -2.98 29.56
N ARG D 503 40.75 -3.31 29.34
CA ARG D 503 41.27 -4.60 29.78
C ARG D 503 42.51 -4.42 30.65
N PRO D 504 42.64 -5.22 31.70
CA PRO D 504 43.86 -5.19 32.50
C PRO D 504 45.06 -5.65 31.69
N TYR D 505 46.23 -5.12 32.04
CA TYR D 505 47.49 -5.51 31.43
C TYR D 505 48.45 -5.90 32.55
N LEU D 506 49.06 -7.08 32.42
CA LEU D 506 50.04 -7.54 33.40
C LEU D 506 51.44 -7.37 32.84
N PRO D 507 52.31 -6.59 33.49
CA PRO D 507 53.68 -6.46 32.97
C PRO D 507 54.43 -7.77 32.89
N SER D 508 54.17 -8.70 33.80
CA SER D 508 54.83 -10.01 33.78
C SER D 508 54.00 -10.99 34.57
N SER D 509 54.21 -12.28 34.29
CA SER D 509 53.58 -13.38 35.01
C SER D 509 54.23 -14.71 34.64
N PRO D 510 55.39 -15.04 35.22
CA PRO D 510 56.09 -16.30 34.93
C PRO D 510 55.39 -17.52 35.53
N ARG D 535 59.08 -31.48 39.30
CA ARG D 535 59.87 -32.69 39.49
C ARG D 535 59.69 -33.25 40.90
N GLY D 536 59.74 -34.58 40.99
CA GLY D 536 59.62 -35.24 42.29
C GLY D 536 58.18 -35.55 42.65
N TYR D 537 57.97 -35.71 43.95
CA TYR D 537 56.64 -35.98 44.49
C TYR D 537 55.74 -34.77 44.30
N TYR D 538 54.51 -35.00 43.86
CA TYR D 538 53.59 -33.88 43.68
C TYR D 538 53.11 -33.31 45.01
N LYS D 539 53.34 -33.99 46.12
CA LYS D 539 53.11 -33.45 47.45
C LYS D 539 54.38 -32.88 48.08
N ASP D 540 55.34 -32.49 47.25
CA ASP D 540 56.52 -31.81 47.76
C ASP D 540 56.14 -30.40 48.22
N PRO D 541 56.77 -29.89 49.28
CA PRO D 541 56.43 -28.53 49.73
C PRO D 541 56.60 -27.45 48.69
N PHE D 542 57.33 -27.73 47.59
CA PHE D 542 57.41 -26.75 46.51
C PHE D 542 56.05 -26.47 45.90
N TYR D 543 55.12 -27.42 45.99
CA TYR D 543 53.76 -27.26 45.50
C TYR D 543 52.77 -26.97 46.62
N THR D 544 52.83 -27.72 47.73
CA THR D 544 51.83 -27.59 48.78
C THR D 544 52.03 -26.29 49.58
N GLU D 545 53.25 -25.80 49.69
CA GLU D 545 53.54 -24.60 50.44
C GLU D 545 53.60 -23.35 49.56
N ASN D 546 53.35 -23.48 48.26
CA ASN D 546 53.29 -22.33 47.38
C ASN D 546 52.12 -21.43 47.78
N PRO D 547 52.36 -20.18 48.15
CA PRO D 547 51.28 -19.31 48.63
C PRO D 547 50.61 -18.45 47.57
N SER D 548 50.91 -18.64 46.29
CA SER D 548 50.30 -17.83 45.25
C SER D 548 48.80 -18.13 45.16
N GLN D 549 47.99 -17.07 45.21
CA GLN D 549 46.54 -17.24 45.09
C GLN D 549 46.17 -17.75 43.70
N PHE D 550 46.75 -17.16 42.66
CA PHE D 550 46.53 -17.56 41.27
C PHE D 550 47.81 -18.21 40.77
N VAL D 551 47.76 -19.53 40.56
CA VAL D 551 48.95 -20.31 40.25
C VAL D 551 48.95 -20.69 38.78
N SER D 552 50.14 -20.67 38.18
CA SER D 552 50.39 -21.28 36.88
C SER D 552 51.08 -22.61 37.17
N GLN D 553 50.31 -23.69 37.17
CA GLN D 553 50.77 -24.98 37.67
C GLN D 553 51.56 -25.71 36.58
N ILE D 554 52.80 -26.09 36.91
CA ILE D 554 53.59 -26.92 36.01
C ILE D 554 52.98 -28.30 35.95
N GLY D 555 53.20 -28.98 34.83
CA GLY D 555 52.62 -30.29 34.59
C GLY D 555 53.57 -31.43 34.91
N TYR D 556 52.99 -32.63 34.94
CA TYR D 556 53.75 -33.86 35.13
C TYR D 556 53.70 -34.69 33.85
N HIS D 557 54.79 -35.40 33.59
CA HIS D 557 54.90 -36.19 32.38
C HIS D 557 53.87 -37.31 32.35
N GLY D 558 53.37 -37.60 31.15
CA GLY D 558 52.48 -38.73 30.94
C GLY D 558 52.81 -39.42 29.64
N CYS D 559 53.27 -40.67 29.71
CA CYS D 559 53.58 -41.40 28.50
C CYS D 559 52.32 -41.56 27.66
N PRO D 560 52.34 -41.15 26.40
CA PRO D 560 51.12 -41.22 25.58
C PRO D 560 50.67 -42.65 25.36
N ASN D 561 49.43 -42.76 24.87
CA ASN D 561 48.82 -44.06 24.63
C ASN D 561 49.64 -44.88 23.65
N ARG D 562 49.48 -46.21 23.71
CA ARG D 562 50.28 -47.11 22.89
C ARG D 562 50.12 -46.81 21.41
N GLU D 563 48.89 -46.51 20.97
CA GLU D 563 48.65 -46.25 19.56
C GLU D 563 49.43 -45.04 19.07
N THR D 564 49.63 -44.04 19.93
CA THR D 564 50.45 -42.90 19.54
C THR D 564 51.92 -43.28 19.43
N LEU D 565 52.42 -44.07 20.40
CA LEU D 565 53.80 -44.54 20.32
C LEU D 565 54.04 -45.34 19.05
N GLU D 566 53.12 -46.23 18.71
CA GLU D 566 53.27 -47.06 17.52
C GLU D 566 53.16 -46.26 16.23
N ARG D 567 52.63 -45.04 16.29
CA ARG D 567 52.45 -44.23 15.09
C ARG D 567 53.61 -43.26 14.87
N MET D 568 54.25 -42.79 15.93
CA MET D 568 55.34 -41.83 15.79
C MET D 568 56.72 -42.45 15.91
N PHE D 569 56.83 -43.70 16.35
CA PHE D 569 58.11 -44.38 16.44
C PHE D 569 58.21 -45.46 15.38
N SER D 570 59.43 -45.70 14.91
CA SER D 570 59.70 -46.83 14.06
C SER D 570 59.39 -48.13 14.82
N PRO D 571 59.03 -49.20 14.10
CA PRO D 571 58.72 -50.46 14.80
C PRO D 571 59.82 -50.95 15.72
N ASP D 572 61.08 -50.76 15.35
CA ASP D 572 62.21 -51.15 16.17
C ASP D 572 62.53 -50.17 17.29
N SER D 573 61.67 -49.15 17.49
CA SER D 573 61.89 -48.17 18.54
C SER D 573 60.65 -47.92 19.39
N VAL D 574 59.56 -48.67 19.20
CA VAL D 574 58.36 -48.49 20.01
C VAL D 574 58.67 -48.79 21.47
N ASN D 575 59.33 -49.91 21.73
CA ASN D 575 59.78 -50.20 23.08
C ASN D 575 60.85 -49.20 23.49
N PRO D 576 60.71 -48.51 24.61
CA PRO D 576 61.63 -47.41 24.93
C PRO D 576 63.03 -47.87 25.29
N TRP D 577 63.17 -49.03 25.92
CA TRP D 577 64.44 -49.41 26.56
C TRP D 577 65.44 -49.86 25.50
N GLN D 578 66.51 -49.09 25.36
CA GLN D 578 67.59 -49.44 24.44
C GLN D 578 68.26 -50.73 24.88
N ASN D 579 68.18 -51.75 24.02
CA ASN D 579 68.74 -53.08 24.33
C ASN D 579 68.16 -53.63 25.63
N GLY D 580 66.88 -53.36 25.87
CA GLY D 580 66.18 -53.91 27.01
C GLY D 580 66.66 -53.44 28.37
N VAL D 581 67.49 -52.40 28.41
CA VAL D 581 67.99 -51.86 29.67
C VAL D 581 66.99 -50.82 30.17
N VAL D 582 66.32 -51.14 31.28
CA VAL D 582 65.28 -50.26 31.79
C VAL D 582 65.88 -48.93 32.22
N GLY D 583 65.21 -47.84 31.86
CA GLY D 583 65.66 -46.51 32.18
C GLY D 583 66.56 -45.87 31.14
N MET D 584 66.95 -46.61 30.10
CA MET D 584 67.78 -46.09 29.02
C MET D 584 66.89 -45.95 27.79
N TRP D 585 66.65 -44.71 27.37
CA TRP D 585 65.76 -44.45 26.24
C TRP D 585 66.50 -44.64 24.92
N ASN D 586 65.83 -45.26 23.96
CA ASN D 586 66.44 -45.39 22.64
C ASN D 586 66.51 -44.02 21.97
N ASP D 587 67.20 -43.97 20.84
CA ASP D 587 67.52 -42.69 20.21
C ASP D 587 66.26 -41.95 19.76
N GLU D 588 65.26 -42.68 19.26
CA GLU D 588 64.04 -42.03 18.79
C GLU D 588 63.25 -41.44 19.94
N TRP D 589 63.17 -42.15 21.08
CA TRP D 589 62.49 -41.61 22.25
C TRP D 589 63.19 -40.34 22.73
N GLN D 590 64.52 -40.30 22.66
CA GLN D 590 65.26 -39.09 22.99
C GLN D 590 64.87 -37.94 22.07
N THR D 591 64.64 -38.23 20.79
CA THR D 591 64.24 -37.20 19.85
C THR D 591 62.90 -36.59 20.24
N LYS D 592 61.96 -37.42 20.70
CA LYS D 592 60.64 -36.97 21.12
C LYS D 592 60.63 -36.41 22.53
N ALA D 593 61.76 -35.92 23.03
CA ALA D 593 61.84 -35.43 24.40
C ALA D 593 60.92 -34.22 24.66
N ASN D 594 60.94 -33.18 23.80
CA ASN D 594 61.62 -33.04 22.52
C ASN D 594 63.07 -32.61 22.65
N ARG D 595 63.93 -33.19 21.79
CA ARG D 595 65.34 -32.82 21.72
C ARG D 595 65.50 -31.88 20.53
N ILE D 596 65.96 -30.66 20.81
CA ILE D 596 65.97 -29.61 19.79
C ILE D 596 66.99 -29.93 18.70
N TYR D 597 68.24 -30.14 19.07
CA TYR D 597 69.28 -30.50 18.13
C TYR D 597 69.64 -31.98 18.29
N ASP D 598 70.22 -32.54 17.23
CA ASP D 598 70.52 -33.98 17.17
C ASP D 598 71.80 -34.27 17.97
N ASP D 599 71.66 -34.20 19.29
CA ASP D 599 72.73 -34.49 20.23
C ASP D 599 72.54 -35.90 20.77
N LYS D 600 73.51 -36.77 20.51
CA LYS D 600 73.47 -38.13 21.05
C LYS D 600 73.88 -38.08 22.51
N PHE D 601 72.90 -38.26 23.41
CA PHE D 601 73.17 -38.35 24.84
C PHE D 601 72.16 -39.29 25.47
N GLN D 602 72.40 -39.62 26.74
CA GLN D 602 71.48 -40.41 27.53
C GLN D 602 70.94 -39.58 28.69
N GLY D 603 69.81 -40.03 29.23
CA GLY D 603 69.15 -39.26 30.26
C GLY D 603 68.50 -38.00 29.70
N GLY D 604 68.35 -37.00 30.55
CA GLY D 604 67.77 -35.75 30.13
C GLY D 604 66.31 -35.60 30.49
N ARG D 605 65.53 -34.97 29.61
CA ARG D 605 64.14 -34.66 29.91
C ARG D 605 63.29 -35.92 30.05
N ASN D 606 63.60 -36.97 29.29
CA ASN D 606 62.81 -38.19 29.37
C ASN D 606 62.89 -38.84 30.75
N ASP D 607 63.99 -38.62 31.47
CA ASP D 607 64.13 -39.18 32.81
C ASP D 607 63.06 -38.67 33.77
N LEU D 608 62.33 -37.62 33.41
CA LEU D 608 61.20 -37.17 34.23
C LEU D 608 60.13 -38.25 34.34
N MET D 609 59.93 -39.01 33.27
CA MET D 609 58.93 -40.08 33.30
C MET D 609 59.32 -41.16 34.30
N THR D 610 60.56 -41.66 34.22
CA THR D 610 60.99 -42.74 35.10
C THR D 610 61.15 -42.25 36.54
N ASN D 611 61.60 -41.00 36.73
CA ASN D 611 61.77 -40.48 38.09
C ASN D 611 60.42 -40.33 38.79
N GLN D 612 59.40 -39.87 38.06
CA GLN D 612 58.09 -39.70 38.67
C GLN D 612 57.41 -41.05 38.92
N VAL D 613 57.74 -42.07 38.13
CA VAL D 613 57.19 -43.39 38.38
C VAL D 613 57.88 -44.05 39.57
N ARG D 614 59.18 -43.80 39.75
CA ARG D 614 59.91 -44.41 40.86
C ARG D 614 59.44 -43.84 42.20
N ILE D 615 59.10 -42.53 42.23
CA ILE D 615 58.68 -41.92 43.48
C ILE D 615 57.32 -42.47 43.91
N ILE D 616 56.44 -42.73 42.96
CA ILE D 616 55.07 -43.13 43.28
C ILE D 616 54.94 -44.64 43.41
N PHE D 617 55.57 -45.40 42.51
CA PHE D 617 55.39 -46.85 42.48
C PHE D 617 56.67 -47.63 42.78
N GLY D 618 57.71 -46.97 43.26
CA GLY D 618 58.93 -47.67 43.66
C GLY D 618 59.92 -48.05 42.58
N GLU D 619 59.45 -48.73 41.54
CA GLU D 619 60.32 -49.18 40.45
C GLU D 619 59.62 -48.95 39.12
N VAL D 620 60.42 -48.78 38.07
CA VAL D 620 59.89 -48.58 36.73
C VAL D 620 59.55 -49.94 36.13
N PRO D 621 58.33 -50.14 35.64
CA PRO D 621 57.98 -51.44 35.05
C PRO D 621 58.75 -51.69 33.76
N ALA D 622 59.02 -52.97 33.49
CA ALA D 622 59.69 -53.34 32.26
C ALA D 622 58.73 -53.45 31.08
N ASP D 623 57.50 -53.92 31.34
CA ASP D 623 56.52 -54.02 30.27
C ASP D 623 56.06 -52.64 29.83
N LEU D 624 55.84 -52.49 28.52
CA LEU D 624 55.45 -51.19 27.99
C LEU D 624 54.05 -50.78 28.46
N ASP D 625 53.10 -51.71 28.44
CA ASP D 625 51.76 -51.38 28.89
C ASP D 625 51.73 -51.07 30.39
N ASP D 626 52.56 -51.77 31.18
CA ASP D 626 52.65 -51.45 32.59
C ASP D 626 53.30 -50.09 32.82
N PHE D 627 54.25 -49.71 31.96
CA PHE D 627 54.89 -48.41 32.11
C PHE D 627 53.95 -47.28 31.69
N ILE D 628 53.15 -47.51 30.65
CA ILE D 628 52.18 -46.50 30.22
C ILE D 628 51.16 -46.24 31.33
N PHE D 629 50.67 -47.31 31.95
CA PHE D 629 49.71 -47.14 33.05
C PHE D 629 50.34 -46.44 34.24
N ALA D 630 51.57 -46.81 34.59
CA ALA D 630 52.23 -46.20 35.74
C ALA D 630 52.49 -44.71 35.48
N SER D 631 52.98 -44.37 34.29
CA SER D 631 53.31 -42.98 34.00
C SER D 631 52.05 -42.12 33.90
N GLN D 632 51.01 -42.63 33.24
CA GLN D 632 49.77 -41.86 33.15
C GLN D 632 49.07 -41.75 34.49
N SER D 633 49.28 -42.72 35.39
CA SER D 633 48.67 -42.64 36.71
C SER D 633 49.35 -41.56 37.56
N VAL D 634 50.67 -41.42 37.44
CA VAL D 634 51.37 -40.36 38.16
C VAL D 634 50.93 -38.99 37.66
N GLN D 635 50.80 -38.85 36.34
CA GLN D 635 50.32 -37.60 35.77
C GLN D 635 48.89 -37.30 36.23
N ALA D 636 48.04 -38.33 36.26
CA ALA D 636 46.65 -38.13 36.63
C ALA D 636 46.52 -37.72 38.09
N GLU D 637 47.20 -38.45 38.99
CA GLU D 637 47.11 -38.13 40.41
C GLU D 637 47.70 -36.76 40.72
N ALA D 638 48.82 -36.42 40.07
CA ALA D 638 49.48 -35.15 40.37
C ALA D 638 48.63 -33.97 39.97
N MET D 639 48.17 -33.93 38.71
CA MET D 639 47.42 -32.78 38.23
C MET D 639 46.07 -32.66 38.93
N LYS D 640 45.38 -33.79 39.13
CA LYS D 640 44.14 -33.77 39.89
C LYS D 640 44.35 -33.21 41.29
N PHE D 641 45.47 -33.60 41.93
CA PHE D 641 45.75 -33.12 43.29
C PHE D 641 45.97 -31.61 43.30
N PHE D 642 46.63 -31.07 42.28
CA PHE D 642 46.89 -29.63 42.24
C PHE D 642 45.60 -28.84 42.11
N VAL D 643 44.71 -29.26 41.21
CA VAL D 643 43.45 -28.55 41.03
C VAL D 643 42.60 -28.63 42.30
N GLU D 644 42.50 -29.83 42.87
CA GLU D 644 41.75 -29.99 44.12
C GLU D 644 42.36 -29.18 45.26
N LEU D 645 43.68 -29.01 45.26
CA LEU D 645 44.32 -28.25 46.31
C LEU D 645 44.00 -26.77 46.22
N TRP D 646 43.85 -26.23 45.01
CA TRP D 646 43.53 -24.82 44.86
C TRP D 646 42.03 -24.57 44.99
N ARG D 647 41.21 -25.49 44.49
CA ARG D 647 39.76 -25.35 44.67
C ARG D 647 39.37 -25.49 46.13
N GLY D 648 40.10 -26.29 46.90
CA GLY D 648 39.75 -26.54 48.29
C GLY D 648 40.23 -25.50 49.27
N ARG D 649 41.08 -24.57 48.85
CA ARG D 649 41.61 -23.54 49.73
C ARG D 649 41.12 -22.15 49.33
N ARG D 650 39.97 -22.07 48.67
CA ARG D 650 39.28 -20.81 48.49
C ARG D 650 38.75 -20.34 49.84
N PRO D 651 38.51 -19.02 50.01
CA PRO D 651 38.61 -17.93 49.03
C PRO D 651 40.01 -17.35 48.87
N TYR D 652 41.01 -17.80 49.62
CA TYR D 652 42.35 -17.24 49.44
C TYR D 652 42.89 -17.56 48.04
N ARG D 653 42.82 -18.82 47.64
CA ARG D 653 43.19 -19.18 46.28
C ARG D 653 42.13 -18.68 45.30
N THR D 654 42.60 -18.15 44.16
CA THR D 654 41.71 -17.50 43.21
C THR D 654 41.70 -18.14 41.83
N GLY D 655 42.63 -19.04 41.54
CA GLY D 655 42.65 -19.66 40.23
C GLY D 655 43.83 -20.56 39.97
N ILE D 656 43.70 -21.44 38.98
CA ILE D 656 44.78 -22.33 38.59
C ILE D 656 44.72 -22.58 37.09
N ILE D 657 45.80 -22.20 36.39
CA ILE D 657 45.98 -22.48 34.98
C ILE D 657 47.07 -23.53 34.87
N TRP D 658 46.71 -24.73 34.42
CA TRP D 658 47.62 -25.86 34.42
C TRP D 658 48.17 -26.10 33.00
N TRP D 659 49.29 -26.83 32.97
CA TRP D 659 50.04 -27.08 31.75
C TRP D 659 50.08 -28.58 31.51
N ASN D 660 49.49 -29.06 30.41
CA ASN D 660 48.65 -28.31 29.47
C ASN D 660 47.69 -29.33 28.86
N ILE D 661 46.74 -28.87 28.03
CA ILE D 661 45.67 -29.78 27.61
C ILE D 661 46.01 -30.55 26.34
N ARG D 662 46.84 -30.02 25.45
CA ARG D 662 47.01 -30.64 24.14
C ARG D 662 48.42 -30.41 23.60
N ASP D 663 49.03 -31.47 23.08
CA ASP D 663 50.30 -31.38 22.37
C ASP D 663 50.10 -30.71 21.00
N GLY D 664 51.13 -30.02 20.55
CA GLY D 664 51.18 -29.49 19.20
C GLY D 664 51.98 -30.30 18.22
N TRP D 665 52.36 -31.52 18.58
CA TRP D 665 53.25 -32.36 17.78
C TRP D 665 53.35 -33.72 18.44
N PRO D 666 53.40 -34.82 17.66
CA PRO D 666 53.61 -36.14 18.25
C PRO D 666 54.89 -36.16 19.08
N LEU D 667 54.75 -36.23 20.40
CA LEU D 667 55.88 -36.07 21.31
C LEU D 667 55.57 -36.78 22.61
N LEU D 668 56.61 -36.92 23.44
CA LEU D 668 56.47 -37.31 24.83
C LEU D 668 56.50 -36.02 25.65
N SER D 669 55.46 -35.80 26.45
CA SER D 669 55.30 -34.50 27.10
C SER D 669 54.50 -34.65 28.38
N ASP D 670 54.26 -33.51 29.03
CA ASP D 670 53.37 -33.41 30.18
C ASP D 670 51.97 -32.95 29.80
N ALA D 671 51.66 -32.84 28.51
CA ALA D 671 50.29 -32.60 28.09
C ALA D 671 49.43 -33.81 28.45
N ILE D 672 48.14 -33.56 28.68
CA ILE D 672 47.23 -34.63 29.07
C ILE D 672 46.49 -35.24 27.88
N SER D 673 46.77 -34.79 26.67
CA SER D 673 46.28 -35.43 25.45
C SER D 673 47.23 -35.09 24.32
N ASP D 674 47.57 -36.09 23.50
CA ASP D 674 48.62 -35.91 22.52
C ASP D 674 48.08 -35.25 21.25
N TYR D 675 48.98 -35.10 20.27
CA TYR D 675 48.69 -34.33 19.06
C TYR D 675 47.59 -34.98 18.23
N TRP D 676 47.49 -36.30 18.24
CA TRP D 676 46.49 -37.01 17.45
C TRP D 676 45.18 -37.22 18.21
N GLY D 677 44.99 -36.54 19.34
CA GLY D 677 43.77 -36.69 20.10
C GLY D 677 43.77 -37.82 21.11
N GLY D 678 44.89 -38.51 21.29
CA GLY D 678 44.97 -39.56 22.28
C GLY D 678 44.89 -39.01 23.69
N LYS D 679 43.76 -39.21 24.35
CA LYS D 679 43.56 -38.70 25.70
C LYS D 679 44.26 -39.61 26.70
N LYS D 680 45.10 -39.00 27.54
CA LYS D 680 45.75 -39.74 28.61
C LYS D 680 44.83 -39.83 29.82
N GLN D 681 45.22 -40.67 30.79
CA GLN D 681 44.39 -40.89 31.96
C GLN D 681 44.14 -39.60 32.73
N ALA D 682 45.08 -38.65 32.66
CA ALA D 682 44.93 -37.40 33.40
C ALA D 682 43.77 -36.57 32.88
N PHE D 683 43.41 -36.74 31.60
CA PHE D 683 42.28 -35.99 31.06
C PHE D 683 40.99 -36.31 31.81
N TYR D 684 40.77 -37.59 32.13
CA TYR D 684 39.54 -37.98 32.80
C TYR D 684 39.57 -37.65 34.29
N TYR D 685 40.71 -37.86 34.94
CA TYR D 685 40.86 -37.43 36.33
C TYR D 685 40.59 -35.94 36.47
N MET D 686 41.24 -35.13 35.63
CA MET D 686 41.06 -33.68 35.68
C MET D 686 39.62 -33.30 35.39
N GLN D 687 38.96 -34.02 34.48
CA GLN D 687 37.58 -33.70 34.12
C GLN D 687 36.66 -33.83 35.34
N ASN D 688 36.89 -34.85 36.16
CA ASN D 688 36.03 -35.06 37.33
C ASN D 688 36.25 -34.01 38.42
N VAL D 689 37.40 -33.32 38.41
CA VAL D 689 37.67 -32.27 39.38
C VAL D 689 37.50 -30.88 38.77
N HIS D 690 36.88 -30.78 37.59
CA HIS D 690 36.63 -29.51 36.94
C HIS D 690 35.14 -29.18 36.84
N HIS D 691 34.28 -29.98 37.45
CA HIS D 691 32.84 -29.75 37.38
C HIS D 691 32.49 -28.42 38.04
N ASP D 692 31.27 -27.94 37.74
CA ASP D 692 30.78 -26.71 38.37
C ASP D 692 30.76 -26.84 39.88
N VAL D 693 30.21 -27.95 40.38
CA VAL D 693 30.18 -28.25 41.81
C VAL D 693 30.91 -29.57 42.01
N CYS D 694 31.99 -29.55 42.79
CA CYS D 694 32.87 -30.70 42.92
C CYS D 694 33.13 -31.00 44.38
N CYS D 695 32.89 -32.25 44.77
CA CYS D 695 33.26 -32.73 46.10
C CYS D 695 34.65 -33.34 46.03
N LEU D 696 35.56 -32.83 46.87
CA LEU D 696 36.95 -33.25 46.88
C LEU D 696 37.40 -33.50 48.31
N ILE D 697 38.61 -34.05 48.43
CA ILE D 697 39.23 -34.34 49.72
C ILE D 697 40.62 -33.74 49.73
N ASN D 698 40.88 -32.80 50.66
CA ASN D 698 42.22 -32.26 50.83
C ASN D 698 42.92 -32.91 52.02
N PRO D 699 44.24 -33.01 51.99
CA PRO D 699 44.97 -33.49 53.16
C PRO D 699 44.88 -32.51 54.31
N ALA D 700 44.80 -33.05 55.53
CA ALA D 700 44.75 -32.26 56.75
C ALA D 700 45.94 -32.62 57.63
N ALA D 701 46.10 -31.86 58.71
CA ALA D 701 47.19 -32.14 59.64
C ALA D 701 47.03 -33.51 60.30
N ASN D 702 45.80 -33.84 60.70
CA ASN D 702 45.47 -35.14 61.26
C ASN D 702 44.19 -35.63 60.58
N GLY D 703 44.36 -36.52 59.60
CA GLY D 703 43.23 -37.00 58.83
C GLY D 703 43.05 -36.24 57.52
N TYR D 704 41.82 -36.17 57.04
CA TYR D 704 41.49 -35.50 55.79
C TYR D 704 40.32 -34.55 56.03
N MET D 705 39.95 -33.81 54.98
CA MET D 705 38.82 -32.89 55.05
C MET D 705 38.02 -33.00 53.76
N LEU D 706 36.75 -33.38 53.87
CA LEU D 706 35.85 -33.47 52.73
C LEU D 706 35.25 -32.09 52.47
N LYS D 707 35.47 -31.57 51.28
CA LYS D 707 35.02 -30.24 50.90
C LYS D 707 34.17 -30.31 49.64
N VAL D 708 33.43 -29.23 49.39
CA VAL D 708 32.70 -29.04 48.15
C VAL D 708 32.95 -27.63 47.66
N ASP D 709 33.35 -27.50 46.40
CA ASP D 709 33.65 -26.20 45.81
C ASP D 709 32.62 -25.87 44.73
N ASN D 710 32.15 -24.63 44.74
CA ASN D 710 31.12 -24.16 43.83
C ASN D 710 31.67 -22.99 43.03
N ASN D 711 31.74 -23.15 41.71
CA ASN D 711 32.19 -22.11 40.80
C ASN D 711 31.04 -21.57 39.97
N THR D 712 29.87 -21.44 40.58
CA THR D 712 28.69 -20.84 39.96
C THR D 712 28.17 -19.74 40.86
N LEU D 713 27.09 -19.09 40.41
CA LEU D 713 26.37 -18.11 41.22
C LEU D 713 25.06 -18.68 41.77
N LYS D 714 24.89 -20.00 41.73
CA LYS D 714 23.68 -20.65 42.20
C LYS D 714 24.01 -21.56 43.37
N ASP D 715 22.99 -21.84 44.19
CA ASP D 715 23.11 -22.74 45.32
C ASP D 715 22.64 -24.13 44.93
N PHE D 716 23.32 -25.15 45.46
CA PHE D 716 22.98 -26.54 45.17
C PHE D 716 22.98 -27.35 46.46
N GLU D 717 22.18 -28.41 46.48
CA GLU D 717 22.12 -29.34 47.60
C GLU D 717 22.32 -30.75 47.08
N GLY D 718 22.58 -31.68 48.01
CA GLY D 718 22.74 -33.06 47.64
C GLY D 718 23.34 -33.87 48.78
N VAL D 719 23.59 -35.14 48.47
CA VAL D 719 24.18 -36.06 49.42
C VAL D 719 25.56 -36.47 48.89
N VAL D 720 26.35 -37.09 49.77
CA VAL D 720 27.70 -37.53 49.44
C VAL D 720 28.07 -38.68 50.34
N GLU D 721 28.79 -39.66 49.81
CA GLU D 721 29.27 -40.78 50.60
C GLU D 721 30.71 -41.12 50.20
N VAL D 722 31.58 -41.24 51.21
CA VAL D 722 32.97 -41.63 51.03
C VAL D 722 33.14 -43.02 51.60
N LYS D 723 33.66 -43.94 50.80
CA LYS D 723 33.88 -45.32 51.21
C LYS D 723 35.27 -45.76 50.80
N ASP D 724 35.84 -46.69 51.57
CA ASP D 724 37.10 -47.31 51.18
C ASP D 724 36.83 -48.36 50.12
N VAL D 725 37.57 -48.29 49.01
CA VAL D 725 37.28 -49.18 47.88
C VAL D 725 37.71 -50.61 48.17
N ALA D 726 38.73 -50.79 49.02
CA ALA D 726 39.24 -52.13 49.29
C ALA D 726 38.38 -52.91 50.29
N SER D 727 37.61 -52.21 51.12
CA SER D 727 36.80 -52.87 52.15
C SER D 727 35.31 -52.61 52.02
N GLY D 728 34.89 -51.60 51.28
CA GLY D 728 33.51 -51.18 51.28
C GLY D 728 33.08 -50.42 52.52
N LYS D 729 33.98 -50.18 53.46
CA LYS D 729 33.64 -49.51 54.71
C LYS D 729 33.25 -48.06 54.44
N GLN D 730 32.07 -47.66 54.89
CA GLN D 730 31.63 -46.29 54.75
C GLN D 730 32.39 -45.40 55.73
N VAL D 731 33.13 -44.43 55.21
CA VAL D 731 33.83 -43.48 56.07
C VAL D 731 32.90 -42.33 56.46
N PHE D 732 32.07 -41.86 55.53
CA PHE D 732 31.17 -40.75 55.79
C PHE D 732 30.02 -40.79 54.80
N LYS D 733 28.86 -40.34 55.24
CA LYS D 733 27.74 -40.05 54.37
C LYS D 733 26.90 -38.96 55.03
N GLY D 734 26.39 -38.03 54.22
CA GLY D 734 25.58 -36.96 54.74
C GLY D 734 25.23 -35.89 53.72
N LYS D 735 24.20 -35.10 54.03
CA LYS D 735 23.80 -34.02 53.16
C LYS D 735 24.75 -32.84 53.30
N PHE D 736 24.75 -31.98 52.28
CA PHE D 736 25.62 -30.82 52.28
C PHE D 736 24.96 -29.69 51.52
N VAL D 737 25.33 -28.46 51.87
CA VAL D 737 24.88 -27.26 51.17
C VAL D 737 26.09 -26.67 50.46
N SER D 738 26.00 -26.58 49.14
CA SER D 738 27.07 -25.99 48.33
C SER D 738 26.66 -24.55 48.00
N LYS D 739 27.07 -23.63 48.87
CA LYS D 739 26.77 -22.23 48.66
C LYS D 739 27.50 -21.69 47.43
N ALA D 740 26.90 -20.68 46.80
CA ALA D 740 27.38 -20.19 45.52
C ALA D 740 28.75 -19.53 45.64
N ASN D 741 29.61 -19.82 44.67
CA ASN D 741 30.86 -19.08 44.47
C ASN D 741 31.77 -19.16 45.69
N GLN D 742 31.80 -20.32 46.35
CA GLN D 742 32.67 -20.50 47.49
C GLN D 742 32.90 -21.99 47.74
N MET D 743 33.92 -22.27 48.54
CA MET D 743 34.20 -23.62 49.02
C MET D 743 33.60 -23.78 50.42
N SER D 744 32.90 -24.88 50.63
CA SER D 744 32.28 -25.19 51.91
C SER D 744 32.82 -26.50 52.43
N GLU D 745 33.31 -26.48 53.68
CA GLU D 745 33.80 -27.69 54.31
C GLU D 745 32.63 -28.52 54.82
N ILE D 746 32.58 -29.79 54.41
CA ILE D 746 31.50 -30.69 54.79
C ILE D 746 31.80 -31.29 56.17
N ALA D 747 32.81 -32.16 56.23
CA ALA D 747 33.14 -32.85 57.47
C ALA D 747 34.60 -33.29 57.44
N THR D 748 35.11 -33.63 58.62
CA THR D 748 36.47 -34.13 58.76
C THR D 748 36.47 -35.65 58.72
N LEU D 749 37.46 -36.21 58.03
CA LEU D 749 37.56 -37.65 57.86
C LEU D 749 38.76 -38.18 58.65
N PRO D 750 38.59 -39.25 59.42
CA PRO D 750 39.72 -39.78 60.20
C PRO D 750 40.71 -40.51 59.30
N MET D 751 41.97 -40.50 59.72
CA MET D 751 43.02 -41.17 58.97
C MET D 751 42.74 -42.67 58.87
N GLN D 752 42.90 -43.20 57.66
CA GLN D 752 42.71 -44.63 57.44
C GLN D 752 44.02 -45.39 57.65
N LYS D 753 43.91 -46.71 57.69
CA LYS D 753 45.05 -47.57 58.00
C LYS D 753 45.82 -47.89 56.73
N GLY D 754 47.10 -47.52 56.69
CA GLY D 754 47.97 -47.92 55.60
C GLY D 754 47.65 -47.20 54.30
N GLN D 755 47.76 -47.93 53.21
CA GLN D 755 47.50 -47.42 51.86
C GLN D 755 46.13 -47.87 51.38
N GLY D 756 45.58 -47.11 50.43
CA GLY D 756 44.28 -47.42 49.89
C GLY D 756 43.73 -46.23 49.13
N MET D 757 42.46 -46.33 48.79
CA MET D 757 41.79 -45.30 48.00
C MET D 757 40.35 -45.15 48.48
N LEU D 758 39.92 -43.92 48.67
CA LEU D 758 38.53 -43.60 49.01
C LEU D 758 37.77 -43.24 47.73
N VAL D 759 36.52 -43.68 47.64
CA VAL D 759 35.65 -43.36 46.53
C VAL D 759 34.61 -42.34 47.00
N ILE D 760 34.50 -41.24 46.27
CA ILE D 760 33.54 -40.19 46.57
C ILE D 760 32.38 -40.31 45.59
N SER D 761 31.16 -40.36 46.12
CA SER D 761 29.96 -40.47 45.30
C SER D 761 28.94 -39.46 45.84
N TYR D 762 28.67 -38.42 45.06
CA TYR D 762 27.73 -37.38 45.46
C TYR D 762 26.71 -37.15 44.36
N ARG D 763 25.47 -36.87 44.77
CA ARG D 763 24.34 -36.73 43.86
C ARG D 763 23.75 -35.33 44.02
N ILE D 764 23.70 -34.59 42.92
CA ILE D 764 23.18 -33.22 42.92
C ILE D 764 22.13 -33.11 41.82
N GLU D 765 20.92 -32.72 42.21
CA GLU D 765 19.82 -32.45 41.27
C GLU D 765 19.53 -33.66 40.38
N GLY D 766 19.55 -34.86 40.98
CA GLY D 766 19.25 -36.08 40.27
C GLY D 766 20.39 -36.67 39.47
N ASN D 767 21.52 -35.98 39.37
CA ASN D 767 22.67 -36.47 38.62
C ASN D 767 23.74 -36.98 39.58
N GLU D 768 24.39 -38.08 39.20
CA GLU D 768 25.39 -38.73 40.03
C GLU D 768 26.78 -38.37 39.54
N TYR D 769 27.65 -37.99 40.47
CA TYR D 769 29.03 -37.63 40.17
C TYR D 769 29.97 -38.48 41.03
N PHE D 770 31.22 -38.57 40.58
CA PHE D 770 32.19 -39.45 41.22
C PHE D 770 33.54 -38.76 41.32
N ASN D 771 34.29 -39.13 42.36
CA ASN D 771 35.65 -38.65 42.58
C ASN D 771 36.35 -39.69 43.45
N HIS D 772 37.60 -39.41 43.80
CA HIS D 772 38.35 -40.34 44.65
C HIS D 772 39.51 -39.60 45.30
N TYR D 773 40.13 -40.27 46.26
CA TYR D 773 41.30 -39.71 46.95
C TYR D 773 42.23 -40.86 47.34
N LEU D 774 43.47 -40.79 46.87
CA LEU D 774 44.49 -41.77 47.23
C LEU D 774 45.16 -41.33 48.53
N TYR D 775 45.01 -42.14 49.57
CA TYR D 775 45.64 -41.84 50.86
C TYR D 775 46.85 -42.74 51.07
N GLY D 776 47.66 -42.38 52.06
CA GLY D 776 48.87 -43.11 52.37
C GLY D 776 50.10 -42.42 51.79
N GLU D 777 51.25 -42.99 52.13
CA GLU D 777 52.52 -42.47 51.65
C GLU D 777 53.12 -43.37 50.59
N PRO D 778 53.66 -42.80 49.51
CA PRO D 778 54.33 -43.62 48.49
C PRO D 778 55.58 -44.26 49.06
N PRO D 779 56.10 -45.31 48.41
CA PRO D 779 55.66 -45.92 47.15
C PRO D 779 54.52 -46.92 47.32
N TYR D 780 53.62 -46.98 46.33
CA TYR D 780 52.57 -47.98 46.27
C TYR D 780 52.99 -49.11 45.31
N LYS D 781 52.24 -50.19 45.35
CA LYS D 781 52.39 -51.27 44.39
C LYS D 781 51.53 -50.96 43.17
N LEU D 782 52.14 -51.03 41.98
CA LEU D 782 51.41 -50.71 40.76
C LEU D 782 50.22 -51.65 40.57
N ASP D 783 50.37 -52.92 40.97
CA ASP D 783 49.28 -53.87 40.84
C ASP D 783 48.13 -53.55 41.81
N GLN D 784 48.46 -53.09 43.01
CA GLN D 784 47.42 -52.78 43.98
C GLN D 784 46.70 -51.48 43.64
N TYR D 785 47.43 -50.49 43.10
CA TYR D 785 46.77 -49.27 42.63
C TYR D 785 45.85 -49.57 41.45
N ARG D 786 46.23 -50.54 40.60
CA ARG D 786 45.36 -50.90 39.48
C ARG D 786 44.09 -51.58 39.96
N LYS D 787 44.17 -52.37 41.04
CA LYS D 787 42.97 -52.98 41.60
C LYS D 787 42.07 -51.93 42.22
N TRP D 788 42.67 -50.90 42.83
CA TRP D 788 41.86 -49.84 43.44
C TRP D 788 41.14 -49.02 42.39
N VAL D 789 41.77 -48.79 41.24
CA VAL D 789 41.13 -48.03 40.17
C VAL D 789 39.97 -48.84 39.59
N LYS D 790 40.20 -50.13 39.32
CA LYS D 790 39.16 -50.95 38.71
C LYS D 790 37.99 -51.16 39.66
N LYS D 791 38.27 -51.38 40.95
CA LYS D 791 37.20 -51.55 41.93
C LYS D 791 36.50 -50.24 42.25
N CYS D 792 37.15 -49.10 42.01
CA CYS D 792 36.49 -47.82 42.23
C CYS D 792 35.41 -47.55 41.18
N GLY D 793 35.57 -48.13 39.99
CA GLY D 793 34.54 -48.09 38.97
C GLY D 793 34.40 -46.78 38.23
N ILE D 794 35.30 -45.83 38.43
CA ILE D 794 35.20 -44.52 37.81
C ILE D 794 35.88 -44.53 36.45
N TYR D 795 37.19 -44.76 36.46
CA TYR D 795 38.01 -44.66 35.26
C TYR D 795 38.34 -46.05 34.73
N GLU D 796 38.44 -46.15 33.40
CA GLU D 796 38.96 -47.36 32.79
C GLU D 796 40.47 -47.39 32.95
N LEU D 797 41.02 -48.60 33.06
CA LEU D 797 42.44 -48.80 33.29
C LEU D 797 43.26 -48.08 32.23
N GLU D 798 43.24 -48.58 31.01
CA GLU D 798 43.81 -47.89 29.86
C GLU D 798 43.48 -48.65 28.57
N SER E 24 67.83 44.27 6.53
CA SER E 24 66.56 44.87 6.13
C SER E 24 65.48 43.81 5.97
N GLU E 25 64.22 44.24 6.07
CA GLU E 25 63.07 43.36 5.90
C GLU E 25 62.06 44.06 5.02
N GLN E 26 61.71 43.43 3.90
CA GLN E 26 60.65 43.93 3.03
C GLN E 26 59.42 43.03 3.18
N SER E 27 58.27 43.65 3.35
CA SER E 27 57.04 42.92 3.60
C SER E 27 56.46 42.36 2.30
N LEU E 28 55.99 41.12 2.36
CA LEU E 28 55.25 40.50 1.27
C LEU E 28 53.75 40.55 1.48
N ASN E 29 53.29 41.28 2.50
CA ASN E 29 51.87 41.47 2.71
C ASN E 29 51.29 42.33 1.57
N GLY E 30 49.96 42.35 1.50
CA GLY E 30 49.24 43.12 0.50
C GLY E 30 48.33 42.25 -0.33
N ARG E 31 48.21 42.59 -1.61
CA ARG E 31 47.32 41.89 -2.52
C ARG E 31 47.99 40.66 -3.09
N TRP E 32 47.35 39.52 -2.95
CA TRP E 32 47.74 38.26 -3.59
C TRP E 32 46.62 37.79 -4.50
N THR E 33 46.88 36.67 -5.19
CA THR E 33 45.88 35.98 -5.98
C THR E 33 45.54 34.67 -5.29
N LEU E 34 44.24 34.36 -5.21
CA LEU E 34 43.77 33.18 -4.51
C LEU E 34 42.84 32.38 -5.42
N LYS E 35 43.25 31.15 -5.74
CA LYS E 35 42.44 30.23 -6.53
C LYS E 35 42.04 29.06 -5.64
N PHE E 36 40.75 28.79 -5.56
CA PHE E 36 40.23 27.73 -4.69
C PHE E 36 39.35 26.78 -5.49
N PHE E 37 39.33 25.52 -5.05
CA PHE E 37 38.62 24.46 -5.76
C PHE E 37 38.42 23.31 -4.79
N PRO E 38 37.41 22.47 -5.03
CA PRO E 38 37.26 21.26 -4.19
C PRO E 38 38.49 20.38 -4.30
N GLN E 39 38.83 19.73 -3.18
CA GLN E 39 40.03 18.90 -3.14
C GLN E 39 39.73 17.54 -3.74
N PRO E 40 40.47 17.09 -4.74
CA PRO E 40 40.24 15.76 -5.31
C PRO E 40 40.70 14.68 -4.34
N ALA E 41 40.43 13.43 -4.73
CA ALA E 41 40.84 12.28 -3.93
C ALA E 41 42.35 12.29 -3.71
N VAL E 42 43.12 12.65 -4.74
CA VAL E 42 44.56 12.87 -4.61
C VAL E 42 44.78 14.36 -4.41
N PRO E 43 45.21 14.81 -3.24
CA PRO E 43 45.36 16.25 -3.00
C PRO E 43 46.42 16.85 -3.93
N VAL E 44 46.16 18.08 -4.35
CA VAL E 44 47.08 18.79 -5.25
C VAL E 44 48.28 19.28 -4.44
N MET E 45 49.48 18.90 -4.87
CA MET E 45 50.71 19.23 -4.17
C MET E 45 51.64 20.15 -4.95
N THR E 46 51.47 20.26 -6.26
CA THR E 46 52.42 20.94 -7.12
C THR E 46 51.79 22.15 -7.78
N ILE E 47 52.65 23.07 -8.24
CA ILE E 47 52.18 24.25 -8.97
C ILE E 47 51.46 23.82 -10.25
N GLU E 48 51.95 22.77 -10.89
CA GLU E 48 51.33 22.28 -12.11
C GLU E 48 49.88 21.86 -11.84
N GLY E 49 49.68 21.01 -10.83
CA GLY E 49 48.32 20.59 -10.49
C GLY E 49 47.43 21.74 -10.07
N ALA E 50 48.01 22.75 -9.43
CA ALA E 50 47.20 23.90 -8.98
C ALA E 50 46.74 24.74 -10.16
N GLU E 51 47.62 24.94 -11.15
CA GLU E 51 47.25 25.71 -12.33
C GLU E 51 46.37 24.93 -13.30
N ALA E 52 46.30 23.61 -13.14
CA ALA E 52 45.47 22.78 -14.01
C ALA E 52 44.10 22.50 -13.43
N ALA E 53 43.90 22.73 -12.13
CA ALA E 53 42.61 22.47 -11.52
C ALA E 53 41.57 23.47 -11.98
N ASN E 54 40.31 23.06 -11.90
CA ASN E 54 39.17 23.91 -12.26
C ASN E 54 38.64 24.58 -10.99
N GLY E 55 38.93 25.87 -10.84
CA GLY E 55 38.52 26.59 -9.66
C GLY E 55 38.11 28.02 -9.92
N ILE E 56 38.04 28.81 -8.86
CA ILE E 56 37.64 30.21 -8.92
C ILE E 56 38.79 31.08 -8.42
N VAL E 57 39.07 32.15 -9.14
CA VAL E 57 40.21 33.02 -8.86
C VAL E 57 39.69 34.39 -8.43
N VAL E 58 40.13 34.86 -7.26
CA VAL E 58 39.76 36.16 -6.72
C VAL E 58 40.97 36.82 -6.10
N ASP E 59 40.85 38.12 -5.86
CA ASP E 59 41.89 38.85 -5.15
C ASP E 59 41.87 38.51 -3.66
N ALA E 60 43.05 38.43 -3.06
CA ALA E 60 43.18 38.10 -1.65
C ALA E 60 44.05 39.13 -0.95
N VAL E 61 43.92 39.19 0.37
CA VAL E 61 44.69 40.10 1.21
C VAL E 61 45.48 39.26 2.21
N VAL E 62 46.78 39.50 2.27
CA VAL E 62 47.67 38.82 3.22
C VAL E 62 48.19 39.86 4.19
N PRO E 63 48.10 39.64 5.51
CA PRO E 63 47.47 38.49 6.19
C PRO E 63 45.95 38.44 5.99
N GLY E 64 45.36 37.26 5.96
CA GLY E 64 43.93 37.16 5.79
C GLY E 64 43.46 35.73 5.96
N ASN E 65 42.14 35.56 5.94
CA ASN E 65 41.50 34.26 5.87
C ASN E 65 40.71 34.19 4.57
N VAL E 66 40.62 32.98 4.00
CA VAL E 66 40.03 32.83 2.67
C VAL E 66 38.56 33.25 2.67
N GLU E 67 37.87 33.14 3.81
CA GLU E 67 36.47 33.53 3.86
C GLU E 67 36.32 35.04 3.78
N ILE E 68 37.32 35.80 4.24
CA ILE E 68 37.28 37.25 4.09
C ILE E 68 37.43 37.64 2.62
N ASP E 69 38.35 36.99 1.91
CA ASP E 69 38.51 37.27 0.50
C ASP E 69 37.27 36.88 -0.28
N MET E 70 36.67 35.74 0.05
CA MET E 70 35.47 35.30 -0.67
C MET E 70 34.30 36.23 -0.42
N GLU E 71 34.17 36.75 0.81
CA GLU E 71 33.09 37.71 1.06
C GLU E 71 33.35 39.03 0.37
N ALA E 72 34.62 39.44 0.29
CA ALA E 72 34.95 40.68 -0.41
C ALA E 72 34.57 40.60 -1.89
N ALA E 73 34.64 39.42 -2.48
CA ALA E 73 34.27 39.21 -3.86
C ALA E 73 32.83 38.73 -4.02
N GLY E 74 32.06 38.71 -2.94
CA GLY E 74 30.64 38.42 -3.00
C GLY E 74 30.27 36.96 -3.11
N LEU E 75 31.20 36.03 -2.89
CA LEU E 75 30.90 34.61 -3.02
C LEU E 75 30.22 34.02 -1.80
N VAL E 76 30.41 34.60 -0.61
CA VAL E 76 29.77 34.10 0.60
C VAL E 76 29.08 35.26 1.30
N GLU E 77 28.11 34.92 2.14
CA GLU E 77 27.41 35.89 2.95
C GLU E 77 28.06 36.02 4.33
N ASP E 78 27.75 37.13 5.00
CA ASP E 78 28.31 37.47 6.29
C ASP E 78 28.11 36.35 7.31
N PRO E 79 29.19 35.64 7.69
CA PRO E 79 29.03 34.51 8.62
C PRO E 79 28.60 34.90 10.01
N MET E 80 28.67 36.18 10.37
CA MET E 80 28.31 36.60 11.71
C MET E 80 26.81 36.69 11.94
N VAL E 81 26.00 36.64 10.88
CA VAL E 81 24.57 36.93 10.97
C VAL E 81 23.78 35.63 10.78
N GLY E 82 22.80 35.42 11.66
CA GLY E 82 21.83 34.35 11.47
C GLY E 82 22.49 32.99 11.43
N ASN E 83 22.07 32.16 10.47
CA ASN E 83 22.60 30.83 10.25
C ASN E 83 23.63 30.79 9.13
N ASN E 84 24.22 31.92 8.78
CA ASN E 84 25.15 31.96 7.66
C ASN E 84 26.44 31.18 7.94
N ILE E 85 26.75 30.94 9.21
CA ILE E 85 27.97 30.20 9.54
C ILE E 85 27.94 28.80 8.91
N TYR E 86 26.77 28.17 8.89
CA TYR E 86 26.64 26.83 8.33
C TYR E 86 26.85 26.80 6.82
N LYS E 87 26.70 27.94 6.15
CA LYS E 87 26.88 27.96 4.69
C LYS E 87 28.32 27.81 4.27
N LEU E 88 29.27 28.04 5.19
CA LEU E 88 30.68 27.88 4.88
C LEU E 88 31.13 26.43 4.92
N ARG E 89 30.28 25.52 5.40
CA ARG E 89 30.59 24.09 5.52
C ARG E 89 31.25 23.47 4.30
N PRO E 90 30.81 23.70 3.06
CA PRO E 90 31.46 23.03 1.91
C PRO E 90 32.92 23.40 1.73
N TYR E 91 33.35 24.59 2.15
CA TYR E 91 34.71 25.03 1.88
C TYR E 91 35.74 24.32 2.75
N GLU E 92 35.31 23.56 3.77
CA GLU E 92 36.26 22.77 4.54
C GLU E 92 36.95 21.72 3.67
N GLY E 93 36.30 21.29 2.60
CA GLY E 93 36.88 20.30 1.71
C GLY E 93 37.53 20.90 0.49
N TYR E 94 37.90 22.18 0.57
CA TYR E 94 38.52 22.90 -0.53
C TYR E 94 40.02 23.03 -0.34
N GLN E 95 40.71 23.32 -1.44
CA GLN E 95 42.11 23.70 -1.43
C GLN E 95 42.23 25.19 -1.73
N TRP E 96 43.39 25.75 -1.39
CA TRP E 96 43.60 27.19 -1.49
C TRP E 96 44.98 27.47 -2.04
N TYR E 97 45.04 28.18 -3.16
CA TYR E 97 46.28 28.44 -3.90
C TYR E 97 46.57 29.93 -3.86
N TYR E 98 47.53 30.32 -3.02
CA TYR E 98 48.02 31.69 -2.97
C TYR E 98 49.15 31.87 -3.97
N SER E 99 49.21 33.06 -4.58
CA SER E 99 50.26 33.33 -5.55
C SER E 99 50.49 34.83 -5.65
N ARG E 100 51.76 35.22 -5.76
CA ARG E 100 52.16 36.58 -6.02
C ARG E 100 53.60 36.57 -6.52
N THR E 101 54.05 37.75 -6.96
CA THR E 101 55.43 37.93 -7.40
C THR E 101 56.12 38.95 -6.51
N PHE E 102 57.44 38.83 -6.41
CA PHE E 102 58.22 39.74 -5.59
C PHE E 102 59.59 39.95 -6.23
N ALA E 103 60.22 41.06 -5.89
CA ALA E 103 61.55 41.38 -6.37
C ALA E 103 62.58 40.89 -5.35
N ALA E 104 63.50 40.06 -5.81
CA ALA E 104 64.54 39.55 -4.92
C ALA E 104 65.48 40.69 -4.54
N PRO E 105 65.72 40.90 -3.25
CA PRO E 105 66.66 41.96 -2.83
C PRO E 105 68.09 41.57 -3.16
N VAL E 106 68.95 42.59 -3.21
CA VAL E 106 70.37 42.36 -3.47
C VAL E 106 70.98 41.62 -2.28
N VAL E 107 71.76 40.57 -2.58
CA VAL E 107 72.42 39.77 -1.56
C VAL E 107 73.90 39.73 -1.89
N THR E 108 74.73 40.13 -0.92
CA THR E 108 76.18 40.06 -1.07
C THR E 108 76.68 38.67 -0.67
N GLU E 109 77.98 38.46 -0.81
CA GLU E 109 78.56 37.15 -0.53
C GLU E 109 78.43 36.82 0.95
N GLY E 110 77.81 35.69 1.26
CA GLY E 110 77.65 35.21 2.60
C GLY E 110 76.33 35.55 3.25
N GLN E 111 75.56 36.48 2.68
CA GLN E 111 74.27 36.82 3.26
C GLN E 111 73.26 35.71 3.03
N ARG E 112 72.24 35.69 3.89
CA ARG E 112 71.15 34.73 3.79
C ARG E 112 69.85 35.47 3.51
N LEU E 113 69.04 34.91 2.63
CA LEU E 113 67.71 35.43 2.33
C LEU E 113 66.68 34.45 2.88
N VAL E 114 65.86 34.91 3.81
CA VAL E 114 64.94 34.06 4.55
C VAL E 114 63.51 34.49 4.23
N LEU E 115 62.68 33.52 3.81
CA LEU E 115 61.26 33.74 3.63
C LEU E 115 60.55 33.37 4.92
N HIS E 116 59.95 34.36 5.59
CA HIS E 116 59.36 34.18 6.90
C HIS E 116 57.84 34.19 6.79
N PHE E 117 57.21 33.16 7.34
CA PHE E 117 55.76 33.07 7.46
C PHE E 117 55.39 33.13 8.94
N GLY E 118 54.58 34.12 9.30
CA GLY E 118 54.08 34.18 10.67
C GLY E 118 53.00 33.15 10.95
N GLY E 119 52.25 32.77 9.93
CA GLY E 119 51.17 31.81 10.10
C GLY E 119 50.65 31.21 8.81
N ILE E 120 50.84 29.90 8.66
CA ILE E 120 50.29 29.14 7.54
C ILE E 120 49.24 28.20 8.11
N ASP E 121 48.02 28.27 7.57
CA ASP E 121 46.88 27.51 8.07
C ASP E 121 46.32 26.69 6.91
N THR E 122 46.74 25.43 6.79
CA THR E 122 47.77 24.82 7.65
C THR E 122 48.73 23.95 6.83
N PHE E 123 48.19 22.92 6.18
CA PHE E 123 49.00 21.96 5.43
C PHE E 123 49.25 22.52 4.04
N ALA E 124 50.47 23.03 3.81
CA ALA E 124 50.76 23.75 2.59
C ALA E 124 52.15 23.39 2.06
N GLU E 125 52.25 23.33 0.74
CA GLU E 125 53.52 23.23 0.04
C GLU E 125 53.92 24.61 -0.47
N VAL E 126 55.12 25.06 -0.09
CA VAL E 126 55.59 26.40 -0.41
C VAL E 126 56.61 26.31 -1.53
N TYR E 127 56.44 27.12 -2.57
CA TYR E 127 57.33 27.14 -3.71
C TYR E 127 57.85 28.55 -3.96
N VAL E 128 59.13 28.63 -4.32
CA VAL E 128 59.75 29.87 -4.78
C VAL E 128 60.42 29.57 -6.11
N ASN E 129 59.94 30.20 -7.18
CA ASN E 129 60.44 29.98 -8.54
C ASN E 129 60.33 28.51 -8.95
N GLY E 130 59.15 27.93 -8.69
CA GLY E 130 58.89 26.56 -9.05
C GLY E 130 59.66 25.51 -8.26
N ILE E 131 60.49 25.93 -7.31
CA ILE E 131 61.27 25.01 -6.47
C ILE E 131 60.61 24.97 -5.10
N LYS E 132 60.34 23.75 -4.62
CA LYS E 132 59.75 23.60 -3.30
C LYS E 132 60.78 23.93 -2.23
N VAL E 133 60.38 24.75 -1.26
CA VAL E 133 61.26 25.18 -0.18
C VAL E 133 60.82 24.70 1.19
N GLY E 134 59.62 24.14 1.31
CA GLY E 134 59.17 23.64 2.60
C GLY E 134 57.78 23.05 2.50
N SER E 135 57.45 22.23 3.49
CA SER E 135 56.12 21.64 3.65
C SER E 135 55.64 21.99 5.05
N ALA E 136 54.79 23.01 5.15
CA ALA E 136 54.25 23.43 6.43
C ALA E 136 53.11 22.54 6.87
N ASP E 137 53.01 22.31 8.18
CA ASP E 137 51.94 21.47 8.73
C ASP E 137 51.61 21.81 10.18
N ASN E 138 51.77 23.07 10.57
CA ASN E 138 51.43 23.50 11.92
C ASN E 138 50.90 24.92 11.86
N MET E 139 49.65 25.10 12.28
CA MET E 139 48.97 26.40 12.22
C MET E 139 49.55 27.41 13.20
N LEU E 140 50.16 26.95 14.29
CA LEU E 140 50.38 27.78 15.47
C LEU E 140 51.78 28.37 15.57
N ILE E 141 52.70 28.02 14.68
CA ILE E 141 54.09 28.44 14.82
C ILE E 141 54.53 29.12 13.53
N GLU E 142 55.69 29.78 13.61
CA GLU E 142 56.28 30.42 12.44
C GLU E 142 56.96 29.38 11.55
N HIS E 143 57.25 29.79 10.31
CA HIS E 143 57.91 28.94 9.34
C HIS E 143 58.90 29.78 8.55
N ASP E 144 60.18 29.49 8.71
CA ASP E 144 61.26 30.21 8.02
C ASP E 144 61.96 29.26 7.05
N TYR E 145 62.14 29.74 5.81
CA TYR E 145 62.81 28.95 4.78
C TYR E 145 63.97 29.74 4.21
N ASP E 146 65.12 29.09 4.08
CA ASP E 146 66.29 29.69 3.44
C ASP E 146 66.11 29.57 1.92
N ILE E 147 65.95 30.71 1.26
CA ILE E 147 65.71 30.73 -0.18
C ILE E 147 66.83 31.48 -0.88
N THR E 148 68.04 31.45 -0.29
CA THR E 148 69.16 32.18 -0.87
C THR E 148 69.55 31.62 -2.24
N SER E 149 69.56 30.30 -2.38
CA SER E 149 70.05 29.66 -3.59
C SER E 149 68.97 29.44 -4.65
N VAL E 150 67.70 29.59 -4.31
CA VAL E 150 66.62 29.32 -5.25
C VAL E 150 66.08 30.58 -5.92
N VAL E 151 66.36 31.77 -5.38
CA VAL E 151 65.87 33.00 -5.98
C VAL E 151 66.79 33.40 -7.14
N LYS E 152 66.26 34.26 -8.01
CA LYS E 152 66.98 34.76 -9.16
C LYS E 152 66.84 36.28 -9.21
N GLU E 153 67.62 36.90 -10.08
CA GLU E 153 67.53 38.34 -10.26
C GLU E 153 66.25 38.71 -11.00
N GLY E 154 65.65 39.82 -10.60
CA GLY E 154 64.40 40.26 -11.22
C GLY E 154 63.17 39.74 -10.50
N GLU E 155 62.13 39.42 -11.27
CA GLU E 155 60.87 38.99 -10.69
C GLU E 155 60.92 37.51 -10.33
N ASN E 156 60.54 37.20 -9.09
CA ASN E 156 60.38 35.85 -8.62
C ASN E 156 58.89 35.57 -8.36
N ARG E 157 58.54 34.29 -8.29
CA ARG E 157 57.17 33.90 -7.99
C ARG E 157 57.13 33.12 -6.69
N LEU E 158 56.03 33.29 -5.95
CA LEU E 158 55.82 32.63 -4.68
C LEU E 158 54.43 31.99 -4.71
N ASP E 159 54.37 30.68 -4.57
CA ASP E 159 53.12 29.93 -4.66
C ASP E 159 52.97 29.06 -3.42
N VAL E 160 51.83 29.18 -2.75
CA VAL E 160 51.52 28.40 -1.55
C VAL E 160 50.24 27.63 -1.83
N ILE E 161 50.31 26.31 -1.70
CA ILE E 161 49.20 25.42 -2.05
C ILE E 161 48.75 24.70 -0.79
N ILE E 162 47.57 25.05 -0.30
CA ILE E 162 47.04 24.57 0.97
C ILE E 162 46.04 23.44 0.70
N ARG E 163 46.13 22.38 1.50
CA ARG E 163 45.20 21.26 1.45
C ARG E 163 44.13 21.40 2.53
N SER E 164 43.16 20.50 2.48
CA SER E 164 42.06 20.50 3.44
C SER E 164 42.55 19.98 4.79
N SER E 165 42.40 20.80 5.83
CA SER E 165 42.78 20.36 7.17
C SER E 165 41.89 19.22 7.65
N VAL E 166 40.59 19.30 7.37
CA VAL E 166 39.66 18.26 7.80
C VAL E 166 40.08 16.90 7.24
N MET E 167 40.39 16.86 5.93
CA MET E 167 40.71 15.58 5.31
C MET E 167 42.05 15.02 5.78
N GLU E 168 42.95 15.87 6.30
CA GLU E 168 44.23 15.37 6.80
C GLU E 168 44.04 14.43 7.99
N ALA E 169 42.93 14.58 8.72
CA ALA E 169 42.69 13.72 9.87
C ALA E 169 42.60 12.26 9.48
N GLN E 170 42.08 11.96 8.28
CA GLN E 170 41.90 10.58 7.86
C GLN E 170 43.19 9.92 7.41
N ASN E 171 44.31 10.63 7.45
CA ASN E 171 45.63 10.02 7.29
C ASN E 171 46.15 9.41 8.58
N HIS E 172 45.32 9.34 9.62
CA HIS E 172 45.75 8.90 10.94
C HIS E 172 44.73 7.93 11.52
N PHE E 173 45.24 6.92 12.23
CA PHE E 173 44.41 5.99 12.99
C PHE E 173 44.38 6.47 14.44
N LEU E 174 43.18 6.69 14.96
CA LEU E 174 43.01 7.31 16.27
C LEU E 174 42.93 6.26 17.38
N GLY E 175 43.54 6.57 18.52
CA GLY E 175 43.35 5.74 19.69
C GLY E 175 42.00 5.98 20.34
N THR E 176 41.57 4.99 21.13
CA THR E 176 40.24 5.02 21.74
C THR E 176 40.02 6.31 22.53
N LEU E 177 41.05 6.79 23.21
CA LEU E 177 40.91 7.97 24.07
C LEU E 177 40.71 9.25 23.27
N SER E 178 41.03 9.25 21.97
CA SER E 178 40.88 10.44 21.14
C SER E 178 39.50 10.54 20.48
N ILE E 179 38.57 9.65 20.81
CA ILE E 179 37.26 9.61 20.18
C ILE E 179 36.20 9.82 21.25
N GLY E 180 35.26 10.71 20.98
CA GLY E 180 34.16 10.97 21.88
C GLY E 180 34.35 12.15 22.81
N ASN E 181 35.44 12.90 22.68
CA ASN E 181 35.68 14.06 23.52
C ASN E 181 34.89 15.27 22.99
N PHE E 182 34.87 16.34 23.78
CA PHE E 182 34.20 17.54 23.31
C PHE E 182 34.94 18.15 22.13
N SER E 183 36.27 18.12 22.16
CA SER E 183 37.06 18.51 21.00
C SER E 183 36.86 17.49 19.87
N ASN E 184 36.89 18.00 18.64
CA ASN E 184 36.55 17.19 17.48
C ASN E 184 37.64 16.17 17.18
N GLU E 185 37.22 14.98 16.71
CA GLU E 185 38.19 13.96 16.32
C GLU E 185 39.08 14.44 15.19
N GLU E 186 38.60 15.38 14.37
CA GLU E 186 39.43 15.97 13.34
C GLU E 186 40.60 16.77 13.92
N SER E 187 40.51 17.17 15.19
CA SER E 187 41.55 18.00 15.79
C SER E 187 42.68 17.16 16.39
N ALA E 188 42.39 15.91 16.76
CA ALA E 188 43.34 15.11 17.52
C ALA E 188 44.70 14.94 16.84
N PRO E 189 44.80 14.55 15.57
CA PRO E 189 46.12 14.28 14.99
C PRO E 189 46.79 15.47 14.31
N VAL E 190 46.25 16.68 14.44
CA VAL E 190 46.79 17.84 13.73
C VAL E 190 47.08 18.95 14.73
N ARG E 191 48.01 19.83 14.37
CA ARG E 191 48.42 20.94 15.22
C ARG E 191 47.73 22.21 14.73
N ARG E 192 46.47 22.35 15.14
CA ARG E 192 45.67 23.53 14.85
C ARG E 192 44.91 23.91 16.10
N ALA E 193 44.41 25.14 16.12
CA ALA E 193 43.59 25.60 17.24
C ALA E 193 42.35 24.72 17.35
N PRO E 194 42.15 24.00 18.45
CA PRO E 194 41.01 23.07 18.52
C PRO E 194 39.67 23.75 18.40
N SER E 195 39.54 25.01 18.83
CA SER E 195 38.27 25.70 18.79
C SER E 195 37.81 26.02 17.38
N THR E 196 38.71 25.97 16.38
CA THR E 196 38.30 26.27 15.01
C THR E 196 37.34 25.22 14.46
N TYR E 197 37.34 24.02 15.02
CA TYR E 197 36.40 22.97 14.60
C TYR E 197 35.04 23.11 15.24
N GLY E 198 34.81 24.18 15.99
CA GLY E 198 33.56 24.35 16.69
C GLY E 198 33.73 24.11 18.17
N TRP E 199 33.08 24.94 18.97
CA TRP E 199 33.09 24.82 20.42
C TRP E 199 31.75 25.39 20.91
N ASP E 200 31.52 25.30 22.21
CA ASP E 200 30.31 25.91 22.74
C ASP E 200 30.42 27.42 22.85
N ILE E 201 31.63 27.98 22.69
CA ILE E 201 31.84 29.41 22.71
C ILE E 201 32.49 29.93 21.43
N MET E 202 32.67 29.06 20.43
CA MET E 202 33.21 29.47 19.15
C MET E 202 32.51 28.72 18.05
N PRO E 203 32.24 29.37 16.92
CA PRO E 203 31.57 28.67 15.81
C PRO E 203 32.54 27.71 15.14
N ARG E 204 31.96 26.71 14.46
CA ARG E 204 32.79 25.91 13.58
C ARG E 204 33.17 26.74 12.36
N LEU E 205 34.46 26.99 12.20
CA LEU E 205 34.95 27.78 11.08
C LEU E 205 36.40 27.39 10.84
N VAL E 206 36.60 26.25 10.16
CA VAL E 206 37.94 25.69 9.99
C VAL E 206 38.85 26.70 9.31
N SER E 207 38.38 27.30 8.21
CA SER E 207 39.09 28.35 7.51
C SER E 207 40.43 27.86 6.99
N ALA E 208 41.24 28.78 6.49
CA ALA E 208 42.57 28.52 5.94
C ALA E 208 43.16 29.86 5.50
N GLY E 209 44.46 29.85 5.21
CA GLY E 209 45.11 30.98 4.59
C GLY E 209 46.37 31.38 5.31
N LEU E 210 47.02 32.41 4.75
CA LEU E 210 48.22 33.01 5.34
C LEU E 210 47.72 34.09 6.30
N TRP E 211 47.60 33.72 7.57
CA TRP E 211 46.88 34.55 8.54
C TRP E 211 47.79 35.43 9.38
N ARG E 212 49.10 35.41 9.14
CA ARG E 212 50.02 36.36 9.76
C ARG E 212 51.01 36.84 8.71
N ASP E 213 51.93 37.71 9.13
CA ASP E 213 52.80 38.42 8.19
C ASP E 213 53.66 37.45 7.37
N VAL E 214 53.88 37.81 6.12
CA VAL E 214 54.84 37.14 5.25
C VAL E 214 55.88 38.18 4.87
N THR E 215 57.14 37.93 5.24
CA THR E 215 58.20 38.90 5.02
C THR E 215 59.43 38.24 4.41
N LEU E 216 60.29 39.07 3.84
CA LEU E 216 61.62 38.68 3.38
C LEU E 216 62.65 39.30 4.29
N ARG E 217 63.62 38.49 4.73
CA ARG E 217 64.65 38.93 5.65
C ARG E 217 66.03 38.68 5.07
N VAL E 218 66.93 39.63 5.27
CA VAL E 218 68.33 39.50 4.85
C VAL E 218 69.18 39.45 6.11
N GLU E 219 69.90 38.35 6.29
CA GLU E 219 70.81 38.15 7.40
C GLU E 219 72.25 38.21 6.91
N ASN E 220 73.13 38.69 7.76
CA ASN E 220 74.54 38.70 7.44
C ASN E 220 75.19 37.39 7.89
N PRO E 221 76.40 37.08 7.40
CA PRO E 221 77.12 35.91 7.93
C PRO E 221 77.26 35.96 9.44
N VAL E 222 77.45 37.15 10.00
CA VAL E 222 77.40 37.37 11.44
C VAL E 222 75.99 37.83 11.78
N THR E 223 75.27 37.04 12.57
CA THR E 223 73.90 37.36 12.92
C THR E 223 73.58 36.75 14.28
N ILE E 224 72.58 37.32 14.94
CA ILE E 224 72.13 36.83 16.23
C ILE E 224 71.04 35.79 16.02
N VAL E 225 71.32 34.55 16.45
CA VAL E 225 70.31 33.50 16.34
C VAL E 225 69.26 33.67 17.44
N ASP E 226 69.68 33.92 18.67
CA ASP E 226 68.74 34.10 19.75
C ASP E 226 69.38 34.88 20.90
N ALA E 227 68.61 35.79 21.47
CA ALA E 227 68.99 36.56 22.65
C ALA E 227 67.97 36.24 23.75
N ASN E 228 68.39 35.44 24.73
CA ASN E 228 67.52 34.93 25.78
C ASN E 228 67.85 35.63 27.09
N TRP E 229 66.94 36.49 27.56
CA TRP E 229 67.14 37.25 28.78
C TRP E 229 66.47 36.55 29.95
N VAL E 230 67.21 36.36 31.04
CA VAL E 230 66.75 35.66 32.23
C VAL E 230 67.08 36.49 33.45
N THR E 231 66.10 36.63 34.37
CA THR E 231 66.31 37.33 35.62
C THR E 231 66.64 36.31 36.71
N LEU E 232 67.90 36.30 37.16
CA LEU E 232 68.31 35.39 38.22
C LEU E 232 67.83 35.87 39.58
N SER E 233 67.95 37.17 39.85
CA SER E 233 67.59 37.72 41.15
C SER E 233 67.19 39.17 40.96
N VAL E 234 66.42 39.68 41.92
CA VAL E 234 66.00 41.08 41.93
C VAL E 234 65.93 41.54 43.38
N ASN E 235 66.36 42.78 43.61
CA ASN E 235 66.35 43.40 44.93
C ASN E 235 65.67 44.76 44.78
N PRO E 236 64.35 44.80 44.88
CA PRO E 236 63.64 46.07 44.63
C PRO E 236 64.03 47.18 45.57
N LYS E 237 64.30 46.86 46.84
CA LYS E 237 64.63 47.90 47.81
C LYS E 237 65.95 48.58 47.45
N ALA E 238 66.94 47.82 47.02
CA ALA E 238 68.23 48.36 46.60
C ALA E 238 68.25 48.77 45.13
N ARG E 239 67.14 48.55 44.41
CA ARG E 239 67.04 48.87 42.99
C ARG E 239 68.12 48.16 42.18
N GLU E 240 68.32 46.87 42.47
CA GLU E 240 69.32 46.07 41.80
C GLU E 240 68.70 44.78 41.28
N ALA E 241 69.42 44.13 40.36
CA ALA E 241 69.00 42.85 39.80
C ALA E 241 70.19 42.23 39.10
N SER E 242 70.14 40.90 38.97
CA SER E 242 71.13 40.14 38.21
C SER E 242 70.45 39.56 36.99
N GLU E 243 70.81 40.06 35.82
CA GLU E 243 70.18 39.67 34.55
C GLU E 243 71.18 38.91 33.71
N SER E 244 70.85 37.68 33.37
CA SER E 244 71.67 36.87 32.47
C SER E 244 71.18 37.03 31.04
N LEU E 245 72.13 37.10 30.11
CA LEU E 245 71.84 37.09 28.68
C LEU E 245 72.49 35.84 28.09
N TYR E 246 71.65 34.94 27.59
CA TYR E 246 72.11 33.76 26.86
C TYR E 246 72.08 34.09 25.38
N LEU E 247 73.25 34.28 24.79
CA LEU E 247 73.38 34.73 23.41
C LEU E 247 73.88 33.60 22.53
N GLN E 248 73.13 33.30 21.49
CA GLN E 248 73.55 32.37 20.45
C GLN E 248 73.62 33.10 19.13
N THR E 249 74.74 32.96 18.42
CA THR E 249 74.99 33.69 17.19
C THR E 249 75.50 32.73 16.13
N ARG E 250 75.35 33.15 14.88
CA ARG E 250 76.04 32.53 13.75
C ARG E 250 77.28 33.38 13.47
N LEU E 251 78.45 32.78 13.61
CA LEU E 251 79.69 33.54 13.55
C LEU E 251 80.75 32.78 12.77
N PRO E 252 81.07 33.20 11.54
CA PRO E 252 82.15 32.55 10.80
C PRO E 252 83.45 32.59 11.60
N PHE E 253 84.29 31.57 11.37
CA PHE E 253 85.49 31.49 12.20
C PHE E 253 86.47 32.61 11.89
N GLU E 254 86.48 33.10 10.65
CA GLU E 254 87.30 34.27 10.32
C GLU E 254 86.89 35.49 11.13
N MET E 255 85.67 35.50 11.66
CA MET E 255 85.15 36.61 12.45
C MET E 255 85.33 36.39 13.96
N HIS E 256 85.83 35.23 14.37
CA HIS E 256 86.16 35.04 15.78
C HIS E 256 87.27 36.00 16.18
N ASP E 257 87.19 36.47 17.42
CA ASP E 257 88.11 37.47 17.99
C ASP E 257 88.08 38.79 17.22
N LYS E 258 87.13 38.97 16.30
CA LYS E 258 87.05 40.18 15.49
C LYS E 258 85.69 40.83 15.54
N VAL E 259 84.71 40.24 16.24
CA VAL E 259 83.40 40.83 16.45
C VAL E 259 83.20 40.97 17.95
N LYS E 260 82.43 41.98 18.35
CA LYS E 260 82.12 42.20 19.75
C LYS E 260 80.61 42.33 19.95
N ALA E 261 80.15 41.90 21.11
CA ALA E 261 78.77 42.09 21.51
C ALA E 261 78.66 43.40 22.29
N VAL E 262 77.65 44.20 21.96
CA VAL E 262 77.41 45.48 22.61
C VAL E 262 76.05 45.38 23.30
N ILE E 263 76.05 45.20 24.61
CA ILE E 263 74.84 45.04 25.39
C ILE E 263 74.51 46.38 26.04
N THR E 264 73.30 46.87 25.83
CA THR E 264 72.84 48.14 26.38
C THR E 264 71.47 47.96 26.98
N ILE E 265 71.33 48.28 28.27
CA ILE E 265 70.05 48.35 28.95
C ILE E 265 69.74 49.83 29.18
N SER E 266 68.52 50.24 28.85
CA SER E 266 68.15 51.64 28.96
C SER E 266 66.67 51.76 29.28
N ARG E 267 66.25 52.99 29.54
CA ARG E 267 64.84 53.28 29.80
C ARG E 267 64.60 54.75 29.50
N ASP E 268 63.75 55.03 28.52
CA ASP E 268 63.48 56.40 28.07
C ASP E 268 64.74 57.07 27.52
N GLY E 269 65.64 56.27 26.95
CA GLY E 269 66.88 56.81 26.39
C GLY E 269 67.99 56.89 27.42
N ARG E 270 67.61 57.14 28.67
CA ARG E 270 68.58 57.17 29.76
C ARG E 270 69.21 55.79 29.96
N GLN E 271 70.53 55.72 29.82
CA GLN E 271 71.22 54.44 29.84
C GLN E 271 71.34 53.89 31.25
N ILE E 272 71.25 52.57 31.35
CA ILE E 272 71.38 51.85 32.60
C ILE E 272 72.67 51.03 32.64
N LEU E 273 73.03 50.39 31.53
CA LEU E 273 74.23 49.58 31.47
C LEU E 273 74.73 49.54 30.03
N ARG E 274 76.05 49.58 29.89
CA ARG E 274 76.70 49.34 28.60
C ARG E 274 77.89 48.43 28.82
N LYS E 275 77.89 47.28 28.15
CA LYS E 275 78.96 46.30 28.30
C LYS E 275 79.37 45.83 26.92
N GLU E 276 80.68 45.82 26.67
CA GLU E 276 81.25 45.28 25.44
C GLU E 276 82.05 44.03 25.77
N ALA E 277 81.90 42.99 24.95
CA ALA E 277 82.60 41.74 25.15
C ALA E 277 83.06 41.19 23.82
N LEU E 278 84.34 40.82 23.74
CA LEU E 278 84.88 40.26 22.51
C LEU E 278 84.32 38.86 22.28
N MET E 279 83.78 38.64 21.08
CA MET E 279 83.12 37.38 20.74
C MET E 279 84.19 36.34 20.39
N ARG E 280 84.43 35.42 21.33
CA ARG E 280 85.39 34.34 21.11
C ARG E 280 84.73 33.02 20.75
N LYS E 281 83.42 32.89 20.98
CA LYS E 281 82.70 31.68 20.62
C LYS E 281 81.28 32.05 20.23
N PHE E 282 80.61 31.10 19.56
CA PHE E 282 79.30 31.40 18.97
C PHE E 282 78.22 31.57 20.03
N ALA E 283 78.37 30.93 21.20
CA ALA E 283 77.40 31.02 22.26
C ALA E 283 78.08 31.46 23.55
N ASN E 284 77.42 32.35 24.29
CA ASN E 284 78.00 32.95 25.48
C ASN E 284 76.91 33.26 26.50
N LEU E 285 77.27 33.14 27.77
CA LEU E 285 76.42 33.60 28.87
C LEU E 285 77.05 34.86 29.44
N PHE E 286 76.32 35.97 29.39
CA PHE E 286 76.75 37.24 29.96
C PHE E 286 75.88 37.55 31.18
N THR E 287 76.50 37.61 32.35
CA THR E 287 75.80 38.01 33.56
C THR E 287 75.95 39.52 33.76
N LEU E 288 74.83 40.17 34.10
CA LEU E 288 74.79 41.62 34.22
C LEU E 288 74.25 41.98 35.61
N ASN E 289 75.11 42.56 36.43
CA ASN E 289 74.70 43.04 37.75
C ASN E 289 74.33 44.52 37.62
N LEU E 290 73.03 44.79 37.70
CA LEU E 290 72.49 46.10 37.39
C LEU E 290 72.20 46.89 38.65
N SER E 291 72.36 48.21 38.55
CA SER E 291 72.01 49.13 39.61
C SER E 291 71.08 50.20 39.05
N GLY E 292 70.31 50.81 39.94
CA GLY E 292 69.33 51.80 39.50
C GLY E 292 68.25 51.24 38.61
N VAL E 293 67.77 50.03 38.91
CA VAL E 293 66.72 49.39 38.13
C VAL E 293 65.57 49.04 39.06
N ASP E 294 64.36 49.28 38.60
CA ASP E 294 63.16 48.93 39.34
C ASP E 294 62.63 47.58 38.88
N ALA E 295 62.02 46.85 39.81
CA ALA E 295 61.48 45.54 39.50
C ALA E 295 60.14 45.66 38.78
N TRP E 296 59.81 44.60 38.05
CA TRP E 296 58.54 44.51 37.34
C TRP E 296 57.50 43.89 38.27
N TRP E 297 56.32 44.47 38.32
CA TRP E 297 55.26 44.00 39.19
C TRP E 297 53.95 43.89 38.42
N PRO E 298 53.06 42.98 38.82
CA PRO E 298 51.71 42.95 38.26
C PRO E 298 50.87 44.08 38.87
N ARG E 299 49.73 44.32 38.23
CA ARG E 299 48.85 45.42 38.63
C ARG E 299 48.49 45.30 40.10
N GLY E 300 48.47 46.44 40.78
CA GLY E 300 48.23 46.52 42.20
C GLY E 300 49.47 46.40 43.06
N TYR E 301 50.39 45.51 42.69
CA TYR E 301 51.56 45.24 43.50
C TYR E 301 52.74 46.15 43.19
N GLY E 302 52.61 47.04 42.22
CA GLY E 302 53.67 47.99 41.91
C GLY E 302 53.59 48.41 40.46
N GLU E 303 54.72 48.93 39.98
CA GLU E 303 54.81 49.42 38.61
C GLU E 303 55.29 48.31 37.68
N PRO E 304 54.80 48.30 36.44
CA PRO E 304 55.29 47.35 35.42
C PRO E 304 56.55 47.86 34.72
N ALA E 305 57.61 48.04 35.50
CA ALA E 305 58.84 48.64 34.99
C ALA E 305 59.45 47.78 33.89
N LEU E 306 59.71 48.39 32.74
CA LEU E 306 60.31 47.72 31.59
C LEU E 306 61.57 48.46 31.16
N TYR E 307 62.54 47.70 30.66
CA TYR E 307 63.82 48.25 30.22
C TYR E 307 64.17 47.73 28.85
N THR E 308 64.62 48.63 27.97
CA THR E 308 65.03 48.25 26.63
C THR E 308 66.36 47.50 26.69
N ALA E 309 66.29 46.19 26.48
CA ALA E 309 67.49 45.36 26.36
C ALA E 309 67.86 45.26 24.90
N GLU E 310 69.06 45.75 24.55
CA GLU E 310 69.54 45.73 23.18
C GLU E 310 70.91 45.06 23.14
N VAL E 311 71.09 44.15 22.19
CA VAL E 311 72.38 43.50 21.98
C VAL E 311 72.71 43.58 20.48
N SER E 312 73.89 44.07 20.17
CA SER E 312 74.34 44.23 18.79
C SER E 312 75.67 43.51 18.60
N LEU E 313 75.87 43.00 17.38
CA LEU E 313 77.15 42.43 16.97
C LEU E 313 77.86 43.43 16.08
N VAL E 314 79.04 43.88 16.50
CA VAL E 314 79.74 44.98 15.86
C VAL E 314 81.16 44.55 15.53
N ASP E 315 81.61 44.89 14.33
CA ASP E 315 83.00 44.67 13.95
C ASP E 315 83.92 45.52 14.83
N VAL E 316 84.97 44.89 15.37
CA VAL E 316 85.83 45.58 16.32
C VAL E 316 86.69 46.65 15.66
N THR E 317 86.87 46.58 14.35
CA THR E 317 87.72 47.53 13.63
C THR E 317 86.93 48.47 12.73
N SER E 318 86.09 47.94 11.84
CA SER E 318 85.33 48.78 10.94
C SER E 318 84.11 49.42 11.60
N GLY E 319 83.66 48.86 12.72
CA GLY E 319 82.49 49.39 13.40
C GLY E 319 81.17 49.02 12.75
N LYS E 320 81.17 48.19 11.72
CA LYS E 320 79.93 47.79 11.06
C LYS E 320 79.05 46.99 12.01
N ILE E 321 77.77 47.31 12.04
CA ILE E 321 76.79 46.59 12.86
C ILE E 321 76.21 45.48 11.99
N TYR E 322 76.52 44.23 12.33
CA TYR E 322 76.05 43.10 11.55
C TYR E 322 74.62 42.70 11.92
N ASP E 323 74.22 42.88 13.17
CA ASP E 323 72.86 42.56 13.60
C ASP E 323 72.58 43.27 14.90
N THR E 324 71.29 43.42 15.20
CA THR E 324 70.85 44.06 16.43
C THR E 324 69.51 43.47 16.85
N LYS E 325 69.44 43.00 18.09
CA LYS E 325 68.21 42.51 18.69
C LYS E 325 67.79 43.47 19.80
N THR E 326 66.51 43.84 19.81
CA THR E 326 66.00 44.83 20.75
C THR E 326 64.65 44.39 21.27
N SER E 327 64.46 44.45 22.58
CA SER E 327 63.17 44.15 23.20
C SER E 327 63.11 44.86 24.53
N LYS E 328 61.95 44.79 25.19
CA LYS E 328 61.75 45.34 26.52
C LYS E 328 61.59 44.19 27.50
N ILE E 329 62.50 44.08 28.45
CA ILE E 329 62.47 43.02 29.46
C ILE E 329 62.04 43.62 30.79
N GLY E 330 61.66 42.75 31.70
CA GLY E 330 61.32 43.15 33.05
C GLY E 330 62.11 42.33 34.05
N PHE E 331 62.55 43.00 35.12
CA PHE E 331 63.35 42.35 36.15
C PHE E 331 62.42 41.84 37.23
N ARG E 332 62.17 40.53 37.23
CA ARG E 332 61.26 39.93 38.20
C ARG E 332 61.53 38.44 38.27
N THR E 333 61.15 37.85 39.39
CA THR E 333 61.23 36.41 39.61
C THR E 333 59.83 35.86 39.84
N VAL E 334 59.63 34.61 39.43
CA VAL E 334 58.35 33.94 39.59
C VAL E 334 58.59 32.55 40.16
N LYS E 335 57.86 32.23 41.23
CA LYS E 335 57.93 30.92 41.86
C LYS E 335 56.51 30.45 42.14
N LEU E 336 56.23 29.20 41.81
CA LEU E 336 54.90 28.62 42.06
C LEU E 336 54.99 27.80 43.34
N GLU E 337 54.57 28.42 44.45
CA GLU E 337 54.64 27.77 45.74
C GLU E 337 53.49 26.78 45.90
N LEU E 338 53.82 25.52 46.10
CA LEU E 338 52.82 24.48 46.31
C LEU E 338 52.58 24.28 47.81
N ASP E 339 51.33 23.99 48.15
CA ASP E 339 50.91 23.74 49.52
C ASP E 339 50.62 22.26 49.70
N GLU E 340 50.29 21.88 50.94
CA GLU E 340 49.94 20.50 51.21
C GLU E 340 48.66 20.12 50.49
N VAL E 341 48.58 18.87 50.03
CA VAL E 341 47.42 18.40 49.29
C VAL E 341 46.79 17.20 50.00
N GLY E 345 44.52 16.53 47.72
CA GLY E 345 44.97 16.38 46.35
C GLY E 345 44.15 17.20 45.36
N GLN E 346 43.48 18.23 45.87
CA GLN E 346 42.64 19.06 45.03
C GLN E 346 43.49 19.95 44.13
N PRO E 347 42.96 20.35 42.97
CA PRO E 347 43.69 21.29 42.12
C PRO E 347 43.69 22.69 42.72
N GLY E 348 44.59 23.52 42.21
CA GLY E 348 44.68 24.89 42.67
C GLY E 348 45.17 25.06 44.08
N GLN E 349 46.01 24.15 44.56
CA GLN E 349 46.61 24.28 45.89
C GLN E 349 47.99 24.91 45.79
N PHE E 350 48.03 26.12 45.23
CA PHE E 350 49.28 26.81 45.01
C PHE E 350 49.04 28.31 45.05
N GLN E 351 50.13 29.07 45.02
CA GLN E 351 50.08 30.52 44.95
C GLN E 351 51.30 31.02 44.18
N PHE E 352 51.11 32.10 43.43
CA PHE E 352 52.22 32.72 42.71
C PHE E 352 53.00 33.64 43.64
N ILE E 353 54.32 33.48 43.64
CA ILE E 353 55.23 34.31 44.41
C ILE E 353 56.01 35.15 43.40
N ILE E 354 55.73 36.46 43.38
CA ILE E 354 56.36 37.40 42.46
C ILE E 354 57.30 38.27 43.27
N ASN E 355 58.60 38.21 42.94
CA ASN E 355 59.63 38.99 43.63
C ASN E 355 59.57 38.76 45.15
N GLY E 356 59.35 37.50 45.53
CA GLY E 356 59.25 37.14 46.93
C GLY E 356 57.92 37.44 47.59
N GLU E 357 57.05 38.21 46.94
CA GLU E 357 55.78 38.54 47.56
C GLU E 357 54.67 37.59 47.10
N PRO E 358 53.80 37.15 48.01
CA PRO E 358 52.68 36.28 47.62
C PRO E 358 51.55 37.09 47.03
N VAL E 359 51.36 36.97 45.72
CA VAL E 359 50.38 37.79 45.00
C VAL E 359 49.06 37.04 44.94
N PHE E 360 47.96 37.79 45.04
CA PHE E 360 46.62 37.26 44.84
C PHE E 360 46.22 37.56 43.40
N ALA E 361 46.06 36.50 42.61
CA ALA E 361 45.76 36.64 41.20
C ALA E 361 44.25 36.80 41.00
N LYS E 362 43.89 37.76 40.15
CA LYS E 362 42.51 37.96 39.72
C LYS E 362 42.55 38.31 38.25
N GLY E 363 41.81 37.57 37.43
CA GLY E 363 41.86 37.79 36.01
C GLY E 363 40.92 36.88 35.26
N THR E 364 41.03 36.93 33.95
CA THR E 364 40.08 36.26 33.07
C THR E 364 40.79 35.24 32.18
N ASN E 365 40.04 34.22 31.79
CA ASN E 365 40.50 33.34 30.73
C ASN E 365 40.43 34.07 29.39
N TRP E 366 41.38 33.77 28.52
CA TRP E 366 41.55 34.45 27.24
C TRP E 366 41.23 33.47 26.13
N VAL E 367 40.22 33.80 25.32
CA VAL E 367 39.68 32.88 24.31
C VAL E 367 40.04 33.46 22.94
N PRO E 368 39.72 32.78 21.82
CA PRO E 368 39.97 33.39 20.52
C PRO E 368 39.41 34.81 20.44
N LEU E 369 40.15 35.68 19.77
CA LEU E 369 39.67 37.03 19.51
C LEU E 369 38.78 37.09 18.28
N ASP E 370 38.91 36.11 17.38
CA ASP E 370 38.12 36.07 16.16
C ASP E 370 38.14 34.65 15.62
N ALA E 371 37.02 34.21 15.06
CA ALA E 371 37.02 32.92 14.36
C ALA E 371 37.90 32.96 13.13
N LEU E 372 38.06 34.13 12.52
CA LEU E 372 39.02 34.34 11.45
C LEU E 372 40.24 35.00 12.10
N HIS E 373 41.25 34.18 12.41
CA HIS E 373 42.32 34.60 13.31
C HIS E 373 43.29 35.59 12.68
N SER E 374 43.18 35.87 11.38
CA SER E 374 43.97 36.95 10.81
C SER E 374 43.53 38.32 11.29
N ARG E 375 42.34 38.41 11.89
CA ARG E 375 41.86 39.66 12.48
C ARG E 375 42.17 39.77 13.97
N ASP E 376 42.90 38.80 14.52
CA ASP E 376 43.24 38.85 15.94
C ASP E 376 44.08 40.08 16.27
N ALA E 377 45.08 40.36 15.44
CA ALA E 377 46.00 41.47 15.72
C ALA E 377 45.27 42.80 15.81
N SER E 378 44.25 42.99 14.96
CA SER E 378 43.48 44.23 14.98
C SER E 378 42.53 44.34 16.17
N HIS E 379 42.37 43.26 16.94
CA HIS E 379 41.53 43.28 18.12
C HIS E 379 42.31 43.33 19.44
N VAL E 380 43.62 43.07 19.39
CA VAL E 380 44.40 42.88 20.62
C VAL E 380 44.37 44.15 21.47
N GLU E 381 44.61 45.30 20.85
CA GLU E 381 44.72 46.55 21.60
C GLU E 381 43.45 46.82 22.41
N GLU E 382 42.29 46.79 21.74
CA GLU E 382 41.03 47.04 22.42
C GLU E 382 40.72 45.96 23.45
N ALA E 383 41.11 44.71 23.17
CA ALA E 383 40.78 43.61 24.07
C ALA E 383 41.63 43.67 25.35
N VAL E 384 42.91 44.00 25.22
CA VAL E 384 43.76 44.17 26.40
C VAL E 384 43.25 45.33 27.24
N GLN E 385 42.72 46.37 26.60
CA GLN E 385 42.15 47.50 27.34
C GLN E 385 40.97 47.08 28.20
N LEU E 386 40.24 46.04 27.78
CA LEU E 386 39.19 45.49 28.64
C LEU E 386 39.77 45.01 29.96
N MET E 387 40.91 44.30 29.91
CA MET E 387 41.52 43.80 31.13
C MET E 387 42.16 44.91 31.95
N VAL E 388 42.66 45.95 31.29
CA VAL E 388 43.24 47.08 32.02
C VAL E 388 42.15 47.80 32.82
N GLU E 389 41.02 48.10 32.17
CA GLU E 389 39.91 48.75 32.87
C GLU E 389 39.30 47.83 33.92
N MET E 390 39.26 46.51 33.65
CA MET E 390 38.82 45.56 34.66
C MET E 390 39.81 45.46 35.81
N ASN E 391 41.05 45.86 35.60
CA ASN E 391 42.14 45.74 36.57
C ASN E 391 42.42 44.27 36.89
N CYS E 392 42.52 43.46 35.84
CA CYS E 392 43.07 42.12 35.98
C CYS E 392 44.57 42.21 36.17
N ASN E 393 45.11 41.34 37.04
CA ASN E 393 46.56 41.19 37.14
C ASN E 393 47.04 39.86 36.58
N ILE E 394 46.14 39.08 35.99
CA ILE E 394 46.50 37.81 35.36
C ILE E 394 45.53 37.54 34.23
N VAL E 395 45.99 36.78 33.24
CA VAL E 395 45.18 36.33 32.12
C VAL E 395 45.63 34.94 31.76
N ARG E 396 44.68 34.03 31.54
CA ARG E 396 44.97 32.63 31.26
C ARG E 396 44.59 32.34 29.82
N CYS E 397 45.59 32.20 28.95
CA CYS E 397 45.36 31.98 27.53
C CYS E 397 44.93 30.53 27.31
N TRP E 398 43.67 30.35 26.93
CA TRP E 398 43.07 29.03 26.84
C TRP E 398 43.73 28.19 25.76
N GLY E 399 43.95 26.91 26.07
CA GLY E 399 44.59 25.99 25.14
C GLY E 399 43.76 25.68 23.91
N GLY E 400 42.48 26.02 23.91
CA GLY E 400 41.68 25.87 22.70
C GLY E 400 41.94 26.91 21.64
N ASN E 401 42.69 27.96 21.97
CA ASN E 401 42.98 29.07 21.07
C ASN E 401 44.38 28.91 20.47
N VAL E 402 44.67 29.74 19.47
CA VAL E 402 46.03 29.88 18.99
C VAL E 402 46.89 30.53 20.08
N TYR E 403 48.20 30.42 19.90
CA TYR E 403 49.10 31.25 20.69
C TYR E 403 49.07 32.67 20.14
N GLU E 404 48.82 33.64 21.02
CA GLU E 404 48.84 35.04 20.59
C GLU E 404 50.24 35.44 20.15
N ASP E 405 50.32 36.48 19.34
CA ASP E 405 51.59 36.92 18.78
C ASP E 405 52.34 37.77 19.81
N THR E 406 53.50 38.28 19.39
CA THR E 406 54.39 38.99 20.30
C THR E 406 53.74 40.24 20.86
N HIS E 407 52.93 40.93 20.06
CA HIS E 407 52.38 42.21 20.50
C HIS E 407 51.44 42.05 21.69
N PHE E 408 50.74 40.92 21.79
CA PHE E 408 49.89 40.68 22.95
C PHE E 408 50.71 40.66 24.23
N PHE E 409 51.83 39.93 24.21
CA PHE E 409 52.67 39.85 25.40
C PHE E 409 53.37 41.17 25.69
N GLU E 410 53.68 41.95 24.65
CA GLU E 410 54.23 43.28 24.87
C GLU E 410 53.25 44.16 25.64
N LEU E 411 51.96 44.09 25.29
CA LEU E 411 50.95 44.87 26.00
C LEU E 411 50.80 44.39 27.44
N CYS E 412 50.83 43.08 27.66
CA CYS E 412 50.75 42.56 29.02
C CYS E 412 51.99 42.92 29.83
N ASP E 413 53.17 42.95 29.19
CA ASP E 413 54.36 43.48 29.84
C ASP E 413 54.15 44.92 30.27
N LYS E 414 53.58 45.73 29.38
CA LYS E 414 53.51 47.17 29.63
C LYS E 414 52.48 47.50 30.70
N TYR E 415 51.36 46.77 30.73
CA TYR E 415 50.27 47.05 31.65
C TYR E 415 50.27 46.13 32.87
N GLY E 416 51.33 45.35 33.05
CA GLY E 416 51.48 44.54 34.26
C GLY E 416 50.46 43.44 34.43
N ILE E 417 50.15 42.71 33.36
CA ILE E 417 49.18 41.63 33.40
C ILE E 417 49.94 40.32 33.21
N MET E 418 49.97 39.50 34.25
CA MET E 418 50.66 38.21 34.17
C MET E 418 49.91 37.26 33.24
N VAL E 419 50.68 36.43 32.53
CA VAL E 419 50.13 35.56 31.50
C VAL E 419 50.39 34.11 31.89
N TRP E 420 49.31 33.35 32.07
CA TRP E 420 49.33 31.91 32.21
C TRP E 420 49.00 31.31 30.84
N GLN E 421 49.94 30.58 30.26
CA GLN E 421 49.84 30.13 28.89
C GLN E 421 49.64 28.61 28.83
N ASP E 422 48.50 28.19 28.29
CA ASP E 422 48.29 26.79 27.97
C ASP E 422 49.00 26.44 26.66
N PHE E 423 49.56 25.25 26.59
CA PHE E 423 49.88 24.69 25.29
C PHE E 423 48.59 24.33 24.58
N ALA E 424 48.60 24.45 23.25
CA ALA E 424 47.38 24.41 22.44
C ALA E 424 46.86 22.97 22.36
N MET E 425 46.10 22.58 23.38
CA MET E 425 45.47 21.27 23.42
C MET E 425 44.13 21.40 24.12
N GLY E 426 43.09 20.86 23.47
CA GLY E 426 41.74 20.95 24.00
C GLY E 426 41.39 19.78 24.90
N CYS E 427 40.09 19.69 25.20
CA CYS E 427 39.56 18.63 26.06
C CYS E 427 39.66 17.30 25.33
N GLY E 428 40.65 16.50 25.68
CA GLY E 428 40.83 15.19 25.08
C GLY E 428 42.23 14.67 25.26
N ASN E 429 42.35 13.35 25.19
CA ASN E 429 43.64 12.69 25.30
C ASN E 429 44.21 12.45 23.92
N TYR E 430 45.47 12.83 23.73
CA TYR E 430 46.11 12.79 22.43
C TYR E 430 46.89 11.48 22.25
N SER E 431 47.62 11.38 21.15
CA SER E 431 48.35 10.16 20.83
C SER E 431 49.55 9.98 21.75
N GLN E 432 49.93 8.73 21.96
CA GLN E 432 51.12 8.38 22.73
C GLN E 432 52.28 7.97 21.82
N ARG E 433 52.13 8.13 20.52
CA ARG E 433 53.08 7.61 19.54
C ARG E 433 54.10 8.68 19.13
N ASP E 434 55.15 8.22 18.45
CA ASP E 434 56.29 9.07 18.16
C ASP E 434 55.92 10.23 17.24
N ASN E 435 55.13 9.96 16.20
CA ASN E 435 54.81 10.99 15.22
C ASN E 435 54.21 12.23 15.87
N PHE E 436 53.27 12.02 16.79
CA PHE E 436 52.64 13.17 17.45
C PHE E 436 53.59 13.84 18.44
N ALA E 437 54.37 13.04 19.18
CA ALA E 437 55.30 13.61 20.13
C ALA E 437 56.33 14.50 19.45
N ALA E 438 56.80 14.08 18.26
CA ALA E 438 57.76 14.90 17.53
C ALA E 438 57.14 16.21 17.07
N ALA E 439 55.90 16.17 16.59
CA ALA E 439 55.23 17.38 16.14
C ALA E 439 55.00 18.34 17.31
N LEU E 440 54.57 17.80 18.46
CA LEU E 440 54.35 18.65 19.62
C LEU E 440 55.66 19.21 20.16
N GLU E 441 56.73 18.42 20.10
CA GLU E 441 58.03 18.90 20.57
C GLU E 441 58.51 20.08 19.74
N LYS E 442 58.41 19.96 18.41
CA LYS E 442 58.81 21.05 17.53
C LYS E 442 57.97 22.29 17.80
N GLU E 443 56.68 22.11 18.09
CA GLU E 443 55.83 23.25 18.41
C GLU E 443 56.22 23.87 19.74
N ALA E 444 56.43 23.04 20.77
CA ALA E 444 56.74 23.56 22.10
C ALA E 444 58.07 24.30 22.11
N ILE E 445 59.09 23.76 21.45
CA ILE E 445 60.38 24.43 21.38
C ILE E 445 60.24 25.79 20.72
N SER E 446 59.48 25.86 19.62
CA SER E 446 59.34 27.11 18.90
C SER E 446 58.61 28.15 19.73
N VAL E 447 57.53 27.76 20.41
CA VAL E 447 56.73 28.74 21.14
C VAL E 447 57.45 29.17 22.41
N VAL E 448 58.17 28.24 23.06
CA VAL E 448 58.89 28.59 24.28
C VAL E 448 60.01 29.58 23.98
N VAL E 449 60.81 29.30 22.95
CA VAL E 449 61.90 30.21 22.59
C VAL E 449 61.36 31.56 22.16
N LYS E 450 60.17 31.59 21.55
CA LYS E 450 59.60 32.84 21.08
C LYS E 450 59.10 33.72 22.24
N LEU E 451 58.57 33.12 23.30
CA LEU E 451 57.88 33.85 24.34
C LEU E 451 58.63 33.93 25.67
N ARG E 452 59.72 33.20 25.84
CA ARG E 452 60.32 33.04 27.16
C ARG E 452 60.93 34.33 27.72
N ASN E 453 61.06 35.39 26.93
CA ASN E 453 61.70 36.60 27.38
C ASN E 453 60.72 37.66 27.89
N HIS E 454 59.42 37.38 27.87
CA HIS E 454 58.44 38.37 28.32
C HIS E 454 58.25 38.27 29.83
N PRO E 455 58.39 39.39 30.56
CA PRO E 455 58.17 39.31 32.02
C PRO E 455 56.74 38.96 32.40
N SER E 456 55.74 39.32 31.58
CA SER E 456 54.36 39.02 31.91
C SER E 456 54.11 37.52 31.98
N LEU E 457 54.76 36.74 31.12
CA LEU E 457 54.59 35.30 31.13
C LEU E 457 55.15 34.72 32.44
N ILE E 458 54.33 33.93 33.14
CA ILE E 458 54.71 33.44 34.45
C ILE E 458 54.51 31.93 34.60
N LEU E 459 53.85 31.30 33.63
CA LEU E 459 53.45 29.91 33.82
C LEU E 459 53.17 29.23 32.50
N TRP E 460 53.67 28.01 32.34
CA TRP E 460 53.31 27.11 31.25
C TRP E 460 52.41 26.01 31.78
N SER E 461 51.41 25.62 30.98
CA SER E 461 50.45 24.62 31.43
C SER E 461 50.15 23.65 30.29
N GLY E 462 50.11 22.36 30.63
CA GLY E 462 49.74 21.34 29.67
C GLY E 462 48.57 20.50 30.17
N ASN E 463 47.43 20.58 29.48
CA ASN E 463 46.25 19.84 29.89
C ASN E 463 46.42 18.34 29.67
N ASP E 485 50.56 9.82 30.83
CA ASP E 485 50.43 10.58 29.59
C ASP E 485 51.79 11.07 29.12
N ARG E 486 52.26 10.49 28.00
CA ARG E 486 53.54 10.90 27.44
C ARG E 486 53.53 12.35 26.98
N VAL E 487 52.36 12.86 26.60
CA VAL E 487 52.28 14.20 26.04
C VAL E 487 52.58 15.25 27.10
N SER E 488 51.86 15.23 28.21
CA SER E 488 51.97 16.28 29.22
C SER E 488 53.01 15.98 30.30
N ARG E 489 53.32 14.70 30.54
CA ARG E 489 54.27 14.33 31.58
C ARG E 489 55.67 14.05 31.06
N GLN E 490 55.88 14.10 29.74
CA GLN E 490 57.20 13.78 29.20
C GLN E 490 57.63 14.79 28.15
N VAL E 491 56.83 14.98 27.10
CA VAL E 491 57.25 15.80 25.97
C VAL E 491 57.33 17.27 26.37
N LEU E 492 56.21 17.82 26.89
CA LEU E 492 56.17 19.24 27.19
C LEU E 492 57.09 19.58 28.36
N SER E 493 57.14 18.72 29.38
CA SER E 493 57.99 18.98 30.53
C SER E 493 59.47 18.94 30.16
N ARG E 494 59.85 18.07 29.22
CA ARG E 494 61.25 18.02 28.78
C ARG E 494 61.64 19.25 28.00
N VAL E 495 60.68 19.87 27.29
CA VAL E 495 60.98 21.10 26.57
C VAL E 495 61.20 22.25 27.55
N ILE E 496 60.33 22.36 28.55
CA ILE E 496 60.49 23.40 29.57
C ILE E 496 61.76 23.19 30.36
N TYR E 497 62.14 21.93 30.59
CA TYR E 497 63.35 21.63 31.34
C TYR E 497 64.59 22.13 30.61
N GLU E 498 64.62 22.02 29.29
CA GLU E 498 65.80 22.37 28.52
C GLU E 498 65.80 23.82 28.04
N PHE E 499 64.63 24.42 27.84
CA PHE E 499 64.54 25.73 27.20
C PHE E 499 63.92 26.83 28.05
N ASP E 500 63.51 26.54 29.28
CA ASP E 500 63.00 27.59 30.15
C ASP E 500 62.99 27.14 31.61
N PRO E 501 64.15 27.04 32.26
CA PRO E 501 64.18 26.59 33.66
C PRO E 501 63.67 27.60 34.65
N THR E 502 63.29 28.81 34.22
CA THR E 502 62.93 29.89 35.12
C THR E 502 61.43 30.01 35.34
N ARG E 503 60.62 29.19 34.69
CA ARG E 503 59.18 29.26 34.86
C ARG E 503 58.60 27.93 35.30
N PRO E 504 57.60 27.95 36.18
CA PRO E 504 56.95 26.69 36.56
C PRO E 504 56.18 26.09 35.41
N TYR E 505 56.01 24.77 35.47
CA TYR E 505 55.22 24.04 34.49
C TYR E 505 54.22 23.16 35.23
N LEU E 506 52.94 23.31 34.88
CA LEU E 506 51.88 22.51 35.48
C LEU E 506 51.37 21.50 34.45
N PRO E 507 51.44 20.20 34.73
CA PRO E 507 50.84 19.22 33.82
C PRO E 507 49.38 18.95 34.15
N SER E 508 48.63 20.00 34.48
CA SER E 508 47.23 19.87 34.85
C SER E 508 46.46 21.04 34.24
N SER E 509 45.21 21.20 34.67
CA SER E 509 44.37 22.29 34.17
C SER E 509 44.15 23.34 35.25
N ARG E 535 26.40 24.21 38.71
CA ARG E 535 25.33 24.90 38.01
C ARG E 535 24.30 25.46 38.99
N GLY E 536 23.23 26.03 38.45
CA GLY E 536 22.13 26.45 39.31
C GLY E 536 22.46 27.68 40.10
N TYR E 537 22.13 27.65 41.40
CA TYR E 537 22.35 28.80 42.27
C TYR E 537 23.84 28.97 42.54
N TYR E 538 24.33 30.21 42.43
CA TYR E 538 25.74 30.48 42.63
C TYR E 538 26.16 30.45 44.09
N LYS E 539 25.21 30.46 45.03
CA LYS E 539 25.52 30.25 46.44
C LYS E 539 25.40 28.79 46.86
N ASP E 540 25.31 27.89 45.88
CA ASP E 540 25.28 26.46 46.18
C ASP E 540 26.55 26.06 46.90
N PRO E 541 26.48 25.13 47.87
CA PRO E 541 27.71 24.63 48.50
C PRO E 541 28.73 24.07 47.51
N PHE E 542 28.31 23.73 46.29
CA PHE E 542 29.26 23.31 45.27
C PHE E 542 30.29 24.38 44.99
N TYR E 543 29.92 25.65 45.09
CA TYR E 543 30.83 26.77 44.91
C TYR E 543 31.38 27.29 46.23
N THR E 544 30.50 27.57 47.20
CA THR E 544 30.89 28.24 48.44
C THR E 544 31.74 27.37 49.35
N GLU E 545 31.88 26.07 49.05
CA GLU E 545 32.68 25.19 49.89
C GLU E 545 33.73 24.42 49.08
N ASN E 546 34.00 24.87 47.85
CA ASN E 546 35.10 24.33 47.07
C ASN E 546 36.42 24.70 47.74
N PRO E 547 37.26 23.74 48.13
CA PRO E 547 38.48 24.07 48.87
C PRO E 547 39.66 24.50 48.03
N SER E 548 39.47 24.74 46.72
CA SER E 548 40.59 25.15 45.87
C SER E 548 41.00 26.58 46.21
N GLN E 549 42.27 26.74 46.60
CA GLN E 549 42.78 28.07 46.91
C GLN E 549 42.87 28.94 45.65
N PHE E 550 43.30 28.36 44.55
CA PHE E 550 43.41 29.04 43.26
C PHE E 550 42.41 28.37 42.33
N VAL E 551 41.25 28.99 42.12
CA VAL E 551 40.16 28.37 41.39
C VAL E 551 40.08 28.95 39.99
N SER E 552 39.63 28.12 39.06
CA SER E 552 39.20 28.56 37.74
C SER E 552 37.67 28.59 37.76
N GLN E 553 37.12 29.80 37.88
CA GLN E 553 35.69 29.96 38.11
C GLN E 553 34.92 29.86 36.80
N ILE E 554 33.99 28.91 36.73
CA ILE E 554 33.14 28.78 35.56
C ILE E 554 32.15 29.93 35.53
N GLY E 555 31.79 30.38 34.32
CA GLY E 555 30.99 31.58 34.17
C GLY E 555 29.49 31.32 34.24
N TYR E 556 28.75 32.42 34.31
CA TYR E 556 27.30 32.40 34.24
C TYR E 556 26.85 33.09 32.96
N HIS E 557 25.78 32.57 32.36
CA HIS E 557 25.29 33.11 31.10
C HIS E 557 24.77 34.54 31.29
N GLY E 558 24.91 35.33 30.24
CA GLY E 558 24.34 36.66 30.19
C GLY E 558 23.90 37.01 28.79
N CYS E 559 22.60 37.22 28.59
CA CYS E 559 22.10 37.59 27.28
C CYS E 559 22.75 38.90 26.84
N PRO E 560 23.35 38.94 25.65
CA PRO E 560 24.03 40.17 25.20
C PRO E 560 23.06 41.33 25.02
N ASN E 561 23.65 42.52 24.93
CA ASN E 561 22.86 43.74 24.77
C ASN E 561 21.94 43.66 23.57
N ARG E 562 20.84 44.43 23.61
CA ARG E 562 19.87 44.40 22.53
C ARG E 562 20.51 44.79 21.20
N GLU E 563 21.39 45.79 21.21
CA GLU E 563 22.03 46.23 19.97
C GLU E 563 22.80 45.09 19.31
N THR E 564 23.47 44.26 20.11
CA THR E 564 24.18 43.10 19.56
C THR E 564 23.21 42.06 19.04
N LEU E 565 22.10 41.83 19.77
CA LEU E 565 21.07 40.91 19.29
C LEU E 565 20.53 41.36 17.94
N GLU E 566 20.26 42.66 17.80
CA GLU E 566 19.70 43.18 16.55
C GLU E 566 20.70 43.17 15.41
N ARG E 567 21.99 43.06 15.70
CA ARG E 567 23.00 43.07 14.65
C ARG E 567 23.35 41.68 14.14
N MET E 568 23.21 40.65 14.97
CA MET E 568 23.60 39.30 14.57
C MET E 568 22.41 38.39 14.27
N PHE E 569 21.19 38.78 14.58
CA PHE E 569 20.01 38.00 14.24
C PHE E 569 19.25 38.67 13.10
N SER E 570 18.58 37.85 12.29
CA SER E 570 17.66 38.37 11.31
C SER E 570 16.52 39.12 12.03
N PRO E 571 15.89 40.09 11.37
CA PRO E 571 14.80 40.83 12.03
C PRO E 571 13.73 39.94 12.64
N ASP E 572 13.30 38.89 11.96
CA ASP E 572 12.25 38.04 12.52
C ASP E 572 12.74 37.15 13.65
N SER E 573 14.05 37.11 13.91
CA SER E 573 14.63 36.23 14.91
C SER E 573 15.24 36.96 16.10
N VAL E 574 15.16 38.29 16.14
CA VAL E 574 15.72 39.03 17.27
C VAL E 574 15.02 38.63 18.56
N ASN E 575 13.70 38.60 18.54
CA ASN E 575 12.97 38.07 19.69
C ASN E 575 13.24 36.57 19.80
N PRO E 576 13.58 36.06 20.99
CA PRO E 576 14.10 34.70 21.07
C PRO E 576 13.06 33.60 21.05
N TRP E 577 11.80 33.89 21.34
CA TRP E 577 10.84 32.84 21.69
C TRP E 577 10.21 32.24 20.44
N GLN E 578 10.46 30.94 20.24
CA GLN E 578 9.88 30.20 19.12
C GLN E 578 8.37 30.09 19.28
N ASN E 579 7.64 30.61 18.29
CA ASN E 579 6.16 30.66 18.33
C ASN E 579 5.66 31.42 19.55
N GLY E 580 6.46 32.37 20.04
CA GLY E 580 6.06 33.17 21.19
C GLY E 580 5.98 32.42 22.50
N VAL E 581 6.50 31.20 22.57
CA VAL E 581 6.47 30.42 23.80
C VAL E 581 7.74 30.73 24.59
N VAL E 582 7.56 31.40 25.74
CA VAL E 582 8.70 31.77 26.57
C VAL E 582 9.44 30.52 27.02
N GLY E 583 10.74 30.48 26.77
CA GLY E 583 11.57 29.34 27.09
C GLY E 583 12.01 28.53 25.89
N MET E 584 11.27 28.60 24.79
CA MET E 584 11.62 27.90 23.56
C MET E 584 12.42 28.84 22.67
N TRP E 585 13.62 28.42 22.28
CA TRP E 585 14.50 29.25 21.47
C TRP E 585 14.20 29.05 19.99
N ASN E 586 14.29 30.13 19.22
CA ASN E 586 14.15 30.00 17.78
C ASN E 586 15.44 29.44 17.20
N ASP E 587 15.43 29.17 15.89
CA ASP E 587 16.53 28.42 15.29
C ASP E 587 17.82 29.24 15.27
N GLU E 588 17.73 30.55 15.04
CA GLU E 588 18.94 31.36 14.98
C GLU E 588 19.58 31.47 16.36
N TRP E 589 18.78 31.62 17.41
CA TRP E 589 19.34 31.61 18.76
C TRP E 589 20.01 30.28 19.07
N GLN E 590 19.41 29.18 18.60
CA GLN E 590 20.05 27.87 18.75
C GLN E 590 21.40 27.84 18.04
N THR E 591 21.48 28.47 16.86
CA THR E 591 22.76 28.52 16.15
C THR E 591 23.81 29.27 16.96
N LYS E 592 23.41 30.37 17.62
CA LYS E 592 24.31 31.18 18.42
C LYS E 592 24.56 30.61 19.80
N ALA E 593 24.32 29.31 20.01
CA ALA E 593 24.45 28.72 21.35
C ALA E 593 25.88 28.76 21.89
N ASN E 594 26.91 28.40 21.10
CA ASN E 594 26.92 28.04 19.68
C ASN E 594 26.54 26.58 19.44
N ARG E 595 25.96 26.31 18.27
CA ARG E 595 25.66 24.96 17.83
C ARG E 595 26.61 24.59 16.70
N ILE E 596 27.39 23.53 16.90
CA ILE E 596 28.48 23.22 15.99
C ILE E 596 27.94 22.85 14.61
N TYR E 597 27.03 21.88 14.55
CA TYR E 597 26.46 21.43 13.29
C TYR E 597 24.99 21.81 13.19
N ASP E 598 24.52 21.99 11.96
CA ASP E 598 23.14 22.41 11.70
C ASP E 598 22.20 21.22 11.91
N ASP E 599 21.92 20.96 13.18
CA ASP E 599 21.06 19.88 13.61
C ASP E 599 19.95 20.49 14.47
N LYS E 600 18.70 20.33 14.04
CA LYS E 600 17.59 21.01 14.68
C LYS E 600 17.17 20.29 15.95
N PHE E 601 17.08 21.04 17.05
CA PHE E 601 16.57 20.53 18.31
C PHE E 601 16.20 21.71 19.19
N GLN E 602 15.40 21.45 20.21
CA GLN E 602 15.01 22.45 21.19
C GLN E 602 15.77 22.21 22.49
N GLY E 603 15.94 23.27 23.27
CA GLY E 603 16.64 23.17 24.53
C GLY E 603 18.15 23.15 24.33
N GLY E 604 18.84 22.52 25.28
CA GLY E 604 20.29 22.47 25.23
C GLY E 604 20.96 23.62 25.94
N ARG E 605 22.07 24.11 25.36
CA ARG E 605 22.92 25.06 26.07
C ARG E 605 22.20 26.37 26.39
N ASN E 606 21.35 26.84 25.46
CA ASN E 606 20.64 28.09 25.70
C ASN E 606 19.73 28.03 26.91
N ASP E 607 19.33 26.83 27.35
CA ASP E 607 18.50 26.71 28.54
C ASP E 607 19.21 27.16 29.80
N LEU E 608 20.53 27.34 29.77
CA LEU E 608 21.23 27.88 30.92
C LEU E 608 20.78 29.29 31.24
N MET E 609 20.45 30.08 30.21
CA MET E 609 19.97 31.44 30.44
C MET E 609 18.66 31.46 31.20
N THR E 610 17.69 30.64 30.75
CA THR E 610 16.39 30.62 31.40
C THR E 610 16.41 29.89 32.73
N ASN E 611 17.27 28.86 32.86
CA ASN E 611 17.38 28.17 34.15
C ASN E 611 17.95 29.10 35.21
N GLN E 612 18.97 29.90 34.85
CA GLN E 612 19.59 30.78 35.83
C GLN E 612 18.71 31.97 36.15
N VAL E 613 17.89 32.43 35.20
CA VAL E 613 16.95 33.50 35.50
C VAL E 613 15.80 32.99 36.36
N ARG E 614 15.36 31.76 36.10
CA ARG E 614 14.24 31.20 36.85
C ARG E 614 14.61 31.02 38.32
N ILE E 615 15.87 30.66 38.60
CA ILE E 615 16.29 30.41 39.98
C ILE E 615 16.39 31.71 40.77
N ILE E 616 16.79 32.80 40.14
CA ILE E 616 17.04 34.05 40.85
C ILE E 616 15.80 34.92 40.90
N PHE E 617 15.02 34.96 39.82
CA PHE E 617 13.87 35.86 39.73
C PHE E 617 12.54 35.13 39.58
N GLY E 618 12.50 33.82 39.82
CA GLY E 618 11.25 33.10 39.83
C GLY E 618 10.73 32.68 38.47
N GLU E 619 10.52 33.65 37.58
CA GLU E 619 9.98 33.38 36.26
C GLU E 619 10.82 34.09 35.20
N VAL E 620 10.71 33.59 33.97
CA VAL E 620 11.40 34.18 32.83
C VAL E 620 10.51 35.28 32.27
N PRO E 621 10.99 36.52 32.19
CA PRO E 621 10.18 37.58 31.58
C PRO E 621 9.99 37.33 30.09
N ALA E 622 8.82 37.73 29.58
CA ALA E 622 8.48 37.55 28.18
C ALA E 622 9.01 38.68 27.30
N ASP E 623 8.98 39.92 27.80
CA ASP E 623 9.49 41.04 27.04
C ASP E 623 11.01 40.94 26.93
N LEU E 624 11.54 41.24 25.74
CA LEU E 624 12.95 41.01 25.46
C LEU E 624 13.84 41.86 26.36
N ASP E 625 13.52 43.15 26.49
CA ASP E 625 14.33 44.03 27.33
C ASP E 625 14.36 43.56 28.78
N ASP E 626 13.21 43.12 29.30
CA ASP E 626 13.19 42.58 30.66
C ASP E 626 14.01 41.30 30.78
N PHE E 627 14.03 40.49 29.73
CA PHE E 627 14.84 39.27 29.77
C PHE E 627 16.32 39.59 29.72
N ILE E 628 16.72 40.56 28.89
CA ILE E 628 18.11 41.00 28.85
C ILE E 628 18.55 41.46 30.23
N PHE E 629 17.71 42.26 30.89
CA PHE E 629 18.08 42.79 32.20
C PHE E 629 18.16 41.67 33.23
N ALA E 630 17.16 40.77 33.25
CA ALA E 630 17.17 39.68 34.21
C ALA E 630 18.38 38.77 34.01
N SER E 631 18.68 38.43 32.76
CA SER E 631 19.79 37.53 32.48
C SER E 631 21.13 38.17 32.85
N GLN E 632 21.33 39.42 32.43
CA GLN E 632 22.58 40.10 32.75
C GLN E 632 22.70 40.36 34.25
N SER E 633 21.58 40.46 34.96
CA SER E 633 21.64 40.67 36.40
C SER E 633 22.06 39.39 37.13
N VAL E 634 21.62 38.24 36.64
CA VAL E 634 22.05 36.98 37.24
C VAL E 634 23.54 36.76 37.01
N GLN E 635 24.00 37.03 35.78
CA GLN E 635 25.43 36.92 35.49
C GLN E 635 26.23 37.90 36.34
N ALA E 636 25.71 39.11 36.52
CA ALA E 636 26.43 40.14 37.27
C ALA E 636 26.53 39.77 38.74
N GLU E 637 25.42 39.32 39.35
CA GLU E 637 25.45 38.93 40.75
C GLU E 637 26.32 37.71 40.97
N ALA E 638 26.30 36.76 40.02
CA ALA E 638 26.99 35.49 40.24
C ALA E 638 28.51 35.66 40.21
N MET E 639 29.02 36.32 39.17
CA MET E 639 30.47 36.45 39.05
C MET E 639 31.03 37.43 40.08
N LYS E 640 30.29 38.49 40.38
CA LYS E 640 30.67 39.39 41.47
C LYS E 640 30.74 38.64 42.80
N PHE E 641 29.81 37.70 43.01
CA PHE E 641 29.81 36.92 44.24
C PHE E 641 31.04 36.02 44.32
N PHE E 642 31.44 35.41 43.20
CA PHE E 642 32.58 34.50 43.22
C PHE E 642 33.88 35.24 43.52
N VAL E 643 34.03 36.45 42.98
CA VAL E 643 35.24 37.22 43.23
C VAL E 643 35.27 37.73 44.67
N GLU E 644 34.13 38.21 45.17
CA GLU E 644 34.06 38.64 46.57
C GLU E 644 34.22 37.47 47.52
N LEU E 645 33.79 36.27 47.11
CA LEU E 645 33.92 35.11 47.97
C LEU E 645 35.36 34.62 48.07
N TRP E 646 36.17 34.85 47.03
CA TRP E 646 37.57 34.46 47.09
C TRP E 646 38.45 35.55 47.71
N ARG E 647 38.24 36.81 47.31
CA ARG E 647 38.98 37.90 47.95
C ARG E 647 38.65 37.99 49.43
N GLY E 648 37.44 37.63 49.82
CA GLY E 648 37.05 37.74 51.22
C GLY E 648 37.60 36.66 52.12
N ARG E 649 38.09 35.55 51.55
CA ARG E 649 38.58 34.42 52.34
C ARG E 649 40.08 34.23 52.18
N ARG E 650 40.81 35.30 51.92
CA ARG E 650 42.26 35.28 52.03
C ARG E 650 42.65 35.23 53.51
N PRO E 651 43.88 34.79 53.83
CA PRO E 651 44.97 34.37 52.94
C PRO E 651 44.87 32.92 52.48
N TYR E 652 43.77 32.21 52.76
CA TYR E 652 43.65 30.84 52.26
C TYR E 652 43.45 30.83 50.75
N ARG E 653 42.52 31.66 50.26
CA ARG E 653 42.35 31.79 48.82
C ARG E 653 43.52 32.59 48.25
N THR E 654 44.05 32.09 47.12
CA THR E 654 45.24 32.67 46.51
C THR E 654 45.02 33.21 45.10
N GLY E 655 43.88 32.94 44.48
CA GLY E 655 43.63 33.41 43.13
C GLY E 655 42.31 32.93 42.58
N ILE E 656 41.77 33.68 41.62
CA ILE E 656 40.55 33.29 40.92
C ILE E 656 40.65 33.80 39.49
N ILE E 657 40.67 32.88 38.54
CA ILE E 657 40.63 33.20 37.11
C ILE E 657 39.24 32.85 36.63
N TRP E 658 38.47 33.87 36.23
CA TRP E 658 37.07 33.69 35.88
C TRP E 658 36.88 33.68 34.37
N TRP E 659 35.80 33.03 33.94
CA TRP E 659 35.48 32.83 32.53
C TRP E 659 34.23 33.62 32.20
N ASN E 660 34.31 34.55 31.24
CA ASN E 660 35.54 35.04 30.61
C ASN E 660 35.23 36.49 30.25
N ILE E 661 36.19 37.22 29.70
CA ILE E 661 35.98 38.67 29.56
C ILE E 661 35.40 39.06 28.19
N ARG E 662 35.68 38.30 27.13
CA ARG E 662 35.30 38.77 25.79
C ARG E 662 35.00 37.60 24.86
N ASP E 663 33.92 37.73 24.11
CA ASP E 663 33.58 36.76 23.08
C ASP E 663 34.52 36.89 21.89
N GLY E 664 34.76 35.76 21.23
CA GLY E 664 35.49 35.72 19.98
C GLY E 664 34.63 35.69 18.75
N TRP E 665 33.31 35.83 18.90
CA TRP E 665 32.35 35.74 17.81
C TRP E 665 31.01 36.24 18.32
N PRO E 666 30.20 36.88 17.48
CA PRO E 666 28.84 37.24 17.91
C PRO E 666 28.03 36.01 18.28
N LEU E 667 27.78 35.83 19.58
CA LEU E 667 27.18 34.61 20.09
C LEU E 667 26.43 34.90 21.38
N LEU E 668 25.68 33.90 21.85
CA LEU E 668 25.14 33.89 23.19
C LEU E 668 26.09 33.07 24.06
N SER E 669 26.60 33.68 25.14
CA SER E 669 27.65 33.03 25.92
C SER E 669 27.60 33.50 27.36
N ASP E 670 28.51 32.96 28.16
CA ASP E 670 28.75 33.39 29.53
C ASP E 670 29.91 34.37 29.64
N ALA E 671 30.33 34.97 28.52
CA ALA E 671 31.27 36.08 28.58
C ALA E 671 30.57 37.34 29.06
N ILE E 672 31.35 38.28 29.60
CA ILE E 672 30.78 39.49 30.17
C ILE E 672 30.85 40.68 29.21
N SER E 673 31.40 40.49 28.02
CA SER E 673 31.29 41.48 26.95
C SER E 673 31.38 40.74 25.62
N ASP E 674 30.61 41.21 24.63
CA ASP E 674 30.47 40.46 23.40
C ASP E 674 31.55 40.85 22.39
N TYR E 675 31.49 40.21 21.21
CA TYR E 675 32.53 40.35 20.20
C TYR E 675 32.61 41.76 19.63
N TRP E 676 31.51 42.51 19.66
CA TRP E 676 31.47 43.86 19.12
C TRP E 676 31.69 44.92 20.19
N GLY E 677 32.17 44.53 21.37
CA GLY E 677 32.43 45.47 22.43
C GLY E 677 31.24 45.82 23.29
N GLY E 678 30.15 45.07 23.20
CA GLY E 678 29.00 45.32 24.05
C GLY E 678 29.20 44.79 25.45
N LYS E 679 29.49 45.69 26.39
CA LYS E 679 29.72 45.30 27.77
C LYS E 679 28.39 44.98 28.45
N LYS E 680 28.31 43.80 29.05
CA LYS E 680 27.14 43.41 29.81
C LYS E 680 27.22 43.99 31.22
N GLN E 681 26.13 43.86 31.98
CA GLN E 681 26.10 44.40 33.34
C GLN E 681 27.19 43.78 34.21
N ALA E 682 27.54 42.52 33.94
CA ALA E 682 28.54 41.84 34.74
C ALA E 682 29.90 42.51 34.63
N PHE E 683 30.19 43.16 33.50
CA PHE E 683 31.48 43.83 33.35
C PHE E 683 31.64 44.95 34.37
N TYR E 684 30.57 45.69 34.63
CA TYR E 684 30.67 46.81 35.56
C TYR E 684 30.62 46.35 37.02
N TYR E 685 29.73 45.39 37.33
CA TYR E 685 29.75 44.77 38.65
C TYR E 685 31.13 44.22 38.99
N MET E 686 31.69 43.40 38.09
CA MET E 686 33.01 42.83 38.31
C MET E 686 34.07 43.90 38.45
N GLN E 687 33.95 44.99 37.68
CA GLN E 687 34.95 46.05 37.75
C GLN E 687 35.02 46.65 39.14
N ASN E 688 33.88 46.76 39.83
CA ASN E 688 33.86 47.35 41.17
C ASN E 688 34.34 46.40 42.26
N VAL E 689 34.53 45.12 41.96
CA VAL E 689 35.08 44.18 42.93
C VAL E 689 36.48 43.72 42.53
N HIS E 690 37.11 44.43 41.59
CA HIS E 690 38.48 44.16 41.18
C HIS E 690 39.44 45.29 41.56
N HIS E 691 38.98 46.27 42.34
CA HIS E 691 39.85 47.36 42.75
C HIS E 691 41.02 46.85 43.57
N ASP E 692 42.11 47.63 43.55
CA ASP E 692 43.27 47.32 44.40
C ASP E 692 42.83 47.15 45.85
N VAL E 693 42.02 48.08 46.35
CA VAL E 693 41.45 48.00 47.68
C VAL E 693 39.94 48.05 47.54
N CYS E 694 39.26 46.99 47.96
CA CYS E 694 37.83 46.81 47.72
C CYS E 694 37.12 46.49 49.03
N CYS E 695 36.07 47.24 49.34
CA CYS E 695 35.20 46.95 50.47
C CYS E 695 34.05 46.06 50.00
N LEU E 696 33.91 44.89 50.60
CA LEU E 696 32.94 43.90 50.17
C LEU E 696 32.27 43.27 51.38
N ILE E 697 31.15 42.61 51.13
CA ILE E 697 30.37 41.93 52.17
C ILE E 697 30.24 40.46 51.80
N ASN E 698 30.61 39.57 52.72
CA ASN E 698 30.40 38.15 52.60
C ASN E 698 29.30 37.70 53.58
N PRO E 699 28.56 36.65 53.26
CA PRO E 699 27.60 36.11 54.23
C PRO E 699 28.33 35.52 55.43
N ALA E 700 27.72 35.67 56.59
CA ALA E 700 28.35 35.07 57.79
C ALA E 700 27.27 34.36 58.59
N ALA E 701 27.63 34.02 59.83
CA ALA E 701 26.95 32.94 60.53
C ALA E 701 25.52 33.38 60.82
N ASN E 702 25.42 34.45 61.61
CA ASN E 702 24.18 35.27 61.66
C ASN E 702 24.49 36.65 61.10
N GLY E 703 23.78 37.01 60.04
CA GLY E 703 24.10 38.20 59.25
C GLY E 703 25.39 38.06 58.47
N TYR E 704 26.09 39.18 58.33
CA TYR E 704 27.00 39.47 57.21
C TYR E 704 28.29 39.98 57.80
N MET E 705 29.33 40.00 56.97
CA MET E 705 30.66 40.43 57.38
C MET E 705 31.19 41.47 56.40
N LEU E 706 31.40 42.69 56.88
CA LEU E 706 32.04 43.72 56.09
C LEU E 706 33.56 43.50 56.11
N LYS E 707 34.15 43.38 54.93
CA LYS E 707 35.57 43.14 54.79
C LYS E 707 36.17 44.18 53.85
N VAL E 708 37.49 44.26 53.86
CA VAL E 708 38.24 45.06 52.89
C VAL E 708 39.45 44.25 52.46
N ASP E 709 39.61 44.06 51.16
CA ASP E 709 40.73 43.31 50.62
C ASP E 709 41.71 44.28 49.97
N ASN E 710 43.00 43.99 50.14
CA ASN E 710 44.08 44.85 49.68
C ASN E 710 45.01 44.00 48.85
N ASN E 711 45.05 44.24 47.53
CA ASN E 711 45.92 43.50 46.63
C ASN E 711 47.14 44.33 46.23
N THR E 712 47.70 45.08 47.18
CA THR E 712 48.87 45.93 46.95
C THR E 712 49.91 45.65 48.04
N LEU E 713 51.03 46.36 47.96
CA LEU E 713 52.05 46.37 49.00
C LEU E 713 52.03 47.67 49.80
N LYS E 714 50.92 48.40 49.77
CA LYS E 714 50.79 49.71 50.39
C LYS E 714 49.66 49.69 51.40
N ASP E 715 49.92 50.20 52.60
CA ASP E 715 48.86 50.38 53.59
C ASP E 715 47.97 51.55 53.18
N PHE E 716 46.65 51.36 53.33
CA PHE E 716 45.67 52.39 53.08
C PHE E 716 44.76 52.52 54.29
N GLU E 717 43.96 53.59 54.30
CA GLU E 717 42.95 53.80 55.32
C GLU E 717 41.86 54.68 54.75
N GLY E 718 40.66 54.54 55.31
CA GLY E 718 39.55 55.33 54.84
C GLY E 718 38.34 55.18 55.73
N VAL E 719 37.20 55.63 55.20
CA VAL E 719 35.92 55.59 55.88
C VAL E 719 34.95 54.78 55.04
N VAL E 720 34.17 53.91 55.68
CA VAL E 720 33.21 53.05 55.00
C VAL E 720 31.83 53.28 55.60
N GLU E 721 30.81 53.16 54.75
CA GLU E 721 29.43 53.32 55.18
C GLU E 721 28.57 52.28 54.45
N VAL E 722 27.85 51.47 55.21
CA VAL E 722 26.89 50.51 54.67
C VAL E 722 25.49 51.01 55.01
N LYS E 723 24.58 50.92 54.04
CA LYS E 723 23.26 51.52 54.18
C LYS E 723 22.26 50.71 53.38
N ASP E 724 21.04 50.58 53.90
CA ASP E 724 19.99 49.88 53.19
C ASP E 724 19.41 50.79 52.10
N VAL E 725 19.29 50.25 50.89
CA VAL E 725 18.85 51.07 49.76
C VAL E 725 17.37 51.41 49.88
N ALA E 726 16.55 50.43 50.26
CA ALA E 726 15.09 50.65 50.25
C ALA E 726 14.67 51.63 51.32
N SER E 727 15.19 51.50 52.54
CA SER E 727 14.74 52.32 53.66
C SER E 727 15.69 53.48 53.96
N GLY E 728 16.95 53.41 53.55
CA GLY E 728 17.91 54.42 53.89
C GLY E 728 18.55 54.29 55.25
N LYS E 729 18.18 53.26 56.02
CA LYS E 729 18.73 53.08 57.36
C LYS E 729 20.22 52.78 57.27
N GLN E 730 21.02 53.54 58.01
CA GLN E 730 22.44 53.26 58.11
C GLN E 730 22.66 51.98 58.89
N VAL E 731 23.40 51.05 58.31
CA VAL E 731 23.72 49.80 58.99
C VAL E 731 25.06 49.89 59.71
N PHE E 732 26.07 50.48 59.07
CA PHE E 732 27.38 50.66 59.67
C PHE E 732 28.04 51.90 59.08
N LYS E 733 28.91 52.51 59.87
CA LYS E 733 29.64 53.71 59.46
C LYS E 733 30.86 53.85 60.37
N GLY E 734 32.05 53.80 59.79
CA GLY E 734 33.25 53.89 60.60
C GLY E 734 34.48 53.96 59.72
N LYS E 735 35.63 54.01 60.38
CA LYS E 735 36.92 54.11 59.71
C LYS E 735 37.65 52.77 59.79
N PHE E 736 38.42 52.48 58.74
CA PHE E 736 39.11 51.20 58.62
C PHE E 736 40.54 51.43 58.18
N VAL E 737 41.42 50.51 58.57
CA VAL E 737 42.78 50.45 58.07
C VAL E 737 42.93 49.14 57.29
N SER E 738 43.42 49.24 56.06
CA SER E 738 43.66 48.08 55.22
C SER E 738 45.16 47.86 55.12
N LYS E 739 45.66 46.86 55.84
CA LYS E 739 47.06 46.50 55.73
C LYS E 739 47.34 45.86 54.37
N ALA E 740 48.59 45.99 53.93
CA ALA E 740 48.96 45.61 52.57
C ALA E 740 48.84 44.11 52.36
N ASN E 741 48.32 43.73 51.20
CA ASN E 741 48.37 42.35 50.70
C ASN E 741 47.68 41.38 51.65
N GLN E 742 46.49 41.75 52.12
CA GLN E 742 45.74 40.88 53.01
C GLN E 742 44.28 41.32 53.05
N MET E 743 43.44 40.41 53.53
CA MET E 743 42.05 40.72 53.82
C MET E 743 41.93 41.13 55.28
N SER E 744 41.10 42.14 55.53
CA SER E 744 40.91 42.67 56.88
C SER E 744 39.41 42.73 57.17
N GLU E 745 39.00 42.14 58.28
CA GLU E 745 37.61 42.19 58.70
C GLU E 745 37.32 43.52 59.39
N ILE E 746 36.22 44.16 58.98
CA ILE E 746 35.88 45.50 59.48
C ILE E 746 34.84 45.41 60.58
N ALA E 747 33.68 44.85 60.27
CA ALA E 747 32.59 44.82 61.23
C ALA E 747 31.58 43.74 60.85
N THR E 748 31.10 43.02 61.86
CA THR E 748 29.91 42.19 61.68
C THR E 748 28.70 43.08 61.46
N LEU E 749 27.90 42.75 60.45
CA LEU E 749 26.68 43.50 60.18
C LEU E 749 25.48 42.68 60.61
N PRO E 750 24.52 43.26 61.33
CA PRO E 750 23.34 42.50 61.72
C PRO E 750 22.48 42.14 60.51
N MET E 751 21.84 40.97 60.60
CA MET E 751 20.99 40.50 59.51
C MET E 751 19.84 41.46 59.28
N GLN E 752 19.57 41.74 58.01
CA GLN E 752 18.44 42.57 57.62
C GLN E 752 17.21 41.70 57.38
N LYS E 753 16.04 42.30 57.50
CA LYS E 753 14.78 41.58 57.39
C LYS E 753 14.38 41.41 55.93
N GLY E 754 14.13 40.17 55.53
CA GLY E 754 13.57 39.92 54.20
C GLY E 754 14.59 40.09 53.10
N GLN E 755 14.14 40.69 51.99
CA GLN E 755 14.95 40.89 50.81
C GLN E 755 15.28 42.38 50.64
N GLY E 756 16.44 42.64 50.06
CA GLY E 756 16.84 44.00 49.80
C GLY E 756 18.29 44.07 49.35
N MET E 757 18.78 45.30 49.25
CA MET E 757 20.14 45.57 48.79
C MET E 757 20.79 46.60 49.71
N LEU E 758 22.01 46.31 50.12
CA LEU E 758 22.84 47.26 50.87
C LEU E 758 23.80 47.95 49.92
N VAL E 759 24.06 49.23 50.17
CA VAL E 759 24.99 50.01 49.36
C VAL E 759 26.25 50.24 50.18
N ILE E 760 27.40 49.98 49.57
CA ILE E 760 28.70 50.11 50.21
C ILE E 760 29.39 51.33 49.61
N SER E 761 29.55 52.37 50.42
CA SER E 761 30.30 53.57 50.03
C SER E 761 31.56 53.65 50.85
N TYR E 762 32.71 53.79 50.19
CA TYR E 762 33.96 53.94 50.93
C TYR E 762 34.87 54.94 50.23
N ARG E 763 35.65 55.64 51.06
CA ARG E 763 36.47 56.76 50.63
C ARG E 763 37.91 56.48 51.04
N ILE E 764 38.82 56.46 50.07
CA ILE E 764 40.22 56.16 50.30
C ILE E 764 41.06 57.21 49.59
N GLU E 765 41.78 58.03 50.38
CA GLU E 765 42.67 59.07 49.85
C GLU E 765 41.93 60.01 48.91
N GLY E 766 40.75 60.46 49.34
CA GLY E 766 39.97 61.42 48.60
C GLY E 766 39.22 60.88 47.39
N ASN E 767 39.42 59.62 47.03
CA ASN E 767 38.72 59.00 45.91
C ASN E 767 37.55 58.18 46.43
N GLU E 768 36.42 58.25 45.73
CA GLU E 768 35.21 57.55 46.13
C GLU E 768 35.04 56.27 45.33
N TYR E 769 34.57 55.22 46.01
CA TYR E 769 34.31 53.92 45.40
C TYR E 769 33.00 53.38 45.93
N PHE E 770 32.35 52.54 45.13
CA PHE E 770 31.01 52.05 45.45
C PHE E 770 30.94 50.54 45.20
N ASN E 771 30.22 49.86 46.09
CA ASN E 771 29.91 48.44 45.98
C ASN E 771 28.50 48.24 46.50
N HIS E 772 28.02 47.00 46.48
CA HIS E 772 26.70 46.69 47.04
C HIS E 772 26.66 45.23 47.43
N TYR E 773 25.59 44.86 48.12
CA TYR E 773 25.36 43.48 48.53
C TYR E 773 23.87 43.18 48.50
N LEU E 774 23.47 42.23 47.67
CA LEU E 774 22.11 41.73 47.67
C LEU E 774 21.93 40.73 48.80
N TYR E 775 20.94 40.96 49.66
CA TYR E 775 20.66 40.06 50.76
C TYR E 775 19.26 39.48 50.61
N GLY E 776 18.98 38.47 51.43
CA GLY E 776 17.77 37.67 51.31
C GLY E 776 18.02 36.41 50.53
N GLU E 777 16.93 35.66 50.31
CA GLU E 777 17.04 34.43 49.57
C GLU E 777 16.19 34.49 48.30
N PRO E 778 16.65 33.90 47.20
CA PRO E 778 15.85 33.90 45.96
C PRO E 778 14.61 33.04 46.13
N PRO E 779 13.59 33.22 45.28
CA PRO E 779 13.51 34.16 44.14
C PRO E 779 13.20 35.60 44.55
N TYR E 780 13.71 36.56 43.78
CA TYR E 780 13.41 37.97 43.97
C TYR E 780 12.42 38.43 42.91
N LYS E 781 11.77 39.56 43.18
CA LYS E 781 10.91 40.21 42.20
C LYS E 781 11.79 41.08 41.29
N LEU E 782 11.71 40.83 39.98
CA LEU E 782 12.58 41.54 39.05
C LEU E 782 12.36 43.05 39.12
N ASP E 783 11.11 43.48 39.28
CA ASP E 783 10.83 44.90 39.38
C ASP E 783 11.45 45.50 40.64
N GLN E 784 11.39 44.77 41.76
CA GLN E 784 12.01 45.27 42.98
C GLN E 784 13.53 45.35 42.83
N TYR E 785 14.14 44.32 42.24
CA TYR E 785 15.58 44.36 42.04
C TYR E 785 15.99 45.52 41.15
N ARG E 786 15.19 45.81 40.12
CA ARG E 786 15.51 46.93 39.24
C ARG E 786 15.39 48.25 39.98
N LYS E 787 14.41 48.38 40.88
CA LYS E 787 14.29 49.60 41.67
C LYS E 787 15.47 49.75 42.63
N TRP E 788 15.91 48.65 43.24
CA TRP E 788 17.05 48.71 44.14
C TRP E 788 18.32 49.11 43.39
N VAL E 789 18.50 48.60 42.18
CA VAL E 789 19.67 48.97 41.40
C VAL E 789 19.64 50.45 41.04
N LYS E 790 18.46 50.96 40.63
CA LYS E 790 18.35 52.36 40.25
C LYS E 790 18.58 53.27 41.46
N LYS E 791 17.92 52.96 42.58
CA LYS E 791 18.08 53.78 43.78
C LYS E 791 19.48 53.64 44.38
N CYS E 792 20.20 52.56 44.06
CA CYS E 792 21.55 52.40 44.56
C CYS E 792 22.50 53.42 43.96
N GLY E 793 22.25 53.83 42.71
CA GLY E 793 23.01 54.89 42.10
C GLY E 793 24.37 54.51 41.57
N ILE E 794 24.65 53.23 41.43
CA ILE E 794 25.96 52.75 40.96
C ILE E 794 25.94 52.41 39.49
N TYR E 795 25.00 51.56 39.07
CA TYR E 795 24.95 51.01 37.72
C TYR E 795 23.71 51.50 36.99
N GLU E 796 23.84 51.72 35.69
CA GLU E 796 22.69 52.04 34.86
C GLU E 796 21.98 50.76 34.44
N LEU E 797 20.69 50.89 34.14
CA LEU E 797 19.84 49.74 33.88
C LEU E 797 20.06 49.19 32.47
N GLU E 798 19.35 49.75 31.49
CA GLU E 798 19.43 49.27 30.11
C GLU E 798 20.64 49.85 29.40
N VAL F 23 -19.93 -77.64 -26.83
CA VAL F 23 -19.85 -76.63 -25.78
C VAL F 23 -18.47 -75.98 -25.79
N SER F 24 -18.44 -74.67 -26.01
CA SER F 24 -17.21 -73.90 -26.01
C SER F 24 -17.55 -72.45 -25.74
N GLU F 25 -16.53 -71.68 -25.37
CA GLU F 25 -16.69 -70.25 -25.11
C GLU F 25 -15.50 -69.50 -25.64
N GLN F 26 -15.75 -68.63 -26.61
CA GLN F 26 -14.72 -67.76 -27.18
C GLN F 26 -14.90 -66.34 -26.63
N SER F 27 -13.84 -65.79 -26.06
CA SER F 27 -13.92 -64.46 -25.48
C SER F 27 -13.85 -63.40 -26.57
N LEU F 28 -14.68 -62.36 -26.42
CA LEU F 28 -14.63 -61.20 -27.29
C LEU F 28 -13.99 -60.00 -26.60
N ASN F 29 -13.32 -60.22 -25.47
CA ASN F 29 -12.56 -59.15 -24.82
C ASN F 29 -11.31 -58.83 -25.65
N GLY F 30 -10.76 -57.65 -25.39
CA GLY F 30 -9.58 -57.21 -26.12
C GLY F 30 -9.73 -55.80 -26.66
N ARG F 31 -9.13 -55.54 -27.82
CA ARG F 31 -9.14 -54.20 -28.40
C ARG F 31 -10.36 -54.02 -29.29
N TRP F 32 -11.13 -52.97 -29.02
CA TRP F 32 -12.25 -52.56 -29.83
C TRP F 32 -11.95 -51.20 -30.47
N THR F 33 -12.90 -50.72 -31.28
CA THR F 33 -12.83 -49.40 -31.87
C THR F 33 -13.95 -48.54 -31.28
N LEU F 34 -13.57 -47.48 -30.58
CA LEU F 34 -14.52 -46.61 -29.90
C LEU F 34 -14.60 -45.28 -30.63
N LYS F 35 -15.82 -44.87 -30.97
CA LYS F 35 -16.08 -43.59 -31.63
C LYS F 35 -17.13 -42.85 -30.81
N PHE F 36 -16.79 -41.65 -30.35
CA PHE F 36 -17.67 -40.86 -29.50
C PHE F 36 -17.91 -39.49 -30.11
N PHE F 37 -19.09 -38.93 -29.82
CA PHE F 37 -19.50 -37.65 -30.36
C PHE F 37 -20.63 -37.10 -29.49
N PRO F 38 -20.83 -35.78 -29.48
CA PRO F 38 -21.98 -35.22 -28.76
C PRO F 38 -23.29 -35.76 -29.31
N GLN F 39 -24.18 -36.12 -28.40
CA GLN F 39 -25.45 -36.71 -28.82
C GLN F 39 -26.36 -35.64 -29.40
N PRO F 40 -26.90 -35.83 -30.61
CA PRO F 40 -27.82 -34.84 -31.18
C PRO F 40 -29.15 -34.80 -30.45
N ALA F 41 -30.05 -33.91 -30.86
CA ALA F 41 -31.38 -33.88 -30.27
C ALA F 41 -32.12 -35.20 -30.49
N VAL F 42 -31.91 -35.81 -31.66
CA VAL F 42 -32.43 -37.14 -31.94
C VAL F 42 -31.30 -38.13 -31.70
N PRO F 43 -31.39 -38.99 -30.69
CA PRO F 43 -30.28 -39.90 -30.39
C PRO F 43 -29.99 -40.84 -31.55
N VAL F 44 -28.70 -41.06 -31.80
CA VAL F 44 -28.27 -41.97 -32.85
C VAL F 44 -28.58 -43.40 -32.42
N MET F 45 -29.31 -44.13 -33.28
CA MET F 45 -29.74 -45.47 -32.96
C MET F 45 -29.19 -46.53 -33.91
N THR F 46 -28.63 -46.14 -35.05
CA THR F 46 -28.24 -47.08 -36.10
C THR F 46 -26.74 -46.94 -36.40
N ILE F 47 -26.17 -48.01 -36.94
CA ILE F 47 -24.80 -47.97 -37.44
C ILE F 47 -24.68 -46.93 -38.54
N GLU F 48 -25.75 -46.75 -39.32
CA GLU F 48 -25.72 -45.80 -40.44
C GLU F 48 -25.50 -44.38 -39.94
N GLY F 49 -26.25 -43.98 -38.92
CA GLY F 49 -26.07 -42.65 -38.36
C GLY F 49 -24.82 -42.52 -37.51
N ALA F 50 -24.38 -43.63 -36.89
CA ALA F 50 -23.18 -43.58 -36.07
C ALA F 50 -21.93 -43.38 -36.92
N GLU F 51 -21.90 -43.92 -38.13
CA GLU F 51 -20.77 -43.70 -39.02
C GLU F 51 -20.82 -42.34 -39.69
N ALA F 52 -22.03 -41.85 -40.01
CA ALA F 52 -22.19 -40.53 -40.59
C ALA F 52 -21.96 -39.41 -39.59
N ALA F 53 -21.96 -39.70 -38.30
CA ALA F 53 -21.77 -38.68 -37.28
C ALA F 53 -20.30 -38.26 -37.20
N ASN F 54 -20.09 -36.99 -36.91
CA ASN F 54 -18.74 -36.44 -36.78
C ASN F 54 -18.25 -36.69 -35.36
N GLY F 55 -17.24 -37.54 -35.21
CA GLY F 55 -16.71 -37.86 -33.90
C GLY F 55 -15.22 -38.13 -33.89
N ILE F 56 -14.71 -38.51 -32.72
CA ILE F 56 -13.31 -38.89 -32.54
C ILE F 56 -13.24 -40.39 -32.34
N VAL F 57 -12.34 -41.04 -33.09
CA VAL F 57 -12.18 -42.50 -33.04
C VAL F 57 -10.86 -42.80 -32.35
N VAL F 58 -10.92 -43.64 -31.31
CA VAL F 58 -9.75 -44.05 -30.54
C VAL F 58 -9.84 -45.54 -30.25
N ASP F 59 -8.71 -46.10 -29.82
CA ASP F 59 -8.67 -47.51 -29.44
C ASP F 59 -9.31 -47.71 -28.07
N ALA F 60 -10.05 -48.80 -27.91
CA ALA F 60 -10.74 -49.11 -26.67
C ALA F 60 -10.35 -50.50 -26.20
N VAL F 61 -10.55 -50.74 -24.90
CA VAL F 61 -10.29 -52.03 -24.28
C VAL F 61 -11.56 -52.49 -23.58
N VAL F 62 -12.00 -53.70 -23.89
CA VAL F 62 -13.19 -54.31 -23.28
C VAL F 62 -12.73 -55.49 -22.45
N PRO F 63 -13.11 -55.59 -21.17
CA PRO F 63 -13.94 -54.66 -20.39
C PRO F 63 -13.23 -53.34 -20.10
N GLY F 64 -13.96 -52.23 -20.10
CA GLY F 64 -13.35 -50.95 -19.83
C GLY F 64 -14.41 -49.86 -19.78
N ASN F 65 -13.98 -48.68 -19.34
CA ASN F 65 -14.81 -47.49 -19.34
C ASN F 65 -14.26 -46.52 -20.39
N VAL F 66 -15.16 -45.73 -20.97
CA VAL F 66 -14.78 -44.84 -22.06
C VAL F 66 -13.80 -43.78 -21.59
N GLU F 67 -13.79 -43.45 -20.30
CA GLU F 67 -12.82 -42.51 -19.78
C GLU F 67 -11.43 -43.13 -19.75
N ILE F 68 -11.34 -44.43 -19.44
CA ILE F 68 -10.05 -45.11 -19.48
C ILE F 68 -9.49 -45.10 -20.89
N ASP F 69 -10.34 -45.34 -21.89
CA ASP F 69 -9.90 -45.32 -23.28
C ASP F 69 -9.40 -43.93 -23.67
N MET F 70 -10.16 -42.89 -23.32
CA MET F 70 -9.79 -41.54 -23.71
C MET F 70 -8.52 -41.07 -22.99
N GLU F 71 -8.33 -41.48 -21.74
CA GLU F 71 -7.12 -41.09 -21.02
C GLU F 71 -5.88 -41.74 -21.64
N ALA F 72 -6.02 -42.98 -22.12
CA ALA F 72 -4.91 -43.63 -22.80
C ALA F 72 -4.54 -42.90 -24.08
N ALA F 73 -5.53 -42.33 -24.77
CA ALA F 73 -5.28 -41.52 -25.97
C ALA F 73 -4.88 -40.09 -25.63
N GLY F 74 -4.69 -39.77 -24.35
CA GLY F 74 -4.28 -38.44 -23.96
C GLY F 74 -5.32 -37.36 -24.14
N LEU F 75 -6.60 -37.73 -24.20
CA LEU F 75 -7.66 -36.76 -24.43
C LEU F 75 -8.18 -36.12 -23.16
N VAL F 76 -8.10 -36.83 -22.03
CA VAL F 76 -8.58 -36.32 -20.75
C VAL F 76 -7.48 -36.46 -19.70
N GLU F 77 -7.57 -35.61 -18.69
CA GLU F 77 -6.63 -35.65 -17.57
C GLU F 77 -7.06 -36.72 -16.57
N ASP F 78 -6.15 -37.05 -15.67
CA ASP F 78 -6.41 -38.07 -14.66
C ASP F 78 -7.49 -37.59 -13.70
N PRO F 79 -8.69 -38.19 -13.71
CA PRO F 79 -9.78 -37.67 -12.88
C PRO F 79 -9.57 -37.86 -11.39
N MET F 80 -8.51 -38.54 -10.98
CA MET F 80 -8.29 -38.85 -9.56
C MET F 80 -7.55 -37.74 -8.82
N VAL F 81 -6.98 -36.77 -9.53
CA VAL F 81 -6.18 -35.73 -8.88
C VAL F 81 -6.81 -34.37 -9.14
N GLY F 82 -6.68 -33.49 -8.16
CA GLY F 82 -7.14 -32.11 -8.30
C GLY F 82 -8.61 -32.02 -8.58
N ASN F 83 -8.97 -31.13 -9.51
CA ASN F 83 -10.34 -30.91 -9.92
C ASN F 83 -10.64 -31.51 -11.29
N ASN F 84 -9.81 -32.44 -11.76
CA ASN F 84 -9.97 -33.00 -13.10
C ASN F 84 -11.27 -33.79 -13.23
N ILE F 85 -11.89 -34.19 -12.12
CA ILE F 85 -13.15 -34.91 -12.18
C ILE F 85 -14.23 -34.08 -12.88
N TYR F 86 -14.20 -32.77 -12.69
CA TYR F 86 -15.20 -31.90 -13.31
C TYR F 86 -14.98 -31.72 -14.81
N LYS F 87 -13.77 -32.01 -15.30
CA LYS F 87 -13.51 -31.85 -16.73
C LYS F 87 -14.21 -32.92 -17.56
N LEU F 88 -14.65 -34.02 -16.95
CA LEU F 88 -15.40 -35.06 -17.64
C LEU F 88 -16.86 -34.69 -17.85
N ARG F 89 -17.30 -33.55 -17.33
CA ARG F 89 -18.71 -33.12 -17.42
C ARG F 89 -19.28 -33.16 -18.83
N PRO F 90 -18.62 -32.62 -19.86
CA PRO F 90 -19.24 -32.62 -21.20
C PRO F 90 -19.53 -34.00 -21.76
N TYR F 91 -18.81 -35.03 -21.31
CA TYR F 91 -18.99 -36.37 -21.86
C TYR F 91 -20.26 -37.05 -21.37
N GLU F 92 -20.94 -36.48 -20.37
CA GLU F 92 -22.22 -37.04 -19.96
C GLU F 92 -23.29 -36.93 -21.04
N GLY F 93 -23.14 -35.97 -21.95
CA GLY F 93 -24.08 -35.84 -23.06
C GLY F 93 -23.52 -36.40 -24.36
N TYR F 94 -22.62 -37.38 -24.25
CA TYR F 94 -21.99 -38.00 -25.40
C TYR F 94 -22.57 -39.37 -25.68
N GLN F 95 -22.47 -39.80 -26.93
CA GLN F 95 -22.74 -41.17 -27.31
C GLN F 95 -21.43 -41.92 -27.50
N TRP F 96 -21.51 -43.25 -27.44
CA TRP F 96 -20.33 -44.09 -27.47
C TRP F 96 -20.60 -45.28 -28.38
N TYR F 97 -19.75 -45.47 -29.38
CA TYR F 97 -19.95 -46.46 -30.43
C TYR F 97 -18.80 -47.45 -30.39
N TYR F 98 -19.03 -48.62 -29.80
CA TYR F 98 -18.09 -49.72 -29.82
C TYR F 98 -18.23 -50.51 -31.11
N SER F 99 -17.11 -51.01 -31.62
CA SER F 99 -17.11 -51.76 -32.86
C SER F 99 -15.92 -52.70 -32.90
N ARG F 100 -16.13 -53.91 -33.42
CA ARG F 100 -15.07 -54.87 -33.64
C ARG F 100 -15.58 -55.94 -34.59
N THR F 101 -14.69 -56.86 -34.96
CA THR F 101 -15.03 -58.01 -35.78
C THR F 101 -14.61 -59.29 -35.07
N PHE F 102 -15.33 -60.37 -35.35
CA PHE F 102 -15.05 -61.65 -34.72
C PHE F 102 -15.33 -62.78 -35.70
N ALA F 103 -14.83 -63.96 -35.37
CA ALA F 103 -15.04 -65.16 -36.18
C ALA F 103 -16.15 -66.01 -35.55
N ALA F 104 -17.12 -66.39 -36.35
CA ALA F 104 -18.23 -67.20 -35.86
C ALA F 104 -17.82 -68.67 -35.80
N PRO F 105 -17.90 -69.32 -34.64
CA PRO F 105 -17.52 -70.73 -34.56
C PRO F 105 -18.51 -71.61 -35.32
N VAL F 106 -18.07 -72.82 -35.62
CA VAL F 106 -18.91 -73.78 -36.33
C VAL F 106 -20.04 -74.22 -35.40
N VAL F 107 -21.26 -74.25 -35.94
CA VAL F 107 -22.46 -74.58 -35.18
C VAL F 107 -23.13 -75.76 -35.86
N THR F 108 -23.18 -76.90 -35.17
CA THR F 108 -23.85 -78.08 -35.70
C THR F 108 -25.36 -77.93 -35.54
N GLU F 109 -26.09 -78.90 -36.09
CA GLU F 109 -27.54 -78.82 -36.14
C GLU F 109 -28.14 -78.87 -34.73
N GLY F 110 -28.96 -77.87 -34.40
CA GLY F 110 -29.60 -77.77 -33.11
C GLY F 110 -28.85 -76.95 -32.08
N GLN F 111 -27.57 -76.66 -32.32
CA GLN F 111 -26.81 -75.85 -31.38
C GLN F 111 -27.22 -74.38 -31.48
N ARG F 112 -26.93 -73.64 -30.43
CA ARG F 112 -27.27 -72.22 -30.36
C ARG F 112 -26.04 -71.40 -30.01
N LEU F 113 -25.87 -70.29 -30.71
CA LEU F 113 -24.78 -69.35 -30.49
C LEU F 113 -25.32 -68.15 -29.73
N VAL F 114 -24.78 -67.92 -28.54
CA VAL F 114 -25.28 -66.89 -27.63
C VAL F 114 -24.21 -65.81 -27.47
N LEU F 115 -24.57 -64.57 -27.80
CA LEU F 115 -23.72 -63.42 -27.56
C LEU F 115 -23.96 -62.93 -26.14
N HIS F 116 -22.98 -63.12 -25.26
CA HIS F 116 -23.11 -62.81 -23.85
C HIS F 116 -22.48 -61.45 -23.55
N PHE F 117 -23.22 -60.62 -22.80
CA PHE F 117 -22.73 -59.34 -22.30
C PHE F 117 -22.80 -59.37 -20.78
N GLY F 118 -21.65 -59.20 -20.12
CA GLY F 118 -21.64 -59.12 -18.67
C GLY F 118 -22.04 -57.77 -18.13
N GLY F 119 -21.84 -56.72 -18.91
CA GLY F 119 -22.17 -55.38 -18.46
C GLY F 119 -22.19 -54.34 -19.57
N ILE F 120 -23.39 -53.89 -19.93
CA ILE F 120 -23.59 -52.79 -20.88
C ILE F 120 -24.06 -51.58 -20.10
N ASP F 121 -23.34 -50.47 -20.27
CA ASP F 121 -23.60 -49.23 -19.53
C ASP F 121 -23.81 -48.12 -20.56
N THR F 122 -25.06 -47.81 -20.90
CA THR F 122 -26.25 -48.50 -20.37
C THR F 122 -27.26 -48.71 -21.49
N PHE F 123 -27.82 -47.60 -22.00
CA PHE F 123 -28.84 -47.64 -23.05
C PHE F 123 -28.14 -47.80 -24.39
N ALA F 124 -28.21 -48.99 -24.98
CA ALA F 124 -27.44 -49.27 -26.18
C ALA F 124 -28.23 -50.16 -27.12
N GLU F 125 -27.94 -50.03 -28.42
CA GLU F 125 -28.46 -50.91 -29.45
C GLU F 125 -27.35 -51.82 -29.92
N VAL F 126 -27.62 -53.11 -29.98
CA VAL F 126 -26.61 -54.13 -30.30
C VAL F 126 -26.92 -54.70 -31.68
N TYR F 127 -25.92 -54.66 -32.57
CA TYR F 127 -26.06 -55.15 -33.93
C TYR F 127 -25.03 -56.25 -34.20
N VAL F 128 -25.46 -57.26 -34.94
CA VAL F 128 -24.57 -58.30 -35.44
C VAL F 128 -24.81 -58.42 -36.94
N ASN F 129 -23.79 -58.08 -37.74
CA ASN F 129 -23.88 -58.09 -39.19
C ASN F 129 -25.02 -57.18 -39.68
N GLY F 130 -25.09 -55.99 -39.10
CA GLY F 130 -26.10 -55.02 -39.47
C GLY F 130 -27.51 -55.34 -39.01
N ILE F 131 -27.71 -56.43 -38.27
CA ILE F 131 -29.04 -56.84 -37.79
C ILE F 131 -29.08 -56.58 -36.30
N LYS F 132 -30.04 -55.75 -35.87
CA LYS F 132 -30.20 -55.50 -34.44
C LYS F 132 -30.66 -56.77 -33.73
N VAL F 133 -29.97 -57.11 -32.64
CA VAL F 133 -30.28 -58.30 -31.87
C VAL F 133 -30.77 -57.98 -30.47
N GLY F 134 -30.65 -56.74 -30.01
CA GLY F 134 -31.13 -56.39 -28.69
C GLY F 134 -31.02 -54.91 -28.42
N SER F 135 -31.82 -54.46 -27.45
CA SER F 135 -31.80 -53.08 -26.96
C SER F 135 -31.57 -53.15 -25.46
N ALA F 136 -30.34 -52.88 -25.03
CA ALA F 136 -29.99 -52.96 -23.62
C ALA F 136 -30.39 -51.68 -22.90
N ASP F 137 -30.83 -51.83 -21.65
CA ASP F 137 -31.25 -50.67 -20.87
C ASP F 137 -31.07 -50.87 -19.36
N ASN F 138 -30.19 -51.76 -18.93
CA ASN F 138 -29.94 -52.00 -17.51
C ASN F 138 -28.46 -52.23 -17.31
N MET F 139 -27.82 -51.35 -16.54
CA MET F 139 -26.39 -51.40 -16.31
C MET F 139 -25.97 -52.57 -15.42
N LEU F 140 -26.88 -53.11 -14.61
CA LEU F 140 -26.52 -53.97 -13.50
C LEU F 140 -26.68 -55.46 -13.80
N ILE F 141 -27.27 -55.84 -14.92
CA ILE F 141 -27.58 -57.23 -15.19
C ILE F 141 -26.97 -57.66 -16.51
N GLU F 142 -26.82 -58.97 -16.67
CA GLU F 142 -26.28 -59.53 -17.90
C GLU F 142 -27.31 -59.49 -19.03
N HIS F 143 -26.81 -59.53 -20.26
CA HIS F 143 -27.65 -59.52 -21.44
C HIS F 143 -27.17 -60.62 -22.39
N ASP F 144 -28.09 -61.51 -22.79
CA ASP F 144 -27.78 -62.62 -23.67
C ASP F 144 -28.69 -62.57 -24.89
N TYR F 145 -28.08 -62.67 -26.07
CA TYR F 145 -28.82 -62.62 -27.33
C TYR F 145 -28.50 -63.85 -28.17
N ASP F 146 -29.53 -64.44 -28.75
CA ASP F 146 -29.39 -65.58 -29.63
C ASP F 146 -29.05 -65.07 -31.03
N ILE F 147 -27.82 -65.29 -31.46
CA ILE F 147 -27.34 -64.79 -32.75
C ILE F 147 -27.03 -65.93 -33.72
N THR F 148 -27.62 -67.10 -33.50
CA THR F 148 -27.36 -68.24 -34.38
C THR F 148 -27.75 -67.93 -35.82
N SER F 149 -28.89 -67.27 -36.01
CA SER F 149 -29.45 -67.07 -37.35
C SER F 149 -28.83 -65.89 -38.08
N VAL F 150 -28.26 -64.92 -37.37
CA VAL F 150 -27.82 -63.69 -38.00
C VAL F 150 -26.33 -63.69 -38.34
N VAL F 151 -25.53 -64.58 -37.76
CA VAL F 151 -24.11 -64.62 -38.08
C VAL F 151 -23.91 -65.11 -39.51
N LYS F 152 -22.74 -64.81 -40.06
CA LYS F 152 -22.33 -65.22 -41.39
C LYS F 152 -21.10 -66.11 -41.28
N GLU F 153 -20.68 -66.64 -42.43
CA GLU F 153 -19.52 -67.54 -42.51
C GLU F 153 -18.30 -66.70 -42.86
N GLY F 154 -17.57 -66.27 -41.82
CA GLY F 154 -16.37 -65.49 -42.02
C GLY F 154 -16.18 -64.38 -40.99
N GLU F 155 -15.94 -63.16 -41.46
CA GLU F 155 -15.77 -62.02 -40.57
C GLU F 155 -17.13 -61.42 -40.24
N ASN F 156 -17.45 -61.38 -38.94
CA ASN F 156 -18.74 -60.89 -38.47
C ASN F 156 -18.57 -59.52 -37.80
N ARG F 157 -19.51 -58.62 -38.08
CA ARG F 157 -19.48 -57.28 -37.51
C ARG F 157 -20.29 -57.24 -36.22
N LEU F 158 -19.74 -56.58 -35.20
CA LEU F 158 -20.41 -56.39 -33.93
C LEU F 158 -20.37 -54.91 -33.58
N ASP F 159 -21.54 -54.31 -33.36
CA ASP F 159 -21.65 -52.88 -33.16
C ASP F 159 -22.58 -52.59 -31.99
N VAL F 160 -22.10 -51.80 -31.03
CA VAL F 160 -22.88 -51.39 -29.86
C VAL F 160 -22.90 -49.87 -29.82
N ILE F 161 -24.10 -49.28 -29.89
CA ILE F 161 -24.27 -47.83 -29.98
C ILE F 161 -24.96 -47.38 -28.70
N ILE F 162 -24.20 -46.76 -27.80
CA ILE F 162 -24.67 -46.35 -26.49
C ILE F 162 -25.13 -44.90 -26.54
N ARG F 163 -26.25 -44.61 -25.88
CA ARG F 163 -26.79 -43.28 -25.78
C ARG F 163 -26.38 -42.64 -24.45
N SER F 164 -26.74 -41.38 -24.28
CA SER F 164 -26.46 -40.66 -23.03
C SER F 164 -27.43 -41.11 -21.94
N SER F 165 -26.89 -41.53 -20.81
CA SER F 165 -27.74 -41.94 -19.69
C SER F 165 -28.47 -40.74 -19.09
N VAL F 166 -27.77 -39.62 -18.91
CA VAL F 166 -28.37 -38.44 -18.28
C VAL F 166 -29.57 -37.97 -19.10
N MET F 167 -29.42 -37.91 -20.43
CA MET F 167 -30.51 -37.44 -21.28
C MET F 167 -31.69 -38.39 -21.30
N GLU F 168 -31.48 -39.67 -20.98
CA GLU F 168 -32.59 -40.61 -20.91
C GLU F 168 -33.57 -40.28 -19.80
N ALA F 169 -33.11 -39.59 -18.74
CA ALA F 169 -33.99 -39.28 -17.62
C ALA F 169 -35.14 -38.37 -18.02
N GLN F 170 -34.94 -37.53 -19.04
CA GLN F 170 -35.97 -36.59 -19.46
C GLN F 170 -37.07 -37.21 -20.29
N ASN F 171 -37.03 -38.53 -20.52
CA ASN F 171 -38.14 -39.24 -21.14
C ASN F 171 -39.22 -39.63 -20.15
N HIS F 172 -39.08 -39.25 -18.87
CA HIS F 172 -40.00 -39.66 -17.82
C HIS F 172 -40.46 -38.45 -17.03
N PHE F 173 -41.73 -38.46 -16.65
CA PHE F 173 -42.28 -37.45 -15.76
C PHE F 173 -42.17 -37.96 -14.33
N LEU F 174 -41.42 -37.25 -13.50
CA LEU F 174 -41.14 -37.70 -12.14
C LEU F 174 -42.26 -37.33 -11.18
N GLY F 175 -42.51 -38.23 -10.23
CA GLY F 175 -43.37 -37.90 -9.12
C GLY F 175 -42.67 -37.03 -8.11
N THR F 176 -43.46 -36.43 -7.22
CA THR F 176 -42.90 -35.48 -6.24
C THR F 176 -41.91 -36.18 -5.31
N LEU F 177 -42.20 -37.42 -4.93
CA LEU F 177 -41.33 -38.13 -3.98
C LEU F 177 -39.97 -38.46 -4.58
N SER F 178 -39.82 -38.37 -5.91
CA SER F 178 -38.54 -38.65 -6.54
C SER F 178 -37.69 -37.39 -6.74
N ILE F 179 -38.21 -36.22 -6.42
CA ILE F 179 -37.51 -34.96 -6.61
C ILE F 179 -37.02 -34.47 -5.25
N GLY F 180 -35.76 -34.05 -5.19
CA GLY F 180 -35.21 -33.49 -3.97
C GLY F 180 -34.50 -34.47 -3.05
N ASN F 181 -34.34 -35.71 -3.45
CA ASN F 181 -33.63 -36.69 -2.64
C ASN F 181 -32.12 -36.49 -2.78
N PHE F 182 -31.36 -37.15 -1.90
CA PHE F 182 -29.92 -37.16 -2.05
C PHE F 182 -29.50 -37.84 -3.34
N SER F 183 -30.20 -38.91 -3.71
CA SER F 183 -30.01 -39.51 -5.02
C SER F 183 -30.42 -38.53 -6.11
N ASN F 184 -29.70 -38.58 -7.22
CA ASN F 184 -29.94 -37.63 -8.31
C ASN F 184 -31.27 -37.94 -9.00
N GLU F 185 -31.93 -36.87 -9.47
CA GLU F 185 -33.17 -37.04 -10.21
C GLU F 185 -32.94 -37.79 -11.52
N GLU F 186 -31.75 -37.67 -12.10
CA GLU F 186 -31.40 -38.46 -13.26
C GLU F 186 -31.34 -39.95 -12.94
N SER F 187 -31.20 -40.30 -11.66
CA SER F 187 -31.04 -41.70 -11.28
C SER F 187 -32.38 -42.41 -11.10
N ALA F 188 -33.44 -41.67 -10.77
CA ALA F 188 -34.72 -42.29 -10.43
C ALA F 188 -35.33 -43.13 -11.55
N PRO F 189 -35.45 -42.66 -12.79
CA PRO F 189 -36.15 -43.45 -13.82
C PRO F 189 -35.27 -44.40 -14.61
N VAL F 190 -34.01 -44.59 -14.26
CA VAL F 190 -33.12 -45.45 -15.00
C VAL F 190 -32.55 -46.51 -14.06
N ARG F 191 -32.16 -47.65 -14.65
CA ARG F 191 -31.63 -48.78 -13.89
C ARG F 191 -30.11 -48.73 -13.96
N ARG F 192 -29.53 -47.87 -13.13
CA ARG F 192 -28.09 -47.73 -13.01
C ARG F 192 -27.71 -47.63 -11.54
N ALA F 193 -26.42 -47.66 -11.27
CA ALA F 193 -25.95 -47.48 -9.90
C ALA F 193 -26.15 -46.02 -9.50
N PRO F 194 -26.92 -45.74 -8.43
CA PRO F 194 -27.17 -44.33 -8.08
C PRO F 194 -25.92 -43.54 -7.73
N SER F 195 -24.86 -44.20 -7.29
CA SER F 195 -23.66 -43.47 -6.86
C SER F 195 -22.89 -42.90 -8.04
N THR F 196 -23.11 -43.41 -9.26
CA THR F 196 -22.38 -42.89 -10.41
C THR F 196 -22.72 -41.43 -10.71
N TYR F 197 -23.89 -40.96 -10.26
CA TYR F 197 -24.26 -39.56 -10.41
C TYR F 197 -23.69 -38.68 -9.30
N GLY F 198 -22.92 -39.26 -8.39
CA GLY F 198 -22.37 -38.51 -7.29
C GLY F 198 -23.07 -38.78 -5.97
N TRP F 199 -22.30 -39.23 -4.99
CA TRP F 199 -22.76 -39.35 -3.61
C TRP F 199 -21.85 -38.49 -2.74
N ASP F 200 -21.92 -38.68 -1.42
CA ASP F 200 -20.99 -37.96 -0.51
C ASP F 200 -19.65 -38.68 -0.49
N ILE F 201 -19.66 -40.01 -0.70
CA ILE F 201 -18.44 -40.80 -0.62
C ILE F 201 -17.99 -41.33 -1.96
N MET F 202 -18.65 -40.93 -3.05
CA MET F 202 -18.23 -41.29 -4.39
C MET F 202 -18.38 -40.07 -5.29
N PRO F 203 -17.47 -39.87 -6.24
CA PRO F 203 -17.56 -38.71 -7.11
C PRO F 203 -18.69 -38.88 -8.13
N ARG F 204 -18.94 -37.82 -8.88
CA ARG F 204 -19.85 -37.88 -10.01
C ARG F 204 -19.05 -38.26 -11.25
N LEU F 205 -19.28 -39.47 -11.75
CA LEU F 205 -18.61 -39.96 -12.96
C LEU F 205 -19.57 -40.95 -13.61
N VAL F 206 -20.47 -40.43 -14.44
CA VAL F 206 -21.51 -41.25 -15.04
C VAL F 206 -20.89 -42.38 -15.87
N SER F 207 -19.91 -42.04 -16.70
CA SER F 207 -19.17 -43.01 -17.49
C SER F 207 -20.09 -43.75 -18.47
N ALA F 208 -19.55 -44.75 -19.16
CA ALA F 208 -20.28 -45.59 -20.10
C ALA F 208 -19.34 -46.71 -20.53
N GLY F 209 -19.86 -47.63 -21.32
CA GLY F 209 -19.05 -48.64 -21.98
C GLY F 209 -19.45 -50.05 -21.60
N LEU F 210 -18.68 -51.00 -22.15
CA LEU F 210 -18.87 -52.43 -21.89
C LEU F 210 -17.96 -52.80 -20.73
N TRP F 211 -18.49 -52.72 -19.52
CA TRP F 211 -17.66 -52.76 -18.31
C TRP F 211 -17.47 -54.17 -17.75
N ARG F 212 -17.99 -55.20 -18.42
CA ARG F 212 -17.72 -56.58 -18.02
C ARG F 212 -17.52 -57.41 -19.29
N ASP F 213 -17.27 -58.70 -19.10
CA ASP F 213 -16.83 -59.57 -20.18
C ASP F 213 -17.88 -59.68 -21.28
N VAL F 214 -17.40 -59.79 -22.52
CA VAL F 214 -18.23 -60.12 -23.67
C VAL F 214 -17.70 -61.42 -24.24
N THR F 215 -18.58 -62.41 -24.41
CA THR F 215 -18.17 -63.73 -24.84
C THR F 215 -19.17 -64.31 -25.83
N LEU F 216 -18.73 -65.34 -26.54
CA LEU F 216 -19.57 -66.15 -27.41
C LEU F 216 -19.68 -67.55 -26.83
N ARG F 217 -20.91 -68.03 -26.69
CA ARG F 217 -21.17 -69.33 -26.06
C ARG F 217 -21.91 -70.23 -27.02
N VAL F 218 -21.42 -71.45 -27.18
CA VAL F 218 -22.08 -72.48 -27.96
C VAL F 218 -22.74 -73.45 -27.00
N GLU F 219 -24.03 -73.71 -27.21
CA GLU F 219 -24.81 -74.60 -26.36
C GLU F 219 -25.37 -75.74 -27.19
N ASN F 220 -25.32 -76.95 -26.63
CA ASN F 220 -25.94 -78.10 -27.27
C ASN F 220 -27.45 -77.99 -27.18
N PRO F 221 -28.18 -78.71 -28.05
CA PRO F 221 -29.64 -78.76 -27.90
C PRO F 221 -30.08 -79.23 -26.52
N VAL F 222 -29.32 -80.14 -25.92
CA VAL F 222 -29.51 -80.55 -24.54
C VAL F 222 -28.57 -79.72 -23.69
N THR F 223 -29.12 -78.81 -22.88
CA THR F 223 -28.29 -77.94 -22.07
C THR F 223 -29.00 -77.64 -20.76
N ILE F 224 -28.22 -77.23 -19.77
CA ILE F 224 -28.74 -76.89 -18.44
C ILE F 224 -29.10 -75.41 -18.43
N VAL F 225 -30.37 -75.11 -18.18
CA VAL F 225 -30.80 -73.72 -18.09
C VAL F 225 -30.45 -73.14 -16.73
N ASP F 226 -30.69 -73.89 -15.65
CA ASP F 226 -30.35 -73.41 -14.31
C ASP F 226 -30.21 -74.59 -13.38
N ALA F 227 -29.20 -74.52 -12.50
CA ALA F 227 -28.97 -75.50 -11.44
C ALA F 227 -29.06 -74.75 -10.11
N ASN F 228 -30.17 -74.92 -9.40
CA ASN F 228 -30.48 -74.16 -8.20
C ASN F 228 -30.32 -75.06 -6.98
N TRP F 229 -29.27 -74.83 -6.19
CA TRP F 229 -28.96 -75.63 -5.02
C TRP F 229 -29.57 -74.98 -3.78
N VAL F 230 -30.27 -75.78 -2.98
CA VAL F 230 -31.00 -75.30 -1.80
C VAL F 230 -30.71 -76.25 -0.64
N THR F 231 -30.28 -75.70 0.49
CA THR F 231 -30.05 -76.47 1.70
C THR F 231 -31.36 -76.58 2.47
N LEU F 232 -31.98 -77.75 2.44
CA LEU F 232 -33.22 -77.97 3.18
C LEU F 232 -32.96 -77.98 4.68
N SER F 233 -32.05 -78.85 5.12
CA SER F 233 -31.71 -78.97 6.52
C SER F 233 -30.22 -79.26 6.65
N VAL F 234 -29.68 -79.03 7.83
CA VAL F 234 -28.27 -79.32 8.10
C VAL F 234 -28.14 -79.75 9.56
N ASN F 235 -27.29 -80.74 9.78
CA ASN F 235 -27.01 -81.28 11.11
C ASN F 235 -25.50 -81.30 11.28
N PRO F 236 -24.90 -80.17 11.65
CA PRO F 236 -23.43 -80.14 11.80
C PRO F 236 -22.92 -81.12 12.81
N LYS F 237 -23.75 -81.54 13.77
CA LYS F 237 -23.30 -82.44 14.82
C LYS F 237 -23.14 -83.86 14.29
N ALA F 238 -24.17 -84.37 13.61
CA ALA F 238 -24.09 -85.66 12.94
C ALA F 238 -23.36 -85.59 11.60
N ARG F 239 -22.87 -84.41 11.23
CA ARG F 239 -22.19 -84.19 9.96
C ARG F 239 -23.06 -84.63 8.77
N GLU F 240 -24.32 -84.20 8.81
CA GLU F 240 -25.30 -84.53 7.78
C GLU F 240 -25.93 -83.25 7.25
N ALA F 241 -26.59 -83.38 6.09
CA ALA F 241 -27.28 -82.27 5.46
C ALA F 241 -28.17 -82.80 4.35
N SER F 242 -29.33 -82.18 4.19
CA SER F 242 -30.24 -82.48 3.09
C SER F 242 -30.20 -81.33 2.09
N GLU F 243 -29.85 -81.65 0.84
CA GLU F 243 -29.67 -80.66 -0.20
C GLU F 243 -30.60 -80.98 -1.36
N SER F 244 -31.26 -79.96 -1.89
CA SER F 244 -32.14 -80.10 -3.04
C SER F 244 -31.52 -79.42 -4.26
N LEU F 245 -31.68 -80.04 -5.42
CA LEU F 245 -31.25 -79.47 -6.69
C LEU F 245 -32.49 -79.24 -7.55
N TYR F 246 -32.84 -77.98 -7.75
CA TYR F 246 -33.91 -77.59 -8.67
C TYR F 246 -33.25 -77.38 -10.04
N LEU F 247 -33.42 -78.36 -10.92
CA LEU F 247 -32.74 -78.39 -12.21
C LEU F 247 -33.74 -78.13 -13.33
N GLN F 248 -33.43 -77.15 -14.18
CA GLN F 248 -34.21 -76.87 -15.37
C GLN F 248 -33.29 -76.99 -16.59
N THR F 249 -33.76 -77.69 -17.61
CA THR F 249 -32.94 -77.96 -18.78
C THR F 249 -33.72 -77.64 -20.05
N ARG F 250 -32.98 -77.38 -21.13
CA ARG F 250 -33.53 -77.44 -22.47
C ARG F 250 -33.32 -78.86 -22.99
N LEU F 251 -34.41 -79.52 -23.37
CA LEU F 251 -34.38 -80.95 -23.69
C LEU F 251 -35.32 -81.21 -24.86
N PRO F 252 -34.78 -81.43 -26.06
CA PRO F 252 -35.64 -81.82 -27.19
C PRO F 252 -36.42 -83.06 -26.84
N PHE F 253 -37.63 -83.18 -27.40
CA PHE F 253 -38.49 -84.28 -26.98
C PHE F 253 -37.92 -85.63 -27.39
N GLU F 254 -37.21 -85.70 -28.52
CA GLU F 254 -36.60 -86.96 -28.91
C GLU F 254 -35.44 -87.34 -27.99
N MET F 255 -34.93 -86.39 -27.21
CA MET F 255 -33.92 -86.68 -26.20
C MET F 255 -34.52 -87.01 -24.84
N HIS F 256 -35.84 -86.91 -24.68
CA HIS F 256 -36.48 -87.43 -23.49
C HIS F 256 -36.28 -88.94 -23.38
N ASP F 257 -36.07 -89.42 -22.16
CA ASP F 257 -35.79 -90.80 -21.81
C ASP F 257 -34.45 -91.29 -22.38
N LYS F 258 -33.66 -90.42 -23.03
CA LYS F 258 -32.37 -90.79 -23.57
C LYS F 258 -31.21 -90.05 -22.92
N VAL F 259 -31.48 -89.08 -22.06
CA VAL F 259 -30.46 -88.36 -21.31
C VAL F 259 -30.61 -88.72 -19.85
N LYS F 260 -29.49 -88.75 -19.13
CA LYS F 260 -29.50 -88.93 -17.68
C LYS F 260 -28.82 -87.73 -17.03
N ALA F 261 -29.30 -87.37 -15.85
CA ALA F 261 -28.64 -86.37 -15.02
C ALA F 261 -27.69 -87.07 -14.07
N VAL F 262 -26.46 -86.58 -13.98
CA VAL F 262 -25.42 -87.14 -13.13
C VAL F 262 -25.01 -86.07 -12.14
N ILE F 263 -25.29 -86.30 -10.86
CA ILE F 263 -25.06 -85.33 -9.80
C ILE F 263 -23.93 -85.85 -8.91
N THR F 264 -22.91 -85.02 -8.72
CA THR F 264 -21.74 -85.39 -7.94
C THR F 264 -21.43 -84.31 -6.93
N ILE F 265 -21.41 -84.68 -5.64
CA ILE F 265 -20.94 -83.81 -4.57
C ILE F 265 -19.57 -84.33 -4.13
N SER F 266 -18.58 -83.45 -4.10
CA SER F 266 -17.22 -83.87 -3.82
C SER F 266 -16.46 -82.75 -3.13
N ARG F 267 -15.24 -83.06 -2.71
CA ARG F 267 -14.35 -82.09 -2.07
C ARG F 267 -12.91 -82.54 -2.26
N ASP F 268 -12.11 -81.72 -2.92
CA ASP F 268 -10.68 -81.97 -3.11
C ASP F 268 -10.44 -83.33 -3.77
N GLY F 269 -11.29 -83.69 -4.72
CA GLY F 269 -11.19 -84.94 -5.44
C GLY F 269 -11.91 -86.11 -4.80
N ARG F 270 -12.09 -86.08 -3.48
CA ARG F 270 -12.82 -87.15 -2.80
C ARG F 270 -14.31 -87.02 -3.08
N GLN F 271 -14.92 -88.11 -3.54
CA GLN F 271 -16.33 -88.12 -3.87
C GLN F 271 -17.16 -88.41 -2.63
N ILE F 272 -18.18 -87.57 -2.39
CA ILE F 272 -19.07 -87.73 -1.26
C ILE F 272 -20.36 -88.44 -1.65
N LEU F 273 -20.93 -88.09 -2.79
CA LEU F 273 -22.17 -88.72 -3.24
C LEU F 273 -22.28 -88.58 -4.76
N ARG F 274 -22.82 -89.61 -5.40
CA ARG F 274 -23.13 -89.62 -6.82
C ARG F 274 -24.51 -90.21 -7.03
N LYS F 275 -25.35 -89.50 -7.78
CA LYS F 275 -26.73 -89.92 -8.03
C LYS F 275 -27.05 -89.75 -9.51
N GLU F 276 -27.71 -90.75 -10.08
CA GLU F 276 -28.13 -90.75 -11.48
C GLU F 276 -29.64 -90.86 -11.58
N ALA F 277 -30.21 -90.15 -12.55
CA ALA F 277 -31.64 -90.22 -12.81
C ALA F 277 -31.88 -90.02 -14.29
N LEU F 278 -32.73 -90.87 -14.87
CA LEU F 278 -33.12 -90.71 -16.27
C LEU F 278 -33.99 -89.47 -16.40
N MET F 279 -33.59 -88.56 -17.29
CA MET F 279 -34.35 -87.34 -17.55
C MET F 279 -35.65 -87.69 -18.27
N ARG F 280 -36.76 -87.67 -17.54
CA ARG F 280 -38.08 -87.87 -18.12
C ARG F 280 -38.78 -86.58 -18.50
N LYS F 281 -38.38 -85.45 -17.91
CA LYS F 281 -38.98 -84.17 -18.20
C LYS F 281 -37.90 -83.10 -18.11
N PHE F 282 -38.26 -81.88 -18.51
CA PHE F 282 -37.26 -80.81 -18.63
C PHE F 282 -36.87 -80.22 -17.27
N ALA F 283 -37.73 -80.29 -16.27
CA ALA F 283 -37.46 -79.73 -14.96
C ALA F 283 -37.73 -80.77 -13.89
N ASN F 284 -36.84 -80.85 -12.90
CA ASN F 284 -36.92 -81.88 -11.87
C ASN F 284 -36.38 -81.33 -10.56
N LEU F 285 -36.89 -81.89 -9.46
CA LEU F 285 -36.33 -81.67 -8.14
C LEU F 285 -35.65 -82.95 -7.68
N PHE F 286 -34.37 -82.85 -7.35
CA PHE F 286 -33.60 -83.97 -6.84
C PHE F 286 -33.25 -83.71 -5.38
N THR F 287 -33.50 -84.70 -4.54
CA THR F 287 -33.23 -84.60 -3.11
C THR F 287 -32.02 -85.46 -2.76
N LEU F 288 -31.07 -84.87 -2.04
CA LEU F 288 -29.83 -85.53 -1.68
C LEU F 288 -29.70 -85.56 -0.16
N ASN F 289 -29.68 -86.75 0.42
CA ASN F 289 -29.47 -86.94 1.85
C ASN F 289 -28.01 -87.30 2.05
N LEU F 290 -27.18 -86.29 2.35
CA LEU F 290 -25.74 -86.45 2.43
C LEU F 290 -25.29 -86.78 3.84
N SER F 291 -24.22 -87.56 3.93
CA SER F 291 -23.59 -87.90 5.18
C SER F 291 -22.10 -87.59 5.09
N GLY F 292 -21.47 -87.41 6.25
CA GLY F 292 -20.06 -87.09 6.29
C GLY F 292 -19.70 -85.74 5.69
N VAL F 293 -20.58 -84.75 5.82
CA VAL F 293 -20.34 -83.42 5.31
C VAL F 293 -20.40 -82.43 6.48
N ASP F 294 -19.68 -81.33 6.35
CA ASP F 294 -19.63 -80.31 7.38
C ASP F 294 -20.43 -79.09 6.96
N ALA F 295 -20.97 -78.38 7.95
CA ALA F 295 -21.76 -77.21 7.68
C ALA F 295 -20.88 -76.01 7.39
N TRP F 296 -21.47 -75.01 6.72
CA TRP F 296 -20.80 -73.76 6.43
C TRP F 296 -21.09 -72.76 7.53
N TRP F 297 -20.05 -72.15 8.07
CA TRP F 297 -20.22 -71.18 9.15
C TRP F 297 -19.57 -69.85 8.77
N PRO F 298 -20.11 -68.73 9.26
CA PRO F 298 -19.38 -67.47 9.15
C PRO F 298 -18.17 -67.48 10.07
N ARG F 299 -17.29 -66.50 9.87
CA ARG F 299 -16.01 -66.46 10.58
C ARG F 299 -16.23 -66.47 12.09
N GLY F 300 -15.49 -67.34 12.77
CA GLY F 300 -15.58 -67.45 14.21
C GLY F 300 -16.41 -68.64 14.68
N TYR F 301 -17.53 -68.87 14.03
CA TYR F 301 -18.47 -69.91 14.45
C TYR F 301 -18.16 -71.27 13.85
N GLY F 302 -17.11 -71.39 13.05
CA GLY F 302 -16.73 -72.66 12.47
C GLY F 302 -15.96 -72.43 11.18
N GLU F 303 -15.74 -73.53 10.47
CA GLU F 303 -15.04 -73.33 9.20
C GLU F 303 -16.03 -73.01 8.08
N PRO F 304 -15.60 -72.26 7.08
CA PRO F 304 -16.46 -72.00 5.90
C PRO F 304 -16.41 -73.17 4.92
N ALA F 305 -17.00 -74.28 5.33
CA ALA F 305 -16.90 -75.52 4.57
C ALA F 305 -17.61 -75.38 3.23
N LEU F 306 -16.92 -75.74 2.16
CA LEU F 306 -17.46 -75.70 0.81
C LEU F 306 -17.28 -77.04 0.14
N TYR F 307 -18.27 -77.43 -0.65
CA TYR F 307 -18.24 -78.69 -1.38
C TYR F 307 -18.56 -78.42 -2.84
N THR F 308 -17.76 -78.99 -3.73
CA THR F 308 -17.99 -78.84 -5.17
C THR F 308 -19.24 -79.64 -5.56
N ALA F 309 -20.24 -78.93 -6.08
CA ALA F 309 -21.47 -79.53 -6.57
C ALA F 309 -21.48 -79.46 -8.09
N GLU F 310 -21.68 -80.60 -8.74
CA GLU F 310 -21.63 -80.71 -10.18
C GLU F 310 -22.83 -81.49 -10.68
N VAL F 311 -23.37 -81.07 -11.83
CA VAL F 311 -24.47 -81.78 -12.49
C VAL F 311 -24.18 -81.82 -13.98
N SER F 312 -24.37 -82.99 -14.59
CA SER F 312 -24.10 -83.18 -16.01
C SER F 312 -25.28 -83.88 -16.66
N LEU F 313 -25.49 -83.58 -17.94
CA LEU F 313 -26.47 -84.25 -18.77
C LEU F 313 -25.73 -85.17 -19.73
N VAL F 314 -25.96 -86.47 -19.62
CA VAL F 314 -25.17 -87.48 -20.31
C VAL F 314 -26.10 -88.35 -21.14
N ASP F 315 -25.74 -88.55 -22.41
CA ASP F 315 -26.44 -89.48 -23.27
C ASP F 315 -26.33 -90.89 -22.70
N VAL F 316 -27.47 -91.57 -22.54
CA VAL F 316 -27.47 -92.88 -21.90
C VAL F 316 -26.96 -93.99 -22.80
N THR F 317 -26.80 -93.72 -24.10
CA THR F 317 -26.30 -94.72 -25.04
C THR F 317 -24.81 -94.57 -25.30
N SER F 318 -24.36 -93.37 -25.69
CA SER F 318 -22.97 -93.15 -26.07
C SER F 318 -22.13 -92.56 -24.95
N GLY F 319 -22.75 -92.05 -23.88
CA GLY F 319 -22.01 -91.44 -22.80
C GLY F 319 -21.53 -90.03 -23.07
N LYS F 320 -21.96 -89.43 -24.18
CA LYS F 320 -21.55 -88.06 -24.49
C LYS F 320 -22.12 -87.09 -23.47
N ILE F 321 -21.28 -86.15 -23.02
CA ILE F 321 -21.69 -85.15 -22.05
C ILE F 321 -22.18 -83.92 -22.81
N TYR F 322 -23.47 -83.62 -22.68
CA TYR F 322 -24.04 -82.48 -23.38
C TYR F 322 -23.78 -81.17 -22.65
N ASP F 323 -23.79 -81.18 -21.32
CA ASP F 323 -23.55 -79.97 -20.56
C ASP F 323 -23.13 -80.33 -19.14
N THR F 324 -22.43 -79.40 -18.50
CA THR F 324 -21.97 -79.57 -17.13
C THR F 324 -21.99 -78.22 -16.43
N LYS F 325 -22.58 -78.19 -15.24
CA LYS F 325 -22.62 -77.01 -14.40
C LYS F 325 -21.92 -77.32 -13.08
N THR F 326 -20.94 -76.50 -12.72
CA THR F 326 -20.12 -76.74 -11.53
C THR F 326 -20.03 -75.48 -10.70
N SER F 327 -20.23 -75.63 -9.39
CA SER F 327 -20.05 -74.54 -8.45
C SER F 327 -19.70 -75.13 -7.09
N LYS F 328 -19.42 -74.25 -6.14
CA LYS F 328 -19.10 -74.63 -4.76
C LYS F 328 -20.21 -74.14 -3.86
N ILE F 329 -20.91 -75.06 -3.20
CA ILE F 329 -22.03 -74.73 -2.35
C ILE F 329 -21.64 -74.96 -0.90
N GLY F 330 -22.43 -74.38 -0.01
CA GLY F 330 -22.23 -74.57 1.42
C GLY F 330 -23.53 -74.98 2.09
N PHE F 331 -23.42 -75.98 2.97
CA PHE F 331 -24.58 -76.52 3.66
C PHE F 331 -24.84 -75.66 4.89
N ARG F 332 -25.78 -74.73 4.77
CA ARG F 332 -26.10 -73.81 5.86
C ARG F 332 -27.54 -73.34 5.70
N THR F 333 -28.15 -73.00 6.83
CA THR F 333 -29.49 -72.43 6.85
C THR F 333 -29.43 -71.05 7.50
N VAL F 334 -30.26 -70.14 7.01
CA VAL F 334 -30.33 -68.78 7.52
C VAL F 334 -31.78 -68.46 7.85
N LYS F 335 -31.99 -67.83 9.01
CA LYS F 335 -33.30 -67.40 9.45
C LYS F 335 -33.17 -66.07 10.16
N LEU F 336 -34.04 -65.12 9.84
CA LEU F 336 -34.03 -63.81 10.47
C LEU F 336 -35.11 -63.79 11.55
N GLU F 337 -34.68 -63.81 12.81
CA GLU F 337 -35.59 -63.80 13.95
C GLU F 337 -35.84 -62.36 14.37
N LEU F 338 -37.09 -61.93 14.31
CA LEU F 338 -37.46 -60.56 14.66
C LEU F 338 -38.45 -60.52 15.81
N PRO F 347 -37.37 -51.31 14.02
CA PRO F 347 -36.15 -50.82 13.37
C PRO F 347 -34.89 -51.51 13.89
N GLY F 348 -34.36 -52.45 13.12
CA GLY F 348 -33.17 -53.17 13.53
C GLY F 348 -33.36 -54.18 14.64
N GLN F 349 -34.60 -54.49 15.00
CA GLN F 349 -34.88 -55.41 16.10
C GLN F 349 -34.96 -56.85 15.59
N PHE F 350 -33.83 -57.34 15.08
CA PHE F 350 -33.74 -58.68 14.53
C PHE F 350 -32.38 -59.28 14.87
N GLN F 351 -32.21 -60.55 14.52
CA GLN F 351 -30.94 -61.25 14.71
C GLN F 351 -30.88 -62.41 13.74
N PHE F 352 -29.73 -62.57 13.09
CA PHE F 352 -29.52 -63.69 12.20
C PHE F 352 -29.35 -64.99 12.99
N ILE F 353 -29.84 -66.08 12.43
CA ILE F 353 -29.72 -67.41 13.01
C ILE F 353 -29.14 -68.31 11.92
N ILE F 354 -27.88 -68.70 12.08
CA ILE F 354 -27.20 -69.55 11.11
C ILE F 354 -27.07 -70.94 11.71
N ASN F 355 -27.61 -71.93 11.01
CA ASN F 355 -27.59 -73.33 11.45
C ASN F 355 -28.22 -73.51 12.83
N GLY F 356 -29.22 -72.68 13.14
CA GLY F 356 -29.89 -72.77 14.42
C GLY F 356 -29.15 -72.14 15.57
N GLU F 357 -28.15 -71.30 15.31
CA GLU F 357 -27.36 -70.69 16.34
C GLU F 357 -27.44 -69.16 16.23
N PRO F 358 -27.69 -68.45 17.33
CA PRO F 358 -27.71 -66.98 17.27
C PRO F 358 -26.31 -66.43 17.05
N VAL F 359 -26.13 -65.72 15.94
CA VAL F 359 -24.83 -65.22 15.51
C VAL F 359 -24.80 -63.71 15.70
N PHE F 360 -23.71 -63.22 16.31
CA PHE F 360 -23.46 -61.79 16.41
C PHE F 360 -22.75 -61.32 15.15
N ALA F 361 -23.29 -60.30 14.50
CA ALA F 361 -22.76 -59.80 13.24
C ALA F 361 -21.83 -58.62 13.48
N LYS F 362 -20.71 -58.61 12.75
CA LYS F 362 -19.72 -57.54 12.85
C LYS F 362 -19.08 -57.41 11.48
N GLY F 363 -19.31 -56.28 10.82
CA GLY F 363 -18.76 -56.13 9.48
C GLY F 363 -18.95 -54.74 8.94
N THR F 364 -18.61 -54.58 7.68
CA THR F 364 -18.56 -53.29 7.01
C THR F 364 -19.60 -53.21 5.90
N ASN F 365 -19.99 -51.99 5.58
CA ASN F 365 -20.80 -51.73 4.40
C ASN F 365 -19.91 -51.65 3.17
N TRP F 366 -20.31 -52.32 2.11
CA TRP F 366 -19.53 -52.41 0.88
C TRP F 366 -19.97 -51.31 -0.08
N VAL F 367 -19.05 -50.45 -0.48
CA VAL F 367 -19.34 -49.33 -1.36
C VAL F 367 -18.71 -49.61 -2.72
N PRO F 368 -18.95 -48.81 -3.76
CA PRO F 368 -18.29 -49.05 -5.05
C PRO F 368 -16.79 -49.21 -4.90
N LEU F 369 -16.23 -50.17 -5.64
CA LEU F 369 -14.79 -50.39 -5.63
C LEU F 369 -14.06 -49.39 -6.52
N ASP F 370 -14.77 -48.73 -7.43
CA ASP F 370 -14.16 -47.80 -8.36
C ASP F 370 -15.27 -47.02 -9.05
N ALA F 371 -15.07 -45.71 -9.23
CA ALA F 371 -16.02 -44.93 -10.01
C ALA F 371 -16.09 -45.42 -11.45
N LEU F 372 -14.98 -45.92 -11.99
CA LEU F 372 -14.96 -46.62 -13.26
C LEU F 372 -15.07 -48.11 -12.95
N HIS F 373 -16.29 -48.64 -13.00
CA HIS F 373 -16.60 -49.96 -12.45
C HIS F 373 -15.99 -51.11 -13.25
N SER F 374 -15.42 -50.85 -14.42
CA SER F 374 -14.74 -51.93 -15.13
C SER F 374 -13.46 -52.36 -14.44
N ARG F 375 -12.99 -51.60 -13.46
CA ARG F 375 -11.83 -51.97 -12.66
C ARG F 375 -12.22 -52.62 -11.34
N ASP F 376 -13.51 -52.87 -11.10
CA ASP F 376 -13.94 -53.50 -9.86
C ASP F 376 -13.34 -54.89 -9.70
N ALA F 377 -13.33 -55.68 -10.78
CA ALA F 377 -12.78 -57.02 -10.71
C ALA F 377 -11.30 -57.01 -10.34
N SER F 378 -10.58 -55.96 -10.74
CA SER F 378 -9.17 -55.85 -10.40
C SER F 378 -8.93 -55.64 -8.91
N HIS F 379 -9.93 -55.12 -8.19
CA HIS F 379 -9.76 -54.77 -6.79
C HIS F 379 -10.43 -55.75 -5.82
N VAL F 380 -11.22 -56.70 -6.32
CA VAL F 380 -12.04 -57.51 -5.43
C VAL F 380 -11.17 -58.45 -4.58
N GLU F 381 -10.05 -58.91 -5.13
CA GLU F 381 -9.16 -59.79 -4.37
C GLU F 381 -8.62 -59.08 -3.13
N GLU F 382 -7.98 -57.93 -3.34
CA GLU F 382 -7.37 -57.21 -2.22
C GLU F 382 -8.45 -56.63 -1.29
N ALA F 383 -9.57 -56.17 -1.85
CA ALA F 383 -10.61 -55.56 -1.03
C ALA F 383 -11.24 -56.57 -0.08
N VAL F 384 -11.51 -57.79 -0.57
CA VAL F 384 -12.05 -58.82 0.31
C VAL F 384 -11.03 -59.20 1.37
N GLN F 385 -9.74 -59.21 1.01
CA GLN F 385 -8.70 -59.56 1.98
C GLN F 385 -8.63 -58.55 3.12
N LEU F 386 -9.07 -57.32 2.87
CA LEU F 386 -9.20 -56.35 3.96
C LEU F 386 -10.20 -56.82 5.01
N MET F 387 -11.35 -57.34 4.54
CA MET F 387 -12.34 -57.89 5.47
C MET F 387 -11.86 -59.14 6.16
N VAL F 388 -10.92 -59.88 5.56
CA VAL F 388 -10.38 -61.06 6.19
C VAL F 388 -9.50 -60.69 7.38
N GLU F 389 -8.57 -59.75 7.17
CA GLU F 389 -7.72 -59.29 8.26
C GLU F 389 -8.52 -58.56 9.33
N MET F 390 -9.59 -57.87 8.93
CA MET F 390 -10.48 -57.24 9.89
C MET F 390 -11.26 -58.26 10.71
N ASN F 391 -11.36 -59.51 10.22
CA ASN F 391 -12.19 -60.55 10.82
C ASN F 391 -13.66 -60.17 10.79
N CYS F 392 -14.10 -59.60 9.68
CA CYS F 392 -15.53 -59.40 9.44
C CYS F 392 -16.19 -60.75 9.20
N ASN F 393 -17.39 -60.92 9.75
CA ASN F 393 -18.21 -62.08 9.43
C ASN F 393 -19.45 -61.73 8.64
N ILE F 394 -19.67 -60.45 8.34
CA ILE F 394 -20.80 -60.01 7.53
C ILE F 394 -20.37 -58.77 6.76
N VAL F 395 -21.03 -58.55 5.63
CA VAL F 395 -20.80 -57.36 4.81
C VAL F 395 -22.10 -57.01 4.09
N ARG F 396 -22.50 -55.74 4.16
CA ARG F 396 -23.73 -55.26 3.55
C ARG F 396 -23.37 -54.48 2.29
N CYS F 397 -23.71 -55.02 1.13
CA CYS F 397 -23.46 -54.32 -0.13
C CYS F 397 -24.49 -53.22 -0.30
N TRP F 398 -24.01 -51.99 -0.47
CA TRP F 398 -24.85 -50.81 -0.42
C TRP F 398 -25.65 -50.63 -1.70
N GLY F 399 -26.94 -50.28 -1.55
CA GLY F 399 -27.82 -50.11 -2.68
C GLY F 399 -27.38 -49.06 -3.67
N GLY F 400 -26.47 -48.17 -3.27
CA GLY F 400 -25.92 -47.20 -4.19
C GLY F 400 -24.89 -47.75 -5.17
N ASN F 401 -24.45 -48.98 -4.96
CA ASN F 401 -23.44 -49.62 -5.80
C ASN F 401 -24.11 -50.56 -6.80
N VAL F 402 -23.32 -51.00 -7.78
CA VAL F 402 -23.72 -52.07 -8.69
C VAL F 402 -23.79 -53.37 -7.91
N TYR F 403 -24.30 -54.42 -8.54
CA TYR F 403 -24.20 -55.76 -7.97
C TYR F 403 -22.83 -56.34 -8.28
N GLU F 404 -22.13 -56.81 -7.26
CA GLU F 404 -20.85 -57.45 -7.49
C GLU F 404 -21.03 -58.76 -8.26
N ASP F 405 -19.98 -59.15 -8.98
CA ASP F 405 -20.05 -60.32 -9.84
C ASP F 405 -19.88 -61.60 -9.02
N THR F 406 -19.89 -62.73 -9.74
CA THR F 406 -19.85 -64.04 -9.08
C THR F 406 -18.61 -64.22 -8.23
N HIS F 407 -17.44 -63.78 -8.72
CA HIS F 407 -16.20 -64.04 -7.99
C HIS F 407 -16.19 -63.37 -6.63
N PHE F 408 -16.86 -62.22 -6.48
CA PHE F 408 -16.94 -61.58 -5.17
C PHE F 408 -17.66 -62.48 -4.17
N PHE F 409 -18.73 -63.14 -4.59
CA PHE F 409 -19.44 -64.04 -3.70
C PHE F 409 -18.70 -65.35 -3.50
N GLU F 410 -17.91 -65.78 -4.48
CA GLU F 410 -17.10 -66.98 -4.30
C GLU F 410 -16.03 -66.77 -3.23
N LEU F 411 -15.49 -65.54 -3.14
CA LEU F 411 -14.52 -65.26 -2.09
C LEU F 411 -15.19 -65.18 -0.72
N CYS F 412 -16.40 -64.61 -0.65
CA CYS F 412 -17.13 -64.59 0.61
C CYS F 412 -17.56 -65.99 1.03
N ASP F 413 -17.83 -66.87 0.06
CA ASP F 413 -18.05 -68.29 0.38
C ASP F 413 -16.78 -68.91 0.96
N LYS F 414 -15.63 -68.55 0.40
CA LYS F 414 -14.37 -69.16 0.80
C LYS F 414 -13.94 -68.71 2.19
N TYR F 415 -14.10 -67.43 2.49
CA TYR F 415 -13.62 -66.86 3.74
C TYR F 415 -14.74 -66.68 4.77
N GLY F 416 -15.90 -67.27 4.54
CA GLY F 416 -16.96 -67.29 5.55
C GLY F 416 -17.50 -65.93 5.93
N ILE F 417 -17.68 -65.04 4.96
CA ILE F 417 -18.23 -63.71 5.20
C ILE F 417 -19.65 -63.67 4.65
N MET F 418 -20.63 -63.51 5.53
CA MET F 418 -22.01 -63.40 5.12
C MET F 418 -22.23 -62.10 4.37
N VAL F 419 -23.17 -62.13 3.41
CA VAL F 419 -23.45 -60.98 2.55
C VAL F 419 -24.89 -60.57 2.73
N TRP F 420 -25.10 -59.36 3.26
CA TRP F 420 -26.38 -58.67 3.18
C TRP F 420 -26.40 -57.92 1.84
N GLN F 421 -27.37 -58.25 0.99
CA GLN F 421 -27.45 -57.69 -0.34
C GLN F 421 -28.66 -56.76 -0.46
N ASP F 422 -28.39 -55.48 -0.71
CA ASP F 422 -29.44 -54.53 -1.06
C ASP F 422 -29.67 -54.56 -2.56
N PHE F 423 -30.93 -54.50 -2.95
CA PHE F 423 -31.23 -54.20 -4.35
C PHE F 423 -30.77 -52.79 -4.66
N ALA F 424 -30.46 -52.53 -5.93
CA ALA F 424 -29.84 -51.26 -6.33
C ALA F 424 -30.85 -50.11 -6.29
N MET F 425 -31.20 -49.67 -5.09
CA MET F 425 -32.11 -48.56 -4.87
C MET F 425 -31.36 -47.43 -4.17
N GLY F 426 -31.68 -46.19 -4.53
CA GLY F 426 -31.06 -45.04 -3.94
C GLY F 426 -31.72 -44.62 -2.64
N CYS F 427 -31.21 -43.51 -2.09
CA CYS F 427 -31.72 -42.96 -0.83
C CYS F 427 -32.90 -42.03 -1.14
N GLY F 428 -34.02 -42.67 -1.48
CA GLY F 428 -35.22 -41.91 -1.80
C GLY F 428 -36.34 -42.82 -2.28
N ASN F 429 -37.46 -42.20 -2.61
CA ASN F 429 -38.64 -42.90 -3.07
C ASN F 429 -38.62 -43.02 -4.59
N TYR F 430 -39.23 -44.09 -5.10
CA TYR F 430 -39.19 -44.41 -6.52
C TYR F 430 -40.61 -44.53 -7.08
N SER F 431 -40.68 -44.77 -8.38
CA SER F 431 -41.96 -44.74 -9.09
C SER F 431 -42.87 -45.89 -8.66
N GLN F 432 -44.17 -45.62 -8.68
CA GLN F 432 -45.19 -46.60 -8.31
C GLN F 432 -45.92 -47.16 -9.53
N ARG F 433 -45.48 -46.80 -10.74
CA ARG F 433 -46.20 -47.12 -11.95
C ARG F 433 -45.65 -48.38 -12.61
N ASP F 434 -46.36 -48.84 -13.65
CA ASP F 434 -46.11 -50.17 -14.20
C ASP F 434 -44.75 -50.27 -14.90
N ASN F 435 -44.33 -49.22 -15.59
CA ASN F 435 -43.11 -49.31 -16.40
C ASN F 435 -41.88 -49.51 -15.54
N PHE F 436 -41.76 -48.76 -14.45
CA PHE F 436 -40.63 -48.97 -13.54
C PHE F 436 -40.71 -50.33 -12.86
N ALA F 437 -41.92 -50.75 -12.48
CA ALA F 437 -42.08 -52.02 -11.79
C ALA F 437 -41.67 -53.19 -12.68
N ALA F 438 -41.94 -53.09 -13.98
CA ALA F 438 -41.55 -54.17 -14.89
C ALA F 438 -40.05 -54.20 -15.10
N ALA F 439 -39.42 -53.04 -15.23
CA ALA F 439 -37.96 -53.00 -15.38
C ALA F 439 -37.28 -53.51 -14.10
N LEU F 440 -37.84 -53.17 -12.94
CA LEU F 440 -37.23 -53.62 -11.69
C LEU F 440 -37.46 -55.10 -11.45
N GLU F 441 -38.62 -55.61 -11.85
CA GLU F 441 -38.88 -57.04 -11.71
C GLU F 441 -37.90 -57.86 -12.54
N LYS F 442 -37.65 -57.42 -13.78
CA LYS F 442 -36.70 -58.13 -14.65
C LYS F 442 -35.32 -58.16 -14.02
N GLU F 443 -34.86 -57.00 -13.51
CA GLU F 443 -33.56 -56.94 -12.85
C GLU F 443 -33.52 -57.84 -11.62
N ALA F 444 -34.58 -57.80 -10.80
CA ALA F 444 -34.59 -58.58 -9.57
C ALA F 444 -34.52 -60.08 -9.84
N ILE F 445 -35.29 -60.55 -10.83
CA ILE F 445 -35.26 -61.97 -11.16
C ILE F 445 -33.88 -62.38 -11.67
N SER F 446 -33.26 -61.54 -12.49
CA SER F 446 -31.94 -61.84 -13.02
C SER F 446 -30.90 -61.92 -11.92
N VAL F 447 -30.90 -60.94 -11.01
CA VAL F 447 -29.91 -60.90 -9.94
C VAL F 447 -30.11 -62.05 -8.98
N VAL F 448 -31.37 -62.34 -8.61
CA VAL F 448 -31.64 -63.36 -7.61
C VAL F 448 -31.29 -64.75 -8.14
N VAL F 449 -31.65 -65.03 -9.40
CA VAL F 449 -31.30 -66.33 -9.98
C VAL F 449 -29.78 -66.47 -10.08
N LYS F 450 -29.08 -65.37 -10.35
CA LYS F 450 -27.63 -65.44 -10.54
C LYS F 450 -26.90 -65.72 -9.22
N LEU F 451 -27.45 -65.28 -8.09
CA LEU F 451 -26.72 -65.29 -6.83
C LEU F 451 -27.33 -66.19 -5.75
N ARG F 452 -28.45 -66.85 -6.01
CA ARG F 452 -29.14 -67.56 -4.95
C ARG F 452 -28.42 -68.84 -4.50
N ASN F 453 -27.34 -69.23 -5.16
CA ASN F 453 -26.65 -70.47 -4.82
C ASN F 453 -25.42 -70.25 -3.94
N HIS F 454 -25.03 -69.02 -3.67
CA HIS F 454 -23.87 -68.78 -2.83
C HIS F 454 -24.27 -68.88 -1.36
N PRO F 455 -23.57 -69.69 -0.56
CA PRO F 455 -23.93 -69.79 0.86
C PRO F 455 -23.61 -68.54 1.66
N SER F 456 -22.73 -67.66 1.15
CA SER F 456 -22.42 -66.45 1.90
C SER F 456 -23.61 -65.49 1.92
N LEU F 457 -24.36 -65.44 0.83
CA LEU F 457 -25.53 -64.57 0.77
C LEU F 457 -26.59 -65.04 1.77
N ILE F 458 -27.09 -64.12 2.58
CA ILE F 458 -28.04 -64.48 3.64
C ILE F 458 -29.29 -63.62 3.66
N LEU F 459 -29.32 -62.46 3.01
CA LEU F 459 -30.43 -61.53 3.24
C LEU F 459 -30.59 -60.61 2.03
N TRP F 460 -31.83 -60.44 1.59
CA TRP F 460 -32.20 -59.44 0.59
C TRP F 460 -32.90 -58.28 1.28
N SER F 461 -32.66 -57.07 0.78
CA SER F 461 -33.28 -55.88 1.36
C SER F 461 -33.72 -54.92 0.27
N GLY F 462 -34.86 -54.27 0.51
CA GLY F 462 -35.40 -53.29 -0.42
C GLY F 462 -34.81 -51.90 -0.31
N ASN F 463 -34.05 -51.63 0.75
CA ASN F 463 -33.34 -50.36 0.93
C ASN F 463 -34.30 -49.17 0.83
N ASN F 464 -35.36 -49.21 1.64
CA ASN F 464 -36.32 -48.12 1.68
C ASN F 464 -36.41 -47.54 3.09
N ASN F 484 -48.28 -48.18 1.07
CA ASN F 484 -46.84 -48.12 1.15
C ASN F 484 -46.21 -48.15 -0.25
N ASP F 485 -44.92 -48.47 -0.31
CA ASP F 485 -44.19 -48.48 -1.58
C ASP F 485 -44.47 -49.77 -2.34
N ARG F 486 -44.93 -49.63 -3.58
CA ARG F 486 -45.11 -50.80 -4.44
C ARG F 486 -43.78 -51.48 -4.73
N VAL F 487 -42.69 -50.72 -4.72
CA VAL F 487 -41.37 -51.28 -5.02
C VAL F 487 -40.94 -52.27 -3.94
N SER F 488 -40.79 -51.79 -2.71
CA SER F 488 -40.18 -52.59 -1.65
C SER F 488 -41.17 -53.52 -0.95
N ARG F 489 -42.48 -53.41 -1.23
CA ARG F 489 -43.46 -54.25 -0.58
C ARG F 489 -44.25 -55.13 -1.54
N GLN F 490 -44.04 -55.01 -2.85
CA GLN F 490 -44.81 -55.82 -3.80
C GLN F 490 -43.91 -56.43 -4.86
N VAL F 491 -43.19 -55.60 -5.60
CA VAL F 491 -42.36 -56.11 -6.71
C VAL F 491 -41.21 -56.95 -6.17
N LEU F 492 -40.39 -56.37 -5.30
CA LEU F 492 -39.22 -57.08 -4.79
C LEU F 492 -39.62 -58.28 -3.96
N SER F 493 -40.68 -58.14 -3.15
CA SER F 493 -41.12 -59.25 -2.31
C SER F 493 -41.68 -60.40 -3.15
N ARG F 494 -42.32 -60.10 -4.28
CA ARG F 494 -42.84 -61.17 -5.13
C ARG F 494 -41.71 -61.97 -5.76
N VAL F 495 -40.65 -61.30 -6.21
CA VAL F 495 -39.51 -62.00 -6.81
C VAL F 495 -38.87 -62.94 -5.81
N ILE F 496 -38.68 -62.47 -4.57
CA ILE F 496 -38.08 -63.31 -3.54
C ILE F 496 -39.01 -64.49 -3.23
N TYR F 497 -40.32 -64.24 -3.21
CA TYR F 497 -41.27 -65.29 -2.85
C TYR F 497 -41.29 -66.42 -3.87
N GLU F 498 -41.03 -66.11 -5.14
CA GLU F 498 -41.09 -67.10 -6.20
C GLU F 498 -39.74 -67.70 -6.56
N PHE F 499 -38.65 -66.95 -6.41
CA PHE F 499 -37.34 -67.40 -6.88
C PHE F 499 -36.29 -67.55 -5.78
N ASP F 500 -36.64 -67.32 -4.52
CA ASP F 500 -35.70 -67.57 -3.43
C ASP F 500 -36.43 -67.70 -2.11
N PRO F 501 -37.17 -68.79 -1.87
CA PRO F 501 -37.90 -68.94 -0.60
C PRO F 501 -37.02 -69.29 0.58
N THR F 502 -35.70 -69.36 0.40
CA THR F 502 -34.81 -69.80 1.47
C THR F 502 -34.17 -68.67 2.24
N ARG F 503 -34.23 -67.44 1.72
CA ARG F 503 -33.61 -66.31 2.40
C ARG F 503 -34.67 -65.31 2.84
N PRO F 504 -34.49 -64.69 4.00
CA PRO F 504 -35.40 -63.61 4.42
C PRO F 504 -35.22 -62.37 3.56
N TYR F 505 -36.29 -61.60 3.47
CA TYR F 505 -36.28 -60.32 2.74
C TYR F 505 -36.77 -59.24 3.67
N LEU F 506 -36.05 -58.11 3.70
CA LEU F 506 -36.42 -56.98 4.54
C LEU F 506 -36.89 -55.83 3.66
N PRO F 507 -38.17 -55.42 3.76
CA PRO F 507 -38.61 -54.27 2.97
C PRO F 507 -37.97 -52.96 3.39
N SER F 508 -37.39 -52.88 4.58
CA SER F 508 -36.77 -51.64 5.06
C SER F 508 -35.44 -51.40 4.34
N ARG F 535 -21.01 -37.51 14.13
CA ARG F 535 -21.44 -36.14 14.41
C ARG F 535 -20.58 -35.53 15.51
N GLY F 536 -21.11 -35.49 16.73
CA GLY F 536 -20.39 -34.89 17.84
C GLY F 536 -19.54 -35.88 18.61
N TYR F 537 -19.49 -35.75 19.92
CA TYR F 537 -18.78 -36.70 20.76
C TYR F 537 -19.40 -38.08 20.60
N TYR F 538 -18.55 -39.10 20.45
CA TYR F 538 -19.06 -40.44 20.14
C TYR F 538 -19.78 -41.09 21.31
N LYS F 539 -19.79 -40.45 22.49
CA LYS F 539 -20.57 -40.92 23.62
C LYS F 539 -21.82 -40.07 23.85
N ASP F 540 -22.23 -39.31 22.83
CA ASP F 540 -23.45 -38.53 22.89
C ASP F 540 -24.66 -39.47 23.04
N PRO F 541 -25.74 -39.01 23.69
CA PRO F 541 -26.94 -39.86 23.83
C PRO F 541 -27.51 -40.36 22.53
N PHE F 542 -27.20 -39.70 21.41
CA PHE F 542 -27.70 -40.18 20.11
C PHE F 542 -27.11 -41.55 19.76
N TYR F 543 -25.94 -41.87 20.29
CA TYR F 543 -25.28 -43.15 20.01
C TYR F 543 -25.35 -44.12 21.18
N THR F 544 -25.11 -43.64 22.41
CA THR F 544 -25.04 -44.53 23.55
C THR F 544 -26.42 -45.00 24.03
N GLU F 545 -27.48 -44.31 23.67
CA GLU F 545 -28.83 -44.67 24.09
C GLU F 545 -29.70 -45.14 22.94
N ASN F 546 -29.12 -45.38 21.77
CA ASN F 546 -29.87 -45.90 20.63
C ASN F 546 -30.34 -47.32 20.95
N PRO F 547 -31.65 -47.58 20.95
CA PRO F 547 -32.15 -48.91 21.33
C PRO F 547 -32.13 -49.94 20.22
N SER F 548 -31.45 -49.69 19.11
CA SER F 548 -31.44 -50.63 18.00
C SER F 548 -30.51 -51.80 18.32
N GLN F 549 -31.06 -53.02 18.28
CA GLN F 549 -30.25 -54.20 18.53
C GLN F 549 -29.22 -54.40 17.43
N PHE F 550 -29.67 -54.44 16.17
CA PHE F 550 -28.80 -54.51 15.01
C PHE F 550 -28.72 -53.11 14.40
N VAL F 551 -27.52 -52.54 14.38
CA VAL F 551 -27.34 -51.16 13.96
C VAL F 551 -26.42 -51.10 12.76
N SER F 552 -26.67 -50.10 11.91
CA SER F 552 -25.74 -49.69 10.86
C SER F 552 -25.06 -48.42 11.38
N GLN F 553 -23.93 -48.59 12.06
CA GLN F 553 -23.30 -47.49 12.76
C GLN F 553 -22.82 -46.43 11.77
N ILE F 554 -23.14 -45.16 12.08
CA ILE F 554 -22.66 -44.06 11.27
C ILE F 554 -21.14 -43.97 11.39
N GLY F 555 -20.51 -43.39 10.38
CA GLY F 555 -19.07 -43.32 10.31
C GLY F 555 -18.53 -41.94 10.69
N TYR F 556 -17.34 -41.95 11.27
CA TYR F 556 -16.63 -40.73 11.64
C TYR F 556 -15.54 -40.44 10.62
N HIS F 557 -15.35 -39.16 10.32
CA HIS F 557 -14.38 -38.76 9.31
C HIS F 557 -12.95 -39.06 9.77
N GLY F 558 -12.07 -39.17 8.78
CA GLY F 558 -10.66 -39.41 9.04
C GLY F 558 -9.81 -38.97 7.86
N CYS F 559 -8.95 -38.00 8.08
CA CYS F 559 -8.09 -37.51 7.00
C CYS F 559 -7.18 -38.63 6.52
N PRO F 560 -7.11 -38.89 5.21
CA PRO F 560 -6.26 -39.98 4.71
C PRO F 560 -4.79 -39.71 5.00
N ASN F 561 -3.98 -40.74 4.77
CA ASN F 561 -2.56 -40.68 5.08
C ASN F 561 -1.86 -39.62 4.24
N ARG F 562 -0.61 -39.33 4.61
CA ARG F 562 0.17 -38.31 3.92
C ARG F 562 0.42 -38.69 2.46
N GLU F 563 0.75 -39.97 2.22
CA GLU F 563 1.12 -40.40 0.88
C GLU F 563 -0.04 -40.24 -0.10
N THR F 564 -1.27 -40.53 0.34
CA THR F 564 -2.42 -40.36 -0.53
C THR F 564 -2.73 -38.88 -0.74
N LEU F 565 -2.59 -38.07 0.30
CA LEU F 565 -2.81 -36.63 0.16
C LEU F 565 -1.88 -36.02 -0.88
N GLU F 566 -0.61 -36.44 -0.88
CA GLU F 566 0.36 -35.93 -1.86
C GLU F 566 0.14 -36.49 -3.25
N ARG F 567 -0.69 -37.52 -3.40
CA ARG F 567 -0.93 -38.14 -4.70
C ARG F 567 -2.19 -37.62 -5.39
N MET F 568 -3.26 -37.39 -4.65
CA MET F 568 -4.51 -36.93 -5.25
C MET F 568 -4.66 -35.41 -5.23
N PHE F 569 -3.75 -34.69 -4.60
CA PHE F 569 -3.77 -33.23 -4.58
C PHE F 569 -2.59 -32.68 -5.36
N SER F 570 -2.81 -31.53 -5.99
CA SER F 570 -1.71 -30.80 -6.60
C SER F 570 -0.71 -30.40 -5.52
N PRO F 571 0.56 -30.21 -5.87
CA PRO F 571 1.56 -29.84 -4.84
C PRO F 571 1.21 -28.57 -4.10
N ASP F 572 0.61 -27.59 -4.78
CA ASP F 572 0.20 -26.34 -4.13
C ASP F 572 -1.06 -26.51 -3.28
N SER F 573 -1.73 -27.66 -3.36
CA SER F 573 -2.98 -27.87 -2.64
C SER F 573 -2.91 -29.02 -1.65
N VAL F 574 -1.71 -29.56 -1.38
CA VAL F 574 -1.59 -30.64 -0.41
C VAL F 574 -1.96 -30.17 0.98
N ASN F 575 -1.58 -28.95 1.33
CA ASN F 575 -1.93 -28.40 2.64
C ASN F 575 -3.40 -28.00 2.64
N PRO F 576 -4.19 -28.45 3.64
CA PRO F 576 -5.63 -28.21 3.58
C PRO F 576 -6.03 -26.76 3.79
N TRP F 577 -5.25 -25.98 4.55
CA TRP F 577 -5.63 -24.62 4.89
C TRP F 577 -5.28 -23.69 3.74
N GLN F 578 -6.30 -23.02 3.20
CA GLN F 578 -6.09 -22.04 2.14
C GLN F 578 -5.54 -20.76 2.73
N ASN F 579 -4.36 -20.34 2.26
CA ASN F 579 -3.67 -19.15 2.75
C ASN F 579 -3.39 -19.23 4.25
N GLY F 580 -3.17 -20.45 4.76
CA GLY F 580 -2.81 -20.65 6.14
C GLY F 580 -3.94 -20.55 7.14
N VAL F 581 -5.13 -20.15 6.72
CA VAL F 581 -6.26 -19.99 7.64
C VAL F 581 -6.73 -21.38 8.04
N VAL F 582 -6.49 -21.75 9.30
CA VAL F 582 -6.89 -23.07 9.78
C VAL F 582 -8.40 -23.15 9.85
N GLY F 583 -8.96 -24.24 9.31
CA GLY F 583 -10.39 -24.46 9.27
C GLY F 583 -11.01 -24.16 7.92
N MET F 584 -10.39 -23.30 7.13
CA MET F 584 -10.88 -22.97 5.80
C MET F 584 -10.18 -23.86 4.77
N TRP F 585 -10.97 -24.64 4.03
CA TRP F 585 -10.43 -25.60 3.08
C TRP F 585 -10.19 -24.95 1.72
N ASN F 586 -9.13 -25.36 1.06
CA ASN F 586 -8.89 -24.90 -0.30
C ASN F 586 -9.85 -25.60 -1.27
N ASP F 587 -9.86 -25.12 -2.50
CA ASP F 587 -10.84 -25.57 -3.47
C ASP F 587 -10.62 -27.03 -3.87
N GLU F 588 -9.36 -27.49 -3.86
CA GLU F 588 -9.10 -28.89 -4.20
C GLU F 588 -9.54 -29.83 -3.08
N TRP F 589 -9.36 -29.41 -1.83
CA TRP F 589 -9.81 -30.24 -0.68
C TRP F 589 -11.33 -30.32 -0.65
N GLN F 590 -12.00 -29.28 -1.15
CA GLN F 590 -13.49 -29.28 -1.20
C GLN F 590 -13.96 -30.23 -2.30
N THR F 591 -13.21 -30.31 -3.40
CA THR F 591 -13.55 -31.24 -4.50
C THR F 591 -13.45 -32.67 -4.00
N LYS F 592 -12.50 -32.98 -3.12
CA LYS F 592 -12.29 -34.38 -2.68
C LYS F 592 -13.15 -34.68 -1.44
N ALA F 593 -14.15 -33.85 -1.17
CA ALA F 593 -15.01 -34.03 0.02
C ALA F 593 -15.89 -35.28 -0.04
N ASN F 594 -16.75 -35.47 -1.06
CA ASN F 594 -16.60 -35.04 -2.47
C ASN F 594 -17.66 -33.97 -2.77
N ARG F 595 -17.39 -33.11 -3.75
CA ARG F 595 -18.39 -32.11 -4.20
C ARG F 595 -18.89 -32.60 -5.55
N ILE F 596 -20.18 -32.90 -5.65
CA ILE F 596 -20.71 -33.51 -6.85
C ILE F 596 -20.56 -32.59 -8.05
N TYR F 597 -21.05 -31.36 -7.93
CA TYR F 597 -20.91 -30.35 -8.98
C TYR F 597 -19.91 -29.29 -8.52
N ASP F 598 -19.26 -28.66 -9.49
CA ASP F 598 -18.21 -27.69 -9.20
C ASP F 598 -18.77 -26.42 -8.56
N ARG F 605 -18.93 -30.11 4.32
CA ARG F 605 -18.82 -31.53 4.73
C ARG F 605 -17.44 -31.75 5.36
N ASN F 606 -16.43 -31.11 4.80
CA ASN F 606 -15.05 -31.35 5.31
C ASN F 606 -15.01 -30.81 6.75
N ASP F 607 -15.87 -29.83 7.07
CA ASP F 607 -15.88 -29.31 8.42
C ASP F 607 -16.13 -30.40 9.45
N LEU F 608 -16.73 -31.53 9.06
CA LEU F 608 -16.86 -32.65 9.97
C LEU F 608 -15.51 -33.15 10.47
N MET F 609 -14.46 -33.00 9.66
CA MET F 609 -13.14 -33.39 10.10
C MET F 609 -12.65 -32.51 11.23
N THR F 610 -12.69 -31.18 11.05
CA THR F 610 -12.24 -30.28 12.09
C THR F 610 -13.19 -30.28 13.29
N ASN F 611 -14.50 -30.36 13.02
CA ASN F 611 -15.48 -30.34 14.10
C ASN F 611 -15.34 -31.55 15.01
N GLN F 612 -14.85 -32.67 14.46
CA GLN F 612 -14.60 -33.86 15.27
C GLN F 612 -13.26 -33.81 16.00
N VAL F 613 -12.30 -33.01 15.51
CA VAL F 613 -11.03 -32.88 16.20
C VAL F 613 -11.08 -31.81 17.29
N ARG F 614 -11.85 -30.74 17.09
CA ARG F 614 -11.96 -29.70 18.10
C ARG F 614 -12.76 -30.16 19.33
N ILE F 615 -13.61 -31.18 19.18
CA ILE F 615 -14.40 -31.65 20.31
C ILE F 615 -13.67 -32.72 21.13
N ILE F 616 -12.64 -33.35 20.57
CA ILE F 616 -11.87 -34.36 21.29
C ILE F 616 -10.51 -33.81 21.72
N PHE F 617 -9.88 -32.99 20.89
CA PHE F 617 -8.55 -32.47 21.18
C PHE F 617 -8.52 -30.96 21.42
N GLY F 618 -9.66 -30.28 21.33
CA GLY F 618 -9.71 -28.86 21.64
C GLY F 618 -9.53 -27.95 20.44
N GLU F 619 -8.33 -27.95 19.85
CA GLU F 619 -8.01 -27.10 18.72
C GLU F 619 -7.44 -27.95 17.58
N VAL F 620 -7.60 -27.45 16.36
CA VAL F 620 -7.08 -28.12 15.17
C VAL F 620 -5.63 -27.70 14.95
N PRO F 621 -4.70 -28.63 14.83
CA PRO F 621 -3.30 -28.26 14.61
C PRO F 621 -3.10 -27.65 13.23
N ALA F 622 -2.22 -26.66 13.16
CA ALA F 622 -1.87 -26.04 11.88
C ALA F 622 -0.89 -26.89 11.08
N ASP F 623 -0.22 -27.84 11.72
CA ASP F 623 0.71 -28.72 11.02
C ASP F 623 -0.06 -29.85 10.34
N LEU F 624 0.37 -30.19 9.12
CA LEU F 624 -0.35 -31.18 8.33
C LEU F 624 -0.23 -32.58 8.96
N ASP F 625 0.98 -32.97 9.37
CA ASP F 625 1.16 -34.27 10.00
C ASP F 625 0.45 -34.36 11.34
N ASP F 626 0.41 -33.26 12.09
CA ASP F 626 -0.36 -33.25 13.33
C ASP F 626 -1.86 -33.33 13.06
N PHE F 627 -2.31 -32.78 11.92
CA PHE F 627 -3.72 -32.85 11.58
C PHE F 627 -4.13 -34.25 11.17
N ILE F 628 -3.25 -34.96 10.45
CA ILE F 628 -3.55 -36.33 10.06
C ILE F 628 -3.70 -37.23 11.28
N PHE F 629 -2.75 -37.11 12.21
CA PHE F 629 -2.80 -37.94 13.41
C PHE F 629 -3.99 -37.59 14.28
N ALA F 630 -4.33 -36.30 14.39
CA ALA F 630 -5.48 -35.91 15.20
C ALA F 630 -6.79 -36.38 14.58
N SER F 631 -6.90 -36.31 13.25
CA SER F 631 -8.15 -36.69 12.59
C SER F 631 -8.37 -38.20 12.64
N GLN F 632 -7.35 -38.97 12.27
CA GLN F 632 -7.48 -40.43 12.29
C GLN F 632 -7.66 -40.97 13.70
N SER F 633 -7.20 -40.23 14.72
CA SER F 633 -7.36 -40.70 16.10
C SER F 633 -8.80 -40.54 16.57
N VAL F 634 -9.47 -39.48 16.15
CA VAL F 634 -10.89 -39.31 16.48
C VAL F 634 -11.71 -40.43 15.85
N GLN F 635 -11.44 -40.72 14.58
CA GLN F 635 -12.12 -41.83 13.91
C GLN F 635 -11.81 -43.17 14.56
N ALA F 636 -10.55 -43.36 14.95
CA ALA F 636 -10.15 -44.64 15.55
C ALA F 636 -10.82 -44.85 16.90
N GLU F 637 -10.87 -43.81 17.73
CA GLU F 637 -11.50 -43.94 19.04
C GLU F 637 -13.01 -44.05 18.93
N ALA F 638 -13.61 -43.29 18.00
CA ALA F 638 -15.06 -43.32 17.84
C ALA F 638 -15.53 -44.69 17.36
N MET F 639 -14.98 -45.16 16.25
CA MET F 639 -15.47 -46.42 15.67
C MET F 639 -15.17 -47.61 16.56
N LYS F 640 -14.01 -47.60 17.23
CA LYS F 640 -13.70 -48.66 18.19
C LYS F 640 -14.66 -48.64 19.36
N PHE F 641 -15.07 -47.45 19.79
CA PHE F 641 -16.02 -47.35 20.90
C PHE F 641 -17.39 -47.90 20.53
N PHE F 642 -17.81 -47.73 19.26
CA PHE F 642 -19.12 -48.24 18.85
C PHE F 642 -19.15 -49.76 18.84
N VAL F 643 -18.07 -50.40 18.36
CA VAL F 643 -18.03 -51.86 18.32
C VAL F 643 -17.97 -52.42 19.74
N GLU F 644 -17.18 -51.79 20.62
CA GLU F 644 -17.12 -52.23 22.01
C GLU F 644 -18.46 -52.02 22.71
N LEU F 645 -19.20 -50.97 22.33
CA LEU F 645 -20.49 -50.71 22.96
C LEU F 645 -21.49 -51.80 22.61
N TRP F 646 -21.45 -52.31 21.37
CA TRP F 646 -22.40 -53.35 20.96
C TRP F 646 -21.94 -54.74 21.40
N ARG F 647 -20.64 -55.02 21.29
CA ARG F 647 -20.13 -56.31 21.74
C ARG F 647 -20.25 -56.49 23.24
N GLY F 648 -20.34 -55.40 24.01
CA GLY F 648 -20.39 -55.48 25.45
C GLY F 648 -21.79 -55.53 26.02
N ARG F 649 -22.78 -55.13 25.23
CA ARG F 649 -24.17 -55.10 25.68
C ARG F 649 -24.99 -56.24 25.08
N ARG F 650 -24.34 -57.36 24.75
CA ARG F 650 -25.04 -58.57 24.39
C ARG F 650 -25.64 -59.19 25.65
N PRO F 651 -26.66 -60.07 25.51
CA PRO F 651 -27.27 -60.58 24.28
C PRO F 651 -28.31 -59.66 23.66
N TYR F 652 -28.56 -58.48 24.24
CA TYR F 652 -29.54 -57.57 23.65
C TYR F 652 -29.08 -57.07 22.28
N ARG F 653 -27.82 -56.65 22.20
CA ARG F 653 -27.28 -56.24 20.91
C ARG F 653 -27.02 -57.47 20.05
N THR F 654 -27.41 -57.37 18.78
CA THR F 654 -27.34 -58.51 17.87
C THR F 654 -26.30 -58.35 16.77
N GLY F 655 -25.98 -57.13 16.37
CA GLY F 655 -24.99 -56.94 15.33
C GLY F 655 -24.71 -55.46 15.13
N ILE F 656 -23.57 -55.21 14.47
CA ILE F 656 -23.16 -53.85 14.13
C ILE F 656 -22.44 -53.87 12.79
N ILE F 657 -22.93 -53.08 11.83
CA ILE F 657 -22.32 -52.97 10.51
C ILE F 657 -21.91 -51.51 10.31
N TRP F 658 -20.61 -51.25 10.36
CA TRP F 658 -20.08 -49.89 10.37
C TRP F 658 -19.71 -49.43 8.97
N TRP F 659 -19.62 -48.12 8.81
CA TRP F 659 -19.43 -47.46 7.52
C TRP F 659 -18.16 -46.62 7.57
N ASN F 660 -17.17 -46.96 6.76
CA ASN F 660 -17.11 -48.18 5.94
C ASN F 660 -15.64 -48.63 5.95
N ILE F 661 -15.28 -49.61 5.12
CA ILE F 661 -13.94 -50.18 5.18
C ILE F 661 -13.03 -49.72 4.04
N ARG F 662 -13.57 -49.32 2.89
CA ARG F 662 -12.71 -48.99 1.76
C ARG F 662 -13.42 -48.00 0.84
N ASP F 663 -12.73 -46.93 0.47
CA ASP F 663 -13.23 -45.97 -0.49
C ASP F 663 -13.12 -46.52 -1.92
N GLY F 664 -13.97 -45.99 -2.79
CA GLY F 664 -13.94 -46.39 -4.19
C GLY F 664 -13.37 -45.32 -5.10
N TRP F 665 -12.67 -44.37 -4.50
CA TRP F 665 -12.07 -43.24 -5.20
C TRP F 665 -11.22 -42.46 -4.22
N PRO F 666 -10.10 -41.87 -4.66
CA PRO F 666 -9.29 -41.06 -3.73
C PRO F 666 -10.06 -39.83 -3.27
N LEU F 667 -10.66 -39.92 -2.08
CA LEU F 667 -11.48 -38.85 -1.53
C LEU F 667 -11.12 -38.64 -0.06
N LEU F 668 -11.74 -37.62 0.53
CA LEU F 668 -11.62 -37.37 1.98
C LEU F 668 -12.92 -37.89 2.55
N SER F 669 -12.93 -39.09 3.11
CA SER F 669 -14.17 -39.71 3.56
C SER F 669 -14.10 -40.14 5.01
N ASP F 670 -15.15 -40.82 5.47
CA ASP F 670 -15.20 -41.43 6.79
C ASP F 670 -14.87 -42.91 6.75
N ALA F 671 -14.33 -43.41 5.64
CA ALA F 671 -13.83 -44.78 5.59
C ALA F 671 -12.52 -44.90 6.36
N ILE F 672 -12.15 -46.15 6.68
CA ILE F 672 -10.95 -46.40 7.47
C ILE F 672 -9.76 -46.81 6.62
N SER F 673 -9.93 -46.89 5.30
CA SER F 673 -8.82 -47.11 4.38
C SER F 673 -9.21 -46.53 3.03
N ASP F 674 -8.24 -45.91 2.36
CA ASP F 674 -8.53 -45.16 1.15
C ASP F 674 -8.48 -46.05 -0.08
N TYR F 675 -8.69 -45.43 -1.25
CA TYR F 675 -8.78 -46.16 -2.51
C TYR F 675 -7.47 -46.85 -2.86
N TRP F 676 -6.34 -46.32 -2.39
CA TRP F 676 -5.03 -46.88 -2.70
C TRP F 676 -4.50 -47.80 -1.61
N GLY F 677 -5.38 -48.39 -0.81
CA GLY F 677 -4.95 -49.30 0.22
C GLY F 677 -4.32 -48.67 1.43
N GLY F 678 -4.31 -47.34 1.52
CA GLY F 678 -3.76 -46.66 2.66
C GLY F 678 -4.59 -46.83 3.91
N LYS F 679 -4.23 -47.79 4.75
CA LYS F 679 -5.01 -48.11 5.95
C LYS F 679 -4.79 -47.01 6.99
N LYS F 680 -5.86 -46.28 7.30
CA LYS F 680 -5.80 -45.27 8.34
C LYS F 680 -5.67 -45.93 9.72
N GLN F 681 -5.51 -45.11 10.75
CA GLN F 681 -5.31 -45.64 12.09
C GLN F 681 -6.54 -46.37 12.60
N ALA F 682 -7.73 -45.96 12.18
CA ALA F 682 -8.95 -46.63 12.59
C ALA F 682 -9.03 -48.08 12.11
N PHE F 683 -8.19 -48.47 11.15
CA PHE F 683 -8.18 -49.85 10.70
C PHE F 683 -7.69 -50.79 11.80
N TYR F 684 -6.62 -50.40 12.49
CA TYR F 684 -6.02 -51.27 13.50
C TYR F 684 -6.78 -51.24 14.82
N TYR F 685 -7.38 -50.09 15.16
CA TYR F 685 -8.22 -50.04 16.36
C TYR F 685 -9.40 -50.99 16.23
N MET F 686 -10.12 -50.91 15.11
CA MET F 686 -11.23 -51.83 14.85
C MET F 686 -10.74 -53.27 14.82
N GLN F 687 -9.57 -53.50 14.21
CA GLN F 687 -9.06 -54.86 14.08
C GLN F 687 -8.81 -55.51 15.43
N ASN F 688 -8.46 -54.73 16.45
CA ASN F 688 -8.22 -55.28 17.77
C ASN F 688 -9.50 -55.56 18.56
N VAL F 689 -10.59 -54.88 18.23
CA VAL F 689 -11.89 -55.16 18.84
C VAL F 689 -12.79 -55.96 17.89
N HIS F 690 -12.19 -56.69 16.94
CA HIS F 690 -12.92 -57.53 16.02
C HIS F 690 -12.51 -59.00 16.08
N HIS F 691 -11.62 -59.37 17.01
CA HIS F 691 -11.21 -60.75 17.14
C HIS F 691 -12.39 -61.61 17.59
N ASP F 692 -12.22 -62.93 17.48
CA ASP F 692 -13.25 -63.85 17.92
C ASP F 692 -13.51 -63.72 19.41
N VAL F 693 -12.45 -63.60 20.21
CA VAL F 693 -12.55 -63.35 21.64
C VAL F 693 -11.80 -62.04 21.93
N CYS F 694 -12.49 -61.11 22.58
CA CYS F 694 -11.93 -59.77 22.79
C CYS F 694 -12.27 -59.27 24.18
N CYS F 695 -11.26 -58.77 24.89
CA CYS F 695 -11.44 -58.14 26.20
C CYS F 695 -11.51 -56.63 26.00
N LEU F 696 -12.62 -56.04 26.46
CA LEU F 696 -12.86 -54.61 26.30
C LEU F 696 -13.41 -54.04 27.59
N ILE F 697 -13.48 -52.72 27.65
CA ILE F 697 -14.05 -52.00 28.80
C ILE F 697 -15.11 -51.05 28.28
N ASN F 698 -16.30 -51.10 28.88
CA ASN F 698 -17.40 -50.21 28.52
C ASN F 698 -17.82 -49.40 29.75
N PRO F 699 -18.10 -48.09 29.57
CA PRO F 699 -18.55 -47.23 30.67
C PRO F 699 -19.83 -47.75 31.33
N TYR F 704 -15.66 -48.19 35.55
CA TYR F 704 -15.42 -48.96 34.33
C TYR F 704 -15.78 -50.42 34.54
N MET F 705 -16.09 -51.12 33.44
CA MET F 705 -16.49 -52.52 33.50
C MET F 705 -15.67 -53.30 32.48
N LEU F 706 -14.90 -54.27 32.96
CA LEU F 706 -14.05 -55.09 32.10
C LEU F 706 -14.83 -56.32 31.67
N LYS F 707 -15.39 -56.27 30.47
CA LYS F 707 -16.12 -57.38 29.89
C LYS F 707 -15.27 -58.12 28.87
N VAL F 708 -15.68 -59.35 28.56
CA VAL F 708 -15.09 -60.12 27.47
C VAL F 708 -16.23 -60.65 26.60
N ASP F 709 -15.99 -60.69 25.29
CA ASP F 709 -17.01 -61.10 24.34
C ASP F 709 -16.49 -62.25 23.49
N ASN F 710 -17.36 -63.23 23.25
CA ASN F 710 -17.00 -64.44 22.52
C ASN F 710 -17.99 -64.60 21.37
N ASN F 711 -17.47 -64.59 20.14
CA ASN F 711 -18.27 -64.77 18.93
C ASN F 711 -17.98 -66.12 18.26
N THR F 712 -17.83 -67.17 19.05
CA THR F 712 -17.62 -68.51 18.50
C THR F 712 -18.61 -69.51 19.09
N LEU F 713 -18.33 -70.80 18.93
CA LEU F 713 -19.13 -71.85 19.54
C LEU F 713 -18.35 -72.66 20.57
N LYS F 714 -17.18 -72.19 20.97
CA LYS F 714 -16.33 -72.90 21.92
C LYS F 714 -16.14 -72.05 23.17
N ASP F 715 -15.79 -72.73 24.27
CA ASP F 715 -15.49 -72.06 25.53
C ASP F 715 -14.00 -71.78 25.62
N PHE F 716 -13.66 -70.56 26.03
CA PHE F 716 -12.28 -70.12 26.14
C PHE F 716 -12.00 -69.63 27.56
N GLU F 717 -10.71 -69.54 27.90
CA GLU F 717 -10.30 -69.04 29.19
C GLU F 717 -8.89 -68.50 29.10
N GLY F 718 -8.55 -67.61 30.03
CA GLY F 718 -7.22 -67.02 30.03
C GLY F 718 -7.08 -66.02 31.16
N VAL F 719 -6.08 -65.16 31.04
CA VAL F 719 -5.79 -64.13 32.03
C VAL F 719 -5.75 -62.77 31.34
N VAL F 720 -6.06 -61.72 32.09
CA VAL F 720 -6.05 -60.36 31.57
C VAL F 720 -5.37 -59.45 32.59
N GLU F 721 -4.49 -58.58 32.11
CA GLU F 721 -3.74 -57.64 32.94
C GLU F 721 -3.99 -56.23 32.43
N VAL F 722 -4.66 -55.42 33.25
CA VAL F 722 -4.98 -54.03 32.92
C VAL F 722 -4.18 -53.12 33.83
N LYS F 723 -3.63 -52.05 33.26
CA LYS F 723 -2.84 -51.08 34.03
C LYS F 723 -2.85 -49.75 33.31
N ASP F 724 -2.55 -48.69 34.06
CA ASP F 724 -2.49 -47.36 33.51
C ASP F 724 -1.16 -47.14 32.79
N VAL F 725 -1.22 -46.72 31.53
CA VAL F 725 -0.01 -46.55 30.74
C VAL F 725 0.78 -45.31 31.17
N ALA F 726 0.14 -44.36 31.84
CA ALA F 726 0.84 -43.16 32.27
C ALA F 726 1.75 -43.45 33.46
N SER F 727 1.20 -44.06 34.51
CA SER F 727 1.97 -44.39 35.69
C SER F 727 2.56 -45.80 35.61
N GLY F 728 1.69 -46.81 35.56
CA GLY F 728 2.13 -48.19 35.51
C GLY F 728 1.43 -49.06 36.53
N LYS F 729 0.55 -48.44 37.32
CA LYS F 729 -0.16 -49.15 38.38
C LYS F 729 -1.10 -50.17 37.78
N GLN F 730 -0.97 -51.43 38.19
CA GLN F 730 -1.85 -52.50 37.74
C GLN F 730 -3.24 -52.28 38.32
N VAL F 731 -4.20 -51.95 37.46
CA VAL F 731 -5.57 -51.75 37.90
C VAL F 731 -6.27 -53.08 38.16
N PHE F 732 -5.93 -54.12 37.40
CA PHE F 732 -6.56 -55.42 37.55
C PHE F 732 -5.67 -56.50 36.94
N LYS F 733 -5.71 -57.68 37.54
CA LYS F 733 -5.15 -58.87 36.93
C LYS F 733 -5.89 -60.08 37.50
N GLY F 734 -6.35 -60.96 36.62
CA GLY F 734 -7.07 -62.14 37.07
C GLY F 734 -7.43 -63.01 35.90
N LYS F 735 -8.04 -64.15 36.22
CA LYS F 735 -8.49 -65.11 35.21
C LYS F 735 -9.91 -64.80 34.78
N PHE F 736 -10.25 -65.23 33.56
CA PHE F 736 -11.59 -65.07 33.02
C PHE F 736 -11.96 -66.31 32.24
N VAL F 737 -13.24 -66.67 32.30
CA VAL F 737 -13.79 -67.82 31.58
C VAL F 737 -14.91 -67.29 30.70
N SER F 738 -14.63 -67.19 29.40
CA SER F 738 -15.61 -66.67 28.44
C SER F 738 -16.42 -67.83 27.87
N LYS F 739 -17.72 -67.82 28.14
CA LYS F 739 -18.61 -68.83 27.59
C LYS F 739 -18.70 -68.68 26.07
N ALA F 740 -19.21 -69.73 25.42
CA ALA F 740 -19.35 -69.71 23.97
C ALA F 740 -20.47 -68.78 23.54
N ASN F 741 -20.22 -68.03 22.47
CA ASN F 741 -21.21 -67.15 21.86
C ASN F 741 -21.80 -66.16 22.86
N ALA F 747 -15.26 -58.20 35.66
CA ALA F 747 -15.04 -57.54 36.94
C ALA F 747 -15.14 -56.02 36.80
N THR F 748 -15.66 -55.37 37.84
CA THR F 748 -15.78 -53.92 37.83
C THR F 748 -14.48 -53.28 38.27
N LEU F 749 -14.10 -52.19 37.58
CA LEU F 749 -12.88 -51.47 37.86
C LEU F 749 -13.18 -50.07 38.40
N PRO F 750 -12.40 -49.59 39.37
CA PRO F 750 -12.66 -48.27 39.93
C PRO F 750 -12.21 -47.15 38.98
N MET F 751 -12.75 -45.97 39.21
CA MET F 751 -12.45 -44.83 38.37
C MET F 751 -11.04 -44.33 38.61
N GLN F 752 -10.28 -44.12 37.54
CA GLN F 752 -8.94 -43.56 37.64
C GLN F 752 -9.01 -42.04 37.70
N LYS F 753 -7.87 -41.42 38.00
CA LYS F 753 -7.79 -39.98 38.19
C LYS F 753 -7.39 -39.29 36.89
N GLY F 754 -8.16 -38.28 36.50
CA GLY F 754 -7.77 -37.46 35.36
C GLY F 754 -7.96 -38.18 34.04
N GLN F 755 -6.99 -38.02 33.15
CA GLN F 755 -7.02 -38.56 31.81
C GLN F 755 -5.80 -39.41 31.55
N GLY F 756 -5.87 -40.24 30.52
CA GLY F 756 -4.75 -41.07 30.14
C GLY F 756 -5.14 -42.25 29.26
N MET F 757 -4.63 -43.44 29.57
CA MET F 757 -4.95 -44.63 28.80
C MET F 757 -4.66 -45.86 29.65
N LEU F 758 -5.48 -46.88 29.47
CA LEU F 758 -5.33 -48.18 30.12
C LEU F 758 -4.98 -49.23 29.08
N VAL F 759 -3.86 -49.92 29.26
CA VAL F 759 -3.48 -51.02 28.38
C VAL F 759 -4.13 -52.31 28.87
N ILE F 760 -4.81 -53.00 27.97
CA ILE F 760 -5.53 -54.22 28.28
C ILE F 760 -4.83 -55.35 27.54
N SER F 761 -4.03 -56.13 28.25
CA SER F 761 -3.35 -57.30 27.68
C SER F 761 -4.04 -58.56 28.18
N TYR F 762 -4.15 -59.55 27.31
CA TYR F 762 -4.74 -60.83 27.69
C TYR F 762 -4.14 -61.94 26.85
N ARG F 763 -4.13 -63.15 27.42
CA ARG F 763 -3.51 -64.31 26.80
C ARG F 763 -4.50 -65.47 26.79
N ILE F 764 -4.68 -66.09 25.63
CA ILE F 764 -5.57 -67.22 25.46
C ILE F 764 -4.87 -68.25 24.57
N GLU F 765 -4.76 -69.49 25.07
CA GLU F 765 -4.20 -70.61 24.31
C GLU F 765 -2.81 -70.29 23.78
N GLY F 766 -1.98 -69.72 24.64
CA GLY F 766 -0.61 -69.41 24.28
C GLY F 766 -0.43 -68.26 23.31
N ASN F 767 -1.46 -67.46 23.09
CA ASN F 767 -1.39 -66.30 22.21
C ASN F 767 -1.70 -65.03 23.01
N GLU F 768 -0.98 -63.96 22.70
CA GLU F 768 -1.09 -62.70 23.42
C GLU F 768 -1.79 -61.67 22.53
N TYR F 769 -2.76 -60.97 23.12
CA TYR F 769 -3.49 -59.91 22.43
C TYR F 769 -3.45 -58.64 23.27
N PHE F 770 -3.66 -57.50 22.61
CA PHE F 770 -3.57 -56.21 23.27
C PHE F 770 -4.68 -55.28 22.79
N ASN F 771 -5.28 -54.55 23.72
CA ASN F 771 -6.27 -53.53 23.45
C ASN F 771 -6.02 -52.36 24.39
N HIS F 772 -6.84 -51.32 24.31
CA HIS F 772 -6.65 -50.14 25.14
C HIS F 772 -7.99 -49.50 25.44
N TYR F 773 -7.95 -48.52 26.35
CA TYR F 773 -9.11 -47.71 26.70
C TYR F 773 -8.64 -46.29 26.98
N LEU F 774 -9.33 -45.31 26.43
CA LEU F 774 -9.07 -43.91 26.70
C LEU F 774 -10.13 -43.41 27.68
N TYR F 775 -9.70 -43.10 28.90
CA TYR F 775 -10.63 -42.69 29.95
C TYR F 775 -10.54 -41.18 30.20
N GLY F 776 -11.52 -40.67 30.91
CA GLY F 776 -11.63 -39.26 31.19
C GLY F 776 -12.73 -38.59 30.39
N GLU F 777 -12.57 -37.29 30.18
CA GLU F 777 -13.51 -36.48 29.42
C GLU F 777 -12.74 -35.53 28.51
N PRO F 778 -13.19 -35.34 27.28
CA PRO F 778 -12.53 -34.41 26.36
C PRO F 778 -12.68 -32.98 26.86
N PRO F 779 -11.83 -32.05 26.39
CA PRO F 779 -10.75 -32.23 25.41
C PRO F 779 -9.47 -32.81 26.01
N TYR F 780 -8.70 -33.52 25.19
CA TYR F 780 -7.41 -34.06 25.58
C TYR F 780 -6.30 -33.36 24.81
N LYS F 781 -5.10 -33.36 25.38
CA LYS F 781 -3.95 -32.80 24.71
C LYS F 781 -3.45 -33.78 23.65
N LEU F 782 -3.26 -33.30 22.42
CA LEU F 782 -2.82 -34.17 21.34
C LEU F 782 -1.44 -34.74 21.62
N ASP F 783 -0.56 -33.93 22.24
CA ASP F 783 0.77 -34.43 22.59
C ASP F 783 0.71 -35.49 23.67
N GLN F 784 -0.26 -35.40 24.58
CA GLN F 784 -0.35 -36.38 25.65
C GLN F 784 -0.99 -37.68 25.17
N TYR F 785 -1.99 -37.58 24.29
CA TYR F 785 -2.55 -38.79 23.68
C TYR F 785 -1.52 -39.52 22.84
N ARG F 786 -0.59 -38.79 22.23
CA ARG F 786 0.50 -39.42 21.49
C ARG F 786 1.38 -40.24 22.41
N LYS F 787 1.66 -39.74 23.61
CA LYS F 787 2.53 -40.46 24.53
C LYS F 787 1.87 -41.71 25.09
N TRP F 788 0.55 -41.66 25.30
CA TRP F 788 -0.14 -42.81 25.89
C TRP F 788 -0.16 -44.00 24.94
N VAL F 789 -0.27 -43.75 23.63
CA VAL F 789 -0.30 -44.87 22.68
C VAL F 789 1.11 -45.34 22.34
N LYS F 790 2.11 -44.46 22.44
CA LYS F 790 3.48 -44.88 22.19
C LYS F 790 4.00 -45.74 23.34
N LYS F 791 3.69 -45.36 24.59
CA LYS F 791 4.05 -46.18 25.73
C LYS F 791 3.20 -47.45 25.80
N CYS F 792 1.98 -47.39 25.26
CA CYS F 792 1.12 -48.58 25.25
C CYS F 792 1.70 -49.68 24.36
N GLY F 793 2.44 -49.31 23.33
CA GLY F 793 3.12 -50.28 22.49
C GLY F 793 2.20 -51.14 21.64
N ILE F 794 1.09 -50.58 21.16
CA ILE F 794 0.17 -51.33 20.31
C ILE F 794 0.23 -50.79 18.89
N TYR F 795 -0.25 -49.57 18.70
CA TYR F 795 -0.32 -48.95 17.38
C TYR F 795 0.84 -47.98 17.19
N GLU F 796 1.16 -47.73 15.92
CA GLU F 796 2.22 -46.79 15.57
C GLU F 796 1.64 -45.40 15.33
N LEU F 797 2.51 -44.40 15.46
CA LEU F 797 2.12 -43.00 15.27
C LEU F 797 2.11 -42.58 13.81
N GLU F 798 2.44 -43.50 12.89
CA GLU F 798 2.53 -43.26 11.43
C GLU F 798 3.13 -41.91 11.04
P PO4 G . -42.03 11.18 43.06
O1 PO4 G . -43.47 11.25 42.43
O2 PO4 G . -40.98 11.75 42.04
O3 PO4 G . -41.99 12.01 44.38
O4 PO4 G . -41.67 9.68 43.36
P PO4 H . -14.88 29.21 0.67
O1 PO4 H . -15.76 29.16 -0.62
O2 PO4 H . -15.42 30.34 1.60
O3 PO4 H . -14.96 27.83 1.42
O4 PO4 H . -13.38 29.50 0.29
P PO4 I . -29.81 28.89 -8.66
O1 PO4 I . -28.41 28.71 -7.98
O2 PO4 I . -30.90 28.14 -7.81
O3 PO4 I . -30.16 30.42 -8.75
O4 PO4 I . -29.77 28.27 -10.10
P PO4 J . 7.73 11.61 19.10
O1 PO4 J . 6.46 11.12 19.88
O2 PO4 J . 8.44 10.38 18.44
O3 PO4 J . 7.30 12.65 18.00
O4 PO4 J . 8.72 12.31 20.10
P PO4 K . -16.17 -6.96 25.59
O1 PO4 K . -16.19 -6.67 27.13
O2 PO4 K . -16.89 -8.33 25.32
O3 PO4 K . -16.92 -5.81 24.83
O4 PO4 K . -14.69 -7.05 25.09
P PO4 L . -45.53 14.31 6.48
O1 PO4 L . -45.67 14.59 4.95
O2 PO4 L . -46.69 15.04 7.24
O3 PO4 L . -45.61 12.76 6.74
O4 PO4 L . -44.15 14.85 7.00
P PO4 M . -48.91 14.76 14.78
O1 PO4 M . -49.08 14.32 13.34
O2 PO4 M . -49.47 16.16 14.97
O3 PO4 M . -49.64 13.79 15.69
O4 PO4 M . -47.43 14.76 15.13
C1 EDO N . 19.07 9.98 7.67
O1 EDO N . 17.87 10.73 7.76
C2 EDO N . 20.03 10.42 8.74
O2 EDO N . 19.61 9.92 9.98
C1 EDO O . -33.27 -24.83 41.11
O1 EDO O . -32.56 -23.84 40.39
C2 EDO O . -32.94 -24.73 42.58
O2 EDO O . -33.59 -23.60 43.13
C1 EDO P . -33.45 18.31 35.59
O1 EDO P . -34.66 18.37 34.87
C2 EDO P . -32.65 19.57 35.34
O2 EDO P . -33.51 20.63 35.00
C1 EDO Q . -28.23 22.48 34.19
O1 EDO Q . -28.98 21.29 34.01
C2 EDO Q . -28.21 23.25 32.89
O2 EDO Q . -27.56 24.49 33.09
C1 EDO R . -35.92 44.39 17.70
O1 EDO R . -35.85 44.78 19.06
C2 EDO R . -36.56 43.04 17.59
O2 EDO R . -37.94 43.13 17.83
C1 EDO S . 11.26 12.51 14.20
O1 EDO S . 11.95 11.33 13.84
C2 EDO S . 9.81 12.42 13.80
O2 EDO S . 9.15 11.50 14.64
C1 EDO T . -0.67 27.22 1.29
O1 EDO T . -2.04 27.52 1.38
C2 EDO T . -0.25 27.07 -0.15
O2 EDO T . 0.01 28.34 -0.70
C1 EDO U . -33.47 45.18 23.11
O1 EDO U . -34.54 44.28 22.92
C2 EDO U . -32.67 45.29 21.84
O2 EDO U . -33.37 46.07 20.89
P PO4 V . -5.47 26.34 -25.64
O1 PO4 V . -5.96 26.08 -24.17
O2 PO4 V . -5.76 25.08 -26.52
O3 PO4 V . -6.23 27.59 -26.22
O4 PO4 V . -3.94 26.63 -25.62
P PO4 W . -8.74 19.93 -8.66
O1 PO4 W . -7.97 21.28 -8.90
O2 PO4 W . -8.42 19.41 -7.22
O3 PO4 W . -10.28 20.19 -8.82
O4 PO4 W . -8.28 18.86 -9.72
P PO4 X . 8.87 44.02 -25.67
O1 PO4 X . 7.83 44.09 -26.84
O2 PO4 X . 10.30 43.83 -26.27
O3 PO4 X . 8.82 45.36 -24.84
O4 PO4 X . 8.52 42.82 -24.73
P PO4 Y . 21.93 6.81 -33.95
O1 PO4 Y . 20.70 7.29 -33.12
O2 PO4 Y . 22.16 5.28 -33.70
O3 PO4 Y . 21.65 7.08 -35.46
O4 PO4 Y . 23.22 7.61 -33.51
P PO4 Z . 15.52 43.41 -23.31
O1 PO4 Z . 16.57 44.57 -23.28
O2 PO4 Z . 16.24 42.07 -22.94
O3 PO4 Z . 14.38 43.72 -22.29
O4 PO4 Z . 14.92 43.28 -24.77
P PO4 AA . -8.37 29.93 -34.91
O1 PO4 AA . -6.88 30.25 -34.53
O2 PO4 AA . -8.41 29.28 -36.34
O3 PO4 AA . -8.97 28.94 -33.85
O4 PO4 AA . -9.21 31.25 -34.92
P PO4 BA . -20.57 1.02 -41.55
O1 PO4 BA . -19.98 0.77 -40.12
O2 PO4 BA . -20.66 -0.33 -42.33
O3 PO4 BA . -22.00 1.65 -41.41
O4 PO4 BA . -19.64 2.01 -42.34
P PO4 CA . 17.85 8.08 -36.15
O1 PO4 CA . 18.89 7.58 -37.21
O2 PO4 CA . 17.60 9.62 -36.35
O3 PO4 CA . 16.49 7.30 -36.36
O4 PO4 CA . 18.38 7.82 -34.70
P PO4 DA . 21.13 11.19 -30.80
O1 PO4 DA . 21.87 11.31 -32.17
O2 PO4 DA . 19.66 10.69 -31.05
O3 PO4 DA . 21.90 10.16 -29.89
O4 PO4 DA . 21.09 12.59 -30.09
P PO4 EA . -6.03 30.98 -18.32
O1 PO4 EA . -5.88 29.46 -17.97
O2 PO4 EA . -4.65 31.70 -18.13
O3 PO4 EA . -6.51 31.12 -19.81
O4 PO4 EA . -7.09 31.65 -17.36
C1 EDO FA . 29.19 7.75 -25.47
O1 EDO FA . 29.57 6.75 -24.55
C2 EDO FA . 28.28 8.75 -24.78
O2 EDO FA . 27.75 9.64 -25.72
C1 EDO GA . 28.88 4.80 -27.64
O1 EDO GA . 28.59 4.62 -26.27
C2 EDO GA . 30.19 4.12 -27.98
O2 EDO GA . 29.98 2.73 -28.07
C1 EDO HA . 23.72 -1.38 -31.25
O1 EDO HA . 23.02 -2.29 -32.08
C2 EDO HA . 24.51 -0.40 -32.09
O2 EDO HA . 23.79 0.79 -32.25
C1 EDO IA . 12.92 -3.46 -10.11
O1 EDO IA . 11.81 -4.31 -9.86
C2 EDO IA . 12.60 -2.53 -11.25
O2 EDO IA . 13.52 -1.47 -11.27
C1 EDO JA . 16.94 36.14 -23.41
O1 EDO JA . 15.97 35.22 -22.98
C2 EDO JA . 16.38 37.02 -24.49
O2 EDO JA . 17.36 37.93 -24.93
C1 EDO KA . -9.44 32.66 -30.89
O1 EDO KA . -9.36 31.93 -32.10
C2 EDO KA . -8.07 33.18 -30.53
O2 EDO KA . -7.16 32.11 -30.48
C1 EDO LA . 4.59 4.81 -9.03
O1 EDO LA . 5.60 5.75 -9.33
C2 EDO LA . 4.00 5.09 -7.68
O2 EDO LA . 2.74 5.71 -7.82
C1 EDO MA . -24.97 8.95 -43.50
O1 EDO MA . -23.93 9.39 -44.35
C2 EDO MA . -26.28 8.98 -44.24
O2 EDO MA . -26.24 8.07 -45.31
C1 EDO NA . 6.51 -12.11 -43.15
O1 EDO NA . 6.46 -12.27 -41.75
C2 EDO NA . 7.84 -11.54 -43.56
O2 EDO NA . 7.64 -10.50 -44.49
C1 EDO OA . 2.04 -17.18 -49.48
O1 EDO OA . 1.15 -18.13 -50.05
C2 EDO OA . 2.11 -15.94 -50.33
O2 EDO OA . 1.04 -15.08 -50.02
C1 EDO PA . -22.77 3.42 -58.98
O1 EDO PA . -23.54 2.93 -57.90
C2 EDO PA . -22.42 4.87 -58.74
O2 EDO PA . -21.63 5.35 -59.81
C1 EDO QA . -20.90 -5.54 -44.45
O1 EDO QA . -20.70 -6.77 -45.10
C2 EDO QA . -19.58 -4.86 -44.23
O2 EDO QA . -19.16 -4.23 -45.42
C1 EDO RA . -8.76 -24.52 -23.39
O1 EDO RA . -7.95 -25.20 -24.34
C2 EDO RA . -8.72 -23.04 -23.65
O2 EDO RA . -9.71 -22.40 -22.88
C1 EDO SA . 17.93 -10.96 -5.39
O1 EDO SA . 18.29 -10.00 -4.43
C2 EDO SA . 19.13 -11.35 -6.20
O2 EDO SA . 18.77 -11.48 -7.57
P PO4 TA . -31.55 36.56 -21.14
O1 PO4 TA . -31.86 37.57 -22.30
O2 PO4 TA . -31.18 37.35 -19.85
O3 PO4 TA . -32.80 35.66 -20.89
O4 PO4 TA . -30.33 35.67 -21.57
P PO4 UA . -20.08 25.40 -28.33
O1 PO4 UA . -19.24 24.42 -27.45
O2 PO4 UA . -19.55 26.86 -28.13
O3 PO4 UA . -19.93 24.98 -29.84
O4 PO4 UA . -21.59 25.33 -27.92
C1 EDO VA . -14.66 25.98 -35.13
O1 EDO VA . -13.41 25.97 -35.79
C2 EDO VA . -15.41 27.24 -35.43
O2 EDO VA . -16.09 27.12 -36.65
C1 EDO WA . -47.67 38.98 -31.78
O1 EDO WA . -47.61 38.42 -30.47
C2 EDO WA . -48.87 39.88 -31.90
O2 EDO WA . -48.81 40.60 -33.11
C1 EDO XA . -47.39 42.91 -38.02
O1 EDO XA . -46.34 43.65 -37.42
C2 EDO XA . -47.55 41.58 -37.34
O2 EDO XA . -48.28 41.74 -36.14
C1 EDO YA . -35.80 36.19 -44.86
O1 EDO YA . -34.93 36.50 -43.80
C2 EDO YA . -35.15 35.19 -45.78
O2 EDO YA . -34.91 33.98 -45.10
C1 EDO ZA . -63.08 30.65 -21.30
O1 EDO ZA . -61.67 30.55 -21.44
C2 EDO ZA . -63.48 32.10 -21.13
O2 EDO ZA . -63.94 32.61 -22.37
P PO4 AB . 54.03 -4.01 6.10
O1 PO4 AB . 55.24 -3.12 6.54
O2 PO4 AB . 53.02 -3.15 5.27
O3 PO4 AB . 54.57 -5.20 5.24
O4 PO4 AB . 53.29 -4.58 7.37
P PO4 BB . 67.62 -7.08 4.51
O1 PO4 BB . 66.56 -7.70 5.48
O2 PO4 BB . 68.21 -8.22 3.60
O3 PO4 BB . 66.95 -5.99 3.61
O4 PO4 BB . 68.78 -6.42 5.33
P PO4 CB . 46.00 -0.53 3.02
O1 PO4 CB . 47.50 -0.26 3.36
O2 PO4 CB . 45.34 -1.34 4.20
O3 PO4 CB . 45.26 0.84 2.82
O4 PO4 CB . 45.88 -1.38 1.70
C1 EDO DB . 36.04 -5.75 25.73
O1 EDO DB . 36.67 -5.45 26.97
C2 EDO DB . 35.13 -4.64 25.31
O2 EDO DB . 34.00 -4.62 26.15
C1 EDO EB . 33.23 -7.81 1.33
O1 EDO EB . 32.49 -8.99 1.55
C2 EDO EB . 34.61 -7.95 1.93
O2 EDO EB . 35.35 -6.78 1.70
C1 EDO FB . 66.79 -29.89 -1.52
O1 EDO FB . 65.45 -30.20 -1.84
C2 EDO FB . 67.49 -29.36 -2.75
O2 EDO FB . 66.98 -28.10 -3.08
C1 EDO GB . 36.19 -16.10 46.36
O1 EDO GB . 37.51 -15.60 46.29
C2 EDO GB . 35.36 -15.56 45.23
O2 EDO GB . 35.73 -16.20 44.02
C1 EDO HB . 46.35 -41.51 18.65
O1 EDO HB . 45.39 -42.39 19.19
C2 EDO HB . 47.07 -42.18 17.50
O2 EDO HB . 46.39 -41.92 16.28
C1 EDO IB . 47.44 -51.65 51.03
O1 EDO IB . 48.82 -51.64 50.75
C2 EDO IB . 47.05 -52.96 51.64
O2 EDO IB . 47.54 -53.03 52.97
C1 EDO JB . 18.83 -15.78 31.09
O1 EDO JB . 20.05 -16.48 31.00
C2 EDO JB . 18.86 -14.83 32.27
O2 EDO JB . 17.69 -14.04 32.28
C1 EDO KB . 54.48 -18.54 31.60
O1 EDO KB . 54.21 -19.70 32.35
C2 EDO KB . 53.89 -18.67 30.22
O2 EDO KB . 52.50 -18.45 30.26
C1 EDO LB . 16.59 8.82 4.64
O1 EDO LB . 17.83 8.16 4.75
C2 EDO LB . 15.53 7.85 4.18
O2 EDO LB . 15.43 6.78 5.11
C1 EDO MB . 24.27 -15.70 35.23
O1 EDO MB . 24.09 -14.79 36.30
C2 EDO MB . 23.30 -15.39 34.12
O2 EDO MB . 23.51 -16.28 33.05
P PO4 NB . 58.36 23.64 8.42
O1 PO4 NB . 59.68 23.31 7.66
O2 PO4 NB . 57.37 24.36 7.45
O3 PO4 NB . 57.70 22.30 8.91
O4 PO4 NB . 58.67 24.56 9.65
P PO4 OB . 56.69 27.04 -12.46
O1 PO4 OB . 55.41 27.17 -13.35
O2 PO4 OB . 57.91 27.70 -13.18
O3 PO4 OB . 56.43 27.75 -11.08
O4 PO4 OB . 57.00 25.52 -12.20
P PO4 PB . 51.32 39.75 -8.37
O1 PO4 PB . 51.33 40.95 -9.37
O2 PO4 PB . 49.85 39.49 -7.90
O3 PO4 PB . 51.89 38.47 -9.08
O4 PO4 PB . 52.22 40.10 -7.12
P PO4 QB . 59.91 19.20 2.00
O1 PO4 QB . 59.68 19.14 3.54
O2 PO4 QB . 59.04 18.09 1.30
O3 PO4 QB . 59.51 20.61 1.46
O4 PO4 QB . 61.43 18.94 1.68
P PO4 RB . 64.33 38.21 -14.95
O1 PO4 RB . 63.69 37.53 -13.69
O2 PO4 RB . 63.72 37.57 -16.24
O3 PO4 RB . 64.00 39.75 -14.91
O4 PO4 RB . 65.88 38.02 -14.94
C1 EDO SB . 46.86 1.37 12.40
O1 EDO SB . 48.10 1.94 12.72
C2 EDO SB . 46.80 -0.04 12.92
O2 EDO SB . 45.51 -0.58 12.69
C1 EDO TB . 27.28 47.22 19.83
O1 EDO TB . 26.63 46.03 20.21
C2 EDO TB . 28.14 46.98 18.63
O2 EDO TB . 27.35 46.51 17.55
C1 EDO UB . 49.72 8.19 11.48
O1 EDO UB . 50.79 8.35 12.39
C2 EDO UB . 48.93 6.94 11.82
O2 EDO UB . 48.26 7.12 13.05
C1 EDO VB . 52.49 36.17 -14.43
O1 EDO VB . 51.64 35.40 -13.63
C2 EDO VB . 53.37 37.04 -13.57
O2 EDO VB . 54.26 36.23 -12.84
C1 EDO WB . 61.81 34.61 32.36
O1 EDO WB . 61.11 34.37 33.57
C2 EDO WB . 62.54 35.92 32.44
O2 EDO WB . 63.37 35.94 33.59
P PO4 XB . -32.37 -57.07 -23.01
O1 PO4 XB . -31.05 -56.46 -23.58
O2 PO4 XB . -33.28 -55.89 -22.51
O3 PO4 XB . -33.11 -57.87 -24.15
O4 PO4 XB . -32.05 -58.04 -21.82
P PO4 YB . -10.70 -76.84 -5.97
O1 PO4 YB . -10.67 -75.29 -5.79
O2 PO4 YB . -11.14 -77.17 -7.45
O3 PO4 YB . -9.27 -77.43 -5.70
O4 PO4 YB . -11.72 -77.49 -4.97
P PO4 ZB . -20.18 -65.20 -13.96
O1 PO4 ZB . -20.02 -65.20 -15.52
O2 PO4 ZB . -21.58 -64.61 -13.59
O3 PO4 ZB . -20.06 -66.67 -13.42
O4 PO4 ZB . -19.06 -64.31 -13.32
C1 EDO AC . -14.37 -86.10 -8.07
O1 EDO AC . -14.85 -85.11 -8.94
C2 EDO AC . -15.47 -87.07 -7.72
O2 EDO AC . -15.74 -87.91 -8.81
C1 EDO BC . -35.16 -48.62 7.82
O1 EDO BC . -34.04 -49.46 8.05
C2 EDO BC . -34.79 -47.19 8.11
O2 EDO BC . -33.99 -46.67 7.08
C1 EDO CC . -26.25 -74.59 -0.87
O1 EDO CC . -27.64 -74.79 -0.80
C2 EDO CC . -25.94 -73.12 -0.83
O2 EDO CC . -24.62 -72.91 -1.26
C1 EDO DC . -29.12 -72.60 0.94
O1 EDO DC . -30.34 -72.83 1.60
C2 EDO DC . -29.31 -71.55 -0.13
O2 EDO DC . -29.61 -70.31 0.48
C1 EDO EC . 2.95 -57.10 18.86
O1 EDO EC . 3.49 -57.60 20.06
C2 EDO EC . 3.09 -58.12 17.76
O2 EDO EC . 2.17 -59.17 17.95
#